data_2DMM
#
_entry.id   2DMM
#
_entity_poly.entity_id   1
_entity_poly.type   'polypeptide(L)'
_entity_poly.pdbx_seq_one_letter_code
;GSSGSSGFDGNLKRYLKSEPIPESNDGPVKVVVAENFDEIVNNENKDVLIEFYAPWCGHCKNLEPKYKELGEKLSKDPNI
VIAKMDATANDVPSPYEVRGFPTIYFSPANKKLNPKKYEGGRELSDFISYLQREATSGPSSG
;
_entity_poly.pdbx_strand_id   A
#
# COMPACT_ATOMS: atom_id res chain seq x y z
N GLY A 1 -9.59 -2.99 37.10
CA GLY A 1 -10.82 -3.18 36.34
C GLY A 1 -10.75 -4.37 35.42
N SER A 2 -11.76 -4.51 34.56
CA SER A 2 -11.82 -5.62 33.62
C SER A 2 -11.72 -5.13 32.18
N SER A 3 -10.49 -5.03 31.68
CA SER A 3 -10.27 -4.56 30.32
C SER A 3 -8.80 -4.73 29.92
N GLY A 4 -8.52 -4.57 28.63
CA GLY A 4 -7.16 -4.72 28.14
C GLY A 4 -7.06 -5.69 26.99
N SER A 5 -6.65 -5.20 25.83
CA SER A 5 -6.52 -6.03 24.65
C SER A 5 -5.05 -6.34 24.35
N SER A 6 -4.59 -7.49 24.84
CA SER A 6 -3.20 -7.89 24.64
C SER A 6 -2.78 -7.72 23.18
N GLY A 7 -3.61 -8.25 22.28
CA GLY A 7 -3.31 -8.14 20.86
C GLY A 7 -2.07 -8.92 20.46
N PHE A 8 -1.46 -8.53 19.35
CA PHE A 8 -0.26 -9.21 18.87
C PHE A 8 0.37 -8.43 17.72
N ASP A 9 1.69 -8.24 17.79
CA ASP A 9 2.41 -7.51 16.76
C ASP A 9 3.91 -7.73 16.90
N GLY A 10 4.53 -8.24 15.83
CA GLY A 10 5.96 -8.50 15.86
C GLY A 10 6.59 -8.37 14.49
N ASN A 11 6.25 -7.30 13.78
CA ASN A 11 6.78 -7.07 12.44
C ASN A 11 6.79 -8.36 11.62
N LEU A 12 5.64 -9.02 11.56
CA LEU A 12 5.51 -10.26 10.81
C LEU A 12 5.74 -10.02 9.32
N LYS A 13 6.97 -10.25 8.87
CA LYS A 13 7.33 -10.06 7.47
C LYS A 13 8.59 -10.83 7.12
N ARG A 14 8.82 -11.03 5.83
CA ARG A 14 10.01 -11.75 5.36
C ARG A 14 10.25 -11.49 3.89
N TYR A 15 11.51 -11.29 3.53
CA TYR A 15 11.89 -11.03 2.13
C TYR A 15 13.36 -11.38 1.89
N LEU A 16 13.67 -11.75 0.66
CA LEU A 16 15.03 -12.11 0.29
C LEU A 16 15.65 -11.02 -0.59
N LYS A 17 14.84 -10.42 -1.45
CA LYS A 17 15.31 -9.37 -2.34
C LYS A 17 14.74 -8.01 -1.94
N SER A 18 15.45 -6.94 -2.29
CA SER A 18 15.02 -5.59 -1.96
C SER A 18 15.69 -4.57 -2.86
N GLU A 19 14.96 -3.52 -3.23
CA GLU A 19 15.49 -2.47 -4.09
C GLU A 19 16.14 -1.38 -3.26
N PRO A 20 16.99 -0.56 -3.91
CA PRO A 20 17.69 0.54 -3.26
C PRO A 20 16.75 1.68 -2.87
N ILE A 21 17.00 2.27 -1.71
CA ILE A 21 16.18 3.37 -1.22
C ILE A 21 16.39 4.64 -2.06
N PRO A 22 15.29 5.27 -2.47
CA PRO A 22 15.32 6.49 -3.27
C PRO A 22 15.83 7.69 -2.49
N GLU A 23 16.62 8.54 -3.15
CA GLU A 23 17.17 9.72 -2.51
C GLU A 23 16.07 10.65 -2.03
N SER A 24 14.96 10.66 -2.77
CA SER A 24 13.81 11.52 -2.42
C SER A 24 12.58 11.11 -3.20
N ASN A 25 11.45 11.00 -2.51
CA ASN A 25 10.19 10.62 -3.14
C ASN A 25 9.22 11.80 -3.18
N ASP A 26 9.66 12.91 -3.74
CA ASP A 26 8.83 14.11 -3.85
C ASP A 26 7.88 14.00 -5.03
N GLY A 27 7.04 12.96 -5.03
CA GLY A 27 6.11 12.77 -6.11
C GLY A 27 4.71 12.44 -5.60
N PRO A 28 3.83 12.02 -6.53
CA PRO A 28 2.45 11.65 -6.20
C PRO A 28 2.36 10.37 -5.37
N VAL A 29 3.05 9.33 -5.84
CA VAL A 29 3.06 8.05 -5.14
C VAL A 29 4.41 7.77 -4.50
N LYS A 30 4.40 7.45 -3.22
CA LYS A 30 5.63 7.17 -2.48
C LYS A 30 6.19 5.81 -2.87
N VAL A 31 7.50 5.76 -3.11
CA VAL A 31 8.16 4.51 -3.49
C VAL A 31 8.52 3.69 -2.26
N VAL A 32 7.87 2.53 -2.12
CA VAL A 32 8.13 1.64 -0.99
C VAL A 32 8.86 0.39 -1.44
N VAL A 33 10.07 0.19 -0.93
CA VAL A 33 10.87 -0.98 -1.26
C VAL A 33 10.99 -1.93 -0.08
N ALA A 34 11.17 -3.21 -0.38
CA ALA A 34 11.30 -4.22 0.67
C ALA A 34 12.18 -3.72 1.82
N GLU A 35 13.17 -2.91 1.48
CA GLU A 35 14.07 -2.36 2.48
C GLU A 35 13.33 -1.44 3.44
N ASN A 36 12.50 -0.56 2.89
CA ASN A 36 11.73 0.38 3.69
C ASN A 36 10.24 0.08 3.59
N PHE A 37 9.90 -1.20 3.47
CA PHE A 37 8.51 -1.61 3.37
C PHE A 37 7.80 -1.49 4.72
N ASP A 38 8.35 -2.16 5.73
CA ASP A 38 7.77 -2.13 7.07
C ASP A 38 7.89 -0.73 7.67
N GLU A 39 8.58 0.16 6.96
CA GLU A 39 8.76 1.53 7.43
C GLU A 39 7.62 2.44 6.97
N ILE A 40 7.23 2.28 5.72
CA ILE A 40 6.14 3.07 5.15
C ILE A 40 4.83 2.30 5.16
N VAL A 41 4.88 1.05 4.72
CA VAL A 41 3.69 0.20 4.68
C VAL A 41 3.17 -0.08 6.08
N ASN A 42 3.99 -0.73 6.89
CA ASN A 42 3.61 -1.06 8.27
C ASN A 42 3.49 0.20 9.11
N ASN A 43 2.28 0.51 9.55
CA ASN A 43 2.03 1.69 10.37
C ASN A 43 0.58 1.74 10.83
N GLU A 44 0.35 1.45 12.11
CA GLU A 44 -0.99 1.46 12.67
C GLU A 44 -1.42 2.87 13.04
N ASN A 45 -0.56 3.84 12.73
CA ASN A 45 -0.85 5.24 13.03
C ASN A 45 -1.67 5.87 11.91
N LYS A 46 -1.29 5.58 10.67
CA LYS A 46 -1.99 6.12 9.51
C LYS A 46 -2.22 5.04 8.46
N ASP A 47 -3.30 5.18 7.69
CA ASP A 47 -3.63 4.21 6.65
C ASP A 47 -2.70 4.38 5.45
N VAL A 48 -2.43 3.27 4.77
CA VAL A 48 -1.56 3.27 3.60
C VAL A 48 -1.99 2.24 2.58
N LEU A 49 -1.84 2.57 1.30
CA LEU A 49 -2.22 1.67 0.23
C LEU A 49 -1.00 1.29 -0.62
N ILE A 50 -0.69 0.00 -0.65
CA ILE A 50 0.44 -0.49 -1.43
C ILE A 50 -0.02 -1.10 -2.75
N GLU A 51 0.61 -0.68 -3.84
CA GLU A 51 0.25 -1.19 -5.16
C GLU A 51 1.46 -1.87 -5.81
N PHE A 52 1.38 -3.18 -5.96
CA PHE A 52 2.46 -3.96 -6.57
C PHE A 52 2.29 -4.03 -8.09
N TYR A 53 3.37 -3.73 -8.81
CA TYR A 53 3.33 -3.76 -10.27
C TYR A 53 4.61 -4.37 -10.83
N ALA A 54 4.74 -4.36 -12.15
CA ALA A 54 5.92 -4.91 -12.81
C ALA A 54 6.32 -4.07 -14.02
N PRO A 55 7.62 -3.78 -14.13
CA PRO A 55 8.16 -2.98 -15.23
C PRO A 55 8.11 -3.71 -16.56
N TRP A 56 8.12 -5.05 -16.49
CA TRP A 56 8.08 -5.87 -17.70
C TRP A 56 6.64 -6.07 -18.16
N CYS A 57 5.70 -6.02 -17.23
CA CYS A 57 4.30 -6.21 -17.55
C CYS A 57 3.77 -5.02 -18.36
N GLY A 58 2.95 -5.31 -19.37
CA GLY A 58 2.39 -4.26 -20.20
C GLY A 58 1.07 -3.75 -19.68
N HIS A 59 0.28 -4.65 -19.10
CA HIS A 59 -1.02 -4.27 -18.56
C HIS A 59 -0.87 -3.44 -17.28
N CYS A 60 0.25 -3.64 -16.59
CA CYS A 60 0.53 -2.92 -15.35
C CYS A 60 1.13 -1.55 -15.65
N LYS A 61 1.98 -1.49 -16.67
CA LYS A 61 2.63 -0.25 -17.06
C LYS A 61 1.59 0.79 -17.50
N ASN A 62 0.65 0.36 -18.33
CA ASN A 62 -0.40 1.24 -18.82
C ASN A 62 -1.22 1.81 -17.66
N LEU A 63 -1.00 1.27 -16.47
CA LEU A 63 -1.73 1.72 -15.29
C LEU A 63 -0.90 2.73 -14.50
N GLU A 64 0.41 2.69 -14.69
CA GLU A 64 1.31 3.60 -13.99
C GLU A 64 0.66 4.96 -13.79
N PRO A 65 0.26 5.59 -14.90
CA PRO A 65 -0.38 6.91 -14.88
C PRO A 65 -1.79 6.87 -14.29
N LYS A 66 -2.41 5.69 -14.36
CA LYS A 66 -3.76 5.51 -13.83
C LYS A 66 -3.74 5.43 -12.30
N TYR A 67 -2.61 4.99 -11.75
CA TYR A 67 -2.46 4.86 -10.31
C TYR A 67 -1.80 6.11 -9.72
N LYS A 68 -0.82 6.64 -10.43
CA LYS A 68 -0.11 7.82 -9.98
C LYS A 68 -1.08 8.90 -9.52
N GLU A 69 -1.96 9.32 -10.42
CA GLU A 69 -2.94 10.36 -10.09
C GLU A 69 -3.48 10.16 -8.68
N LEU A 70 -4.09 9.00 -8.43
CA LEU A 70 -4.65 8.69 -7.12
C LEU A 70 -3.75 9.21 -6.00
N GLY A 71 -2.44 9.04 -6.18
CA GLY A 71 -1.50 9.49 -5.18
C GLY A 71 -1.64 10.98 -4.89
N GLU A 72 -1.46 11.79 -5.93
CA GLU A 72 -1.57 13.24 -5.78
C GLU A 72 -3.01 13.67 -5.54
N LYS A 73 -3.95 12.80 -5.90
CA LYS A 73 -5.36 13.08 -5.71
C LYS A 73 -5.75 12.99 -4.24
N LEU A 74 -5.30 11.92 -3.59
CA LEU A 74 -5.59 11.71 -2.17
C LEU A 74 -4.69 12.58 -1.29
N SER A 75 -3.87 13.41 -1.93
CA SER A 75 -2.97 14.30 -1.21
C SER A 75 -3.72 15.08 -0.14
N LYS A 76 -5.01 15.26 -0.34
CA LYS A 76 -5.85 15.99 0.61
C LYS A 76 -6.21 15.11 1.80
N ASP A 77 -5.54 13.96 1.91
CA ASP A 77 -5.79 13.04 3.01
C ASP A 77 -4.55 12.86 3.86
N PRO A 78 -4.48 13.59 4.99
CA PRO A 78 -3.35 13.53 5.91
C PRO A 78 -3.28 12.20 6.66
N ASN A 79 -4.25 11.32 6.38
CA ASN A 79 -4.30 10.02 7.03
C ASN A 79 -3.98 8.90 6.04
N ILE A 80 -4.44 9.07 4.81
CA ILE A 80 -4.19 8.08 3.77
C ILE A 80 -2.94 8.43 2.95
N VAL A 81 -2.10 7.44 2.73
CA VAL A 81 -0.87 7.64 1.97
C VAL A 81 -0.72 6.58 0.88
N ILE A 82 -0.71 7.04 -0.37
CA ILE A 82 -0.59 6.13 -1.51
C ILE A 82 0.88 5.86 -1.83
N ALA A 83 1.21 4.60 -2.06
CA ALA A 83 2.58 4.20 -2.37
C ALA A 83 2.60 3.01 -3.32
N LYS A 84 3.78 2.73 -3.88
CA LYS A 84 3.93 1.62 -4.82
C LYS A 84 5.20 0.83 -4.51
N MET A 85 5.22 -0.44 -4.90
CA MET A 85 6.38 -1.30 -4.65
C MET A 85 6.50 -2.35 -5.76
N ASP A 86 7.71 -2.48 -6.30
CA ASP A 86 7.97 -3.45 -7.35
C ASP A 86 8.26 -4.84 -6.77
N ALA A 87 7.22 -5.67 -6.68
CA ALA A 87 7.36 -7.02 -6.15
C ALA A 87 8.51 -7.76 -6.82
N THR A 88 8.38 -7.97 -8.13
CA THR A 88 9.41 -8.67 -8.90
C THR A 88 10.80 -8.11 -8.60
N ALA A 89 10.86 -6.79 -8.37
CA ALA A 89 12.12 -6.14 -8.08
C ALA A 89 12.51 -6.32 -6.62
N ASN A 90 11.51 -6.59 -5.78
CA ASN A 90 11.74 -6.78 -4.35
C ASN A 90 10.71 -7.74 -3.76
N ASP A 91 11.20 -8.81 -3.14
CA ASP A 91 10.32 -9.80 -2.53
C ASP A 91 9.26 -9.13 -1.67
N VAL A 92 8.08 -9.75 -1.60
CA VAL A 92 6.97 -9.22 -0.82
C VAL A 92 6.86 -9.93 0.53
N PRO A 93 6.62 -9.15 1.59
CA PRO A 93 6.48 -9.68 2.95
C PRO A 93 5.19 -10.49 3.12
N SER A 94 4.82 -10.73 4.37
CA SER A 94 3.62 -11.49 4.69
C SER A 94 2.73 -10.73 5.66
N PRO A 95 1.44 -11.12 5.72
CA PRO A 95 0.91 -12.20 4.88
C PRO A 95 0.84 -11.84 3.41
N TYR A 96 1.13 -10.57 3.11
CA TYR A 96 1.10 -10.08 1.73
C TYR A 96 1.54 -11.18 0.75
N GLU A 97 0.66 -11.52 -0.17
CA GLU A 97 0.95 -12.55 -1.16
C GLU A 97 0.71 -12.03 -2.57
N VAL A 98 1.68 -12.25 -3.47
CA VAL A 98 1.56 -11.81 -4.85
C VAL A 98 1.93 -12.92 -5.82
N ARG A 99 0.92 -13.51 -6.44
CA ARG A 99 1.13 -14.60 -7.39
C ARG A 99 0.95 -14.11 -8.82
N GLY A 100 -0.05 -13.26 -9.04
CA GLY A 100 -0.32 -12.73 -10.36
C GLY A 100 -0.40 -11.22 -10.37
N PHE A 101 0.29 -10.59 -11.32
CA PHE A 101 0.29 -9.15 -11.44
C PHE A 101 -0.67 -8.69 -12.53
N PRO A 102 -1.18 -7.45 -12.41
CA PRO A 102 -0.83 -6.57 -11.28
C PRO A 102 -1.43 -7.05 -9.97
N THR A 103 -0.85 -6.58 -8.86
CA THR A 103 -1.33 -6.98 -7.54
C THR A 103 -1.43 -5.76 -6.61
N ILE A 104 -2.65 -5.28 -6.40
CA ILE A 104 -2.89 -4.14 -5.55
C ILE A 104 -3.33 -4.57 -4.15
N TYR A 105 -2.74 -3.96 -3.13
CA TYR A 105 -3.07 -4.28 -1.75
C TYR A 105 -3.30 -3.01 -0.93
N PHE A 106 -3.88 -3.18 0.25
CA PHE A 106 -4.15 -2.05 1.14
C PHE A 106 -3.75 -2.37 2.57
N SER A 107 -3.02 -1.44 3.19
CA SER A 107 -2.56 -1.62 4.56
C SER A 107 -3.37 -0.75 5.53
N PRO A 108 -4.41 -1.35 6.12
CA PRO A 108 -5.29 -0.66 7.07
C PRO A 108 -4.58 -0.35 8.39
N ALA A 109 -5.28 0.35 9.27
CA ALA A 109 -4.72 0.71 10.58
C ALA A 109 -5.08 -0.34 11.63
N ASN A 110 -4.11 -0.69 12.46
CA ASN A 110 -4.31 -1.68 13.51
C ASN A 110 -4.98 -2.93 12.96
N LYS A 111 -4.80 -3.17 11.66
CA LYS A 111 -5.38 -4.34 11.01
C LYS A 111 -4.30 -5.17 10.31
N LYS A 112 -3.07 -5.01 10.76
CA LYS A 112 -1.95 -5.75 10.19
C LYS A 112 -2.25 -7.25 10.13
N LEU A 113 -2.70 -7.79 11.26
CA LEU A 113 -3.03 -9.21 11.34
C LEU A 113 -3.86 -9.64 10.13
N ASN A 114 -4.78 -8.78 9.72
CA ASN A 114 -5.64 -9.07 8.57
C ASN A 114 -5.72 -7.87 7.63
N PRO A 115 -4.82 -7.84 6.64
CA PRO A 115 -4.77 -6.76 5.66
C PRO A 115 -5.97 -6.77 4.70
N LYS A 116 -5.84 -6.06 3.59
CA LYS A 116 -6.91 -5.99 2.60
C LYS A 116 -6.34 -5.98 1.18
N LYS A 117 -7.06 -6.60 0.26
CA LYS A 117 -6.62 -6.66 -1.13
C LYS A 117 -7.65 -6.00 -2.05
N TYR A 118 -7.24 -4.94 -2.73
CA TYR A 118 -8.13 -4.22 -3.64
C TYR A 118 -8.68 -5.16 -4.71
N GLU A 119 -9.98 -5.42 -4.64
CA GLU A 119 -10.63 -6.31 -5.61
C GLU A 119 -11.81 -5.60 -6.27
N GLY A 120 -11.54 -4.95 -7.40
CA GLY A 120 -12.60 -4.25 -8.11
C GLY A 120 -12.11 -3.62 -9.40
N GLY A 121 -12.63 -2.44 -9.72
CA GLY A 121 -12.22 -1.76 -10.94
C GLY A 121 -10.97 -0.93 -10.75
N ARG A 122 -10.01 -1.09 -11.65
CA ARG A 122 -8.75 -0.36 -11.57
C ARG A 122 -8.91 1.05 -12.15
N GLU A 123 -9.97 1.73 -11.73
CA GLU A 123 -10.23 3.09 -12.21
C GLU A 123 -9.86 4.12 -11.15
N LEU A 124 -9.15 5.16 -11.57
CA LEU A 124 -8.74 6.22 -10.64
C LEU A 124 -9.78 6.45 -9.57
N SER A 125 -11.02 6.69 -9.99
CA SER A 125 -12.12 6.92 -9.05
C SER A 125 -12.43 5.65 -8.26
N ASP A 126 -12.62 4.55 -8.95
CA ASP A 126 -12.92 3.28 -8.31
C ASP A 126 -12.05 3.07 -7.08
N PHE A 127 -10.84 3.61 -7.12
CA PHE A 127 -9.91 3.49 -6.00
C PHE A 127 -10.29 4.44 -4.86
N ILE A 128 -10.69 5.65 -5.22
CA ILE A 128 -11.09 6.65 -4.24
C ILE A 128 -12.30 6.17 -3.43
N SER A 129 -13.38 5.85 -4.14
CA SER A 129 -14.60 5.38 -3.48
C SER A 129 -14.32 4.15 -2.63
N TYR A 130 -13.36 3.35 -3.06
CA TYR A 130 -13.00 2.13 -2.34
C TYR A 130 -12.46 2.46 -0.95
N LEU A 131 -11.57 3.46 -0.88
CA LEU A 131 -10.98 3.87 0.38
C LEU A 131 -11.96 4.70 1.19
N GLN A 132 -12.71 5.56 0.51
CA GLN A 132 -13.70 6.41 1.17
C GLN A 132 -14.54 5.61 2.16
N ARG A 133 -14.63 4.30 1.93
CA ARG A 133 -15.40 3.43 2.79
C ARG A 133 -14.49 2.46 3.55
N GLU A 134 -13.45 1.99 2.87
CA GLU A 134 -12.50 1.07 3.47
C GLU A 134 -11.66 1.76 4.55
N ALA A 135 -10.94 2.80 4.15
CA ALA A 135 -10.09 3.54 5.07
C ALA A 135 -10.85 3.85 6.36
N THR A 136 -10.48 3.16 7.44
CA THR A 136 -11.12 3.37 8.73
C THR A 136 -11.30 4.85 9.03
N SER A 137 -10.22 5.61 8.89
CA SER A 137 -10.26 7.04 9.15
C SER A 137 -11.09 7.77 8.11
N GLY A 138 -10.70 7.62 6.84
CA GLY A 138 -11.43 8.26 5.76
C GLY A 138 -11.26 9.77 5.77
N PRO A 139 -11.72 10.43 4.69
CA PRO A 139 -11.62 11.88 4.55
C PRO A 139 -12.55 12.62 5.50
N SER A 140 -12.21 13.86 5.82
CA SER A 140 -13.02 14.68 6.72
C SER A 140 -14.46 14.78 6.22
N SER A 141 -14.61 14.99 4.92
CA SER A 141 -15.92 15.11 4.31
C SER A 141 -16.37 13.79 3.69
N GLY A 142 -17.06 12.98 4.48
CA GLY A 142 -17.54 11.70 4.00
C GLY A 142 -17.57 10.64 5.09
N GLY A 1 -2.64 10.31 30.06
CA GLY A 1 -3.73 9.55 29.49
C GLY A 1 -3.24 8.42 28.59
N SER A 2 -2.67 7.39 29.19
CA SER A 2 -2.16 6.26 28.43
C SER A 2 -3.29 5.49 27.76
N SER A 3 -3.30 5.50 26.43
CA SER A 3 -4.33 4.81 25.67
C SER A 3 -3.76 3.61 24.93
N GLY A 4 -4.62 2.66 24.58
CA GLY A 4 -4.18 1.47 23.87
C GLY A 4 -4.83 0.21 24.39
N SER A 5 -4.73 -0.87 23.61
CA SER A 5 -5.33 -2.14 24.01
C SER A 5 -4.25 -3.20 24.23
N SER A 6 -4.54 -4.15 25.11
CA SER A 6 -3.58 -5.21 25.43
C SER A 6 -3.44 -6.16 24.24
N GLY A 7 -2.44 -7.04 24.32
CA GLY A 7 -2.20 -7.99 23.25
C GLY A 7 -0.74 -8.15 22.93
N PHE A 8 -0.44 -8.71 21.75
CA PHE A 8 0.93 -8.91 21.32
C PHE A 8 1.29 -7.99 20.16
N ASP A 9 2.48 -7.40 20.21
CA ASP A 9 2.93 -6.50 19.16
C ASP A 9 4.14 -7.08 18.43
N GLY A 10 3.97 -7.39 17.15
CA GLY A 10 5.05 -7.95 16.37
C GLY A 10 5.07 -7.44 14.95
N ASN A 11 6.07 -7.85 14.18
CA ASN A 11 6.20 -7.41 12.80
C ASN A 11 6.29 -8.61 11.86
N LEU A 12 5.21 -8.90 11.15
CA LEU A 12 5.18 -10.03 10.23
C LEU A 12 5.65 -9.60 8.83
N LYS A 13 6.92 -9.85 8.55
CA LYS A 13 7.50 -9.50 7.26
C LYS A 13 8.73 -10.36 6.96
N ARG A 14 8.83 -10.84 5.73
CA ARG A 14 9.94 -11.67 5.31
C ARG A 14 10.19 -11.55 3.82
N TYR A 15 11.41 -11.18 3.44
CA TYR A 15 11.78 -11.03 2.05
C TYR A 15 13.23 -11.44 1.80
N LEU A 16 13.53 -11.82 0.56
CA LEU A 16 14.87 -12.23 0.20
C LEU A 16 15.59 -11.14 -0.58
N LYS A 17 14.86 -10.50 -1.49
CA LYS A 17 15.43 -9.42 -2.30
C LYS A 17 14.86 -8.07 -1.88
N SER A 18 15.63 -7.01 -2.15
CA SER A 18 15.20 -5.66 -1.80
C SER A 18 15.89 -4.63 -2.68
N GLU A 19 15.16 -3.56 -3.01
CA GLU A 19 15.70 -2.50 -3.85
C GLU A 19 16.34 -1.41 -3.01
N PRO A 20 17.20 -0.59 -3.64
CA PRO A 20 17.90 0.51 -2.97
C PRO A 20 16.94 1.64 -2.59
N ILE A 21 17.20 2.24 -1.44
CA ILE A 21 16.38 3.34 -0.96
C ILE A 21 16.66 4.63 -1.72
N PRO A 22 15.59 5.33 -2.15
CA PRO A 22 15.70 6.57 -2.90
C PRO A 22 16.23 7.72 -2.04
N GLU A 23 16.43 8.88 -2.67
CA GLU A 23 16.94 10.05 -1.96
C GLU A 23 15.80 11.02 -1.64
N SER A 24 14.84 11.12 -2.56
CA SER A 24 13.71 12.01 -2.38
C SER A 24 12.46 11.46 -3.06
N ASN A 25 11.36 11.40 -2.31
CA ASN A 25 10.10 10.88 -2.85
C ASN A 25 9.03 11.97 -2.85
N ASP A 26 9.38 13.13 -3.39
CA ASP A 26 8.45 14.25 -3.46
C ASP A 26 7.52 14.10 -4.66
N GLY A 27 6.80 12.98 -4.72
CA GLY A 27 5.89 12.74 -5.82
C GLY A 27 4.50 12.34 -5.34
N PRO A 28 3.64 11.94 -6.29
CA PRO A 28 2.27 11.52 -5.99
C PRO A 28 2.22 10.21 -5.23
N VAL A 29 3.09 9.28 -5.61
CA VAL A 29 3.14 7.97 -4.97
C VAL A 29 4.50 7.72 -4.33
N LYS A 30 4.50 7.53 -3.01
CA LYS A 30 5.73 7.28 -2.27
C LYS A 30 6.32 5.92 -2.63
N VAL A 31 7.59 5.91 -3.05
CA VAL A 31 8.26 4.67 -3.42
C VAL A 31 8.63 3.86 -2.18
N VAL A 32 8.18 2.61 -2.14
CA VAL A 32 8.46 1.73 -1.02
C VAL A 32 9.13 0.44 -1.49
N VAL A 33 10.29 0.14 -0.90
CA VAL A 33 11.04 -1.07 -1.26
C VAL A 33 11.20 -1.98 -0.06
N ALA A 34 11.26 -3.28 -0.32
CA ALA A 34 11.41 -4.28 0.74
C ALA A 34 12.27 -3.73 1.88
N GLU A 35 13.34 -3.03 1.54
CA GLU A 35 14.23 -2.45 2.53
C GLU A 35 13.46 -1.55 3.49
N ASN A 36 12.64 -0.65 2.93
CA ASN A 36 11.85 0.27 3.73
C ASN A 36 10.36 -0.02 3.59
N PHE A 37 10.01 -1.30 3.53
CA PHE A 37 8.63 -1.71 3.38
C PHE A 37 7.89 -1.62 4.72
N ASP A 38 8.43 -2.27 5.73
CA ASP A 38 7.83 -2.26 7.06
C ASP A 38 7.91 -0.87 7.68
N GLU A 39 8.68 0.01 7.05
CA GLU A 39 8.84 1.37 7.54
C GLU A 39 7.69 2.26 7.06
N ILE A 40 7.31 2.10 5.80
CA ILE A 40 6.23 2.89 5.22
C ILE A 40 4.93 2.09 5.21
N VAL A 41 4.94 0.95 4.52
CA VAL A 41 3.76 0.10 4.43
C VAL A 41 3.16 -0.16 5.81
N ASN A 42 3.94 -0.80 6.68
CA ASN A 42 3.49 -1.11 8.03
C ASN A 42 3.29 0.17 8.84
N ASN A 43 2.05 0.43 9.23
CA ASN A 43 1.72 1.61 10.02
C ASN A 43 0.27 1.59 10.47
N GLU A 44 0.06 1.41 11.77
CA GLU A 44 -1.29 1.36 12.32
C GLU A 44 -1.78 2.77 12.66
N ASN A 45 -0.90 3.75 12.50
CA ASN A 45 -1.24 5.14 12.81
C ASN A 45 -2.16 5.71 11.72
N LYS A 46 -1.78 5.52 10.47
CA LYS A 46 -2.57 6.02 9.35
C LYS A 46 -2.73 4.95 8.28
N ASP A 47 -3.80 5.04 7.50
CA ASP A 47 -4.08 4.09 6.43
C ASP A 47 -3.04 4.21 5.32
N VAL A 48 -2.65 3.07 4.76
CA VAL A 48 -1.67 3.05 3.68
C VAL A 48 -2.08 2.07 2.58
N LEU A 49 -1.79 2.44 1.33
CA LEU A 49 -2.13 1.59 0.19
C LEU A 49 -0.89 1.23 -0.60
N ILE A 50 -0.63 -0.06 -0.73
CA ILE A 50 0.53 -0.54 -1.47
C ILE A 50 0.11 -1.21 -2.77
N GLU A 51 0.79 -0.86 -3.86
CA GLU A 51 0.50 -1.43 -5.16
C GLU A 51 1.73 -2.07 -5.78
N PHE A 52 1.66 -3.38 -6.01
CA PHE A 52 2.78 -4.12 -6.60
C PHE A 52 2.63 -4.24 -8.11
N TYR A 53 3.55 -3.61 -8.84
CA TYR A 53 3.51 -3.64 -10.30
C TYR A 53 4.78 -4.26 -10.86
N ALA A 54 4.87 -4.33 -12.18
CA ALA A 54 6.03 -4.90 -12.85
C ALA A 54 6.45 -4.03 -14.04
N PRO A 55 7.76 -3.79 -14.15
CA PRO A 55 8.33 -2.98 -15.24
C PRO A 55 8.26 -3.69 -16.58
N TRP A 56 7.92 -4.97 -16.55
CA TRP A 56 7.82 -5.77 -17.77
C TRP A 56 6.38 -6.21 -18.01
N CYS A 57 5.46 -5.67 -17.22
CA CYS A 57 4.05 -6.00 -17.35
C CYS A 57 3.27 -4.86 -18.00
N GLY A 58 2.77 -5.10 -19.20
CA GLY A 58 2.02 -4.08 -19.90
C GLY A 58 0.84 -3.57 -19.09
N HIS A 59 0.00 -4.48 -18.62
CA HIS A 59 -1.16 -4.12 -17.83
C HIS A 59 -0.80 -3.11 -16.76
N CYS A 60 0.38 -3.29 -16.15
CA CYS A 60 0.85 -2.39 -15.10
C CYS A 60 1.23 -1.04 -15.68
N LYS A 61 1.87 -1.06 -16.84
CA LYS A 61 2.30 0.17 -17.51
C LYS A 61 1.11 1.10 -17.74
N ASN A 62 -0.02 0.53 -18.13
CA ASN A 62 -1.22 1.31 -18.39
C ASN A 62 -1.85 1.80 -17.08
N LEU A 63 -1.58 1.06 -16.00
CA LEU A 63 -2.12 1.42 -14.69
C LEU A 63 -1.24 2.47 -14.01
N GLU A 64 0.03 2.54 -14.43
CA GLU A 64 0.96 3.51 -13.87
C GLU A 64 0.30 4.87 -13.69
N PRO A 65 -0.21 5.43 -14.80
CA PRO A 65 -0.87 6.73 -14.80
C PRO A 65 -2.22 6.70 -14.08
N LYS A 66 -2.93 5.59 -14.23
CA LYS A 66 -4.23 5.42 -13.60
C LYS A 66 -4.11 5.42 -12.08
N TYR A 67 -2.95 4.98 -11.59
CA TYR A 67 -2.70 4.93 -10.16
C TYR A 67 -2.03 6.20 -9.67
N LYS A 68 -1.03 6.67 -10.44
CA LYS A 68 -0.31 7.88 -10.09
C LYS A 68 -1.26 8.98 -9.66
N GLU A 69 -2.17 9.34 -10.55
CA GLU A 69 -3.15 10.39 -10.26
C GLU A 69 -3.67 10.27 -8.83
N LEU A 70 -4.05 9.05 -8.45
CA LEU A 70 -4.57 8.79 -7.12
C LEU A 70 -3.61 9.32 -6.04
N GLY A 71 -2.32 9.19 -6.31
CA GLY A 71 -1.31 9.66 -5.36
C GLY A 71 -1.47 11.14 -5.04
N GLU A 72 -1.42 11.97 -6.08
CA GLU A 72 -1.56 13.41 -5.90
C GLU A 72 -3.01 13.80 -5.62
N LYS A 73 -3.93 12.96 -6.06
CA LYS A 73 -5.36 13.20 -5.86
C LYS A 73 -5.74 13.00 -4.40
N LEU A 74 -5.20 11.95 -3.79
CA LEU A 74 -5.50 11.64 -2.40
C LEU A 74 -4.59 12.45 -1.46
N SER A 75 -3.77 13.31 -2.05
CA SER A 75 -2.86 14.15 -1.27
C SER A 75 -3.61 14.91 -0.18
N LYS A 76 -4.81 15.39 -0.52
CA LYS A 76 -5.62 16.14 0.43
C LYS A 76 -5.92 15.30 1.67
N ASP A 77 -5.62 14.01 1.58
CA ASP A 77 -5.84 13.11 2.71
C ASP A 77 -4.55 12.86 3.49
N PRO A 78 -4.39 13.57 4.61
CA PRO A 78 -3.20 13.44 5.46
C PRO A 78 -3.14 12.10 6.18
N ASN A 79 -4.15 11.26 5.94
CA ASN A 79 -4.20 9.95 6.57
C ASN A 79 -3.97 8.85 5.54
N ILE A 80 -4.46 9.06 4.33
CA ILE A 80 -4.28 8.08 3.25
C ILE A 80 -3.01 8.35 2.46
N VAL A 81 -1.99 7.53 2.70
CA VAL A 81 -0.71 7.68 2.00
C VAL A 81 -0.56 6.63 0.92
N ILE A 82 -0.62 7.05 -0.34
CA ILE A 82 -0.48 6.14 -1.46
C ILE A 82 0.99 5.86 -1.77
N ALA A 83 1.34 4.59 -1.84
CA ALA A 83 2.71 4.19 -2.12
C ALA A 83 2.76 3.08 -3.16
N LYS A 84 3.94 2.83 -3.71
CA LYS A 84 4.12 1.79 -4.71
C LYS A 84 5.40 1.00 -4.47
N MET A 85 5.42 -0.25 -4.92
CA MET A 85 6.59 -1.10 -4.75
C MET A 85 6.70 -2.11 -5.90
N ASP A 86 7.91 -2.29 -6.40
CA ASP A 86 8.15 -3.22 -7.50
C ASP A 86 8.54 -4.60 -6.96
N ALA A 87 7.55 -5.49 -6.84
CA ALA A 87 7.79 -6.83 -6.33
C ALA A 87 8.94 -7.50 -7.08
N THR A 88 8.75 -7.73 -8.37
CA THR A 88 9.77 -8.36 -9.20
C THR A 88 11.16 -7.81 -8.87
N ALA A 89 11.20 -6.58 -8.38
CA ALA A 89 12.47 -5.94 -8.03
C ALA A 89 12.75 -6.09 -6.54
N ASN A 90 11.69 -6.22 -5.75
CA ASN A 90 11.83 -6.36 -4.30
C ASN A 90 10.82 -7.37 -3.76
N ASP A 91 11.32 -8.52 -3.34
CA ASP A 91 10.47 -9.58 -2.79
C ASP A 91 9.44 -8.99 -1.82
N VAL A 92 8.20 -9.45 -1.93
CA VAL A 92 7.13 -8.97 -1.07
C VAL A 92 7.09 -9.76 0.24
N PRO A 93 6.91 -9.05 1.36
CA PRO A 93 6.84 -9.66 2.69
C PRO A 93 5.57 -10.47 2.89
N SER A 94 5.31 -10.85 4.14
CA SER A 94 4.13 -11.63 4.47
C SER A 94 3.25 -10.90 5.48
N PRO A 95 1.98 -11.32 5.58
CA PRO A 95 1.44 -12.40 4.76
C PRO A 95 1.30 -12.00 3.29
N TYR A 96 1.51 -10.73 3.01
CA TYR A 96 1.41 -10.22 1.64
C TYR A 96 1.89 -11.25 0.64
N GLU A 97 1.04 -11.55 -0.34
CA GLU A 97 1.39 -12.54 -1.37
C GLU A 97 1.06 -12.00 -2.75
N VAL A 98 2.04 -12.06 -3.65
CA VAL A 98 1.86 -11.59 -5.02
C VAL A 98 2.26 -12.66 -6.02
N ARG A 99 1.28 -13.42 -6.49
CA ARG A 99 1.52 -14.48 -7.46
C ARG A 99 0.81 -14.18 -8.78
N GLY A 100 0.63 -12.90 -9.07
CA GLY A 100 -0.04 -12.50 -10.30
C GLY A 100 -0.23 -11.00 -10.40
N PHE A 101 0.45 -10.39 -11.37
CA PHE A 101 0.35 -8.95 -11.57
C PHE A 101 -0.64 -8.62 -12.69
N PRO A 102 -1.22 -7.42 -12.62
CA PRO A 102 -0.94 -6.47 -11.55
C PRO A 102 -1.49 -6.92 -10.19
N THR A 103 -0.91 -6.41 -9.12
CA THR A 103 -1.34 -6.76 -7.77
C THR A 103 -1.45 -5.53 -6.89
N ILE A 104 -2.60 -5.36 -6.25
CA ILE A 104 -2.83 -4.23 -5.36
C ILE A 104 -3.21 -4.69 -3.96
N TYR A 105 -2.64 -4.04 -2.96
CA TYR A 105 -2.91 -4.39 -1.56
C TYR A 105 -3.10 -3.13 -0.72
N PHE A 106 -4.02 -3.20 0.25
CA PHE A 106 -4.29 -2.07 1.12
C PHE A 106 -4.00 -2.43 2.58
N SER A 107 -3.24 -1.57 3.25
CA SER A 107 -2.88 -1.80 4.65
C SER A 107 -3.77 -0.97 5.58
N PRO A 108 -4.78 -1.62 6.17
CA PRO A 108 -5.72 -0.96 7.08
C PRO A 108 -5.06 -0.57 8.40
N ALA A 109 -5.76 0.25 9.19
CA ALA A 109 -5.25 0.69 10.48
C ALA A 109 -5.55 -0.33 11.57
N ASN A 110 -4.58 -0.59 12.43
CA ASN A 110 -4.75 -1.55 13.52
C ASN A 110 -5.27 -2.87 12.99
N LYS A 111 -5.00 -3.15 11.73
CA LYS A 111 -5.45 -4.40 11.10
C LYS A 111 -4.29 -5.10 10.40
N LYS A 112 -3.10 -5.04 11.01
CA LYS A 112 -1.92 -5.66 10.43
C LYS A 112 -2.10 -7.18 10.34
N LEU A 113 -2.32 -7.82 11.48
CA LEU A 113 -2.51 -9.27 11.53
C LEU A 113 -3.25 -9.76 10.30
N ASN A 114 -4.21 -8.96 9.82
CA ASN A 114 -4.99 -9.32 8.65
C ASN A 114 -5.11 -8.13 7.70
N PRO A 115 -4.24 -8.09 6.69
CA PRO A 115 -4.23 -7.02 5.68
C PRO A 115 -5.45 -7.07 4.77
N LYS A 116 -5.51 -6.15 3.81
CA LYS A 116 -6.61 -6.09 2.86
C LYS A 116 -6.10 -6.10 1.43
N LYS A 117 -6.87 -6.68 0.53
CA LYS A 117 -6.51 -6.75 -0.88
C LYS A 117 -7.53 -6.02 -1.75
N TYR A 118 -7.04 -5.09 -2.56
CA TYR A 118 -7.92 -4.31 -3.44
C TYR A 118 -8.52 -5.20 -4.53
N GLU A 119 -9.84 -5.36 -4.51
CA GLU A 119 -10.53 -6.18 -5.50
C GLU A 119 -11.59 -5.37 -6.22
N GLY A 120 -11.29 -4.96 -7.44
CA GLY A 120 -12.23 -4.19 -8.23
C GLY A 120 -11.64 -3.68 -9.54
N GLY A 121 -12.11 -2.53 -10.00
CA GLY A 121 -11.62 -1.98 -11.24
C GLY A 121 -10.42 -1.06 -11.03
N ARG A 122 -9.43 -1.17 -11.91
CA ARG A 122 -8.23 -0.34 -11.82
C ARG A 122 -8.49 1.06 -12.35
N GLU A 123 -9.62 1.65 -11.95
CA GLU A 123 -9.99 2.98 -12.39
C GLU A 123 -9.69 4.02 -11.31
N LEU A 124 -8.98 5.06 -11.68
CA LEU A 124 -8.63 6.12 -10.73
C LEU A 124 -9.74 6.34 -9.72
N SER A 125 -10.94 6.60 -10.22
CA SER A 125 -12.10 6.84 -9.36
C SER A 125 -12.37 5.62 -8.48
N ASP A 126 -12.34 4.44 -9.08
CA ASP A 126 -12.58 3.20 -8.36
C ASP A 126 -11.73 3.14 -7.10
N PHE A 127 -10.49 3.59 -7.20
CA PHE A 127 -9.57 3.58 -6.07
C PHE A 127 -10.02 4.56 -5.00
N ILE A 128 -10.49 5.73 -5.42
CA ILE A 128 -10.95 6.76 -4.50
C ILE A 128 -12.15 6.27 -3.70
N SER A 129 -13.26 6.03 -4.40
CA SER A 129 -14.48 5.56 -3.76
C SER A 129 -14.23 4.28 -2.98
N TYR A 130 -13.34 3.45 -3.51
CA TYR A 130 -13.01 2.17 -2.87
C TYR A 130 -12.50 2.40 -1.45
N LEU A 131 -11.61 3.36 -1.29
CA LEU A 131 -11.04 3.68 0.01
C LEU A 131 -11.99 4.56 0.82
N GLN A 132 -12.70 5.45 0.13
CA GLN A 132 -13.65 6.35 0.78
C GLN A 132 -14.39 5.63 1.89
N ARG A 133 -14.80 4.39 1.63
CA ARG A 133 -15.53 3.61 2.61
C ARG A 133 -14.60 2.65 3.35
N GLU A 134 -13.92 1.80 2.59
CA GLU A 134 -12.99 0.83 3.17
C GLU A 134 -12.12 1.48 4.23
N ALA A 135 -11.41 2.54 3.83
CA ALA A 135 -10.54 3.26 4.75
C ALA A 135 -11.26 3.59 6.06
N THR A 136 -10.92 2.88 7.12
CA THR A 136 -11.55 3.09 8.42
C THR A 136 -11.73 4.57 8.70
N SER A 137 -10.66 5.34 8.52
CA SER A 137 -10.70 6.78 8.75
C SER A 137 -10.54 7.55 7.44
N GLY A 138 -11.16 7.06 6.39
CA GLY A 138 -11.08 7.71 5.09
C GLY A 138 -11.73 9.08 5.08
N PRO A 139 -11.80 9.69 3.89
CA PRO A 139 -12.40 11.01 3.73
C PRO A 139 -13.91 11.00 3.93
N SER A 140 -14.45 12.10 4.43
CA SER A 140 -15.89 12.21 4.68
C SER A 140 -16.26 13.61 5.12
N SER A 141 -17.02 14.32 4.29
CA SER A 141 -17.44 15.67 4.60
C SER A 141 -18.83 15.69 5.22
N GLY A 142 -18.90 15.46 6.53
CA GLY A 142 -20.17 15.44 7.22
C GLY A 142 -20.02 15.34 8.72
N GLY A 1 -19.34 -17.64 21.15
CA GLY A 1 -17.99 -17.08 21.11
C GLY A 1 -17.90 -15.84 20.24
N SER A 2 -17.53 -16.03 18.98
CA SER A 2 -17.41 -14.91 18.05
C SER A 2 -16.60 -13.78 18.67
N SER A 3 -15.44 -14.13 19.24
CA SER A 3 -14.58 -13.13 19.87
C SER A 3 -13.18 -13.71 20.07
N GLY A 4 -12.17 -12.84 19.94
CA GLY A 4 -10.80 -13.28 20.11
C GLY A 4 -9.84 -12.11 20.26
N SER A 5 -8.56 -12.41 20.43
CA SER A 5 -7.54 -11.39 20.59
C SER A 5 -6.16 -11.93 20.24
N SER A 6 -5.31 -11.06 19.69
CA SER A 6 -3.96 -11.45 19.31
C SER A 6 -2.94 -11.05 20.37
N GLY A 7 -2.88 -9.74 20.65
CA GLY A 7 -1.95 -9.25 21.65
C GLY A 7 -1.03 -8.18 21.09
N PHE A 8 0.26 -8.30 21.39
CA PHE A 8 1.25 -7.33 20.93
C PHE A 8 1.98 -7.86 19.71
N ASP A 9 1.73 -7.23 18.55
CA ASP A 9 2.38 -7.64 17.31
C ASP A 9 2.23 -6.56 16.24
N GLY A 10 3.21 -6.48 15.35
CA GLY A 10 3.18 -5.49 14.29
C GLY A 10 4.26 -5.71 13.25
N ASN A 11 5.45 -6.09 13.71
CA ASN A 11 6.57 -6.32 12.81
C ASN A 11 6.63 -7.79 12.40
N LEU A 12 5.98 -8.12 11.30
CA LEU A 12 5.96 -9.50 10.80
C LEU A 12 6.06 -9.53 9.28
N LYS A 13 7.23 -9.93 8.78
CA LYS A 13 7.46 -10.01 7.34
C LYS A 13 8.76 -10.75 7.04
N ARG A 14 9.07 -10.88 5.75
CA ARG A 14 10.28 -11.57 5.33
C ARG A 14 10.53 -11.37 3.84
N TYR A 15 11.77 -11.09 3.47
CA TYR A 15 12.14 -10.88 2.08
C TYR A 15 13.59 -11.27 1.82
N LEU A 16 13.86 -11.76 0.62
CA LEU A 16 15.21 -12.18 0.25
C LEU A 16 15.94 -11.05 -0.48
N LYS A 17 15.20 -10.30 -1.28
CA LYS A 17 15.78 -9.19 -2.04
C LYS A 17 15.18 -7.86 -1.61
N SER A 18 15.68 -6.77 -2.18
CA SER A 18 15.18 -5.43 -1.85
C SER A 18 15.84 -4.38 -2.72
N GLU A 19 15.13 -3.30 -2.98
CA GLU A 19 15.64 -2.22 -3.82
C GLU A 19 16.22 -1.10 -2.94
N PRO A 20 17.10 -0.28 -3.54
CA PRO A 20 17.74 0.84 -2.85
C PRO A 20 16.76 1.96 -2.52
N ILE A 21 16.93 2.56 -1.35
CA ILE A 21 16.06 3.66 -0.91
C ILE A 21 16.29 4.91 -1.75
N PRO A 22 15.20 5.51 -2.23
CA PRO A 22 15.26 6.72 -3.05
C PRO A 22 15.69 7.94 -2.24
N GLU A 23 16.50 8.79 -2.86
CA GLU A 23 16.98 10.00 -2.20
C GLU A 23 15.82 10.91 -1.79
N SER A 24 14.77 10.91 -2.61
CA SER A 24 13.59 11.73 -2.34
C SER A 24 12.37 11.18 -3.05
N ASN A 25 11.24 11.15 -2.35
CA ASN A 25 9.99 10.65 -2.92
C ASN A 25 8.91 11.72 -2.89
N ASP A 26 9.26 12.92 -3.35
CA ASP A 26 8.31 14.03 -3.38
C ASP A 26 7.44 13.97 -4.63
N GLY A 27 6.82 12.81 -4.86
CA GLY A 27 5.98 12.64 -6.03
C GLY A 27 4.54 12.31 -5.66
N PRO A 28 3.75 11.89 -6.65
CA PRO A 28 2.35 11.52 -6.44
C PRO A 28 2.19 10.25 -5.63
N VAL A 29 3.01 9.25 -5.92
CA VAL A 29 2.97 7.98 -5.21
C VAL A 29 4.27 7.72 -4.46
N LYS A 30 4.16 7.41 -3.17
CA LYS A 30 5.32 7.13 -2.35
C LYS A 30 5.89 5.76 -2.66
N VAL A 31 7.14 5.73 -3.14
CA VAL A 31 7.80 4.47 -3.48
C VAL A 31 8.21 3.71 -2.23
N VAL A 32 7.72 2.49 -2.08
CA VAL A 32 8.04 1.66 -0.93
C VAL A 32 8.82 0.42 -1.34
N VAL A 33 10.00 0.24 -0.74
CA VAL A 33 10.84 -0.91 -1.05
C VAL A 33 11.00 -1.81 0.17
N ALA A 34 11.10 -3.12 -0.07
CA ALA A 34 11.26 -4.08 1.01
C ALA A 34 12.10 -3.52 2.14
N GLU A 35 13.17 -2.80 1.80
CA GLU A 35 14.04 -2.20 2.78
C GLU A 35 13.25 -1.29 3.73
N ASN A 36 12.41 -0.45 3.15
CA ASN A 36 11.60 0.47 3.94
C ASN A 36 10.12 0.14 3.82
N PHE A 37 9.82 -1.15 3.68
CA PHE A 37 8.44 -1.59 3.56
C PHE A 37 7.71 -1.48 4.89
N ASP A 38 8.23 -2.15 5.91
CA ASP A 38 7.62 -2.12 7.23
C ASP A 38 7.67 -0.71 7.82
N GLU A 39 8.34 0.19 7.12
CA GLU A 39 8.47 1.58 7.58
C GLU A 39 7.31 2.42 7.05
N ILE A 40 7.02 2.29 5.76
CA ILE A 40 5.94 3.04 5.14
C ILE A 40 4.65 2.21 5.07
N VAL A 41 4.79 0.96 4.64
CA VAL A 41 3.65 0.07 4.53
C VAL A 41 3.02 -0.20 5.89
N ASN A 42 3.83 -0.75 6.81
CA ASN A 42 3.36 -1.05 8.15
C ASN A 42 3.30 0.21 9.01
N ASN A 43 2.12 0.48 9.57
CA ASN A 43 1.93 1.65 10.41
C ASN A 43 0.53 1.66 11.02
N GLU A 44 0.45 1.42 12.32
CA GLU A 44 -0.83 1.40 13.02
C GLU A 44 -1.27 2.82 13.40
N ASN A 45 -0.70 3.81 12.70
CA ASN A 45 -1.03 5.20 12.97
C ASN A 45 -1.90 5.78 11.85
N LYS A 46 -1.59 5.40 10.61
CA LYS A 46 -2.33 5.87 9.45
C LYS A 46 -2.57 4.74 8.47
N ASP A 47 -3.47 4.98 7.51
CA ASP A 47 -3.80 3.97 6.50
C ASP A 47 -2.96 4.18 5.25
N VAL A 48 -2.50 3.09 4.66
CA VAL A 48 -1.68 3.15 3.46
C VAL A 48 -2.11 2.10 2.45
N LEU A 49 -1.97 2.40 1.17
CA LEU A 49 -2.35 1.48 0.10
C LEU A 49 -1.13 1.08 -0.72
N ILE A 50 -0.72 -0.18 -0.58
CA ILE A 50 0.43 -0.69 -1.31
C ILE A 50 0.01 -1.32 -2.64
N GLU A 51 0.75 -1.01 -3.70
CA GLU A 51 0.45 -1.55 -5.02
C GLU A 51 1.68 -2.21 -5.63
N PHE A 52 1.58 -3.51 -5.88
CA PHE A 52 2.68 -4.26 -6.46
C PHE A 52 2.56 -4.33 -7.99
N TYR A 53 3.60 -3.88 -8.67
CA TYR A 53 3.62 -3.88 -10.13
C TYR A 53 4.87 -4.55 -10.67
N ALA A 54 5.04 -4.51 -11.99
CA ALA A 54 6.20 -5.11 -12.62
C ALA A 54 6.73 -4.23 -13.75
N PRO A 55 8.06 -4.00 -13.75
CA PRO A 55 8.71 -3.16 -14.76
C PRO A 55 8.73 -3.83 -16.13
N TRP A 56 8.22 -5.06 -16.20
CA TRP A 56 8.18 -5.80 -17.45
C TRP A 56 6.74 -6.13 -17.84
N CYS A 57 5.80 -5.78 -16.97
CA CYS A 57 4.39 -6.04 -17.22
C CYS A 57 3.72 -4.84 -17.88
N GLY A 58 2.95 -5.12 -18.93
CA GLY A 58 2.26 -4.05 -19.65
C GLY A 58 1.19 -3.38 -18.81
N HIS A 59 0.43 -4.19 -18.07
CA HIS A 59 -0.63 -3.67 -17.22
C HIS A 59 -0.12 -2.56 -16.31
N CYS A 60 1.18 -2.62 -15.98
CA CYS A 60 1.80 -1.63 -15.12
C CYS A 60 1.91 -0.29 -15.84
N LYS A 61 2.34 -0.32 -17.09
CA LYS A 61 2.50 0.89 -17.89
C LYS A 61 1.15 1.59 -18.09
N ASN A 62 0.13 0.79 -18.40
CA ASN A 62 -1.21 1.33 -18.62
C ASN A 62 -1.84 1.77 -17.30
N LEU A 63 -1.54 1.04 -16.24
CA LEU A 63 -2.07 1.35 -14.91
C LEU A 63 -1.23 2.42 -14.22
N GLU A 64 0.00 2.59 -14.69
CA GLU A 64 0.91 3.58 -14.12
C GLU A 64 0.19 4.91 -13.90
N PRO A 65 -0.35 5.48 -14.98
CA PRO A 65 -1.07 6.75 -14.94
C PRO A 65 -2.40 6.64 -14.21
N LYS A 66 -3.02 5.46 -14.29
CA LYS A 66 -4.30 5.23 -13.63
C LYS A 66 -4.14 5.18 -12.12
N TYR A 67 -2.94 4.80 -11.66
CA TYR A 67 -2.66 4.71 -10.24
C TYR A 67 -2.00 5.99 -9.74
N LYS A 68 -1.06 6.52 -10.52
CA LYS A 68 -0.35 7.73 -10.17
C LYS A 68 -1.32 8.82 -9.74
N GLU A 69 -2.24 9.18 -10.63
CA GLU A 69 -3.23 10.22 -10.34
C GLU A 69 -3.73 10.10 -8.90
N LEU A 70 -4.15 8.90 -8.52
CA LEU A 70 -4.65 8.65 -7.18
C LEU A 70 -3.70 9.22 -6.13
N GLY A 71 -2.40 9.07 -6.37
CA GLY A 71 -1.42 9.57 -5.43
C GLY A 71 -1.48 11.07 -5.26
N GLU A 72 -1.40 11.79 -6.38
CA GLU A 72 -1.45 13.25 -6.36
C GLU A 72 -2.83 13.74 -5.92
N LYS A 73 -3.84 12.93 -6.20
CA LYS A 73 -5.21 13.27 -5.84
C LYS A 73 -5.44 13.13 -4.34
N LEU A 74 -4.97 12.02 -3.78
CA LEU A 74 -5.11 11.77 -2.35
C LEU A 74 -4.02 12.47 -1.56
N SER A 75 -3.18 13.23 -2.26
CA SER A 75 -2.09 13.95 -1.62
C SER A 75 -2.60 14.75 -0.42
N LYS A 76 -3.88 15.09 -0.44
CA LYS A 76 -4.49 15.86 0.64
C LYS A 76 -5.10 14.93 1.68
N ASP A 77 -4.61 13.70 1.72
CA ASP A 77 -5.10 12.71 2.67
C ASP A 77 -4.09 12.51 3.81
N PRO A 78 -4.32 13.18 4.94
CA PRO A 78 -3.45 13.09 6.12
C PRO A 78 -3.53 11.73 6.79
N ASN A 79 -4.42 10.87 6.29
CA ASN A 79 -4.59 9.54 6.85
C ASN A 79 -4.22 8.47 5.84
N ILE A 80 -4.60 8.70 4.58
CA ILE A 80 -4.31 7.76 3.50
C ILE A 80 -3.05 8.17 2.74
N VAL A 81 -2.24 7.18 2.37
CA VAL A 81 -1.01 7.44 1.63
C VAL A 81 -0.81 6.40 0.53
N ILE A 82 -0.85 6.86 -0.72
CA ILE A 82 -0.68 5.97 -1.86
C ILE A 82 0.79 5.72 -2.12
N ALA A 83 1.17 4.44 -2.21
CA ALA A 83 2.55 4.05 -2.45
C ALA A 83 2.63 2.92 -3.46
N LYS A 84 3.82 2.70 -4.01
CA LYS A 84 4.03 1.64 -4.99
C LYS A 84 5.32 0.88 -4.71
N MET A 85 5.27 -0.44 -4.85
CA MET A 85 6.44 -1.27 -4.62
C MET A 85 6.59 -2.32 -5.72
N ASP A 86 7.84 -2.61 -6.08
CA ASP A 86 8.12 -3.59 -7.12
C ASP A 86 8.34 -4.97 -6.52
N ALA A 87 7.45 -5.90 -6.84
CA ALA A 87 7.56 -7.27 -6.34
C ALA A 87 8.75 -7.99 -6.94
N THR A 88 8.66 -8.32 -8.23
CA THR A 88 9.73 -9.00 -8.92
C THR A 88 11.09 -8.43 -8.55
N ALA A 89 11.10 -7.19 -8.09
CA ALA A 89 12.33 -6.53 -7.69
C ALA A 89 12.51 -6.57 -6.18
N ASN A 90 11.40 -6.55 -5.45
CA ASN A 90 11.44 -6.59 -3.99
C ASN A 90 10.52 -7.68 -3.45
N ASP A 91 11.11 -8.71 -2.88
CA ASP A 91 10.33 -9.82 -2.32
C ASP A 91 9.17 -9.31 -1.48
N VAL A 92 7.98 -9.83 -1.75
CA VAL A 92 6.79 -9.42 -1.01
C VAL A 92 6.73 -10.07 0.36
N PRO A 93 6.50 -9.26 1.40
CA PRO A 93 6.43 -9.74 2.79
C PRO A 93 5.17 -10.57 3.04
N SER A 94 4.84 -10.77 4.31
CA SER A 94 3.67 -11.55 4.68
C SER A 94 2.82 -10.79 5.70
N PRO A 95 1.56 -11.21 5.84
CA PRO A 95 1.00 -12.32 5.05
C PRO A 95 0.83 -11.96 3.58
N TYR A 96 1.11 -10.71 3.25
CA TYR A 96 0.99 -10.24 1.87
C TYR A 96 1.34 -11.36 0.88
N GLU A 97 0.41 -11.63 -0.04
CA GLU A 97 0.62 -12.66 -1.04
C GLU A 97 0.44 -12.11 -2.45
N VAL A 98 1.39 -12.43 -3.32
CA VAL A 98 1.34 -11.97 -4.70
C VAL A 98 1.86 -13.03 -5.67
N ARG A 99 1.04 -13.39 -6.64
CA ARG A 99 1.42 -14.39 -7.63
C ARG A 99 1.17 -13.88 -9.05
N GLY A 100 0.07 -13.17 -9.23
CA GLY A 100 -0.26 -12.65 -10.54
C GLY A 100 -0.35 -11.13 -10.55
N PHE A 101 0.43 -10.50 -11.41
CA PHE A 101 0.44 -9.04 -11.51
C PHE A 101 -0.44 -8.57 -12.67
N PRO A 102 -0.94 -7.34 -12.56
CA PRO A 102 -0.66 -6.47 -11.41
C PRO A 102 -1.34 -6.95 -10.14
N THR A 103 -0.86 -6.47 -9.00
CA THR A 103 -1.42 -6.85 -7.71
C THR A 103 -1.50 -5.65 -6.76
N ILE A 104 -2.72 -5.20 -6.49
CA ILE A 104 -2.92 -4.06 -5.61
C ILE A 104 -3.43 -4.52 -4.24
N TYR A 105 -2.83 -3.98 -3.18
CA TYR A 105 -3.22 -4.33 -1.82
C TYR A 105 -3.47 -3.07 -0.98
N PHE A 106 -3.89 -3.28 0.26
CA PHE A 106 -4.16 -2.16 1.16
C PHE A 106 -3.78 -2.52 2.59
N SER A 107 -3.01 -1.65 3.23
CA SER A 107 -2.58 -1.87 4.61
C SER A 107 -3.40 -1.04 5.58
N PRO A 108 -4.42 -1.67 6.19
CA PRO A 108 -5.30 -1.02 7.16
C PRO A 108 -4.59 -0.69 8.46
N ALA A 109 -5.23 0.14 9.29
CA ALA A 109 -4.66 0.51 10.57
C ALA A 109 -4.94 -0.54 11.63
N ASN A 110 -3.94 -0.83 12.46
CA ASN A 110 -4.08 -1.83 13.51
C ASN A 110 -4.71 -3.11 12.97
N LYS A 111 -4.51 -3.37 11.68
CA LYS A 111 -5.06 -4.56 11.04
C LYS A 111 -3.98 -5.32 10.28
N LYS A 112 -2.74 -5.21 10.76
CA LYS A 112 -1.62 -5.88 10.12
C LYS A 112 -1.90 -7.38 9.96
N LEU A 113 -2.18 -8.04 11.07
CA LEU A 113 -2.47 -9.48 11.06
C LEU A 113 -3.40 -9.83 9.90
N ASN A 114 -4.48 -9.08 9.77
CA ASN A 114 -5.44 -9.32 8.70
C ASN A 114 -5.55 -8.10 7.78
N PRO A 115 -4.68 -8.06 6.76
CA PRO A 115 -4.65 -6.95 5.79
C PRO A 115 -5.87 -6.96 4.88
N LYS A 116 -5.78 -6.23 3.77
CA LYS A 116 -6.88 -6.14 2.81
C LYS A 116 -6.35 -5.91 1.41
N LYS A 117 -6.84 -6.71 0.46
CA LYS A 117 -6.43 -6.60 -0.93
C LYS A 117 -7.48 -5.86 -1.77
N TYR A 118 -7.03 -4.96 -2.62
CA TYR A 118 -7.94 -4.19 -3.46
C TYR A 118 -8.62 -5.09 -4.48
N GLU A 119 -9.92 -5.28 -4.31
CA GLU A 119 -10.70 -6.11 -5.22
C GLU A 119 -11.83 -5.32 -5.85
N GLY A 120 -11.60 -4.84 -7.07
CA GLY A 120 -12.61 -4.07 -7.77
C GLY A 120 -12.12 -3.56 -9.11
N GLY A 121 -12.68 -2.43 -9.54
CA GLY A 121 -12.27 -1.85 -10.82
C GLY A 121 -11.00 -1.04 -10.71
N ARG A 122 -10.16 -1.12 -11.74
CA ARG A 122 -8.89 -0.40 -11.76
C ARG A 122 -9.08 1.00 -12.31
N GLU A 123 -10.15 1.67 -11.88
CA GLU A 123 -10.44 3.03 -12.32
C GLU A 123 -10.10 4.05 -11.24
N LEU A 124 -9.37 5.09 -11.63
CA LEU A 124 -8.98 6.14 -10.69
C LEU A 124 -10.06 6.37 -9.64
N SER A 125 -11.27 6.68 -10.11
CA SER A 125 -12.40 6.92 -9.22
C SER A 125 -12.68 5.70 -8.35
N ASP A 126 -12.79 4.54 -8.99
CA ASP A 126 -13.06 3.30 -8.28
C ASP A 126 -12.16 3.16 -7.06
N PHE A 127 -10.92 3.61 -7.20
CA PHE A 127 -9.95 3.54 -6.11
C PHE A 127 -10.31 4.51 -4.99
N ILE A 128 -10.68 5.73 -5.37
CA ILE A 128 -11.06 6.75 -4.41
C ILE A 128 -12.23 6.29 -3.54
N SER A 129 -13.34 5.97 -4.19
CA SER A 129 -14.53 5.51 -3.47
C SER A 129 -14.23 4.25 -2.67
N TYR A 130 -13.31 3.43 -3.18
CA TYR A 130 -12.93 2.19 -2.52
C TYR A 130 -12.37 2.47 -1.12
N LEU A 131 -11.38 3.35 -1.06
CA LEU A 131 -10.76 3.70 0.21
C LEU A 131 -11.70 4.54 1.07
N GLN A 132 -12.41 5.45 0.42
CA GLN A 132 -13.35 6.32 1.12
C GLN A 132 -14.03 5.57 2.26
N ARG A 133 -14.32 4.30 2.04
CA ARG A 133 -14.97 3.48 3.06
C ARG A 133 -13.98 2.49 3.68
N GLU A 134 -13.38 1.65 2.83
CA GLU A 134 -12.41 0.66 3.29
C GLU A 134 -11.47 1.26 4.34
N ALA A 135 -10.91 2.43 4.02
CA ALA A 135 -10.00 3.09 4.94
C ALA A 135 -10.70 3.47 6.24
N THR A 136 -10.33 2.78 7.32
CA THR A 136 -10.93 3.03 8.63
C THR A 136 -11.26 4.50 8.80
N SER A 137 -10.23 5.32 9.00
CA SER A 137 -10.42 6.75 9.20
C SER A 137 -10.73 7.44 7.87
N GLY A 138 -11.78 6.97 7.19
CA GLY A 138 -12.16 7.56 5.91
C GLY A 138 -12.09 9.07 5.92
N PRO A 139 -11.75 9.65 4.77
CA PRO A 139 -11.64 11.11 4.61
C PRO A 139 -12.99 11.80 4.69
N SER A 140 -12.98 13.09 5.01
CA SER A 140 -14.20 13.87 5.13
C SER A 140 -14.80 14.15 3.76
N SER A 141 -16.09 14.43 3.72
CA SER A 141 -16.79 14.72 2.47
C SER A 141 -16.66 13.54 1.50
N GLY A 142 -16.87 12.34 2.01
CA GLY A 142 -16.76 11.14 1.18
C GLY A 142 -18.10 10.74 0.58
N GLY A 1 -6.61 6.79 27.94
CA GLY A 1 -6.36 5.45 27.44
C GLY A 1 -4.87 5.11 27.43
N SER A 2 -4.46 4.18 28.29
CA SER A 2 -3.07 3.78 28.37
C SER A 2 -2.91 2.32 27.96
N SER A 3 -1.75 2.01 27.36
CA SER A 3 -1.47 0.65 26.91
C SER A 3 -0.28 0.07 27.67
N GLY A 4 -0.51 -1.06 28.34
CA GLY A 4 0.55 -1.71 29.10
C GLY A 4 1.76 -2.03 28.23
N SER A 5 1.81 -3.27 27.75
CA SER A 5 2.92 -3.72 26.91
C SER A 5 3.05 -2.85 25.66
N SER A 6 4.27 -2.69 25.18
CA SER A 6 4.53 -1.87 23.99
C SER A 6 4.70 -2.76 22.76
N GLY A 7 5.64 -3.69 22.84
CA GLY A 7 5.90 -4.58 21.73
C GLY A 7 7.01 -4.09 20.82
N PHE A 8 6.67 -3.24 19.87
CA PHE A 8 7.66 -2.70 18.94
C PHE A 8 8.55 -3.80 18.39
N ASP A 9 7.93 -4.90 17.95
CA ASP A 9 8.67 -6.03 17.40
C ASP A 9 8.37 -6.20 15.91
N GLY A 10 9.37 -6.65 15.16
CA GLY A 10 9.20 -6.84 13.74
C GLY A 10 9.09 -8.30 13.36
N ASN A 11 7.89 -8.85 13.48
CA ASN A 11 7.67 -10.26 13.15
C ASN A 11 6.67 -10.39 12.01
N LEU A 12 5.98 -9.30 11.69
CA LEU A 12 5.00 -9.30 10.61
C LEU A 12 5.63 -8.84 9.30
N LYS A 13 6.85 -9.30 9.05
CA LYS A 13 7.56 -8.94 7.83
C LYS A 13 8.73 -9.90 7.59
N ARG A 14 9.03 -10.16 6.32
CA ARG A 14 10.11 -11.06 5.95
C ARG A 14 10.33 -11.06 4.44
N TYR A 15 11.53 -10.65 4.02
CA TYR A 15 11.85 -10.61 2.60
C TYR A 15 13.31 -11.01 2.37
N LEU A 16 13.60 -11.45 1.15
CA LEU A 16 14.95 -11.87 0.80
C LEU A 16 15.65 -10.82 -0.05
N LYS A 17 14.89 -10.20 -0.96
CA LYS A 17 15.43 -9.16 -1.83
C LYS A 17 14.84 -7.81 -1.50
N SER A 18 15.48 -6.74 -1.98
CA SER A 18 15.01 -5.39 -1.72
C SER A 18 15.70 -4.39 -2.66
N GLU A 19 15.07 -3.25 -2.86
CA GLU A 19 15.61 -2.21 -3.74
C GLU A 19 16.20 -1.08 -2.92
N PRO A 20 17.06 -0.26 -3.56
CA PRO A 20 17.70 0.88 -2.91
C PRO A 20 16.72 2.00 -2.61
N ILE A 21 16.93 2.69 -1.49
CA ILE A 21 16.06 3.78 -1.09
C ILE A 21 16.33 5.03 -1.92
N PRO A 22 15.26 5.63 -2.46
CA PRO A 22 15.36 6.84 -3.28
C PRO A 22 15.76 8.07 -2.46
N GLU A 23 16.32 9.06 -3.14
CA GLU A 23 16.76 10.29 -2.48
C GLU A 23 15.55 11.11 -2.01
N SER A 24 14.57 11.26 -2.89
CA SER A 24 13.37 12.03 -2.58
C SER A 24 12.12 11.29 -3.05
N ASN A 25 11.10 11.26 -2.19
CA ASN A 25 9.85 10.59 -2.52
C ASN A 25 8.66 11.51 -2.28
N ASP A 26 8.88 12.81 -2.46
CA ASP A 26 7.83 13.81 -2.28
C ASP A 26 6.97 13.91 -3.53
N GLY A 27 6.54 12.78 -4.06
CA GLY A 27 5.71 12.77 -5.25
C GLY A 27 4.29 12.35 -4.97
N PRO A 28 3.55 11.98 -6.02
CA PRO A 28 2.16 11.54 -5.91
C PRO A 28 2.03 10.18 -5.22
N VAL A 29 2.93 9.27 -5.56
CA VAL A 29 2.92 7.93 -4.97
C VAL A 29 4.22 7.65 -4.22
N LYS A 30 4.11 7.39 -2.92
CA LYS A 30 5.26 7.10 -2.10
C LYS A 30 5.90 5.77 -2.50
N VAL A 31 7.13 5.86 -3.03
CA VAL A 31 7.85 4.65 -3.46
C VAL A 31 8.35 3.86 -2.26
N VAL A 32 7.72 2.71 -2.02
CA VAL A 32 8.11 1.85 -0.91
C VAL A 32 8.84 0.61 -1.40
N VAL A 33 10.00 0.35 -0.82
CA VAL A 33 10.82 -0.80 -1.20
C VAL A 33 11.09 -1.69 0.01
N ALA A 34 11.21 -2.99 -0.25
CA ALA A 34 11.47 -3.96 0.82
C ALA A 34 12.36 -3.35 1.91
N GLU A 35 13.35 -2.58 1.49
CA GLU A 35 14.27 -1.94 2.43
C GLU A 35 13.51 -1.07 3.42
N ASN A 36 12.60 -0.24 2.91
CA ASN A 36 11.80 0.63 3.76
C ASN A 36 10.33 0.26 3.69
N PHE A 37 10.05 -1.03 3.57
CA PHE A 37 8.68 -1.52 3.50
C PHE A 37 8.01 -1.47 4.87
N ASP A 38 8.62 -2.12 5.84
CA ASP A 38 8.09 -2.16 7.20
C ASP A 38 8.14 -0.77 7.84
N GLU A 39 8.73 0.18 7.12
CA GLU A 39 8.85 1.54 7.62
C GLU A 39 7.67 2.39 7.15
N ILE A 40 7.33 2.28 5.87
CA ILE A 40 6.23 3.03 5.30
C ILE A 40 4.95 2.20 5.25
N VAL A 41 5.02 1.06 4.56
CA VAL A 41 3.88 0.17 4.44
C VAL A 41 3.28 -0.15 5.80
N ASN A 42 4.09 -0.76 6.66
CA ASN A 42 3.65 -1.12 8.01
C ASN A 42 3.47 0.12 8.88
N ASN A 43 2.22 0.39 9.27
CA ASN A 43 1.92 1.55 10.11
C ASN A 43 0.51 1.45 10.68
N GLU A 44 0.42 1.25 12.00
CA GLU A 44 -0.86 1.14 12.66
C GLU A 44 -1.38 2.51 13.09
N ASN A 45 -0.67 3.55 12.67
CA ASN A 45 -1.05 4.92 13.02
C ASN A 45 -1.95 5.52 11.94
N LYS A 46 -1.60 5.25 10.68
CA LYS A 46 -2.38 5.77 9.56
C LYS A 46 -2.54 4.70 8.48
N ASP A 47 -3.58 4.83 7.67
CA ASP A 47 -3.85 3.89 6.60
C ASP A 47 -2.80 4.00 5.49
N VAL A 48 -2.57 2.89 4.80
CA VAL A 48 -1.58 2.87 3.72
C VAL A 48 -2.01 1.91 2.61
N LEU A 49 -1.68 2.26 1.38
CA LEU A 49 -2.02 1.43 0.22
C LEU A 49 -0.78 1.08 -0.59
N ILE A 50 -0.60 -0.21 -0.85
CA ILE A 50 0.55 -0.67 -1.62
C ILE A 50 0.12 -1.16 -3.01
N GLU A 51 0.93 -0.85 -4.01
CA GLU A 51 0.63 -1.26 -5.39
C GLU A 51 1.81 -2.00 -6.00
N PHE A 52 1.67 -3.31 -6.16
CA PHE A 52 2.73 -4.13 -6.74
C PHE A 52 2.65 -4.14 -8.26
N TYR A 53 3.62 -3.50 -8.90
CA TYR A 53 3.65 -3.43 -10.36
C TYR A 53 4.91 -4.09 -10.90
N ALA A 54 4.94 -4.30 -12.22
CA ALA A 54 6.10 -4.91 -12.86
C ALA A 54 6.59 -4.05 -14.01
N PRO A 55 7.90 -3.75 -14.01
CA PRO A 55 8.53 -2.94 -15.05
C PRO A 55 8.61 -3.66 -16.39
N TRP A 56 8.23 -4.93 -16.39
CA TRP A 56 8.26 -5.73 -17.61
C TRP A 56 6.85 -6.22 -17.97
N CYS A 57 5.84 -5.63 -17.33
CA CYS A 57 4.46 -6.00 -17.58
C CYS A 57 3.67 -4.84 -18.17
N GLY A 58 3.08 -5.06 -19.35
CA GLY A 58 2.31 -4.01 -19.99
C GLY A 58 1.13 -3.56 -19.16
N HIS A 59 0.20 -4.48 -18.89
CA HIS A 59 -0.98 -4.18 -18.10
C HIS A 59 -0.64 -3.25 -16.94
N CYS A 60 0.53 -3.45 -16.35
CA CYS A 60 0.98 -2.63 -15.24
C CYS A 60 1.43 -1.25 -15.71
N LYS A 61 2.10 -1.22 -16.86
CA LYS A 61 2.59 0.03 -17.43
C LYS A 61 1.42 0.96 -17.77
N ASN A 62 0.32 0.38 -18.21
CA ASN A 62 -0.86 1.15 -18.57
C ASN A 62 -1.58 1.67 -17.32
N LEU A 63 -1.34 1.00 -16.19
CA LEU A 63 -1.96 1.39 -14.93
C LEU A 63 -1.11 2.43 -14.21
N GLU A 64 0.18 2.45 -14.52
CA GLU A 64 1.10 3.39 -13.89
C GLU A 64 0.44 4.75 -13.71
N PRO A 65 -0.03 5.35 -14.81
CA PRO A 65 -0.70 6.66 -14.79
C PRO A 65 -2.07 6.59 -14.12
N LYS A 66 -2.76 5.47 -14.30
CA LYS A 66 -4.08 5.29 -13.71
C LYS A 66 -4.00 5.23 -12.19
N TYR A 67 -2.84 4.85 -11.67
CA TYR A 67 -2.63 4.75 -10.23
C TYR A 67 -1.97 6.02 -9.70
N LYS A 68 -1.03 6.56 -10.47
CA LYS A 68 -0.33 7.78 -10.06
C LYS A 68 -1.31 8.84 -9.59
N GLU A 69 -2.26 9.19 -10.44
CA GLU A 69 -3.25 10.19 -10.11
C GLU A 69 -3.75 10.01 -8.69
N LEU A 70 -4.27 8.82 -8.39
CA LEU A 70 -4.78 8.52 -7.07
C LEU A 70 -3.89 9.11 -5.98
N GLY A 71 -2.57 9.00 -6.18
CA GLY A 71 -1.63 9.53 -5.21
C GLY A 71 -1.82 11.02 -4.98
N GLU A 72 -1.48 11.81 -6.00
CA GLU A 72 -1.61 13.26 -5.91
C GLU A 72 -3.04 13.66 -5.59
N LYS A 73 -3.99 12.80 -5.95
CA LYS A 73 -5.40 13.08 -5.71
C LYS A 73 -5.74 12.86 -4.23
N LEU A 74 -5.16 11.83 -3.63
CA LEU A 74 -5.41 11.52 -2.24
C LEU A 74 -4.41 12.26 -1.34
N SER A 75 -3.55 13.05 -1.96
CA SER A 75 -2.55 13.82 -1.21
C SER A 75 -3.20 14.60 -0.08
N LYS A 76 -4.50 14.84 -0.20
CA LYS A 76 -5.24 15.58 0.82
C LYS A 76 -5.83 14.64 1.86
N ASP A 77 -5.29 13.43 1.93
CA ASP A 77 -5.76 12.43 2.88
C ASP A 77 -4.71 12.19 3.97
N PRO A 78 -4.92 12.82 5.14
CA PRO A 78 -4.01 12.70 6.28
C PRO A 78 -4.06 11.31 6.91
N ASN A 79 -4.91 10.45 6.37
CA ASN A 79 -5.06 9.09 6.87
C ASN A 79 -4.61 8.06 5.83
N ILE A 80 -4.86 8.37 4.57
CA ILE A 80 -4.49 7.49 3.48
C ILE A 80 -3.19 7.94 2.82
N VAL A 81 -2.36 6.98 2.43
CA VAL A 81 -1.08 7.28 1.79
C VAL A 81 -0.80 6.30 0.65
N ILE A 82 -0.92 6.79 -0.58
CA ILE A 82 -0.68 5.95 -1.76
C ILE A 82 0.82 5.72 -1.96
N ALA A 83 1.20 4.46 -2.06
CA ALA A 83 2.60 4.09 -2.26
C ALA A 83 2.76 3.10 -3.42
N LYS A 84 4.00 2.88 -3.83
CA LYS A 84 4.28 1.96 -4.93
C LYS A 84 5.49 1.09 -4.61
N MET A 85 5.39 -0.20 -4.89
CA MET A 85 6.48 -1.13 -4.64
C MET A 85 6.58 -2.16 -5.75
N ASP A 86 7.81 -2.55 -6.08
CA ASP A 86 8.04 -3.53 -7.13
C ASP A 86 8.27 -4.92 -6.54
N ALA A 87 7.39 -5.85 -6.88
CA ALA A 87 7.50 -7.22 -6.38
C ALA A 87 8.73 -7.91 -6.94
N THR A 88 8.82 -8.00 -8.26
CA THR A 88 9.95 -8.65 -8.91
C THR A 88 11.26 -8.00 -8.49
N ALA A 89 11.18 -6.77 -8.00
CA ALA A 89 12.36 -6.04 -7.56
C ALA A 89 12.51 -6.10 -6.04
N ASN A 90 11.39 -6.29 -5.36
CA ASN A 90 11.40 -6.37 -3.89
C ASN A 90 10.54 -7.54 -3.40
N ASP A 91 11.21 -8.61 -2.98
CA ASP A 91 10.52 -9.79 -2.49
C ASP A 91 9.31 -9.40 -1.64
N VAL A 92 8.13 -9.87 -2.04
CA VAL A 92 6.91 -9.58 -1.31
C VAL A 92 6.87 -10.30 0.03
N PRO A 93 6.71 -9.54 1.12
CA PRO A 93 6.66 -10.09 2.47
C PRO A 93 5.37 -10.88 2.72
N SER A 94 5.12 -11.20 3.99
CA SER A 94 3.93 -11.97 4.36
C SER A 94 3.09 -11.19 5.36
N PRO A 95 1.81 -11.58 5.49
CA PRO A 95 1.24 -12.67 4.70
C PRO A 95 1.09 -12.31 3.22
N TYR A 96 1.33 -11.05 2.90
CA TYR A 96 1.23 -10.57 1.53
C TYR A 96 1.66 -11.66 0.55
N GLU A 97 0.77 -12.01 -0.37
CA GLU A 97 1.06 -13.03 -1.37
C GLU A 97 0.71 -12.54 -2.77
N VAL A 98 1.74 -12.40 -3.62
CA VAL A 98 1.54 -11.95 -4.99
C VAL A 98 1.88 -13.04 -5.99
N ARG A 99 0.98 -13.27 -6.94
CA ARG A 99 1.18 -14.28 -7.96
C ARG A 99 0.92 -13.73 -9.35
N GLY A 100 -0.23 -13.07 -9.51
CA GLY A 100 -0.58 -12.49 -10.80
C GLY A 100 -0.68 -10.99 -10.75
N PHE A 101 0.05 -10.32 -11.64
CA PHE A 101 0.05 -8.86 -11.69
C PHE A 101 -0.92 -8.36 -12.76
N PRO A 102 -1.41 -7.13 -12.57
CA PRO A 102 -1.05 -6.30 -11.42
C PRO A 102 -1.63 -6.82 -10.11
N THR A 103 -0.98 -6.48 -9.01
CA THR A 103 -1.44 -6.93 -7.70
C THR A 103 -1.47 -5.77 -6.70
N ILE A 104 -2.66 -5.25 -6.44
CA ILE A 104 -2.82 -4.14 -5.51
C ILE A 104 -3.20 -4.64 -4.13
N TYR A 105 -2.60 -4.05 -3.10
CA TYR A 105 -2.88 -4.42 -1.72
C TYR A 105 -3.05 -3.19 -0.83
N PHE A 106 -4.01 -3.27 0.08
CA PHE A 106 -4.29 -2.16 0.99
C PHE A 106 -3.98 -2.55 2.44
N SER A 107 -3.23 -1.70 3.13
CA SER A 107 -2.86 -1.97 4.51
C SER A 107 -3.72 -1.14 5.46
N PRO A 108 -4.77 -1.77 6.00
CA PRO A 108 -5.69 -1.11 6.94
C PRO A 108 -5.04 -0.83 8.29
N ALA A 109 -5.73 -0.06 9.12
CA ALA A 109 -5.23 0.28 10.44
C ALA A 109 -5.58 -0.79 11.46
N ASN A 110 -4.66 -1.07 12.38
CA ASN A 110 -4.88 -2.07 13.41
C ASN A 110 -5.46 -3.35 12.81
N LYS A 111 -5.20 -3.56 11.53
CA LYS A 111 -5.69 -4.74 10.83
C LYS A 111 -4.55 -5.49 10.15
N LYS A 112 -3.42 -5.56 10.83
CA LYS A 112 -2.25 -6.25 10.30
C LYS A 112 -2.51 -7.75 10.16
N LEU A 113 -2.78 -8.39 11.30
CA LEU A 113 -3.06 -9.83 11.30
C LEU A 113 -3.78 -10.26 10.03
N ASN A 114 -4.70 -9.41 9.57
CA ASN A 114 -5.46 -9.71 8.36
C ASN A 114 -5.52 -8.49 7.45
N PRO A 115 -4.66 -8.46 6.42
CA PRO A 115 -4.59 -7.37 5.45
C PRO A 115 -5.82 -7.31 4.55
N LYS A 116 -5.85 -6.32 3.67
CA LYS A 116 -6.98 -6.16 2.75
C LYS A 116 -6.48 -6.02 1.31
N LYS A 117 -7.02 -6.86 0.42
CA LYS A 117 -6.63 -6.82 -0.98
C LYS A 117 -7.68 -6.08 -1.81
N TYR A 118 -7.23 -5.05 -2.52
CA TYR A 118 -8.13 -4.27 -3.37
C TYR A 118 -8.78 -5.14 -4.44
N GLU A 119 -10.09 -5.30 -4.34
CA GLU A 119 -10.84 -6.10 -5.29
C GLU A 119 -11.98 -5.30 -5.92
N GLY A 120 -11.71 -4.73 -7.09
CA GLY A 120 -12.72 -3.94 -7.78
C GLY A 120 -12.23 -3.40 -9.11
N GLY A 121 -12.73 -2.24 -9.50
CA GLY A 121 -12.33 -1.65 -10.76
C GLY A 121 -11.06 -0.83 -10.64
N ARG A 122 -10.17 -1.00 -11.62
CA ARG A 122 -8.89 -0.29 -11.61
C ARG A 122 -9.06 1.10 -12.21
N GLU A 123 -10.10 1.81 -11.77
CA GLU A 123 -10.37 3.15 -12.26
C GLU A 123 -9.99 4.20 -11.21
N LEU A 124 -9.26 5.22 -11.63
CA LEU A 124 -8.84 6.28 -10.72
C LEU A 124 -9.91 6.58 -9.68
N SER A 125 -11.13 6.82 -10.15
CA SER A 125 -12.25 7.11 -9.25
C SER A 125 -12.56 5.91 -8.36
N ASP A 126 -12.61 4.73 -8.97
CA ASP A 126 -12.88 3.50 -8.23
C ASP A 126 -12.05 3.43 -6.95
N PHE A 127 -10.78 3.80 -7.07
CA PHE A 127 -9.88 3.77 -5.92
C PHE A 127 -10.31 4.78 -4.86
N ILE A 128 -10.62 6.00 -5.30
CA ILE A 128 -11.06 7.04 -4.38
C ILE A 128 -12.24 6.59 -3.54
N SER A 129 -13.33 6.23 -4.21
CA SER A 129 -14.53 5.77 -3.51
C SER A 129 -14.23 4.55 -2.66
N TYR A 130 -13.37 3.67 -3.17
CA TYR A 130 -13.00 2.45 -2.46
C TYR A 130 -12.43 2.78 -1.09
N LEU A 131 -11.40 3.61 -1.06
CA LEU A 131 -10.77 4.00 0.19
C LEU A 131 -11.70 4.88 1.03
N GLN A 132 -12.44 5.75 0.36
CA GLN A 132 -13.38 6.64 1.03
C GLN A 132 -14.23 5.87 2.04
N ARG A 133 -14.72 4.72 1.63
CA ARG A 133 -15.56 3.89 2.49
C ARG A 133 -14.71 2.85 3.22
N GLU A 134 -13.84 2.18 2.48
CA GLU A 134 -12.98 1.16 3.06
C GLU A 134 -12.13 1.73 4.19
N ALA A 135 -11.28 2.70 3.84
CA ALA A 135 -10.41 3.33 4.84
C ALA A 135 -11.15 3.55 6.15
N THR A 136 -10.82 2.74 7.15
CA THR A 136 -11.45 2.82 8.46
C THR A 136 -11.59 4.29 8.89
N SER A 137 -10.48 5.00 8.93
CA SER A 137 -10.49 6.41 9.32
C SER A 137 -11.24 7.25 8.31
N GLY A 138 -10.98 7.01 7.03
CA GLY A 138 -11.66 7.76 5.98
C GLY A 138 -11.35 9.24 6.05
N PRO A 139 -11.55 9.94 4.92
CA PRO A 139 -11.30 11.38 4.83
C PRO A 139 -12.31 12.20 5.63
N SER A 140 -11.83 13.15 6.40
CA SER A 140 -12.70 14.00 7.21
C SER A 140 -13.34 15.09 6.37
N SER A 141 -12.51 15.96 5.80
CA SER A 141 -13.01 17.05 4.96
C SER A 141 -14.27 17.66 5.55
N GLY A 142 -14.28 17.84 6.87
CA GLY A 142 -15.43 18.40 7.54
C GLY A 142 -15.26 19.88 7.85
N GLY A 1 -7.27 -13.56 33.48
CA GLY A 1 -7.70 -14.23 32.26
C GLY A 1 -7.57 -15.74 32.35
N SER A 2 -8.23 -16.45 31.45
CA SER A 2 -8.19 -17.90 31.43
C SER A 2 -7.57 -18.42 30.14
N SER A 3 -6.49 -17.76 29.70
CA SER A 3 -5.81 -18.16 28.47
C SER A 3 -4.40 -17.58 28.44
N GLY A 4 -3.53 -18.21 27.65
CA GLY A 4 -2.16 -17.75 27.54
C GLY A 4 -1.73 -17.55 26.10
N SER A 5 -1.04 -16.45 25.83
CA SER A 5 -0.57 -16.14 24.49
C SER A 5 0.46 -15.02 24.52
N SER A 6 1.30 -14.98 23.49
CA SER A 6 2.35 -13.97 23.39
C SER A 6 2.34 -13.30 22.02
N GLY A 7 2.03 -12.01 22.00
CA GLY A 7 1.99 -11.28 20.75
C GLY A 7 1.63 -9.82 20.95
N PHE A 8 2.53 -8.92 20.55
CA PHE A 8 2.29 -7.49 20.69
C PHE A 8 2.41 -6.79 19.34
N ASP A 9 3.57 -6.92 18.71
CA ASP A 9 3.81 -6.30 17.41
C ASP A 9 3.58 -7.30 16.28
N GLY A 10 4.30 -8.41 16.32
CA GLY A 10 4.16 -9.43 15.29
C GLY A 10 4.95 -9.11 14.05
N ASN A 11 6.16 -9.64 13.96
CA ASN A 11 7.03 -9.42 12.81
C ASN A 11 6.79 -10.46 11.73
N LEU A 12 6.14 -10.05 10.65
CA LEU A 12 5.84 -10.96 9.54
C LEU A 12 6.52 -10.49 8.26
N LYS A 13 7.69 -9.87 8.40
CA LYS A 13 8.45 -9.37 7.26
C LYS A 13 9.52 -10.36 6.84
N ARG A 14 9.68 -10.54 5.53
CA ARG A 14 10.68 -11.46 5.00
C ARG A 14 10.84 -11.28 3.49
N TYR A 15 12.08 -11.13 3.05
CA TYR A 15 12.38 -10.95 1.64
C TYR A 15 13.82 -11.32 1.32
N LEU A 16 14.05 -11.82 0.11
CA LEU A 16 15.38 -12.22 -0.31
C LEU A 16 16.09 -11.07 -1.03
N LYS A 17 15.32 -10.32 -1.82
CA LYS A 17 15.88 -9.19 -2.57
C LYS A 17 15.25 -7.88 -2.11
N SER A 18 15.75 -6.77 -2.63
CA SER A 18 15.24 -5.45 -2.27
C SER A 18 15.83 -4.38 -3.18
N GLU A 19 15.24 -3.19 -3.15
CA GLU A 19 15.71 -2.08 -3.97
C GLU A 19 16.25 -0.95 -3.09
N PRO A 20 17.07 -0.08 -3.69
CA PRO A 20 17.68 1.05 -2.98
C PRO A 20 16.65 2.12 -2.61
N ILE A 21 16.86 2.76 -1.46
CA ILE A 21 15.96 3.80 -0.99
C ILE A 21 16.06 5.04 -1.87
N PRO A 22 14.89 5.61 -2.24
CA PRO A 22 14.82 6.81 -3.07
C PRO A 22 15.30 8.05 -2.35
N GLU A 23 16.07 8.89 -3.04
CA GLU A 23 16.60 10.11 -2.45
C GLU A 23 15.50 11.17 -2.32
N SER A 24 14.55 11.14 -3.26
CA SER A 24 13.45 12.10 -3.25
C SER A 24 12.10 11.38 -3.35
N ASN A 25 11.38 11.34 -2.24
CA ASN A 25 10.08 10.68 -2.19
C ASN A 25 8.95 11.71 -2.01
N ASP A 26 9.01 12.78 -2.79
CA ASP A 26 8.00 13.83 -2.71
C ASP A 26 7.16 13.86 -3.98
N GLY A 27 6.66 12.68 -4.37
CA GLY A 27 5.83 12.59 -5.56
C GLY A 27 4.40 12.19 -5.25
N PRO A 28 3.67 11.73 -6.28
CA PRO A 28 2.27 11.31 -6.13
C PRO A 28 2.14 10.03 -5.32
N VAL A 29 2.94 9.02 -5.67
CA VAL A 29 2.91 7.74 -4.98
C VAL A 29 4.23 7.47 -4.28
N LYS A 30 4.18 7.39 -2.95
CA LYS A 30 5.38 7.13 -2.15
C LYS A 30 6.04 5.82 -2.58
N VAL A 31 7.31 5.90 -2.95
CA VAL A 31 8.06 4.71 -3.37
C VAL A 31 8.47 3.87 -2.17
N VAL A 32 7.84 2.70 -2.04
CA VAL A 32 8.15 1.79 -0.94
C VAL A 32 8.92 0.58 -1.42
N VAL A 33 10.10 0.36 -0.82
CA VAL A 33 10.94 -0.77 -1.20
C VAL A 33 11.15 -1.71 -0.02
N ALA A 34 11.28 -3.01 -0.30
CA ALA A 34 11.49 -4.00 0.73
C ALA A 34 12.29 -3.44 1.89
N GLU A 35 13.36 -2.72 1.57
CA GLU A 35 14.22 -2.11 2.59
C GLU A 35 13.40 -1.28 3.56
N ASN A 36 12.56 -0.40 3.02
CA ASN A 36 11.71 0.46 3.84
C ASN A 36 10.24 0.10 3.67
N PHE A 37 9.96 -1.19 3.51
CA PHE A 37 8.60 -1.66 3.34
C PHE A 37 7.83 -1.61 4.65
N ASP A 38 8.34 -2.33 5.66
CA ASP A 38 7.71 -2.37 6.97
C ASP A 38 7.77 -1.00 7.64
N GLU A 39 8.45 -0.05 6.99
CA GLU A 39 8.57 1.29 7.53
C GLU A 39 7.41 2.18 7.08
N ILE A 40 7.06 2.06 5.80
CA ILE A 40 5.95 2.84 5.24
C ILE A 40 4.67 2.02 5.17
N VAL A 41 4.76 0.86 4.53
CA VAL A 41 3.61 -0.02 4.40
C VAL A 41 3.01 -0.35 5.76
N ASN A 42 3.80 -1.01 6.61
CA ASN A 42 3.34 -1.38 7.95
C ASN A 42 3.18 -0.14 8.83
N ASN A 43 1.96 0.05 9.35
CA ASN A 43 1.67 1.19 10.20
C ASN A 43 0.26 1.09 10.77
N GLU A 44 0.17 0.76 12.06
CA GLU A 44 -1.12 0.63 12.73
C GLU A 44 -1.57 1.96 13.29
N ASN A 45 -1.32 3.04 12.54
CA ASN A 45 -1.71 4.38 12.96
C ASN A 45 -2.44 5.12 11.84
N LYS A 46 -1.95 4.95 10.61
CA LYS A 46 -2.55 5.59 9.45
C LYS A 46 -2.80 4.58 8.33
N ASP A 47 -3.81 4.85 7.52
CA ASP A 47 -4.16 3.96 6.41
C ASP A 47 -3.16 4.13 5.26
N VAL A 48 -2.59 3.01 4.82
CA VAL A 48 -1.62 3.03 3.73
C VAL A 48 -2.03 2.07 2.61
N LEU A 49 -1.78 2.46 1.37
CA LEU A 49 -2.12 1.64 0.21
C LEU A 49 -0.87 1.28 -0.58
N ILE A 50 -0.69 -0.01 -0.82
CA ILE A 50 0.46 -0.49 -1.58
C ILE A 50 0.04 -1.09 -2.91
N GLU A 51 0.76 -0.74 -3.97
CA GLU A 51 0.45 -1.25 -5.30
C GLU A 51 1.68 -1.92 -5.93
N PHE A 52 1.56 -3.21 -6.22
CA PHE A 52 2.65 -3.96 -6.82
C PHE A 52 2.54 -3.97 -8.34
N TYR A 53 3.63 -3.60 -9.01
CA TYR A 53 3.66 -3.57 -10.46
C TYR A 53 4.95 -4.18 -11.00
N ALA A 54 5.02 -4.31 -12.32
CA ALA A 54 6.21 -4.88 -12.96
C ALA A 54 6.66 -4.02 -14.13
N PRO A 55 7.98 -3.78 -14.21
CA PRO A 55 8.58 -2.97 -15.28
C PRO A 55 8.52 -3.65 -16.63
N TRP A 56 8.11 -4.91 -16.64
CA TRP A 56 8.01 -5.69 -17.87
C TRP A 56 6.59 -6.22 -18.06
N CYS A 57 5.61 -5.53 -17.48
CA CYS A 57 4.23 -5.95 -17.59
C CYS A 57 3.36 -4.82 -18.14
N GLY A 58 2.94 -4.95 -19.39
CA GLY A 58 2.12 -3.93 -20.02
C GLY A 58 0.99 -3.48 -19.11
N HIS A 59 0.05 -4.39 -18.85
CA HIS A 59 -1.09 -4.07 -18.00
C HIS A 59 -0.70 -3.11 -16.88
N CYS A 60 0.43 -3.40 -16.24
CA CYS A 60 0.92 -2.57 -15.14
C CYS A 60 1.27 -1.16 -15.65
N LYS A 61 2.05 -1.09 -16.72
CA LYS A 61 2.44 0.18 -17.30
C LYS A 61 1.22 1.06 -17.56
N ASN A 62 0.13 0.44 -17.98
CA ASN A 62 -1.10 1.17 -18.27
C ASN A 62 -1.76 1.67 -16.98
N LEU A 63 -1.51 0.96 -15.89
CA LEU A 63 -2.07 1.32 -14.59
C LEU A 63 -1.23 2.40 -13.92
N GLU A 64 0.08 2.35 -14.16
CA GLU A 64 1.00 3.33 -13.58
C GLU A 64 0.33 4.70 -13.45
N PRO A 65 -0.12 5.24 -14.59
CA PRO A 65 -0.79 6.55 -14.63
C PRO A 65 -2.17 6.52 -13.97
N LYS A 66 -2.87 5.40 -14.12
CA LYS A 66 -4.19 5.25 -13.54
C LYS A 66 -4.13 5.26 -12.01
N TYR A 67 -2.99 4.84 -11.47
CA TYR A 67 -2.79 4.80 -10.03
C TYR A 67 -2.13 6.08 -9.54
N LYS A 68 -1.13 6.55 -10.28
CA LYS A 68 -0.42 7.77 -9.93
C LYS A 68 -1.38 8.88 -9.55
N GLU A 69 -2.29 9.21 -10.46
CA GLU A 69 -3.27 10.25 -10.22
C GLU A 69 -3.80 10.19 -8.79
N LEU A 70 -4.19 8.99 -8.37
CA LEU A 70 -4.72 8.78 -7.03
C LEU A 70 -3.77 9.35 -5.98
N GLY A 71 -2.47 9.17 -6.20
CA GLY A 71 -1.48 9.67 -5.26
C GLY A 71 -1.47 11.19 -5.18
N GLU A 72 -1.44 11.83 -6.34
CA GLU A 72 -1.43 13.29 -6.40
C GLU A 72 -2.81 13.86 -6.07
N LYS A 73 -3.84 13.04 -6.25
CA LYS A 73 -5.20 13.46 -5.97
C LYS A 73 -5.50 13.41 -4.48
N LEU A 74 -5.20 12.27 -3.86
CA LEU A 74 -5.43 12.10 -2.43
C LEU A 74 -4.36 12.81 -1.61
N SER A 75 -3.40 13.42 -2.30
CA SER A 75 -2.32 14.13 -1.64
C SER A 75 -2.82 14.87 -0.41
N LYS A 76 -4.08 15.28 -0.45
CA LYS A 76 -4.70 16.00 0.67
C LYS A 76 -5.29 15.02 1.68
N ASP A 77 -4.68 13.84 1.78
CA ASP A 77 -5.14 12.83 2.71
C ASP A 77 -4.24 12.76 3.94
N PRO A 78 -4.63 13.47 5.01
CA PRO A 78 -3.87 13.52 6.26
C PRO A 78 -3.90 12.19 7.01
N ASN A 79 -4.65 11.23 6.46
CA ASN A 79 -4.77 9.92 7.09
C ASN A 79 -4.28 8.82 6.13
N ILE A 80 -4.71 8.90 4.88
CA ILE A 80 -4.32 7.93 3.87
C ILE A 80 -3.00 8.32 3.20
N VAL A 81 -2.19 7.31 2.87
CA VAL A 81 -0.91 7.54 2.22
C VAL A 81 -0.70 6.60 1.04
N ILE A 82 -0.83 7.13 -0.17
CA ILE A 82 -0.65 6.33 -1.37
C ILE A 82 0.83 6.02 -1.61
N ALA A 83 1.11 4.75 -1.86
CA ALA A 83 2.48 4.31 -2.12
C ALA A 83 2.52 3.17 -3.12
N LYS A 84 3.68 2.96 -3.72
CA LYS A 84 3.85 1.90 -4.71
C LYS A 84 5.12 1.09 -4.42
N MET A 85 5.18 -0.12 -4.98
CA MET A 85 6.33 -0.99 -4.79
C MET A 85 6.51 -1.92 -5.98
N ASP A 86 7.74 -2.01 -6.48
CA ASP A 86 8.05 -2.86 -7.62
C ASP A 86 8.48 -4.25 -7.15
N ALA A 87 7.49 -5.12 -6.94
CA ALA A 87 7.76 -6.48 -6.49
C ALA A 87 8.96 -7.07 -7.24
N THR A 88 8.80 -7.27 -8.54
CA THR A 88 9.87 -7.83 -9.36
C THR A 88 11.24 -7.34 -8.90
N ALA A 89 11.29 -6.09 -8.46
CA ALA A 89 12.54 -5.50 -7.98
C ALA A 89 12.76 -5.79 -6.50
N ASN A 90 11.66 -5.79 -5.74
CA ASN A 90 11.74 -6.06 -4.30
C ASN A 90 10.74 -7.13 -3.90
N ASP A 91 11.26 -8.28 -3.49
CA ASP A 91 10.42 -9.39 -3.07
C ASP A 91 9.24 -8.90 -2.24
N VAL A 92 8.17 -9.69 -2.22
CA VAL A 92 6.97 -9.33 -1.46
C VAL A 92 6.88 -10.14 -0.17
N PRO A 93 6.75 -9.43 0.96
CA PRO A 93 6.65 -10.06 2.28
C PRO A 93 5.32 -10.79 2.47
N SER A 94 5.01 -11.12 3.72
CA SER A 94 3.77 -11.83 4.03
C SER A 94 2.93 -11.02 5.03
N PRO A 95 1.63 -11.36 5.10
CA PRO A 95 1.04 -12.42 4.29
C PRO A 95 0.96 -12.04 2.81
N TYR A 96 1.20 -10.77 2.53
CA TYR A 96 1.15 -10.28 1.15
C TYR A 96 1.61 -11.35 0.17
N GLU A 97 0.78 -11.65 -0.81
CA GLU A 97 1.10 -12.66 -1.81
C GLU A 97 0.77 -12.15 -3.22
N VAL A 98 1.80 -12.03 -4.05
CA VAL A 98 1.62 -11.56 -5.42
C VAL A 98 2.08 -12.61 -6.42
N ARG A 99 1.12 -13.22 -7.11
CA ARG A 99 1.42 -14.24 -8.10
C ARG A 99 1.24 -13.70 -9.52
N GLY A 100 0.17 -12.93 -9.72
CA GLY A 100 -0.11 -12.37 -11.03
C GLY A 100 -0.30 -10.87 -10.98
N PHE A 101 0.39 -10.15 -11.87
CA PHE A 101 0.29 -8.70 -11.92
C PHE A 101 -0.71 -8.26 -13.00
N PRO A 102 -1.27 -7.06 -12.82
CA PRO A 102 -0.95 -6.19 -11.68
C PRO A 102 -1.51 -6.74 -10.37
N THR A 103 -0.97 -6.24 -9.26
CA THR A 103 -1.40 -6.68 -7.94
C THR A 103 -1.44 -5.53 -6.95
N ILE A 104 -2.63 -5.20 -6.46
CA ILE A 104 -2.80 -4.10 -5.52
C ILE A 104 -3.16 -4.63 -4.13
N TYR A 105 -2.60 -4.02 -3.10
CA TYR A 105 -2.86 -4.42 -1.72
C TYR A 105 -3.02 -3.21 -0.81
N PHE A 106 -3.93 -3.30 0.14
CA PHE A 106 -4.17 -2.21 1.08
C PHE A 106 -3.73 -2.59 2.49
N SER A 107 -3.19 -1.62 3.21
CA SER A 107 -2.72 -1.85 4.57
C SER A 107 -3.55 -1.07 5.58
N PRO A 108 -4.58 -1.73 6.13
CA PRO A 108 -5.47 -1.11 7.12
C PRO A 108 -4.78 -0.87 8.46
N ALA A 109 -5.43 -0.10 9.32
CA ALA A 109 -4.87 0.21 10.63
C ALA A 109 -5.20 -0.89 11.64
N ASN A 110 -4.21 -1.26 12.44
CA ASN A 110 -4.37 -2.31 13.44
C ASN A 110 -5.01 -3.56 12.82
N LYS A 111 -4.78 -3.74 11.52
CA LYS A 111 -5.32 -4.89 10.82
C LYS A 111 -4.23 -5.61 10.02
N LYS A 112 -3.03 -5.70 10.62
CA LYS A 112 -1.91 -6.36 9.98
C LYS A 112 -2.15 -7.86 9.86
N LEU A 113 -2.63 -8.47 10.94
CA LEU A 113 -2.91 -9.90 10.95
C LEU A 113 -3.77 -10.30 9.75
N ASN A 114 -4.73 -9.44 9.40
CA ASN A 114 -5.61 -9.70 8.27
C ASN A 114 -5.76 -8.46 7.41
N PRO A 115 -4.86 -8.31 6.43
CA PRO A 115 -4.86 -7.17 5.51
C PRO A 115 -6.05 -7.21 4.54
N LYS A 116 -6.05 -6.31 3.56
CA LYS A 116 -7.11 -6.25 2.58
C LYS A 116 -6.55 -6.02 1.18
N LYS A 117 -6.79 -6.98 0.28
CA LYS A 117 -6.32 -6.89 -1.09
C LYS A 117 -7.36 -6.21 -1.99
N TYR A 118 -6.97 -5.09 -2.60
CA TYR A 118 -7.86 -4.36 -3.47
C TYR A 118 -8.41 -5.26 -4.58
N GLU A 119 -9.71 -5.53 -4.53
CA GLU A 119 -10.36 -6.38 -5.53
C GLU A 119 -11.51 -5.65 -6.20
N GLY A 120 -11.26 -5.14 -7.41
CA GLY A 120 -12.29 -4.43 -8.14
C GLY A 120 -11.78 -3.89 -9.47
N GLY A 121 -12.20 -2.68 -9.81
CA GLY A 121 -11.79 -2.07 -11.06
C GLY A 121 -10.55 -1.21 -10.90
N ARG A 122 -9.65 -1.29 -11.87
CA ARG A 122 -8.41 -0.51 -11.83
C ARG A 122 -8.64 0.90 -12.37
N GLU A 123 -9.75 1.51 -11.97
CA GLU A 123 -10.09 2.85 -12.41
C GLU A 123 -9.77 3.89 -11.33
N LEU A 124 -9.05 4.93 -11.72
CA LEU A 124 -8.66 5.98 -10.79
C LEU A 124 -9.75 6.21 -9.74
N SER A 125 -10.98 6.48 -10.21
CA SER A 125 -12.10 6.70 -9.32
C SER A 125 -12.35 5.49 -8.43
N ASP A 126 -12.43 4.32 -9.05
CA ASP A 126 -12.66 3.08 -8.31
C ASP A 126 -11.80 3.03 -7.06
N PHE A 127 -10.59 3.57 -7.15
CA PHE A 127 -9.67 3.58 -6.02
C PHE A 127 -10.10 4.60 -4.97
N ILE A 128 -10.60 5.73 -5.43
CA ILE A 128 -11.06 6.79 -4.54
C ILE A 128 -12.23 6.31 -3.68
N SER A 129 -13.32 5.96 -4.34
CA SER A 129 -14.51 5.48 -3.63
C SER A 129 -14.20 4.24 -2.81
N TYR A 130 -13.31 3.40 -3.33
CA TYR A 130 -12.93 2.17 -2.64
C TYR A 130 -12.38 2.47 -1.26
N LEU A 131 -11.45 3.42 -1.18
CA LEU A 131 -10.84 3.81 0.09
C LEU A 131 -11.80 4.66 0.92
N GLN A 132 -12.60 5.48 0.23
CA GLN A 132 -13.56 6.34 0.91
C GLN A 132 -14.29 5.59 2.02
N ARG A 133 -14.61 4.33 1.76
CA ARG A 133 -15.31 3.49 2.73
C ARG A 133 -14.34 2.56 3.44
N GLU A 134 -13.49 1.89 2.66
CA GLU A 134 -12.50 0.97 3.22
C GLU A 134 -11.68 1.64 4.32
N ALA A 135 -11.03 2.73 3.97
CA ALA A 135 -10.21 3.47 4.93
C ALA A 135 -10.97 3.72 6.22
N THR A 136 -10.55 3.06 7.30
CA THR A 136 -11.19 3.21 8.59
C THR A 136 -11.65 4.65 8.81
N SER A 137 -10.70 5.55 9.03
CA SER A 137 -11.00 6.96 9.25
C SER A 137 -11.75 7.54 8.05
N GLY A 138 -11.14 7.46 6.88
CA GLY A 138 -11.77 7.98 5.68
C GLY A 138 -11.32 9.40 5.38
N PRO A 139 -11.50 9.82 4.11
CA PRO A 139 -11.12 11.17 3.66
C PRO A 139 -12.02 12.25 4.25
N SER A 140 -13.23 11.86 4.63
CA SER A 140 -14.19 12.80 5.20
C SER A 140 -14.04 14.18 4.57
N SER A 141 -13.86 14.20 3.25
CA SER A 141 -13.70 15.46 2.53
C SER A 141 -14.89 15.71 1.60
N GLY A 142 -15.21 14.72 0.77
CA GLY A 142 -16.32 14.86 -0.15
C GLY A 142 -17.66 14.63 0.53
N GLY A 1 -6.79 3.19 35.19
CA GLY A 1 -5.73 2.82 34.28
C GLY A 1 -5.80 1.36 33.87
N SER A 2 -5.91 1.13 32.56
CA SER A 2 -6.01 -0.23 32.04
C SER A 2 -4.65 -0.71 31.53
N SER A 3 -4.44 -2.03 31.57
CA SER A 3 -3.18 -2.60 31.11
C SER A 3 -3.18 -2.78 29.60
N GLY A 4 -2.55 -1.83 28.89
CA GLY A 4 -2.49 -1.90 27.45
C GLY A 4 -1.07 -1.83 26.93
N SER A 5 -0.33 -2.93 27.07
CA SER A 5 1.05 -2.98 26.61
C SER A 5 1.13 -2.88 25.09
N SER A 6 0.50 -3.83 24.41
CA SER A 6 0.50 -3.85 22.95
C SER A 6 1.92 -3.75 22.40
N GLY A 7 2.84 -4.48 23.02
CA GLY A 7 4.22 -4.47 22.58
C GLY A 7 4.82 -5.87 22.50
N PHE A 8 6.11 -5.94 22.19
CA PHE A 8 6.79 -7.22 22.08
C PHE A 8 6.15 -8.09 21.00
N ASP A 9 5.83 -7.48 19.87
CA ASP A 9 5.21 -8.19 18.76
C ASP A 9 6.00 -7.99 17.48
N GLY A 10 6.34 -9.10 16.82
CA GLY A 10 7.09 -9.03 15.57
C GLY A 10 6.45 -8.10 14.57
N ASN A 11 7.24 -7.62 13.61
CA ASN A 11 6.74 -6.72 12.58
C ASN A 11 6.69 -7.43 11.22
N LEU A 12 6.59 -8.76 11.26
CA LEU A 12 6.52 -9.54 10.04
C LEU A 12 7.42 -8.96 8.96
N LYS A 13 8.69 -8.71 9.32
CA LYS A 13 9.65 -8.15 8.38
C LYS A 13 10.65 -9.21 7.94
N ARG A 14 10.19 -10.16 7.14
CA ARG A 14 11.05 -11.23 6.64
C ARG A 14 11.03 -11.28 5.12
N TYR A 15 12.22 -11.19 4.51
CA TYR A 15 12.34 -11.21 3.06
C TYR A 15 13.76 -11.60 2.65
N LEU A 16 13.90 -11.98 1.38
CA LEU A 16 15.21 -12.37 0.85
C LEU A 16 15.76 -11.31 -0.10
N LYS A 17 14.88 -10.73 -0.90
CA LYS A 17 15.27 -9.69 -1.85
C LYS A 17 14.69 -8.34 -1.47
N SER A 18 15.40 -7.27 -1.80
CA SER A 18 14.96 -5.92 -1.48
C SER A 18 15.69 -4.90 -2.34
N GLU A 19 14.99 -3.81 -2.68
CA GLU A 19 15.57 -2.76 -3.50
C GLU A 19 16.15 -1.64 -2.62
N PRO A 20 17.07 -0.86 -3.20
CA PRO A 20 17.73 0.25 -2.49
C PRO A 20 16.77 1.41 -2.23
N ILE A 21 17.01 2.13 -1.15
CA ILE A 21 16.17 3.27 -0.78
C ILE A 21 16.53 4.50 -1.60
N PRO A 22 15.50 5.16 -2.15
CA PRO A 22 15.69 6.37 -2.96
C PRO A 22 16.13 7.57 -2.13
N GLU A 23 16.46 8.66 -2.80
CA GLU A 23 16.91 9.87 -2.13
C GLU A 23 15.75 10.85 -1.95
N SER A 24 14.84 10.88 -2.91
CA SER A 24 13.69 11.77 -2.87
C SER A 24 12.45 11.09 -3.42
N ASN A 25 11.33 11.26 -2.72
CA ASN A 25 10.07 10.65 -3.14
C ASN A 25 8.94 11.68 -3.10
N ASP A 26 9.24 12.90 -3.50
CA ASP A 26 8.26 13.98 -3.50
C ASP A 26 7.34 13.85 -4.72
N GLY A 27 6.68 12.71 -4.85
CA GLY A 27 5.78 12.49 -5.97
C GLY A 27 4.39 12.11 -5.52
N PRO A 28 3.54 11.70 -6.48
CA PRO A 28 2.16 11.31 -6.22
C PRO A 28 2.07 9.99 -5.44
N VAL A 29 2.93 9.04 -5.81
CA VAL A 29 2.95 7.74 -5.17
C VAL A 29 4.32 7.45 -4.54
N LYS A 30 4.34 7.32 -3.23
CA LYS A 30 5.58 7.05 -2.51
C LYS A 30 6.16 5.69 -2.91
N VAL A 31 7.48 5.62 -2.99
CA VAL A 31 8.16 4.37 -3.36
C VAL A 31 8.51 3.55 -2.13
N VAL A 32 7.97 2.34 -2.05
CA VAL A 32 8.22 1.45 -0.92
C VAL A 32 8.94 0.19 -1.38
N VAL A 33 10.07 -0.10 -0.73
CA VAL A 33 10.86 -1.28 -1.07
C VAL A 33 11.03 -2.19 0.15
N ALA A 34 11.30 -3.46 -0.10
CA ALA A 34 11.50 -4.43 0.97
C ALA A 34 12.47 -3.90 2.01
N GLU A 35 13.27 -2.92 1.62
CA GLU A 35 14.25 -2.33 2.53
C GLU A 35 13.57 -1.38 3.52
N ASN A 36 12.53 -0.70 3.06
CA ASN A 36 11.80 0.23 3.90
C ASN A 36 10.30 -0.05 3.85
N PHE A 37 9.95 -1.32 3.72
CA PHE A 37 8.55 -1.73 3.67
C PHE A 37 7.87 -1.53 5.02
N ASP A 38 8.46 -2.09 6.06
CA ASP A 38 7.91 -1.97 7.41
C ASP A 38 8.02 -0.54 7.91
N GLU A 39 8.70 0.30 7.15
CA GLU A 39 8.87 1.70 7.52
C GLU A 39 7.73 2.56 6.98
N ILE A 40 7.35 2.31 5.74
CA ILE A 40 6.27 3.06 5.10
C ILE A 40 4.97 2.28 5.16
N VAL A 41 4.95 1.11 4.53
CA VAL A 41 3.76 0.27 4.50
C VAL A 41 3.17 0.11 5.90
N ASN A 42 3.95 -0.48 6.80
CA ASN A 42 3.50 -0.68 8.17
C ASN A 42 3.36 0.64 8.90
N ASN A 43 2.25 0.78 9.63
CA ASN A 43 1.98 2.01 10.38
C ASN A 43 0.73 1.85 11.24
N GLU A 44 0.93 1.72 12.55
CA GLU A 44 -0.18 1.56 13.49
C GLU A 44 -0.73 2.93 13.91
N ASN A 45 -0.35 3.96 13.16
CA ASN A 45 -0.81 5.32 13.46
C ASN A 45 -1.78 5.81 12.38
N LYS A 46 -1.45 5.53 11.12
CA LYS A 46 -2.28 5.95 10.00
C LYS A 46 -2.40 4.82 8.97
N ASP A 47 -3.38 4.95 8.09
CA ASP A 47 -3.60 3.95 7.05
C ASP A 47 -2.63 4.14 5.88
N VAL A 48 -2.36 3.05 5.17
CA VAL A 48 -1.44 3.10 4.04
C VAL A 48 -1.89 2.15 2.93
N LEU A 49 -1.62 2.53 1.68
CA LEU A 49 -1.99 1.70 0.54
C LEU A 49 -0.76 1.28 -0.26
N ILE A 50 -0.65 -0.02 -0.53
CA ILE A 50 0.48 -0.55 -1.28
C ILE A 50 0.01 -1.23 -2.57
N GLU A 51 0.68 -0.91 -3.67
CA GLU A 51 0.34 -1.49 -4.97
C GLU A 51 1.56 -2.12 -5.62
N PHE A 52 1.51 -3.44 -5.81
CA PHE A 52 2.62 -4.17 -6.43
C PHE A 52 2.44 -4.23 -7.94
N TYR A 53 3.55 -4.08 -8.66
CA TYR A 53 3.53 -4.11 -10.12
C TYR A 53 4.79 -4.78 -10.67
N ALA A 54 4.84 -4.94 -11.98
CA ALA A 54 5.98 -5.56 -12.64
C ALA A 54 6.50 -4.68 -13.77
N PRO A 55 7.83 -4.50 -13.82
CA PRO A 55 8.49 -3.68 -14.86
C PRO A 55 8.43 -4.35 -16.23
N TRP A 56 7.98 -5.60 -16.27
CA TRP A 56 7.88 -6.34 -17.51
C TRP A 56 6.43 -6.72 -17.80
N CYS A 57 5.50 -5.99 -17.20
CA CYS A 57 4.08 -6.26 -17.40
C CYS A 57 3.36 -5.01 -17.92
N GLY A 58 2.93 -5.07 -19.17
CA GLY A 58 2.23 -3.93 -19.76
C GLY A 58 1.11 -3.41 -18.88
N HIS A 59 0.28 -4.33 -18.38
CA HIS A 59 -0.83 -3.95 -17.53
C HIS A 59 -0.46 -2.76 -16.64
N CYS A 60 0.72 -2.83 -16.04
CA CYS A 60 1.19 -1.76 -15.17
C CYS A 60 1.54 -0.51 -15.98
N LYS A 61 2.35 -0.69 -17.01
CA LYS A 61 2.76 0.41 -17.86
C LYS A 61 1.57 1.27 -18.27
N ASN A 62 0.42 0.62 -18.44
CA ASN A 62 -0.80 1.33 -18.82
C ASN A 62 -1.53 1.86 -17.59
N LEU A 63 -1.37 1.16 -16.47
CA LEU A 63 -2.01 1.56 -15.22
C LEU A 63 -1.20 2.62 -14.50
N GLU A 64 0.04 2.81 -14.93
CA GLU A 64 0.92 3.80 -14.34
C GLU A 64 0.20 5.14 -14.16
N PRO A 65 -0.30 5.68 -15.27
CA PRO A 65 -1.02 6.96 -15.27
C PRO A 65 -2.39 6.85 -14.60
N LYS A 66 -2.87 5.63 -14.45
CA LYS A 66 -4.17 5.39 -13.82
C LYS A 66 -4.03 5.33 -12.31
N TYR A 67 -2.87 4.88 -11.84
CA TYR A 67 -2.61 4.77 -10.41
C TYR A 67 -1.92 6.02 -9.88
N LYS A 68 -0.97 6.53 -10.66
CA LYS A 68 -0.24 7.74 -10.27
C LYS A 68 -1.18 8.82 -9.77
N GLU A 69 -2.15 9.19 -10.63
CA GLU A 69 -3.12 10.22 -10.28
C GLU A 69 -3.59 10.05 -8.83
N LEU A 70 -4.24 8.92 -8.56
CA LEU A 70 -4.75 8.63 -7.22
C LEU A 70 -3.79 9.14 -6.15
N GLY A 71 -2.49 9.06 -6.44
CA GLY A 71 -1.49 9.51 -5.49
C GLY A 71 -1.61 11.00 -5.19
N GLU A 72 -1.54 11.82 -6.24
CA GLU A 72 -1.64 13.26 -6.08
C GLU A 72 -3.08 13.68 -5.82
N LYS A 73 -4.02 12.82 -6.17
CA LYS A 73 -5.43 13.09 -5.98
C LYS A 73 -5.81 12.97 -4.51
N LEU A 74 -5.35 11.91 -3.87
CA LEU A 74 -5.63 11.68 -2.46
C LEU A 74 -4.63 12.40 -1.56
N SER A 75 -3.65 13.06 -2.19
CA SER A 75 -2.61 13.78 -1.46
C SER A 75 -3.21 14.50 -0.26
N LYS A 76 -4.50 14.83 -0.35
CA LYS A 76 -5.19 15.52 0.73
C LYS A 76 -5.66 14.54 1.80
N ASP A 77 -5.01 13.38 1.85
CA ASP A 77 -5.36 12.36 2.83
C ASP A 77 -4.35 12.33 3.96
N PRO A 78 -4.68 13.04 5.06
CA PRO A 78 -3.81 13.10 6.25
C PRO A 78 -3.74 11.78 7.00
N ASN A 79 -4.46 10.79 6.50
CA ASN A 79 -4.49 9.47 7.12
C ASN A 79 -4.02 8.39 6.14
N ILE A 80 -4.51 8.47 4.91
CA ILE A 80 -4.15 7.50 3.89
C ILE A 80 -2.89 7.95 3.13
N VAL A 81 -2.06 6.98 2.76
CA VAL A 81 -0.83 7.28 2.03
C VAL A 81 -0.66 6.34 0.85
N ILE A 82 -0.68 6.91 -0.35
CA ILE A 82 -0.53 6.12 -1.57
C ILE A 82 0.94 5.85 -1.87
N ALA A 83 1.26 4.58 -2.12
CA ALA A 83 2.63 4.19 -2.43
C ALA A 83 2.67 3.00 -3.38
N LYS A 84 3.86 2.66 -3.86
CA LYS A 84 4.02 1.54 -4.78
C LYS A 84 5.22 0.68 -4.38
N MET A 85 5.28 -0.53 -4.91
CA MET A 85 6.36 -1.45 -4.62
C MET A 85 6.61 -2.40 -5.78
N ASP A 86 7.88 -2.61 -6.11
CA ASP A 86 8.25 -3.50 -7.20
C ASP A 86 8.58 -4.90 -6.68
N ALA A 87 7.56 -5.70 -6.46
CA ALA A 87 7.74 -7.06 -5.96
C ALA A 87 8.85 -7.77 -6.72
N THR A 88 8.70 -7.88 -8.04
CA THR A 88 9.69 -8.54 -8.88
C THR A 88 11.10 -8.07 -8.53
N ALA A 89 11.20 -6.89 -7.93
CA ALA A 89 12.49 -6.33 -7.55
C ALA A 89 12.70 -6.44 -6.04
N ASN A 90 11.61 -6.63 -5.31
CA ASN A 90 11.69 -6.75 -3.85
C ASN A 90 10.66 -7.75 -3.33
N ASP A 91 11.14 -8.91 -2.89
CA ASP A 91 10.26 -9.95 -2.37
C ASP A 91 9.10 -9.34 -1.58
N VAL A 92 7.97 -10.05 -1.56
CA VAL A 92 6.79 -9.58 -0.85
C VAL A 92 6.70 -10.21 0.54
N PRO A 93 6.54 -9.37 1.56
CA PRO A 93 6.43 -9.81 2.95
C PRO A 93 5.12 -10.55 3.22
N SER A 94 4.87 -10.87 4.48
CA SER A 94 3.66 -11.58 4.88
C SER A 94 2.84 -10.73 5.84
N PRO A 95 1.54 -11.08 5.97
CA PRO A 95 0.93 -12.17 5.21
C PRO A 95 0.83 -11.87 3.73
N TYR A 96 1.10 -10.62 3.35
CA TYR A 96 1.03 -10.20 1.96
C TYR A 96 1.47 -11.32 1.03
N GLU A 97 0.82 -11.41 -0.12
CA GLU A 97 1.15 -12.45 -1.10
C GLU A 97 0.82 -11.98 -2.51
N VAL A 98 1.79 -12.11 -3.42
CA VAL A 98 1.62 -11.70 -4.80
C VAL A 98 2.11 -12.77 -5.76
N ARG A 99 1.19 -13.29 -6.57
CA ARG A 99 1.52 -14.33 -7.54
C ARG A 99 1.23 -13.87 -8.96
N GLY A 100 0.15 -13.11 -9.12
CA GLY A 100 -0.22 -12.61 -10.44
C GLY A 100 -0.31 -11.10 -10.47
N PHE A 101 0.48 -10.49 -11.35
CA PHE A 101 0.50 -9.03 -11.49
C PHE A 101 -0.39 -8.59 -12.65
N PRO A 102 -0.90 -7.34 -12.57
CA PRO A 102 -0.62 -6.45 -11.43
C PRO A 102 -1.30 -6.93 -10.14
N THR A 103 -0.80 -6.45 -9.01
CA THR A 103 -1.35 -6.81 -7.71
C THR A 103 -1.45 -5.60 -6.79
N ILE A 104 -2.68 -5.22 -6.47
CA ILE A 104 -2.91 -4.07 -5.59
C ILE A 104 -3.35 -4.52 -4.20
N TYR A 105 -2.82 -3.87 -3.18
CA TYR A 105 -3.15 -4.21 -1.80
C TYR A 105 -3.47 -2.95 -1.00
N PHE A 106 -3.92 -3.14 0.24
CA PHE A 106 -4.26 -2.02 1.11
C PHE A 106 -3.89 -2.33 2.55
N SER A 107 -3.13 -1.41 3.17
CA SER A 107 -2.70 -1.59 4.55
C SER A 107 -3.56 -0.77 5.49
N PRO A 108 -4.53 -1.43 6.14
CA PRO A 108 -5.45 -0.78 7.09
C PRO A 108 -4.75 -0.36 8.38
N ALA A 109 -5.50 0.26 9.28
CA ALA A 109 -4.96 0.71 10.55
C ALA A 109 -5.14 -0.35 11.64
N ASN A 110 -4.06 -0.65 12.35
CA ASN A 110 -4.11 -1.64 13.41
C ASN A 110 -4.73 -2.94 12.91
N LYS A 111 -4.57 -3.22 11.63
CA LYS A 111 -5.12 -4.43 11.02
C LYS A 111 -4.03 -5.18 10.25
N LYS A 112 -2.77 -4.94 10.62
CA LYS A 112 -1.65 -5.59 9.96
C LYS A 112 -1.85 -7.10 9.90
N LEU A 113 -2.06 -7.70 11.07
CA LEU A 113 -2.27 -9.15 11.16
C LEU A 113 -3.15 -9.64 10.02
N ASN A 114 -4.14 -8.83 9.64
CA ASN A 114 -5.05 -9.19 8.57
C ASN A 114 -5.27 -8.00 7.62
N PRO A 115 -4.41 -7.91 6.59
CA PRO A 115 -4.49 -6.83 5.60
C PRO A 115 -5.73 -6.95 4.71
N LYS A 116 -5.79 -6.10 3.68
CA LYS A 116 -6.91 -6.12 2.76
C LYS A 116 -6.44 -5.92 1.32
N LYS A 117 -6.86 -6.81 0.44
CA LYS A 117 -6.48 -6.74 -0.96
C LYS A 117 -7.54 -6.00 -1.78
N TYR A 118 -7.11 -4.95 -2.48
CA TYR A 118 -8.02 -4.16 -3.30
C TYR A 118 -8.75 -5.04 -4.31
N GLU A 119 -10.03 -5.30 -4.04
CA GLU A 119 -10.84 -6.13 -4.92
C GLU A 119 -11.98 -5.32 -5.52
N GLY A 120 -11.81 -4.89 -6.77
CA GLY A 120 -12.84 -4.12 -7.44
C GLY A 120 -12.37 -3.56 -8.77
N GLY A 121 -12.95 -2.43 -9.18
CA GLY A 121 -12.58 -1.82 -10.43
C GLY A 121 -11.27 -1.05 -10.35
N ARG A 122 -10.38 -1.29 -11.29
CA ARG A 122 -9.08 -0.63 -11.32
C ARG A 122 -9.19 0.75 -11.98
N GLU A 123 -10.18 1.53 -11.55
CA GLU A 123 -10.38 2.86 -12.11
C GLU A 123 -9.98 3.93 -11.10
N LEU A 124 -9.24 4.93 -11.58
CA LEU A 124 -8.79 6.02 -10.72
C LEU A 124 -9.83 6.35 -9.66
N SER A 125 -11.06 6.59 -10.10
CA SER A 125 -12.15 6.92 -9.19
C SER A 125 -12.51 5.73 -8.31
N ASP A 126 -12.65 4.56 -8.94
CA ASP A 126 -13.00 3.34 -8.22
C ASP A 126 -12.10 3.17 -6.99
N PHE A 127 -10.85 3.58 -7.11
CA PHE A 127 -9.90 3.47 -6.01
C PHE A 127 -10.25 4.44 -4.89
N ILE A 128 -10.61 5.66 -5.27
CA ILE A 128 -10.97 6.70 -4.30
C ILE A 128 -12.22 6.29 -3.52
N SER A 129 -13.28 5.96 -4.25
CA SER A 129 -14.54 5.56 -3.62
C SER A 129 -14.36 4.28 -2.81
N TYR A 130 -13.33 3.51 -3.15
CA TYR A 130 -13.05 2.27 -2.46
C TYR A 130 -12.51 2.52 -1.06
N LEU A 131 -11.55 3.43 -0.96
CA LEU A 131 -10.94 3.78 0.32
C LEU A 131 -11.87 4.67 1.14
N GLN A 132 -12.53 5.60 0.46
CA GLN A 132 -13.46 6.52 1.12
C GLN A 132 -14.26 5.79 2.19
N ARG A 133 -14.72 4.60 1.87
CA ARG A 133 -15.51 3.80 2.81
C ARG A 133 -14.64 2.79 3.54
N GLU A 134 -13.99 1.91 2.77
CA GLU A 134 -13.12 0.89 3.34
C GLU A 134 -12.21 1.49 4.40
N ALA A 135 -11.44 2.50 4.00
CA ALA A 135 -10.51 3.17 4.92
C ALA A 135 -11.18 3.45 6.26
N THR A 136 -10.62 2.91 7.33
CA THR A 136 -11.16 3.09 8.67
C THR A 136 -11.42 4.58 8.95
N SER A 137 -10.34 5.34 9.10
CA SER A 137 -10.45 6.77 9.38
C SER A 137 -11.24 7.47 8.27
N GLY A 138 -10.95 7.13 7.03
CA GLY A 138 -11.63 7.74 5.91
C GLY A 138 -11.48 9.25 5.88
N PRO A 139 -11.73 9.85 4.71
CA PRO A 139 -11.61 11.30 4.52
C PRO A 139 -12.71 12.06 5.26
N SER A 140 -12.54 13.38 5.37
CA SER A 140 -13.52 14.22 6.05
C SER A 140 -14.27 15.09 5.05
N SER A 141 -15.50 14.68 4.73
CA SER A 141 -16.32 15.43 3.79
C SER A 141 -17.80 15.08 3.96
N GLY A 142 -18.67 15.87 3.33
CA GLY A 142 -20.10 15.63 3.43
C GLY A 142 -20.79 16.60 4.39
N GLY A 1 -13.96 -2.05 28.44
CA GLY A 1 -14.28 -3.40 28.03
C GLY A 1 -13.62 -4.45 28.90
N SER A 2 -12.32 -4.27 29.15
CA SER A 2 -11.57 -5.20 29.97
C SER A 2 -11.57 -6.60 29.35
N SER A 3 -11.41 -6.65 28.02
CA SER A 3 -11.41 -7.92 27.31
C SER A 3 -10.45 -7.86 26.12
N GLY A 4 -9.94 -9.03 25.72
CA GLY A 4 -9.03 -9.09 24.60
C GLY A 4 -7.95 -8.02 24.67
N SER A 5 -8.07 -7.00 23.84
CA SER A 5 -7.10 -5.91 23.80
C SER A 5 -5.68 -6.45 23.71
N SER A 6 -5.49 -7.47 22.88
CA SER A 6 -4.19 -8.08 22.70
C SER A 6 -3.64 -7.83 21.30
N GLY A 7 -2.50 -7.15 21.23
CA GLY A 7 -1.90 -6.85 19.94
C GLY A 7 -0.44 -6.46 20.06
N PHE A 8 0.43 -7.25 19.45
CA PHE A 8 1.87 -6.98 19.50
C PHE A 8 2.52 -7.26 18.14
N ASP A 9 2.95 -6.19 17.48
CA ASP A 9 3.59 -6.31 16.17
C ASP A 9 4.91 -7.07 16.28
N GLY A 10 4.85 -8.39 16.13
CA GLY A 10 6.04 -9.21 16.21
C GLY A 10 6.73 -9.37 14.88
N ASN A 11 6.64 -10.56 14.31
CA ASN A 11 7.27 -10.83 13.01
C ASN A 11 6.23 -10.81 11.89
N LEU A 12 5.86 -9.61 11.46
CA LEU A 12 4.89 -9.44 10.39
C LEU A 12 5.55 -8.97 9.11
N LYS A 13 6.76 -9.47 8.86
CA LYS A 13 7.50 -9.10 7.66
C LYS A 13 8.72 -10.01 7.48
N ARG A 14 9.04 -10.30 6.22
CA ARG A 14 10.17 -11.17 5.91
C ARG A 14 10.42 -11.21 4.40
N TYR A 15 11.67 -10.96 4.01
CA TYR A 15 12.03 -10.98 2.60
C TYR A 15 13.47 -11.45 2.41
N LEU A 16 13.87 -11.65 1.15
CA LEU A 16 15.21 -12.10 0.84
C LEU A 16 15.98 -11.03 0.08
N LYS A 17 15.28 -10.31 -0.79
CA LYS A 17 15.90 -9.24 -1.57
C LYS A 17 15.25 -7.89 -1.28
N SER A 18 15.90 -6.83 -1.70
CA SER A 18 15.39 -5.48 -1.49
C SER A 18 16.00 -4.49 -2.48
N GLU A 19 15.34 -3.35 -2.64
CA GLU A 19 15.81 -2.33 -3.57
C GLU A 19 16.43 -1.15 -2.81
N PRO A 20 17.23 -0.35 -3.52
CA PRO A 20 17.89 0.82 -2.94
C PRO A 20 16.91 1.94 -2.61
N ILE A 21 17.10 2.56 -1.45
CA ILE A 21 16.22 3.65 -1.02
C ILE A 21 16.47 4.91 -1.84
N PRO A 22 15.38 5.50 -2.37
CA PRO A 22 15.45 6.71 -3.18
C PRO A 22 15.84 7.93 -2.36
N GLU A 23 16.85 8.65 -2.82
CA GLU A 23 17.31 9.86 -2.13
C GLU A 23 16.13 10.67 -1.59
N SER A 24 15.08 10.78 -2.41
CA SER A 24 13.89 11.52 -2.04
C SER A 24 12.71 11.16 -2.92
N ASN A 25 11.54 11.01 -2.31
CA ASN A 25 10.33 10.66 -3.04
C ASN A 25 9.38 11.85 -3.15
N ASP A 26 9.73 12.80 -4.01
CA ASP A 26 8.91 13.99 -4.20
C ASP A 26 7.92 13.79 -5.33
N GLY A 27 7.19 12.68 -5.28
CA GLY A 27 6.21 12.39 -6.32
C GLY A 27 4.82 12.11 -5.75
N PRO A 28 3.87 11.79 -6.64
CA PRO A 28 2.49 11.51 -6.24
C PRO A 28 2.37 10.19 -5.48
N VAL A 29 3.11 9.18 -5.93
CA VAL A 29 3.09 7.87 -5.30
C VAL A 29 4.39 7.60 -4.56
N LYS A 30 4.28 7.38 -3.25
CA LYS A 30 5.46 7.10 -2.43
C LYS A 30 6.08 5.75 -2.80
N VAL A 31 7.37 5.75 -3.05
CA VAL A 31 8.09 4.52 -3.40
C VAL A 31 8.47 3.73 -2.17
N VAL A 32 7.92 2.52 -2.05
CA VAL A 32 8.21 1.65 -0.92
C VAL A 32 9.00 0.42 -1.35
N VAL A 33 10.16 0.22 -0.72
CA VAL A 33 11.01 -0.92 -1.03
C VAL A 33 11.17 -1.83 0.18
N ALA A 34 11.30 -3.13 -0.09
CA ALA A 34 11.47 -4.10 0.99
C ALA A 34 12.33 -3.55 2.12
N GLU A 35 13.38 -2.81 1.75
CA GLU A 35 14.28 -2.23 2.74
C GLU A 35 13.52 -1.32 3.69
N ASN A 36 12.70 -0.43 3.13
CA ASN A 36 11.91 0.51 3.93
C ASN A 36 10.42 0.16 3.86
N PHE A 37 10.13 -1.11 3.57
CA PHE A 37 8.75 -1.56 3.48
C PHE A 37 8.04 -1.42 4.82
N ASP A 38 8.61 -2.02 5.85
CA ASP A 38 8.03 -1.97 7.19
C ASP A 38 8.09 -0.55 7.74
N GLU A 39 8.73 0.34 7.01
CA GLU A 39 8.86 1.74 7.43
C GLU A 39 7.67 2.56 6.94
N ILE A 40 7.31 2.39 5.68
CA ILE A 40 6.20 3.11 5.08
C ILE A 40 4.92 2.27 5.10
N VAL A 41 4.97 1.13 4.44
CA VAL A 41 3.83 0.23 4.37
C VAL A 41 3.24 -0.02 5.76
N ASN A 42 4.06 -0.55 6.66
CA ASN A 42 3.62 -0.84 8.01
C ASN A 42 3.34 0.45 8.78
N ASN A 43 2.12 0.58 9.29
CA ASN A 43 1.72 1.77 10.03
C ASN A 43 0.40 1.54 10.76
N GLU A 44 0.45 1.54 12.08
CA GLU A 44 -0.74 1.33 12.90
C GLU A 44 -1.36 2.67 13.31
N ASN A 45 -0.78 3.75 12.83
CA ASN A 45 -1.27 5.09 13.15
C ASN A 45 -2.05 5.67 11.98
N LYS A 46 -1.55 5.46 10.77
CA LYS A 46 -2.21 5.97 9.57
C LYS A 46 -2.31 4.88 8.51
N ASP A 47 -3.44 4.84 7.81
CA ASP A 47 -3.68 3.85 6.77
C ASP A 47 -2.69 4.04 5.62
N VAL A 48 -2.35 2.94 4.95
CA VAL A 48 -1.42 2.99 3.83
C VAL A 48 -1.83 2.01 2.74
N LEU A 49 -1.74 2.46 1.49
CA LEU A 49 -2.10 1.62 0.35
C LEU A 49 -0.86 1.23 -0.46
N ILE A 50 -0.68 -0.07 -0.65
CA ILE A 50 0.46 -0.58 -1.41
C ILE A 50 0.01 -1.23 -2.72
N GLU A 51 0.66 -0.84 -3.81
CA GLU A 51 0.33 -1.39 -5.12
C GLU A 51 1.56 -1.98 -5.80
N PHE A 52 1.60 -3.31 -5.90
CA PHE A 52 2.72 -4.00 -6.52
C PHE A 52 2.55 -4.05 -8.04
N TYR A 53 3.59 -3.64 -8.76
CA TYR A 53 3.56 -3.65 -10.22
C TYR A 53 4.78 -4.35 -10.79
N ALA A 54 4.86 -4.42 -12.11
CA ALA A 54 5.98 -5.06 -12.78
C ALA A 54 6.46 -4.22 -13.96
N PRO A 55 7.78 -3.96 -14.00
CA PRO A 55 8.40 -3.16 -15.07
C PRO A 55 8.41 -3.90 -16.41
N TRP A 56 7.99 -5.17 -16.38
CA TRP A 56 7.96 -5.98 -17.59
C TRP A 56 6.54 -6.46 -17.89
N CYS A 57 5.56 -5.77 -17.29
CA CYS A 57 4.16 -6.11 -17.50
C CYS A 57 3.40 -4.96 -18.12
N GLY A 58 2.75 -5.22 -19.26
CA GLY A 58 1.99 -4.19 -19.93
C GLY A 58 0.90 -3.60 -19.07
N HIS A 59 -0.05 -4.43 -18.66
CA HIS A 59 -1.15 -3.99 -17.82
C HIS A 59 -0.65 -3.05 -16.73
N CYS A 60 0.51 -3.37 -16.16
CA CYS A 60 1.10 -2.56 -15.10
C CYS A 60 1.52 -1.19 -15.64
N LYS A 61 2.16 -1.19 -16.80
CA LYS A 61 2.63 0.05 -17.42
C LYS A 61 1.45 0.94 -17.80
N ASN A 62 0.34 0.32 -18.17
CA ASN A 62 -0.87 1.05 -18.56
C ASN A 62 -1.58 1.61 -17.34
N LEU A 63 -1.32 1.01 -16.18
CA LEU A 63 -1.94 1.44 -14.94
C LEU A 63 -1.09 2.50 -14.24
N GLU A 64 0.19 2.57 -14.62
CA GLU A 64 1.11 3.53 -14.03
C GLU A 64 0.44 4.88 -13.86
N PRO A 65 -0.06 5.46 -14.97
CA PRO A 65 -0.73 6.75 -14.96
C PRO A 65 -2.09 6.70 -14.27
N LYS A 66 -2.76 5.55 -14.37
CA LYS A 66 -4.06 5.37 -13.76
C LYS A 66 -3.95 5.34 -12.24
N TYR A 67 -2.81 4.90 -11.75
CA TYR A 67 -2.57 4.82 -10.30
C TYR A 67 -1.90 6.08 -9.80
N LYS A 68 -0.98 6.63 -10.59
CA LYS A 68 -0.27 7.84 -10.21
C LYS A 68 -1.24 8.91 -9.72
N GLU A 69 -2.16 9.32 -10.58
CA GLU A 69 -3.14 10.34 -10.23
C GLU A 69 -3.65 10.12 -8.81
N LEU A 70 -4.16 8.92 -8.54
CA LEU A 70 -4.69 8.60 -7.22
C LEU A 70 -3.79 9.15 -6.13
N GLY A 71 -2.48 9.10 -6.34
CA GLY A 71 -1.54 9.59 -5.36
C GLY A 71 -1.70 11.09 -5.12
N GLU A 72 -1.44 11.88 -6.15
CA GLU A 72 -1.55 13.34 -6.03
C GLU A 72 -2.99 13.75 -5.72
N LYS A 73 -3.92 12.82 -5.93
CA LYS A 73 -5.33 13.08 -5.67
C LYS A 73 -5.65 12.92 -4.19
N LEU A 74 -5.14 11.85 -3.59
CA LEU A 74 -5.37 11.59 -2.17
C LEU A 74 -4.38 12.37 -1.31
N SER A 75 -3.54 13.17 -1.95
CA SER A 75 -2.54 13.97 -1.24
C SER A 75 -3.20 14.82 -0.16
N LYS A 76 -4.50 15.02 -0.29
CA LYS A 76 -5.25 15.82 0.67
C LYS A 76 -5.73 14.96 1.84
N ASP A 77 -5.22 13.74 1.91
CA ASP A 77 -5.58 12.82 2.98
C ASP A 77 -4.41 12.59 3.93
N PRO A 78 -4.41 13.31 5.06
CA PRO A 78 -3.34 13.20 6.07
C PRO A 78 -3.38 11.86 6.80
N ASN A 79 -4.33 11.01 6.43
CA ASN A 79 -4.47 9.70 7.06
C ASN A 79 -4.10 8.59 6.08
N ILE A 80 -4.33 8.84 4.80
CA ILE A 80 -4.02 7.86 3.76
C ILE A 80 -2.78 8.26 2.97
N VAL A 81 -1.93 7.30 2.66
CA VAL A 81 -0.71 7.56 1.91
C VAL A 81 -0.53 6.54 0.79
N ILE A 82 -0.67 7.00 -0.45
CA ILE A 82 -0.53 6.14 -1.61
C ILE A 82 0.95 5.90 -1.94
N ALA A 83 1.29 4.65 -2.21
CA ALA A 83 2.66 4.29 -2.53
C ALA A 83 2.70 3.14 -3.52
N LYS A 84 3.90 2.80 -4.00
CA LYS A 84 4.08 1.72 -4.96
C LYS A 84 5.37 0.96 -4.69
N MET A 85 5.34 -0.36 -4.87
CA MET A 85 6.51 -1.20 -4.65
C MET A 85 6.72 -2.15 -5.82
N ASP A 86 7.97 -2.33 -6.21
CA ASP A 86 8.31 -3.22 -7.32
C ASP A 86 8.65 -4.62 -6.80
N ALA A 87 7.62 -5.43 -6.56
CA ALA A 87 7.81 -6.79 -6.05
C ALA A 87 8.93 -7.49 -6.82
N THR A 88 8.78 -7.58 -8.13
CA THR A 88 9.77 -8.24 -8.98
C THR A 88 11.19 -7.91 -8.51
N ALA A 89 11.35 -6.76 -7.89
CA ALA A 89 12.65 -6.34 -7.38
C ALA A 89 12.75 -6.54 -5.88
N ASN A 90 11.62 -6.44 -5.20
CA ASN A 90 11.58 -6.62 -3.75
C ASN A 90 10.66 -7.77 -3.36
N ASP A 91 11.22 -8.77 -2.69
CA ASP A 91 10.46 -9.93 -2.26
C ASP A 91 9.25 -9.52 -1.41
N VAL A 92 8.06 -9.80 -1.92
CA VAL A 92 6.83 -9.45 -1.21
C VAL A 92 6.67 -10.29 0.05
N PRO A 93 6.77 -9.63 1.22
CA PRO A 93 6.64 -10.28 2.51
C PRO A 93 5.21 -10.73 2.80
N SER A 94 5.00 -11.31 3.97
CA SER A 94 3.68 -11.78 4.36
C SER A 94 2.96 -10.76 5.24
N PRO A 95 1.62 -10.87 5.30
CA PRO A 95 0.88 -11.90 4.58
C PRO A 95 0.88 -11.69 3.07
N TYR A 96 1.02 -10.43 2.67
CA TYR A 96 1.04 -10.09 1.25
C TYR A 96 1.58 -11.24 0.41
N GLU A 97 0.71 -11.86 -0.37
CA GLU A 97 1.11 -12.97 -1.22
C GLU A 97 0.91 -12.63 -2.70
N VAL A 98 1.90 -11.97 -3.28
CA VAL A 98 1.85 -11.58 -4.69
C VAL A 98 2.14 -12.77 -5.60
N ARG A 99 1.09 -13.28 -6.25
CA ARG A 99 1.25 -14.42 -7.14
C ARG A 99 0.59 -14.14 -8.49
N GLY A 100 0.50 -12.86 -8.84
CA GLY A 100 -0.11 -12.46 -10.10
C GLY A 100 -0.28 -10.97 -10.23
N PHE A 101 0.42 -10.38 -11.19
CA PHE A 101 0.34 -8.93 -11.41
C PHE A 101 -0.61 -8.61 -12.56
N PRO A 102 -1.18 -7.40 -12.53
CA PRO A 102 -0.92 -6.42 -11.46
C PRO A 102 -1.53 -6.85 -10.13
N THR A 103 -0.90 -6.42 -9.03
CA THR A 103 -1.37 -6.75 -7.70
C THR A 103 -1.51 -5.50 -6.83
N ILE A 104 -2.71 -5.29 -6.31
CA ILE A 104 -2.98 -4.13 -5.47
C ILE A 104 -3.42 -4.55 -4.07
N TYR A 105 -2.74 -4.04 -3.05
CA TYR A 105 -3.06 -4.37 -1.67
C TYR A 105 -3.27 -3.11 -0.85
N PHE A 106 -4.05 -3.23 0.22
CA PHE A 106 -4.34 -2.10 1.10
C PHE A 106 -3.99 -2.42 2.55
N SER A 107 -3.24 -1.54 3.19
CA SER A 107 -2.84 -1.74 4.57
C SER A 107 -3.69 -0.89 5.52
N PRO A 108 -4.72 -1.51 6.10
CA PRO A 108 -5.62 -0.83 7.03
C PRO A 108 -4.94 -0.49 8.36
N ALA A 109 -5.64 0.29 9.18
CA ALA A 109 -5.10 0.68 10.48
C ALA A 109 -5.39 -0.38 11.53
N ASN A 110 -4.37 -0.71 12.32
CA ASN A 110 -4.51 -1.72 13.37
C ASN A 110 -5.16 -2.98 12.83
N LYS A 111 -4.95 -3.26 11.55
CA LYS A 111 -5.51 -4.44 10.90
C LYS A 111 -4.44 -5.19 10.11
N LYS A 112 -3.19 -4.75 10.26
CA LYS A 112 -2.09 -5.39 9.56
C LYS A 112 -2.29 -6.90 9.47
N LEU A 113 -2.53 -7.54 10.62
CA LEU A 113 -2.74 -8.97 10.67
C LEU A 113 -3.58 -9.45 9.48
N ASN A 114 -4.72 -8.80 9.28
CA ASN A 114 -5.61 -9.15 8.17
C ASN A 114 -5.83 -7.95 7.25
N PRO A 115 -5.03 -7.88 6.18
CA PRO A 115 -5.12 -6.79 5.20
C PRO A 115 -6.39 -6.86 4.36
N LYS A 116 -6.44 -6.07 3.30
CA LYS A 116 -7.60 -6.05 2.42
C LYS A 116 -7.18 -5.89 0.96
N LYS A 117 -7.36 -6.95 0.18
CA LYS A 117 -7.00 -6.94 -1.23
C LYS A 117 -7.96 -6.07 -2.03
N TYR A 118 -7.43 -5.38 -3.04
CA TYR A 118 -8.24 -4.51 -3.87
C TYR A 118 -8.80 -5.26 -5.07
N GLU A 119 -10.10 -5.55 -5.03
CA GLU A 119 -10.75 -6.27 -6.12
C GLU A 119 -11.91 -5.46 -6.70
N GLY A 120 -11.68 -4.81 -7.83
CA GLY A 120 -12.70 -4.01 -8.46
C GLY A 120 -12.23 -3.37 -9.75
N GLY A 121 -12.63 -2.12 -9.97
CA GLY A 121 -12.24 -1.42 -11.19
C GLY A 121 -10.99 -0.59 -11.00
N ARG A 122 -10.03 -0.76 -11.90
CA ARG A 122 -8.78 -0.02 -11.83
C ARG A 122 -8.95 1.40 -12.36
N GLU A 123 -10.02 2.06 -11.93
CA GLU A 123 -10.31 3.42 -12.37
C GLU A 123 -9.92 4.42 -11.28
N LEU A 124 -9.24 5.49 -11.69
CA LEU A 124 -8.81 6.52 -10.76
C LEU A 124 -9.86 6.74 -9.68
N SER A 125 -11.10 6.97 -10.10
CA SER A 125 -12.20 7.19 -9.16
C SER A 125 -12.51 5.93 -8.37
N ASP A 126 -12.58 4.80 -9.07
CA ASP A 126 -12.88 3.52 -8.43
C ASP A 126 -12.02 3.33 -7.17
N PHE A 127 -10.81 3.85 -7.21
CA PHE A 127 -9.89 3.74 -6.09
C PHE A 127 -10.30 4.69 -4.96
N ILE A 128 -10.68 5.90 -5.33
CA ILE A 128 -11.10 6.90 -4.35
C ILE A 128 -12.28 6.40 -3.52
N SER A 129 -13.33 5.97 -4.21
CA SER A 129 -14.52 5.46 -3.53
C SER A 129 -14.20 4.19 -2.76
N TYR A 130 -13.25 3.42 -3.26
CA TYR A 130 -12.86 2.17 -2.61
C TYR A 130 -12.35 2.42 -1.19
N LEU A 131 -11.47 3.41 -1.05
CA LEU A 131 -10.91 3.75 0.25
C LEU A 131 -11.94 4.49 1.11
N GLN A 132 -12.66 5.42 0.48
CA GLN A 132 -13.68 6.20 1.18
C GLN A 132 -14.45 5.32 2.16
N ARG A 133 -14.62 4.05 1.81
CA ARG A 133 -15.33 3.11 2.66
C ARG A 133 -14.36 2.22 3.44
N GLU A 134 -13.56 1.46 2.71
CA GLU A 134 -12.58 0.57 3.33
C GLU A 134 -11.79 1.29 4.41
N ALA A 135 -11.19 2.41 4.05
CA ALA A 135 -10.41 3.21 4.99
C ALA A 135 -11.17 3.42 6.29
N THR A 136 -10.58 3.00 7.40
CA THR A 136 -11.20 3.15 8.71
C THR A 136 -11.71 4.58 8.91
N SER A 137 -10.78 5.50 9.16
CA SER A 137 -11.13 6.90 9.39
C SER A 137 -11.81 7.49 8.16
N GLY A 138 -11.14 7.39 7.02
CA GLY A 138 -11.69 7.91 5.78
C GLY A 138 -11.41 9.40 5.61
N PRO A 139 -12.03 10.00 4.57
CA PRO A 139 -11.85 11.42 4.28
C PRO A 139 -12.53 12.32 5.33
N SER A 140 -13.47 11.75 6.07
CA SER A 140 -14.18 12.49 7.09
C SER A 140 -13.22 13.26 7.98
N SER A 141 -13.02 14.54 7.66
CA SER A 141 -12.11 15.38 8.43
C SER A 141 -12.88 16.25 9.42
N GLY A 142 -12.16 16.82 10.39
CA GLY A 142 -12.80 17.66 11.38
C GLY A 142 -12.81 19.12 10.99
N GLY A 1 -20.75 -23.97 27.20
CA GLY A 1 -19.70 -23.69 26.24
C GLY A 1 -19.02 -22.36 26.49
N SER A 2 -17.69 -22.34 26.40
CA SER A 2 -16.92 -21.12 26.64
C SER A 2 -15.54 -21.23 26.02
N SER A 3 -15.19 -20.26 25.17
CA SER A 3 -13.90 -20.25 24.51
C SER A 3 -13.47 -18.83 24.17
N GLY A 4 -12.16 -18.61 24.10
CA GLY A 4 -11.64 -17.29 23.79
C GLY A 4 -10.14 -17.20 23.94
N SER A 5 -9.42 -17.65 22.91
CA SER A 5 -7.96 -17.64 22.93
C SER A 5 -7.41 -17.11 21.61
N SER A 6 -6.82 -15.91 21.65
CA SER A 6 -6.26 -15.29 20.46
C SER A 6 -5.53 -13.99 20.82
N GLY A 7 -4.35 -13.82 20.25
CA GLY A 7 -3.57 -12.61 20.52
C GLY A 7 -2.20 -12.66 19.86
N PHE A 8 -2.16 -13.02 18.59
CA PHE A 8 -0.90 -13.10 17.85
C PHE A 8 -0.39 -11.71 17.51
N ASP A 9 0.80 -11.39 17.98
CA ASP A 9 1.41 -10.09 17.72
C ASP A 9 2.91 -10.21 17.55
N GLY A 10 3.45 -9.51 16.55
CA GLY A 10 4.88 -9.57 16.30
C GLY A 10 5.29 -8.77 15.08
N ASN A 11 6.53 -8.31 15.05
CA ASN A 11 7.04 -7.54 13.93
C ASN A 11 6.94 -8.33 12.62
N LEU A 12 5.81 -8.18 11.94
CA LEU A 12 5.59 -8.88 10.67
C LEU A 12 6.46 -8.30 9.57
N LYS A 13 7.64 -8.89 9.38
CA LYS A 13 8.57 -8.43 8.35
C LYS A 13 9.54 -9.54 7.96
N ARG A 14 9.67 -9.79 6.66
CA ARG A 14 10.56 -10.82 6.16
C ARG A 14 10.62 -10.79 4.63
N TYR A 15 11.83 -10.62 4.11
CA TYR A 15 12.03 -10.57 2.66
C TYR A 15 13.43 -11.06 2.29
N LEU A 16 13.55 -11.63 1.10
CA LEU A 16 14.83 -12.13 0.62
C LEU A 16 15.53 -11.11 -0.26
N LYS A 17 14.74 -10.37 -1.04
CA LYS A 17 15.28 -9.34 -1.92
C LYS A 17 14.75 -7.96 -1.54
N SER A 18 15.49 -6.92 -1.93
CA SER A 18 15.10 -5.56 -1.63
C SER A 18 15.79 -4.57 -2.57
N GLU A 19 15.20 -3.38 -2.72
CA GLU A 19 15.76 -2.36 -3.59
C GLU A 19 16.37 -1.22 -2.78
N PRO A 20 17.24 -0.43 -3.42
CA PRO A 20 17.91 0.70 -2.77
C PRO A 20 16.95 1.84 -2.48
N ILE A 21 17.12 2.46 -1.31
CA ILE A 21 16.27 3.57 -0.91
C ILE A 21 16.53 4.81 -1.75
N PRO A 22 15.46 5.41 -2.29
CA PRO A 22 15.55 6.61 -3.13
C PRO A 22 15.96 7.84 -2.33
N GLU A 23 16.94 8.58 -2.85
CA GLU A 23 17.41 9.79 -2.19
C GLU A 23 16.25 10.64 -1.68
N SER A 24 15.22 10.77 -2.53
CA SER A 24 14.04 11.56 -2.17
C SER A 24 12.84 11.15 -3.03
N ASN A 25 11.68 11.05 -2.39
CA ASN A 25 10.46 10.67 -3.08
C ASN A 25 9.49 11.84 -3.15
N ASP A 26 9.72 12.74 -4.10
CA ASP A 26 8.87 13.91 -4.27
C ASP A 26 7.91 13.72 -5.45
N GLY A 27 7.14 12.63 -5.41
CA GLY A 27 6.19 12.35 -6.46
C GLY A 27 4.80 12.08 -5.94
N PRO A 28 3.90 11.66 -6.84
CA PRO A 28 2.51 11.36 -6.49
C PRO A 28 2.38 10.10 -5.64
N VAL A 29 3.15 9.08 -6.00
CA VAL A 29 3.12 7.81 -5.27
C VAL A 29 4.47 7.54 -4.60
N LYS A 30 4.44 7.36 -3.29
CA LYS A 30 5.65 7.10 -2.51
C LYS A 30 6.21 5.72 -2.85
N VAL A 31 7.50 5.67 -3.15
CA VAL A 31 8.17 4.41 -3.49
C VAL A 31 8.53 3.64 -2.23
N VAL A 32 7.83 2.52 -2.02
CA VAL A 32 8.08 1.67 -0.85
C VAL A 32 8.84 0.41 -1.24
N VAL A 33 10.07 0.28 -0.74
CA VAL A 33 10.89 -0.88 -1.03
C VAL A 33 11.03 -1.78 0.19
N ALA A 34 11.13 -3.08 -0.04
CA ALA A 34 11.27 -4.05 1.04
C ALA A 34 12.09 -3.46 2.20
N GLU A 35 13.22 -2.86 1.85
CA GLU A 35 14.09 -2.26 2.85
C GLU A 35 13.32 -1.31 3.76
N ASN A 36 12.53 -0.43 3.16
CA ASN A 36 11.73 0.53 3.92
C ASN A 36 10.24 0.20 3.80
N PHE A 37 9.94 -1.08 3.61
CA PHE A 37 8.55 -1.52 3.49
C PHE A 37 7.86 -1.50 4.85
N ASP A 38 8.54 -1.98 5.87
CA ASP A 38 8.00 -2.02 7.23
C ASP A 38 8.00 -0.63 7.85
N GLU A 39 8.58 0.34 7.13
CA GLU A 39 8.66 1.71 7.62
C GLU A 39 7.49 2.54 7.08
N ILE A 40 7.12 2.30 5.83
CA ILE A 40 6.03 3.02 5.20
C ILE A 40 4.74 2.21 5.22
N VAL A 41 4.77 1.07 4.53
CA VAL A 41 3.61 0.19 4.47
C VAL A 41 3.12 -0.17 5.87
N ASN A 42 3.97 -0.81 6.65
CA ASN A 42 3.63 -1.20 8.01
C ASN A 42 3.36 0.02 8.87
N ASN A 43 2.13 0.12 9.39
CA ASN A 43 1.75 1.24 10.24
C ASN A 43 0.34 1.05 10.79
N GLU A 44 0.24 0.88 12.11
CA GLU A 44 -1.05 0.69 12.76
C GLU A 44 -1.54 2.00 13.37
N ASN A 45 -1.19 3.12 12.73
CA ASN A 45 -1.61 4.43 13.22
C ASN A 45 -2.32 5.21 12.12
N LYS A 46 -1.83 5.07 10.89
CA LYS A 46 -2.43 5.76 9.75
C LYS A 46 -2.74 4.78 8.63
N ASP A 47 -3.62 5.20 7.71
CA ASP A 47 -4.01 4.36 6.59
C ASP A 47 -2.97 4.43 5.48
N VAL A 48 -2.65 3.27 4.89
CA VAL A 48 -1.67 3.21 3.82
C VAL A 48 -2.06 2.16 2.78
N LEU A 49 -1.92 2.51 1.51
CA LEU A 49 -2.26 1.59 0.42
C LEU A 49 -1.02 1.23 -0.40
N ILE A 50 -0.88 -0.04 -0.72
CA ILE A 50 0.26 -0.52 -1.50
C ILE A 50 -0.19 -1.08 -2.84
N GLU A 51 0.55 -0.75 -3.89
CA GLU A 51 0.22 -1.21 -5.24
C GLU A 51 1.43 -1.87 -5.89
N PHE A 52 1.35 -3.19 -6.08
CA PHE A 52 2.45 -3.94 -6.68
C PHE A 52 2.31 -3.95 -8.21
N TYR A 53 3.44 -3.79 -8.90
CA TYR A 53 3.44 -3.78 -10.36
C TYR A 53 4.70 -4.45 -10.89
N ALA A 54 4.78 -4.59 -12.21
CA ALA A 54 5.93 -5.21 -12.86
C ALA A 54 6.45 -4.34 -14.00
N PRO A 55 7.78 -4.16 -14.04
CA PRO A 55 8.44 -3.35 -15.07
C PRO A 55 8.37 -4.00 -16.45
N TRP A 56 8.07 -5.30 -16.47
CA TRP A 56 7.97 -6.04 -17.73
C TRP A 56 6.54 -6.49 -17.99
N CYS A 57 5.59 -5.74 -17.44
CA CYS A 57 4.18 -6.06 -17.61
C CYS A 57 3.42 -4.88 -18.21
N GLY A 58 2.59 -5.16 -19.21
CA GLY A 58 1.82 -4.11 -19.86
C GLY A 58 0.85 -3.45 -18.92
N HIS A 59 -0.08 -4.24 -18.37
CA HIS A 59 -1.08 -3.71 -17.44
C HIS A 59 -0.47 -2.65 -16.53
N CYS A 60 0.78 -2.86 -16.15
CA CYS A 60 1.47 -1.92 -15.27
C CYS A 60 1.62 -0.55 -15.94
N LYS A 61 2.16 -0.55 -17.15
CA LYS A 61 2.35 0.69 -17.90
C LYS A 61 1.03 1.43 -18.08
N ASN A 62 -0.04 0.67 -18.27
CA ASN A 62 -1.36 1.25 -18.46
C ASN A 62 -1.96 1.70 -17.13
N LEU A 63 -1.68 0.94 -16.08
CA LEU A 63 -2.18 1.25 -14.74
C LEU A 63 -1.31 2.32 -14.07
N GLU A 64 -0.10 2.48 -14.58
CA GLU A 64 0.83 3.47 -14.03
C GLU A 64 0.13 4.81 -13.83
N PRO A 65 -0.41 5.37 -14.93
CA PRO A 65 -1.11 6.66 -14.91
C PRO A 65 -2.43 6.58 -14.17
N LYS A 66 -3.04 5.39 -14.19
CA LYS A 66 -4.32 5.19 -13.51
C LYS A 66 -4.16 5.17 -12.00
N TYR A 67 -2.96 4.77 -11.55
CA TYR A 67 -2.67 4.71 -10.13
C TYR A 67 -1.96 5.97 -9.66
N LYS A 68 -0.97 6.40 -10.42
CA LYS A 68 -0.21 7.60 -10.08
C LYS A 68 -1.13 8.72 -9.61
N GLU A 69 -2.06 9.12 -10.46
CA GLU A 69 -3.01 10.17 -10.12
C GLU A 69 -3.46 10.05 -8.67
N LEU A 70 -4.14 8.94 -8.36
CA LEU A 70 -4.63 8.71 -7.01
C LEU A 70 -3.63 9.21 -5.96
N GLY A 71 -2.35 9.09 -6.28
CA GLY A 71 -1.31 9.53 -5.37
C GLY A 71 -1.32 11.04 -5.17
N GLU A 72 -1.30 11.77 -6.28
CA GLU A 72 -1.30 13.23 -6.24
C GLU A 72 -2.70 13.77 -5.94
N LYS A 73 -3.70 12.92 -6.13
CA LYS A 73 -5.09 13.31 -5.88
C LYS A 73 -5.38 13.29 -4.39
N LEU A 74 -5.11 12.16 -3.74
CA LEU A 74 -5.35 12.02 -2.31
C LEU A 74 -4.24 12.69 -1.50
N SER A 75 -3.29 13.30 -2.20
CA SER A 75 -2.17 13.96 -1.54
C SER A 75 -2.65 14.77 -0.35
N LYS A 76 -3.92 15.14 -0.36
CA LYS A 76 -4.50 15.92 0.73
C LYS A 76 -5.08 15.00 1.81
N ASP A 77 -4.56 13.79 1.88
CA ASP A 77 -5.01 12.81 2.87
C ASP A 77 -4.02 12.72 4.02
N PRO A 78 -4.34 13.43 5.12
CA PRO A 78 -3.49 13.44 6.32
C PRO A 78 -3.52 12.11 7.06
N ASN A 79 -4.25 11.15 6.52
CA ASN A 79 -4.35 9.83 7.12
C ASN A 79 -3.92 8.73 6.14
N ILE A 80 -4.38 8.86 4.89
CA ILE A 80 -4.04 7.90 3.86
C ILE A 80 -2.73 8.26 3.17
N VAL A 81 -1.96 7.24 2.80
CA VAL A 81 -0.68 7.44 2.14
C VAL A 81 -0.52 6.50 0.94
N ILE A 82 -0.82 7.02 -0.25
CA ILE A 82 -0.70 6.23 -1.47
C ILE A 82 0.76 5.95 -1.82
N ALA A 83 1.10 4.68 -1.91
CA ALA A 83 2.47 4.28 -2.24
C ALA A 83 2.48 3.12 -3.24
N LYS A 84 3.67 2.80 -3.74
CA LYS A 84 3.81 1.71 -4.70
C LYS A 84 5.09 0.92 -4.43
N MET A 85 5.13 -0.32 -4.92
CA MET A 85 6.30 -1.18 -4.74
C MET A 85 6.44 -2.16 -5.90
N ASP A 86 7.66 -2.31 -6.39
CA ASP A 86 7.93 -3.21 -7.50
C ASP A 86 8.27 -4.61 -6.98
N ALA A 87 7.23 -5.38 -6.66
CA ALA A 87 7.41 -6.73 -6.16
C ALA A 87 8.60 -7.42 -6.84
N THR A 88 8.49 -7.60 -8.16
CA THR A 88 9.55 -8.24 -8.93
C THR A 88 10.93 -7.84 -8.42
N ALA A 89 11.07 -6.56 -8.06
CA ALA A 89 12.33 -6.04 -7.56
C ALA A 89 12.43 -6.21 -6.04
N ASN A 90 11.27 -6.19 -5.38
CA ASN A 90 11.23 -6.35 -3.93
C ASN A 90 10.33 -7.50 -3.52
N ASP A 91 10.94 -8.57 -3.02
CA ASP A 91 10.19 -9.75 -2.59
C ASP A 91 9.01 -9.35 -1.70
N VAL A 92 7.84 -9.87 -2.02
CA VAL A 92 6.63 -9.57 -1.25
C VAL A 92 6.60 -10.36 0.06
N PRO A 93 6.59 -9.63 1.19
CA PRO A 93 6.57 -10.25 2.52
C PRO A 93 5.23 -10.92 2.81
N SER A 94 5.01 -11.23 4.09
CA SER A 94 3.77 -11.88 4.52
C SER A 94 3.02 -11.02 5.53
N PRO A 95 1.71 -11.30 5.69
CA PRO A 95 1.03 -12.35 4.95
C PRO A 95 0.87 -12.02 3.47
N TYR A 96 1.11 -10.76 3.13
CA TYR A 96 0.99 -10.30 1.74
C TYR A 96 1.40 -11.41 0.77
N GLU A 97 0.62 -11.57 -0.29
CA GLU A 97 0.89 -12.60 -1.28
C GLU A 97 0.59 -12.07 -2.69
N VAL A 98 1.61 -12.04 -3.53
CA VAL A 98 1.46 -11.57 -4.91
C VAL A 98 1.90 -12.62 -5.91
N ARG A 99 1.01 -13.58 -6.17
CA ARG A 99 1.31 -14.66 -7.12
C ARG A 99 1.46 -14.11 -8.54
N GLY A 100 0.53 -13.25 -8.92
CA GLY A 100 0.57 -12.67 -10.26
C GLY A 100 0.55 -11.15 -10.24
N PHE A 101 0.41 -10.55 -11.41
CA PHE A 101 0.37 -9.09 -11.51
C PHE A 101 -0.52 -8.65 -12.68
N PRO A 102 -1.00 -7.41 -12.61
CA PRO A 102 -0.70 -6.50 -11.50
C PRO A 102 -1.37 -6.93 -10.20
N THR A 103 -0.95 -6.32 -9.09
CA THR A 103 -1.51 -6.66 -7.78
C THR A 103 -1.55 -5.42 -6.88
N ILE A 104 -2.70 -5.18 -6.26
CA ILE A 104 -2.86 -4.05 -5.37
C ILE A 104 -3.35 -4.48 -3.99
N TYR A 105 -2.66 -4.03 -2.95
CA TYR A 105 -3.02 -4.37 -1.58
C TYR A 105 -3.22 -3.12 -0.74
N PHE A 106 -3.95 -3.27 0.37
CA PHE A 106 -4.21 -2.16 1.26
C PHE A 106 -3.67 -2.44 2.65
N SER A 107 -3.30 -1.37 3.36
CA SER A 107 -2.75 -1.49 4.71
C SER A 107 -3.61 -0.73 5.72
N PRO A 108 -4.63 -1.39 6.25
CA PRO A 108 -5.55 -0.79 7.23
C PRO A 108 -4.87 -0.57 8.58
N ALA A 109 -5.54 0.19 9.45
CA ALA A 109 -5.00 0.48 10.77
C ALA A 109 -5.34 -0.63 11.77
N ASN A 110 -4.38 -0.98 12.61
CA ASN A 110 -4.57 -2.02 13.60
C ASN A 110 -5.14 -3.28 12.96
N LYS A 111 -4.91 -3.44 11.67
CA LYS A 111 -5.40 -4.60 10.93
C LYS A 111 -4.26 -5.28 10.17
N LYS A 112 -3.03 -4.99 10.57
CA LYS A 112 -1.86 -5.58 9.93
C LYS A 112 -2.04 -7.09 9.75
N LEU A 113 -2.73 -7.72 10.69
CA LEU A 113 -2.97 -9.15 10.63
C LEU A 113 -4.17 -9.47 9.74
N ASN A 114 -5.06 -8.49 9.60
CA ASN A 114 -6.25 -8.67 8.77
C ASN A 114 -6.27 -7.65 7.64
N PRO A 115 -5.28 -7.73 6.75
CA PRO A 115 -5.17 -6.83 5.60
C PRO A 115 -6.25 -7.07 4.56
N LYS A 116 -6.05 -6.53 3.36
CA LYS A 116 -7.01 -6.70 2.27
C LYS A 116 -6.35 -6.41 0.92
N LYS A 117 -6.92 -6.98 -0.13
CA LYS A 117 -6.39 -6.78 -1.48
C LYS A 117 -7.42 -6.09 -2.37
N TYR A 118 -7.02 -5.00 -3.00
CA TYR A 118 -7.90 -4.25 -3.87
C TYR A 118 -8.49 -5.16 -4.96
N GLU A 119 -9.74 -5.56 -4.77
CA GLU A 119 -10.41 -6.43 -5.73
C GLU A 119 -11.60 -5.71 -6.37
N GLY A 120 -11.36 -5.11 -7.54
CA GLY A 120 -12.41 -4.40 -8.22
C GLY A 120 -11.95 -3.79 -9.54
N GLY A 121 -12.43 -2.60 -9.85
CA GLY A 121 -12.04 -1.93 -11.07
C GLY A 121 -10.78 -1.10 -10.91
N ARG A 122 -9.87 -1.21 -11.87
CA ARG A 122 -8.61 -0.47 -11.83
C ARG A 122 -8.79 0.93 -12.39
N GLU A 123 -9.81 1.63 -11.92
CA GLU A 123 -10.10 2.99 -12.39
C GLU A 123 -9.79 4.01 -11.30
N LEU A 124 -9.10 5.08 -11.68
CA LEU A 124 -8.75 6.14 -10.74
C LEU A 124 -9.86 6.35 -9.72
N SER A 125 -11.07 6.59 -10.23
CA SER A 125 -12.22 6.82 -9.35
C SER A 125 -12.54 5.57 -8.55
N ASP A 126 -12.50 4.42 -9.20
CA ASP A 126 -12.78 3.15 -8.54
C ASP A 126 -11.93 2.97 -7.30
N PHE A 127 -10.74 3.58 -7.31
CA PHE A 127 -9.82 3.49 -6.19
C PHE A 127 -10.24 4.43 -5.06
N ILE A 128 -10.55 5.67 -5.42
CA ILE A 128 -10.97 6.66 -4.43
C ILE A 128 -12.12 6.14 -3.59
N SER A 129 -13.16 5.65 -4.26
CA SER A 129 -14.34 5.12 -3.58
C SER A 129 -13.96 3.96 -2.68
N TYR A 130 -13.33 2.95 -3.26
CA TYR A 130 -12.92 1.76 -2.51
C TYR A 130 -12.28 2.16 -1.18
N LEU A 131 -11.40 3.15 -1.22
CA LEU A 131 -10.72 3.62 -0.02
C LEU A 131 -11.66 4.49 0.83
N GLN A 132 -12.48 5.29 0.15
CA GLN A 132 -13.42 6.16 0.85
C GLN A 132 -14.19 5.40 1.92
N ARG A 133 -14.67 4.21 1.56
CA ARG A 133 -15.43 3.39 2.50
C ARG A 133 -14.49 2.52 3.33
N GLU A 134 -13.46 1.98 2.69
CA GLU A 134 -12.49 1.13 3.37
C GLU A 134 -11.66 1.94 4.36
N ALA A 135 -10.86 2.87 3.83
CA ALA A 135 -10.01 3.71 4.67
C ALA A 135 -10.68 4.02 6.00
N THR A 136 -9.94 3.82 7.09
CA THR A 136 -10.47 4.08 8.42
C THR A 136 -10.93 5.53 8.57
N SER A 137 -9.98 6.45 8.52
CA SER A 137 -10.29 7.87 8.65
C SER A 137 -11.11 8.35 7.45
N GLY A 138 -10.72 7.94 6.26
CA GLY A 138 -11.42 8.34 5.06
C GLY A 138 -11.14 9.78 4.67
N PRO A 139 -10.90 10.00 3.37
CA PRO A 139 -10.62 11.34 2.84
C PRO A 139 -11.83 12.26 2.88
N SER A 140 -12.00 12.96 3.99
CA SER A 140 -13.13 13.87 4.16
C SER A 140 -12.83 14.91 5.23
N SER A 141 -12.82 16.19 4.83
CA SER A 141 -12.55 17.28 5.76
C SER A 141 -13.34 18.52 5.37
N GLY A 142 -13.38 19.49 6.29
CA GLY A 142 -14.11 20.72 6.03
C GLY A 142 -15.55 20.64 6.47
N GLY A 1 -7.18 0.47 41.18
CA GLY A 1 -7.42 -0.74 40.42
C GLY A 1 -7.25 -0.53 38.92
N SER A 2 -6.59 -1.48 38.27
CA SER A 2 -6.36 -1.39 36.83
C SER A 2 -7.05 -2.52 36.09
N SER A 3 -7.37 -2.29 34.82
CA SER A 3 -8.05 -3.29 34.00
C SER A 3 -7.88 -2.99 32.52
N GLY A 4 -7.33 -3.95 31.79
CA GLY A 4 -7.12 -3.78 30.36
C GLY A 4 -5.67 -4.01 29.95
N SER A 5 -5.36 -5.23 29.52
CA SER A 5 -4.02 -5.58 29.11
C SER A 5 -3.93 -5.72 27.59
N SER A 6 -3.68 -4.59 26.92
CA SER A 6 -3.58 -4.59 25.46
C SER A 6 -2.25 -3.99 25.02
N GLY A 7 -1.54 -4.72 24.16
CA GLY A 7 -0.26 -4.25 23.67
C GLY A 7 -0.29 -3.92 22.19
N PHE A 8 0.49 -2.91 21.79
CA PHE A 8 0.54 -2.50 20.39
C PHE A 8 1.97 -2.55 19.87
N ASP A 9 2.41 -3.74 19.48
CA ASP A 9 3.76 -3.93 18.96
C ASP A 9 3.90 -5.30 18.29
N GLY A 10 4.98 -5.47 17.55
CA GLY A 10 5.21 -6.73 16.86
C GLY A 10 5.46 -6.55 15.38
N ASN A 11 6.57 -7.10 14.89
CA ASN A 11 6.92 -6.99 13.48
C ASN A 11 7.12 -8.37 12.86
N LEU A 12 6.19 -8.74 11.97
CA LEU A 12 6.26 -10.04 11.31
C LEU A 12 6.91 -9.92 9.93
N LYS A 13 7.63 -8.82 9.72
CA LYS A 13 8.30 -8.58 8.45
C LYS A 13 9.31 -9.68 8.15
N ARG A 14 9.45 -10.02 6.87
CA ARG A 14 10.39 -11.06 6.45
C ARG A 14 10.53 -11.09 4.94
N TYR A 15 11.75 -10.91 4.46
CA TYR A 15 12.03 -10.91 3.03
C TYR A 15 13.46 -11.32 2.75
N LEU A 16 13.70 -11.83 1.54
CA LEU A 16 15.04 -12.27 1.15
C LEU A 16 15.74 -11.19 0.32
N LYS A 17 15.00 -10.60 -0.61
CA LYS A 17 15.55 -9.55 -1.47
C LYS A 17 14.93 -8.20 -1.14
N SER A 18 15.54 -7.13 -1.64
CA SER A 18 15.05 -5.78 -1.40
C SER A 18 15.79 -4.76 -2.26
N GLU A 19 15.11 -3.67 -2.58
CA GLU A 19 15.70 -2.62 -3.41
C GLU A 19 16.29 -1.51 -2.54
N PRO A 20 17.22 -0.74 -3.12
CA PRO A 20 17.88 0.37 -2.41
C PRO A 20 16.94 1.54 -2.16
N ILE A 21 17.13 2.21 -1.04
CA ILE A 21 16.29 3.36 -0.69
C ILE A 21 16.62 4.58 -1.54
N PRO A 22 15.58 5.23 -2.07
CA PRO A 22 15.73 6.41 -2.92
C PRO A 22 16.23 7.62 -2.13
N GLU A 23 16.51 8.71 -2.84
CA GLU A 23 16.98 9.94 -2.21
C GLU A 23 15.84 10.92 -1.99
N SER A 24 14.90 10.95 -2.93
CA SER A 24 13.76 11.84 -2.84
C SER A 24 12.51 11.19 -3.43
N ASN A 25 11.39 11.36 -2.74
CA ASN A 25 10.12 10.79 -3.18
C ASN A 25 9.02 11.84 -3.19
N ASP A 26 9.37 13.07 -3.57
CA ASP A 26 8.42 14.15 -3.62
C ASP A 26 7.54 14.06 -4.86
N GLY A 27 6.81 12.95 -4.97
CA GLY A 27 5.94 12.76 -6.13
C GLY A 27 4.52 12.39 -5.72
N PRO A 28 3.72 11.96 -6.70
CA PRO A 28 2.32 11.58 -6.47
C PRO A 28 2.21 10.28 -5.67
N VAL A 29 3.06 9.31 -5.98
CA VAL A 29 3.04 8.03 -5.29
C VAL A 29 4.38 7.77 -4.60
N LYS A 30 4.33 7.57 -3.29
CA LYS A 30 5.53 7.32 -2.50
C LYS A 30 6.08 5.92 -2.79
N VAL A 31 7.37 5.84 -3.06
CA VAL A 31 8.02 4.57 -3.35
C VAL A 31 8.30 3.79 -2.07
N VAL A 32 7.99 2.50 -2.11
CA VAL A 32 8.20 1.62 -0.94
C VAL A 32 8.92 0.34 -1.34
N VAL A 33 10.09 0.12 -0.76
CA VAL A 33 10.88 -1.08 -1.06
C VAL A 33 11.03 -1.95 0.19
N ALA A 34 11.09 -3.27 -0.02
CA ALA A 34 11.25 -4.20 1.09
C ALA A 34 12.12 -3.61 2.19
N GLU A 35 13.22 -2.98 1.80
CA GLU A 35 14.13 -2.37 2.76
C GLU A 35 13.39 -1.42 3.69
N ASN A 36 12.55 -0.57 3.11
CA ASN A 36 11.78 0.39 3.88
C ASN A 36 10.29 0.12 3.77
N PHE A 37 9.94 -1.15 3.58
CA PHE A 37 8.53 -1.55 3.45
C PHE A 37 7.80 -1.40 4.79
N ASP A 38 8.33 -2.03 5.83
CA ASP A 38 7.73 -1.96 7.15
C ASP A 38 7.85 -0.54 7.73
N GLU A 39 8.56 0.31 7.02
CA GLU A 39 8.75 1.70 7.47
C GLU A 39 7.65 2.60 6.92
N ILE A 40 7.30 2.40 5.66
CA ILE A 40 6.26 3.19 5.01
C ILE A 40 4.91 2.47 5.04
N VAL A 41 4.89 1.28 4.46
CA VAL A 41 3.67 0.48 4.41
C VAL A 41 3.10 0.27 5.80
N ASN A 42 3.88 -0.35 6.67
CA ASN A 42 3.45 -0.61 8.05
C ASN A 42 3.31 0.69 8.83
N ASN A 43 2.12 0.92 9.37
CA ASN A 43 1.85 2.13 10.13
C ASN A 43 0.49 2.06 10.81
N GLU A 44 0.48 1.89 12.13
CA GLU A 44 -0.76 1.81 12.88
C GLU A 44 -1.30 3.20 13.21
N ASN A 45 -0.58 4.22 12.75
CA ASN A 45 -0.98 5.61 13.00
C ASN A 45 -1.96 6.08 11.93
N LYS A 46 -1.66 5.79 10.67
CA LYS A 46 -2.51 6.18 9.56
C LYS A 46 -2.62 5.06 8.54
N ASP A 47 -3.63 5.15 7.67
CA ASP A 47 -3.84 4.14 6.64
C ASP A 47 -2.85 4.32 5.49
N VAL A 48 -2.51 3.21 4.83
CA VAL A 48 -1.57 3.25 3.71
C VAL A 48 -1.97 2.26 2.63
N LEU A 49 -1.81 2.66 1.37
CA LEU A 49 -2.15 1.82 0.24
C LEU A 49 -0.90 1.41 -0.53
N ILE A 50 -0.74 0.10 -0.72
CA ILE A 50 0.42 -0.42 -1.44
C ILE A 50 -0.01 -1.08 -2.76
N GLU A 51 0.72 -0.78 -3.82
CA GLU A 51 0.42 -1.34 -5.13
C GLU A 51 1.65 -2.02 -5.73
N PHE A 52 1.54 -3.32 -5.96
CA PHE A 52 2.64 -4.10 -6.52
C PHE A 52 2.54 -4.14 -8.04
N TYR A 53 3.58 -3.65 -8.71
CA TYR A 53 3.61 -3.63 -10.17
C TYR A 53 4.90 -4.24 -10.69
N ALA A 54 5.03 -4.30 -12.02
CA ALA A 54 6.23 -4.86 -12.64
C ALA A 54 6.71 -3.98 -13.79
N PRO A 55 8.02 -3.70 -13.81
CA PRO A 55 8.64 -2.87 -14.85
C PRO A 55 8.66 -3.56 -16.20
N TRP A 56 8.19 -4.79 -16.24
CA TRP A 56 8.16 -5.56 -17.48
C TRP A 56 6.74 -6.00 -17.81
N CYS A 57 5.78 -5.52 -17.04
CA CYS A 57 4.37 -5.86 -17.25
C CYS A 57 3.67 -4.79 -18.08
N GLY A 58 2.85 -5.23 -19.03
CA GLY A 58 2.14 -4.30 -19.88
C GLY A 58 0.99 -3.63 -19.16
N HIS A 59 0.07 -4.42 -18.64
CA HIS A 59 -1.09 -3.89 -17.93
C HIS A 59 -0.66 -2.91 -16.85
N CYS A 60 0.45 -3.22 -16.18
CA CYS A 60 0.97 -2.35 -15.12
C CYS A 60 1.40 -1.00 -15.69
N LYS A 61 1.99 -1.03 -16.88
CA LYS A 61 2.46 0.19 -17.54
C LYS A 61 1.29 1.10 -17.87
N ASN A 62 0.24 0.52 -18.43
CA ASN A 62 -0.95 1.28 -18.81
C ASN A 62 -1.69 1.78 -17.58
N LEU A 63 -1.35 1.22 -16.42
CA LEU A 63 -1.97 1.60 -15.17
C LEU A 63 -1.13 2.64 -14.43
N GLU A 64 0.16 2.65 -14.71
CA GLU A 64 1.08 3.59 -14.07
C GLU A 64 0.42 4.95 -13.90
N PRO A 65 -0.03 5.55 -15.02
CA PRO A 65 -0.68 6.86 -15.01
C PRO A 65 -2.06 6.80 -14.37
N LYS A 66 -2.71 5.64 -14.43
CA LYS A 66 -4.03 5.47 -13.84
C LYS A 66 -3.96 5.45 -12.32
N TYR A 67 -2.85 4.94 -11.80
CA TYR A 67 -2.67 4.87 -10.35
C TYR A 67 -2.02 6.15 -9.82
N LYS A 68 -1.06 6.67 -10.57
CA LYS A 68 -0.36 7.89 -10.18
C LYS A 68 -1.33 8.94 -9.69
N GLU A 69 -2.27 9.33 -10.56
CA GLU A 69 -3.27 10.33 -10.20
C GLU A 69 -3.74 10.16 -8.77
N LEU A 70 -4.23 8.96 -8.45
CA LEU A 70 -4.70 8.66 -7.11
C LEU A 70 -3.75 9.20 -6.05
N GLY A 71 -2.45 9.07 -6.31
CA GLY A 71 -1.45 9.57 -5.38
C GLY A 71 -1.55 11.06 -5.15
N GLU A 72 -1.33 11.84 -6.20
CA GLU A 72 -1.40 13.29 -6.11
C GLU A 72 -2.79 13.75 -5.69
N LYS A 73 -3.79 12.93 -6.00
CA LYS A 73 -5.16 13.25 -5.65
C LYS A 73 -5.40 13.10 -4.14
N LEU A 74 -4.87 12.02 -3.57
CA LEU A 74 -5.02 11.78 -2.14
C LEU A 74 -3.87 12.40 -1.36
N SER A 75 -3.00 13.11 -2.07
CA SER A 75 -1.86 13.76 -1.43
C SER A 75 -2.30 14.62 -0.26
N LYS A 76 -3.58 14.99 -0.25
CA LYS A 76 -4.14 15.82 0.80
C LYS A 76 -4.88 14.96 1.83
N ASP A 77 -4.52 13.68 1.89
CA ASP A 77 -5.14 12.76 2.82
C ASP A 77 -4.22 12.48 4.01
N PRO A 78 -4.48 13.17 5.13
CA PRO A 78 -3.67 13.01 6.35
C PRO A 78 -3.90 11.65 7.02
N ASN A 79 -4.81 10.86 6.45
CA ASN A 79 -5.11 9.55 6.99
C ASN A 79 -4.76 8.45 5.99
N ILE A 80 -4.63 8.83 4.72
CA ILE A 80 -4.29 7.89 3.66
C ILE A 80 -3.04 8.32 2.93
N VAL A 81 -2.14 7.37 2.70
CA VAL A 81 -0.89 7.65 1.99
C VAL A 81 -0.66 6.64 0.87
N ILE A 82 -0.89 7.08 -0.37
CA ILE A 82 -0.71 6.22 -1.52
C ILE A 82 0.78 5.93 -1.77
N ALA A 83 1.10 4.66 -1.98
CA ALA A 83 2.47 4.25 -2.22
C ALA A 83 2.53 3.07 -3.19
N LYS A 84 3.73 2.76 -3.68
CA LYS A 84 3.92 1.66 -4.60
C LYS A 84 5.20 0.90 -4.29
N MET A 85 5.26 -0.35 -4.71
CA MET A 85 6.44 -1.19 -4.47
C MET A 85 6.61 -2.22 -5.59
N ASP A 86 7.84 -2.32 -6.10
CA ASP A 86 8.13 -3.27 -7.17
C ASP A 86 8.47 -4.64 -6.60
N ALA A 87 7.51 -5.56 -6.66
CA ALA A 87 7.71 -6.91 -6.14
C ALA A 87 8.88 -7.59 -6.85
N THR A 88 8.73 -7.82 -8.15
CA THR A 88 9.78 -8.47 -8.94
C THR A 88 11.14 -7.88 -8.62
N ALA A 89 11.16 -6.66 -8.09
CA ALA A 89 12.40 -5.99 -7.75
C ALA A 89 12.78 -6.25 -6.29
N ASN A 90 11.78 -6.46 -5.45
CA ASN A 90 12.00 -6.73 -4.04
C ASN A 90 11.01 -7.75 -3.50
N ASP A 91 11.53 -8.77 -2.82
CA ASP A 91 10.67 -9.82 -2.26
C ASP A 91 9.48 -9.21 -1.52
N VAL A 92 8.37 -9.95 -1.49
CA VAL A 92 7.16 -9.48 -0.83
C VAL A 92 7.07 -10.06 0.59
N PRO A 93 6.71 -9.19 1.55
CA PRO A 93 6.57 -9.60 2.96
C PRO A 93 5.37 -10.50 3.19
N SER A 94 4.96 -10.63 4.44
CA SER A 94 3.83 -11.48 4.80
C SER A 94 2.88 -10.74 5.74
N PRO A 95 1.59 -11.14 5.71
CA PRO A 95 1.12 -12.21 4.84
C PRO A 95 1.12 -11.81 3.37
N TYR A 96 1.40 -10.54 3.12
CA TYR A 96 1.44 -10.03 1.75
C TYR A 96 1.90 -11.10 0.77
N GLU A 97 1.15 -11.26 -0.32
CA GLU A 97 1.49 -12.25 -1.33
C GLU A 97 1.20 -11.72 -2.73
N VAL A 98 2.20 -11.79 -3.61
CA VAL A 98 2.05 -11.32 -4.98
C VAL A 98 2.62 -12.32 -5.97
N ARG A 99 1.75 -12.88 -6.80
CA ARG A 99 2.17 -13.86 -7.79
C ARG A 99 1.77 -13.41 -9.20
N GLY A 100 0.56 -12.88 -9.33
CA GLY A 100 0.09 -12.41 -10.62
C GLY A 100 -0.14 -10.92 -10.65
N PHE A 101 0.60 -10.22 -11.51
CA PHE A 101 0.49 -8.78 -11.64
C PHE A 101 -0.45 -8.40 -12.78
N PRO A 102 -1.04 -7.20 -12.70
CA PRO A 102 -0.81 -6.29 -11.58
C PRO A 102 -1.44 -6.80 -10.28
N THR A 103 -0.97 -6.26 -9.16
CA THR A 103 -1.48 -6.66 -7.85
C THR A 103 -1.59 -5.47 -6.92
N ILE A 104 -2.81 -5.13 -6.52
CA ILE A 104 -3.06 -4.01 -5.63
C ILE A 104 -3.49 -4.49 -4.25
N TYR A 105 -2.96 -3.85 -3.21
CA TYR A 105 -3.28 -4.21 -1.84
C TYR A 105 -3.59 -2.98 -1.01
N PHE A 106 -3.95 -3.19 0.25
CA PHE A 106 -4.27 -2.09 1.16
C PHE A 106 -3.90 -2.44 2.59
N SER A 107 -3.12 -1.58 3.24
CA SER A 107 -2.69 -1.80 4.61
C SER A 107 -3.52 -0.96 5.58
N PRO A 108 -4.51 -1.58 6.21
CA PRO A 108 -5.40 -0.91 7.18
C PRO A 108 -4.67 -0.54 8.46
N ALA A 109 -5.34 0.24 9.31
CA ALA A 109 -4.75 0.66 10.58
C ALA A 109 -4.99 -0.39 11.66
N ASN A 110 -3.97 -0.62 12.49
CA ASN A 110 -4.07 -1.59 13.56
C ASN A 110 -4.67 -2.90 13.06
N LYS A 111 -4.51 -3.16 11.76
CA LYS A 111 -5.03 -4.38 11.15
C LYS A 111 -3.94 -5.11 10.39
N LYS A 112 -2.69 -4.85 10.74
CA LYS A 112 -1.55 -5.48 10.09
C LYS A 112 -1.78 -6.98 9.93
N LEU A 113 -1.82 -7.69 11.05
CA LEU A 113 -2.04 -9.13 11.05
C LEU A 113 -2.97 -9.54 9.92
N ASN A 114 -4.05 -8.78 9.74
CA ASN A 114 -5.02 -9.06 8.69
C ASN A 114 -5.19 -7.86 7.77
N PRO A 115 -4.37 -7.80 6.71
CA PRO A 115 -4.41 -6.70 5.73
C PRO A 115 -5.68 -6.73 4.88
N LYS A 116 -5.65 -6.00 3.77
CA LYS A 116 -6.79 -5.94 2.87
C LYS A 116 -6.34 -5.93 1.41
N LYS A 117 -6.94 -6.78 0.59
CA LYS A 117 -6.60 -6.86 -0.82
C LYS A 117 -7.62 -6.11 -1.67
N TYR A 118 -7.12 -5.31 -2.61
CA TYR A 118 -7.99 -4.53 -3.48
C TYR A 118 -8.56 -5.40 -4.60
N GLU A 119 -9.87 -5.63 -4.55
CA GLU A 119 -10.53 -6.44 -5.57
C GLU A 119 -11.67 -5.68 -6.22
N GLY A 120 -11.40 -5.10 -7.39
CA GLY A 120 -12.42 -4.35 -8.10
C GLY A 120 -11.91 -3.78 -9.41
N GLY A 121 -12.40 -2.60 -9.78
CA GLY A 121 -11.98 -1.96 -11.01
C GLY A 121 -10.75 -1.10 -10.82
N ARG A 122 -9.79 -1.23 -11.73
CA ARG A 122 -8.56 -0.46 -11.67
C ARG A 122 -8.76 0.94 -12.23
N GLU A 123 -9.86 1.58 -11.85
CA GLU A 123 -10.18 2.93 -12.32
C GLU A 123 -9.88 3.97 -11.25
N LEU A 124 -9.22 5.05 -11.65
CA LEU A 124 -8.88 6.12 -10.72
C LEU A 124 -9.98 6.32 -9.69
N SER A 125 -11.19 6.55 -10.17
CA SER A 125 -12.34 6.76 -9.28
C SER A 125 -12.58 5.55 -8.40
N ASP A 126 -12.61 4.37 -9.02
CA ASP A 126 -12.83 3.13 -8.29
C ASP A 126 -11.93 3.05 -7.06
N PHE A 127 -10.73 3.59 -7.17
CA PHE A 127 -9.77 3.59 -6.07
C PHE A 127 -10.22 4.54 -4.96
N ILE A 128 -10.79 5.67 -5.36
CA ILE A 128 -11.27 6.66 -4.40
C ILE A 128 -12.48 6.14 -3.63
N SER A 129 -13.53 5.78 -4.36
CA SER A 129 -14.75 5.28 -3.74
C SER A 129 -14.47 4.01 -2.94
N TYR A 130 -13.41 3.31 -3.31
CA TYR A 130 -13.02 2.07 -2.63
C TYR A 130 -12.48 2.37 -1.24
N LEU A 131 -11.56 3.32 -1.15
CA LEU A 131 -10.96 3.69 0.12
C LEU A 131 -11.97 4.44 0.99
N GLN A 132 -12.78 5.28 0.37
CA GLN A 132 -13.78 6.06 1.08
C GLN A 132 -14.44 5.21 2.17
N ARG A 133 -14.77 3.97 1.82
CA ARG A 133 -15.42 3.06 2.77
C ARG A 133 -14.38 2.19 3.47
N GLU A 134 -13.76 1.29 2.71
CA GLU A 134 -12.74 0.40 3.26
C GLU A 134 -11.85 1.12 4.25
N ALA A 135 -11.26 2.23 3.81
CA ALA A 135 -10.38 3.03 4.67
C ALA A 135 -10.99 3.21 6.05
N THR A 136 -10.51 2.43 7.01
CA THR A 136 -11.01 2.50 8.38
C THR A 136 -11.14 3.96 8.83
N SER A 137 -10.37 4.84 8.20
CA SER A 137 -10.41 6.25 8.55
C SER A 137 -10.90 7.09 7.37
N GLY A 138 -12.01 6.66 6.77
CA GLY A 138 -12.56 7.37 5.64
C GLY A 138 -12.41 8.88 5.77
N PRO A 139 -12.19 9.56 4.64
CA PRO A 139 -12.02 11.02 4.60
C PRO A 139 -13.31 11.75 4.91
N SER A 140 -13.55 12.01 6.19
CA SER A 140 -14.75 12.71 6.62
C SER A 140 -14.45 14.18 6.89
N SER A 141 -15.19 15.06 6.21
CA SER A 141 -15.00 16.50 6.37
C SER A 141 -14.82 16.86 7.83
N GLY A 142 -13.56 17.08 8.23
CA GLY A 142 -13.27 17.43 9.61
C GLY A 142 -12.66 16.28 10.39
N GLY A 1 -18.22 -0.22 24.68
CA GLY A 1 -18.09 -0.85 25.99
C GLY A 1 -17.39 -2.19 25.91
N SER A 2 -16.17 -2.20 25.36
CA SER A 2 -15.39 -3.41 25.23
C SER A 2 -13.90 -3.12 25.32
N SER A 3 -13.15 -4.06 25.91
CA SER A 3 -11.72 -3.90 26.06
C SER A 3 -11.06 -5.22 26.47
N GLY A 4 -9.73 -5.22 26.53
CA GLY A 4 -9.02 -6.42 26.90
C GLY A 4 -8.20 -6.99 25.76
N SER A 5 -6.95 -7.36 26.04
CA SER A 5 -6.08 -7.92 25.01
C SER A 5 -5.46 -9.23 25.48
N SER A 6 -5.08 -10.08 24.54
CA SER A 6 -4.49 -11.37 24.85
C SER A 6 -3.06 -11.45 24.33
N GLY A 7 -2.86 -10.98 23.11
CA GLY A 7 -1.53 -11.00 22.51
C GLY A 7 -1.16 -9.68 21.87
N PHE A 8 0.10 -9.56 21.44
CA PHE A 8 0.58 -8.34 20.82
C PHE A 8 0.79 -8.55 19.32
N ASP A 9 0.05 -7.79 18.51
CA ASP A 9 0.15 -7.89 17.06
C ASP A 9 1.55 -7.51 16.59
N GLY A 10 1.91 -6.24 16.80
CA GLY A 10 3.22 -5.77 16.38
C GLY A 10 3.38 -5.74 14.87
N ASN A 11 4.45 -5.12 14.40
CA ASN A 11 4.72 -5.02 12.97
C ASN A 11 5.64 -6.14 12.51
N LEU A 12 5.09 -7.07 11.73
CA LEU A 12 5.87 -8.19 11.21
C LEU A 12 6.64 -7.79 9.95
N LYS A 13 7.59 -8.63 9.56
CA LYS A 13 8.40 -8.37 8.37
C LYS A 13 9.21 -9.60 7.99
N ARG A 14 9.40 -9.80 6.69
CA ARG A 14 10.18 -10.93 6.19
C ARG A 14 10.34 -10.85 4.67
N TYR A 15 11.60 -10.89 4.23
CA TYR A 15 11.90 -10.81 2.80
C TYR A 15 13.35 -11.20 2.53
N LEU A 16 13.61 -11.68 1.33
CA LEU A 16 14.96 -12.08 0.94
C LEU A 16 15.60 -11.05 0.02
N LYS A 17 14.79 -10.46 -0.84
CA LYS A 17 15.28 -9.44 -1.78
C LYS A 17 14.73 -8.07 -1.41
N SER A 18 15.43 -7.03 -1.87
CA SER A 18 15.01 -5.65 -1.59
C SER A 18 15.72 -4.67 -2.52
N GLU A 19 15.04 -3.58 -2.83
CA GLU A 19 15.61 -2.56 -3.72
C GLU A 19 16.19 -1.41 -2.92
N PRO A 20 17.07 -0.62 -3.55
CA PRO A 20 17.72 0.53 -2.92
C PRO A 20 16.75 1.67 -2.66
N ILE A 21 16.94 2.36 -1.54
CA ILE A 21 16.09 3.48 -1.17
C ILE A 21 16.29 4.66 -2.12
N PRO A 22 15.18 5.19 -2.65
CA PRO A 22 15.22 6.33 -3.57
C PRO A 22 15.61 7.63 -2.87
N GLU A 23 16.49 8.39 -3.50
CA GLU A 23 16.94 9.66 -2.94
C GLU A 23 15.76 10.51 -2.48
N SER A 24 14.77 10.68 -3.36
CA SER A 24 13.59 11.47 -3.04
C SER A 24 12.37 10.94 -3.79
N ASN A 25 11.25 10.86 -3.09
CA ASN A 25 10.01 10.38 -3.69
C ASN A 25 8.98 11.51 -3.82
N ASP A 26 9.43 12.62 -4.41
CA ASP A 26 8.55 13.78 -4.60
C ASP A 26 7.32 13.39 -5.42
N GLY A 27 7.45 12.33 -6.22
CA GLY A 27 6.34 11.89 -7.04
C GLY A 27 5.06 11.73 -6.24
N PRO A 28 3.94 11.52 -6.95
CA PRO A 28 2.62 11.34 -6.32
C PRO A 28 2.51 10.02 -5.57
N VAL A 29 3.24 9.02 -6.04
CA VAL A 29 3.22 7.70 -5.41
C VAL A 29 4.56 7.39 -4.75
N LYS A 30 4.53 7.15 -3.44
CA LYS A 30 5.74 6.84 -2.69
C LYS A 30 6.25 5.44 -3.04
N VAL A 31 7.56 5.34 -3.26
CA VAL A 31 8.18 4.07 -3.60
C VAL A 31 8.54 3.28 -2.34
N VAL A 32 7.75 2.25 -2.06
CA VAL A 32 7.99 1.41 -0.89
C VAL A 32 8.78 0.16 -1.26
N VAL A 33 10.00 0.06 -0.74
CA VAL A 33 10.86 -1.08 -1.01
C VAL A 33 11.02 -1.96 0.23
N ALA A 34 11.11 -3.26 0.02
CA ALA A 34 11.27 -4.21 1.12
C ALA A 34 12.11 -3.60 2.24
N GLU A 35 13.18 -2.92 1.87
CA GLU A 35 14.06 -2.30 2.85
C GLU A 35 13.29 -1.34 3.75
N ASN A 36 12.52 -0.46 3.14
CA ASN A 36 11.73 0.52 3.88
C ASN A 36 10.24 0.14 3.87
N PHE A 37 9.98 -1.14 3.61
CA PHE A 37 8.60 -1.63 3.56
C PHE A 37 7.92 -1.47 4.92
N ASP A 38 8.50 -2.09 5.94
CA ASP A 38 7.95 -2.02 7.29
C ASP A 38 7.99 -0.59 7.83
N GLU A 39 8.63 0.30 7.07
CA GLU A 39 8.73 1.70 7.45
C GLU A 39 7.54 2.50 6.97
N ILE A 40 7.15 2.27 5.71
CA ILE A 40 6.01 2.96 5.13
C ILE A 40 4.75 2.12 5.20
N VAL A 41 4.79 0.93 4.61
CA VAL A 41 3.65 0.03 4.62
C VAL A 41 3.12 -0.19 6.03
N ASN A 42 3.98 -0.74 6.90
CA ASN A 42 3.60 -0.99 8.29
C ASN A 42 3.43 0.32 9.06
N ASN A 43 2.20 0.59 9.47
CA ASN A 43 1.90 1.81 10.22
C ASN A 43 0.52 1.74 10.85
N GLU A 44 0.48 1.56 12.17
CA GLU A 44 -0.78 1.47 12.89
C GLU A 44 -1.22 2.85 13.39
N ASN A 45 -0.88 3.88 12.62
CA ASN A 45 -1.24 5.25 12.97
C ASN A 45 -1.98 5.93 11.83
N LYS A 46 -1.54 5.65 10.60
CA LYS A 46 -2.15 6.24 9.42
C LYS A 46 -2.39 5.17 8.34
N ASP A 47 -3.48 5.33 7.60
CA ASP A 47 -3.81 4.38 6.54
C ASP A 47 -2.78 4.45 5.41
N VAL A 48 -2.54 3.30 4.77
CA VAL A 48 -1.57 3.23 3.68
C VAL A 48 -2.02 2.23 2.62
N LEU A 49 -1.68 2.51 1.37
CA LEU A 49 -2.05 1.64 0.26
C LEU A 49 -0.81 1.21 -0.53
N ILE A 50 -0.66 -0.11 -0.70
CA ILE A 50 0.47 -0.65 -1.44
C ILE A 50 0.05 -1.18 -2.81
N GLU A 51 0.86 -0.92 -3.82
CA GLU A 51 0.56 -1.39 -5.17
C GLU A 51 1.74 -2.16 -5.75
N PHE A 52 1.59 -3.49 -5.81
CA PHE A 52 2.65 -4.34 -6.34
C PHE A 52 2.55 -4.44 -7.86
N TYR A 53 3.57 -3.94 -8.55
CA TYR A 53 3.60 -3.95 -10.01
C TYR A 53 4.88 -4.62 -10.52
N ALA A 54 5.01 -4.70 -11.83
CA ALA A 54 6.19 -5.30 -12.45
C ALA A 54 6.75 -4.41 -13.55
N PRO A 55 8.07 -4.20 -13.53
CA PRO A 55 8.77 -3.38 -14.52
C PRO A 55 8.78 -4.02 -15.90
N TRP A 56 8.22 -5.22 -16.01
CA TRP A 56 8.18 -5.94 -17.27
C TRP A 56 6.74 -6.28 -17.65
N CYS A 57 5.79 -5.78 -16.86
CA CYS A 57 4.38 -6.04 -17.11
C CYS A 57 3.73 -4.86 -17.84
N GLY A 58 3.02 -5.16 -18.93
CA GLY A 58 2.37 -4.11 -19.70
C GLY A 58 1.27 -3.43 -18.92
N HIS A 59 0.27 -4.20 -18.51
CA HIS A 59 -0.86 -3.67 -17.75
C HIS A 59 -0.40 -2.59 -16.76
N CYS A 60 0.83 -2.76 -16.26
CA CYS A 60 1.39 -1.81 -15.30
C CYS A 60 1.67 -0.47 -15.98
N LYS A 61 2.35 -0.51 -17.12
CA LYS A 61 2.68 0.70 -17.85
C LYS A 61 1.43 1.53 -18.12
N ASN A 62 0.36 0.87 -18.56
CA ASN A 62 -0.89 1.55 -18.86
C ASN A 62 -1.59 1.98 -17.58
N LEU A 63 -1.29 1.28 -16.49
CA LEU A 63 -1.89 1.60 -15.19
C LEU A 63 -1.07 2.65 -14.45
N GLU A 64 0.19 2.80 -14.85
CA GLU A 64 1.07 3.77 -14.23
C GLU A 64 0.35 5.10 -14.00
N PRO A 65 -0.16 5.69 -15.10
CA PRO A 65 -0.88 6.96 -15.04
C PRO A 65 -2.23 6.83 -14.36
N LYS A 66 -2.81 5.64 -14.41
CA LYS A 66 -4.11 5.38 -13.80
C LYS A 66 -3.98 5.31 -12.28
N TYR A 67 -2.81 4.91 -11.81
CA TYR A 67 -2.57 4.80 -10.38
C TYR A 67 -1.90 6.07 -9.83
N LYS A 68 -1.06 6.68 -10.65
CA LYS A 68 -0.36 7.89 -10.27
C LYS A 68 -1.33 8.94 -9.72
N GLU A 69 -2.31 9.31 -10.54
CA GLU A 69 -3.30 10.29 -10.15
C GLU A 69 -3.73 10.09 -8.70
N LEU A 70 -4.29 8.92 -8.41
CA LEU A 70 -4.74 8.59 -7.06
C LEU A 70 -3.77 9.14 -6.02
N GLY A 71 -2.48 9.05 -6.33
CA GLY A 71 -1.47 9.55 -5.40
C GLY A 71 -1.62 11.03 -5.12
N GLU A 72 -1.40 11.84 -6.15
CA GLU A 72 -1.50 13.29 -6.01
C GLU A 72 -2.95 13.71 -5.73
N LYS A 73 -3.88 12.80 -5.99
CA LYS A 73 -5.30 13.07 -5.77
C LYS A 73 -5.66 12.89 -4.30
N LEU A 74 -5.14 11.82 -3.69
CA LEU A 74 -5.40 11.54 -2.28
C LEU A 74 -4.49 12.35 -1.38
N SER A 75 -3.68 13.21 -1.98
CA SER A 75 -2.75 14.05 -1.23
C SER A 75 -3.48 14.84 -0.15
N LYS A 76 -4.78 15.06 -0.37
CA LYS A 76 -5.60 15.80 0.58
C LYS A 76 -5.99 14.92 1.77
N ASP A 77 -5.42 13.72 1.82
CA ASP A 77 -5.70 12.79 2.90
C ASP A 77 -4.47 12.56 3.75
N PRO A 78 -4.41 13.25 4.90
CA PRO A 78 -3.28 13.14 5.83
C PRO A 78 -3.24 11.79 6.54
N ASN A 79 -4.21 10.94 6.22
CA ASN A 79 -4.28 9.61 6.82
C ASN A 79 -3.96 8.52 5.81
N ILE A 80 -4.39 8.73 4.57
CA ILE A 80 -4.15 7.77 3.50
C ILE A 80 -2.87 8.12 2.74
N VAL A 81 -2.09 7.09 2.42
CA VAL A 81 -0.84 7.27 1.71
C VAL A 81 -0.69 6.24 0.59
N ILE A 82 -0.65 6.70 -0.65
CA ILE A 82 -0.51 5.82 -1.80
C ILE A 82 0.97 5.58 -2.12
N ALA A 83 1.32 4.31 -2.33
CA ALA A 83 2.70 3.96 -2.65
C ALA A 83 2.74 2.82 -3.68
N LYS A 84 3.93 2.52 -4.17
CA LYS A 84 4.11 1.46 -5.16
C LYS A 84 5.37 0.66 -4.87
N MET A 85 5.28 -0.65 -5.01
CA MET A 85 6.42 -1.53 -4.77
C MET A 85 6.58 -2.54 -5.90
N ASP A 86 7.82 -2.85 -6.25
CA ASP A 86 8.11 -3.81 -7.31
C ASP A 86 8.36 -5.20 -6.74
N ALA A 87 7.31 -6.02 -6.71
CA ALA A 87 7.43 -7.38 -6.19
C ALA A 87 8.63 -8.10 -6.80
N THR A 88 8.56 -8.36 -8.10
CA THR A 88 9.64 -9.05 -8.79
C THR A 88 10.99 -8.45 -8.43
N ALA A 89 10.98 -7.20 -8.01
CA ALA A 89 12.21 -6.50 -7.63
C ALA A 89 12.48 -6.64 -6.13
N ASN A 90 11.42 -6.85 -5.36
CA ASN A 90 11.54 -6.99 -3.91
C ASN A 90 10.59 -8.07 -3.39
N ASP A 91 11.15 -9.04 -2.68
CA ASP A 91 10.35 -10.13 -2.11
C ASP A 91 9.21 -9.59 -1.26
N VAL A 92 8.00 -10.06 -1.53
CA VAL A 92 6.83 -9.63 -0.79
C VAL A 92 6.73 -10.34 0.56
N PRO A 93 6.57 -9.56 1.64
CA PRO A 93 6.46 -10.09 2.99
C PRO A 93 5.15 -10.83 3.22
N SER A 94 4.87 -11.17 4.48
CA SER A 94 3.65 -11.89 4.83
C SER A 94 2.82 -11.09 5.82
N PRO A 95 1.53 -11.43 5.92
CA PRO A 95 0.93 -12.50 5.12
C PRO A 95 0.82 -12.13 3.65
N TYR A 96 1.11 -10.87 3.33
CA TYR A 96 1.05 -10.39 1.96
C TYR A 96 1.46 -11.49 0.98
N GLU A 97 0.57 -11.80 0.04
CA GLU A 97 0.84 -12.83 -0.96
C GLU A 97 0.65 -12.28 -2.37
N VAL A 98 1.65 -12.51 -3.22
CA VAL A 98 1.59 -12.05 -4.60
C VAL A 98 2.00 -13.15 -5.57
N ARG A 99 1.09 -13.50 -6.48
CA ARG A 99 1.35 -14.54 -7.46
C ARG A 99 1.03 -14.05 -8.87
N GLY A 100 -0.05 -13.27 -9.00
CA GLY A 100 -0.44 -12.75 -10.29
C GLY A 100 -0.53 -11.24 -10.30
N PHE A 101 0.22 -10.62 -11.21
CA PHE A 101 0.22 -9.16 -11.33
C PHE A 101 -0.73 -8.70 -12.42
N PRO A 102 -1.23 -7.46 -12.29
CA PRO A 102 -0.89 -6.58 -11.16
C PRO A 102 -1.49 -7.08 -9.85
N THR A 103 -0.87 -6.70 -8.74
CA THR A 103 -1.35 -7.10 -7.42
C THR A 103 -1.43 -5.90 -6.47
N ILE A 104 -2.65 -5.38 -6.30
CA ILE A 104 -2.85 -4.23 -5.43
C ILE A 104 -3.27 -4.69 -4.03
N TYR A 105 -2.77 -3.98 -3.01
CA TYR A 105 -3.10 -4.31 -1.63
C TYR A 105 -3.29 -3.04 -0.80
N PHE A 106 -3.95 -3.19 0.35
CA PHE A 106 -4.20 -2.05 1.23
C PHE A 106 -3.74 -2.36 2.65
N SER A 107 -3.09 -1.39 3.28
CA SER A 107 -2.59 -1.56 4.64
C SER A 107 -3.46 -0.80 5.63
N PRO A 108 -4.47 -1.48 6.20
CA PRO A 108 -5.38 -0.89 7.18
C PRO A 108 -4.70 -0.58 8.51
N ALA A 109 -5.36 0.24 9.32
CA ALA A 109 -4.82 0.61 10.63
C ALA A 109 -5.02 -0.52 11.65
N ASN A 110 -4.06 -0.67 12.56
CA ASN A 110 -4.13 -1.70 13.58
C ASN A 110 -4.64 -3.01 12.99
N LYS A 111 -4.45 -3.19 11.69
CA LYS A 111 -4.87 -4.40 11.00
C LYS A 111 -3.74 -5.01 10.20
N LYS A 112 -2.73 -5.52 10.89
CA LYS A 112 -1.57 -6.13 10.24
C LYS A 112 -1.81 -7.63 10.04
N LEU A 113 -2.22 -8.31 11.10
CA LEU A 113 -2.48 -9.74 11.04
C LEU A 113 -3.55 -10.06 10.00
N ASN A 114 -4.41 -9.09 9.73
CA ASN A 114 -5.48 -9.26 8.75
C ASN A 114 -5.56 -8.07 7.81
N PRO A 115 -4.73 -8.09 6.76
CA PRO A 115 -4.69 -7.02 5.76
C PRO A 115 -5.94 -6.98 4.89
N LYS A 116 -5.86 -6.28 3.77
CA LYS A 116 -6.99 -6.17 2.85
C LYS A 116 -6.50 -6.04 1.41
N LYS A 117 -7.16 -6.75 0.51
CA LYS A 117 -6.81 -6.72 -0.91
C LYS A 117 -7.81 -5.90 -1.71
N TYR A 118 -7.35 -5.29 -2.80
CA TYR A 118 -8.21 -4.49 -3.65
C TYR A 118 -8.78 -5.31 -4.80
N GLU A 119 -10.07 -5.60 -4.73
CA GLU A 119 -10.73 -6.38 -5.78
C GLU A 119 -11.88 -5.59 -6.40
N GLY A 120 -11.63 -5.00 -7.57
CA GLY A 120 -12.65 -4.23 -8.25
C GLY A 120 -12.15 -3.62 -9.54
N GLY A 121 -12.77 -2.51 -9.95
CA GLY A 121 -12.36 -1.86 -11.17
C GLY A 121 -11.09 -1.04 -11.01
N ARG A 122 -10.17 -1.19 -11.95
CA ARG A 122 -8.91 -0.47 -11.90
C ARG A 122 -9.08 0.96 -12.42
N GLU A 123 -10.13 1.63 -11.96
CA GLU A 123 -10.41 2.99 -12.38
C GLU A 123 -10.07 3.98 -11.28
N LEU A 124 -9.36 5.05 -11.63
CA LEU A 124 -8.97 6.08 -10.67
C LEU A 124 -10.05 6.26 -9.60
N SER A 125 -11.27 6.54 -10.05
CA SER A 125 -12.38 6.75 -9.13
C SER A 125 -12.61 5.51 -8.27
N ASP A 126 -12.74 4.36 -8.92
CA ASP A 126 -12.96 3.10 -8.22
C ASP A 126 -12.01 2.97 -7.03
N PHE A 127 -10.84 3.57 -7.16
CA PHE A 127 -9.83 3.52 -6.09
C PHE A 127 -10.17 4.51 -4.98
N ILE A 128 -10.63 5.69 -5.37
CA ILE A 128 -11.00 6.72 -4.41
C ILE A 128 -12.16 6.27 -3.53
N SER A 129 -13.28 5.93 -4.18
CA SER A 129 -14.46 5.49 -3.45
C SER A 129 -14.16 4.27 -2.59
N TYR A 130 -13.28 3.40 -3.10
CA TYR A 130 -12.90 2.19 -2.37
C TYR A 130 -12.41 2.53 -0.97
N LEU A 131 -11.45 3.45 -0.88
CA LEU A 131 -10.90 3.86 0.40
C LEU A 131 -11.88 4.77 1.15
N GLN A 132 -12.53 5.66 0.41
CA GLN A 132 -13.49 6.58 1.00
C GLN A 132 -14.30 5.89 2.09
N ARG A 133 -14.68 4.65 1.83
CA ARG A 133 -15.47 3.88 2.79
C ARG A 133 -14.58 2.94 3.60
N GLU A 134 -13.86 2.07 2.91
CA GLU A 134 -12.97 1.12 3.56
C GLU A 134 -12.08 1.83 4.59
N ALA A 135 -11.38 2.86 4.14
CA ALA A 135 -10.50 3.61 5.02
C ALA A 135 -11.14 3.86 6.37
N THR A 136 -10.70 3.11 7.38
CA THR A 136 -11.24 3.25 8.73
C THR A 136 -11.33 4.71 9.14
N SER A 137 -10.24 5.44 8.96
CA SER A 137 -10.19 6.85 9.32
C SER A 137 -10.98 7.70 8.31
N GLY A 138 -10.78 7.42 7.03
CA GLY A 138 -11.48 8.15 6.00
C GLY A 138 -10.88 9.53 5.75
N PRO A 139 -11.29 10.17 4.65
CA PRO A 139 -10.80 11.50 4.29
C PRO A 139 -11.30 12.59 5.24
N SER A 140 -10.48 13.62 5.42
CA SER A 140 -10.84 14.72 6.31
C SER A 140 -12.06 15.47 5.78
N SER A 141 -13.02 15.71 6.68
CA SER A 141 -14.25 16.40 6.31
C SER A 141 -14.31 17.78 6.97
N GLY A 142 -13.78 18.78 6.29
CA GLY A 142 -13.79 20.14 6.83
C GLY A 142 -14.70 21.06 6.05
N GLY A 1 -20.43 -7.57 24.52
CA GLY A 1 -19.87 -7.12 23.25
C GLY A 1 -18.95 -8.15 22.63
N SER A 2 -17.79 -7.70 22.17
CA SER A 2 -16.82 -8.58 21.54
C SER A 2 -15.42 -8.00 21.63
N SER A 3 -14.41 -8.88 21.58
CA SER A 3 -13.02 -8.45 21.64
C SER A 3 -12.40 -8.39 20.26
N GLY A 4 -12.43 -9.52 19.55
CA GLY A 4 -11.86 -9.57 18.21
C GLY A 4 -10.35 -9.57 18.22
N SER A 5 -9.76 -10.75 18.09
CA SER A 5 -8.30 -10.89 18.09
C SER A 5 -7.87 -12.11 17.27
N SER A 6 -6.56 -12.25 17.08
CA SER A 6 -6.02 -13.36 16.31
C SER A 6 -4.91 -14.06 17.09
N GLY A 7 -3.90 -13.29 17.48
CA GLY A 7 -2.78 -13.85 18.23
C GLY A 7 -1.72 -12.82 18.53
N PHE A 8 -0.64 -12.83 17.75
CA PHE A 8 0.46 -11.90 17.95
C PHE A 8 0.49 -10.85 16.84
N ASP A 9 1.23 -9.79 17.06
CA ASP A 9 1.34 -8.71 16.08
C ASP A 9 2.36 -7.67 16.52
N GLY A 10 3.40 -7.48 15.71
CA GLY A 10 4.43 -6.50 16.05
C GLY A 10 5.43 -6.32 14.94
N ASN A 11 5.02 -5.66 13.86
CA ASN A 11 5.89 -5.43 12.72
C ASN A 11 6.15 -6.72 11.95
N LEU A 12 5.08 -7.39 11.56
CA LEU A 12 5.19 -8.65 10.82
C LEU A 12 5.73 -8.40 9.42
N LYS A 13 6.97 -8.83 9.19
CA LYS A 13 7.61 -8.66 7.88
C LYS A 13 8.50 -9.86 7.56
N ARG A 14 8.77 -10.06 6.28
CA ARG A 14 9.61 -11.17 5.84
C ARG A 14 9.86 -11.09 4.33
N TYR A 15 11.14 -10.96 3.96
CA TYR A 15 11.51 -10.88 2.55
C TYR A 15 12.99 -11.16 2.37
N LEU A 16 13.42 -11.23 1.11
CA LEU A 16 14.82 -11.49 0.80
C LEU A 16 15.35 -10.49 -0.23
N LYS A 17 14.53 -10.16 -1.21
CA LYS A 17 14.90 -9.22 -2.26
C LYS A 17 14.38 -7.82 -1.94
N SER A 18 15.27 -6.84 -1.91
CA SER A 18 14.89 -5.46 -1.61
C SER A 18 15.70 -4.49 -2.47
N GLU A 19 15.15 -3.29 -2.66
CA GLU A 19 15.81 -2.27 -3.47
C GLU A 19 16.38 -1.17 -2.59
N PRO A 20 17.33 -0.39 -3.14
CA PRO A 20 17.98 0.70 -2.41
C PRO A 20 17.03 1.87 -2.15
N ILE A 21 17.18 2.50 -0.99
CA ILE A 21 16.34 3.63 -0.62
C ILE A 21 16.64 4.84 -1.49
N PRO A 22 15.58 5.41 -2.09
CA PRO A 22 15.71 6.58 -2.96
C PRO A 22 16.06 7.85 -2.18
N GLU A 23 16.92 8.67 -2.76
CA GLU A 23 17.35 9.91 -2.11
C GLU A 23 16.16 10.85 -1.91
N SER A 24 15.28 10.90 -2.90
CA SER A 24 14.10 11.76 -2.84
C SER A 24 12.94 11.15 -3.62
N ASN A 25 11.82 10.95 -2.94
CA ASN A 25 10.63 10.38 -3.58
C ASN A 25 9.38 11.18 -3.22
N ASP A 26 9.49 12.50 -3.32
CA ASP A 26 8.37 13.39 -3.01
C ASP A 26 7.45 13.53 -4.21
N GLY A 27 6.99 12.39 -4.74
CA GLY A 27 6.10 12.41 -5.89
C GLY A 27 4.67 12.10 -5.51
N PRO A 28 3.87 11.69 -6.52
CA PRO A 28 2.45 11.36 -6.30
C PRO A 28 2.27 10.07 -5.50
N VAL A 29 3.09 9.07 -5.80
CA VAL A 29 3.02 7.79 -5.11
C VAL A 29 4.34 7.48 -4.41
N LYS A 30 4.33 7.58 -3.08
CA LYS A 30 5.52 7.31 -2.29
C LYS A 30 6.09 5.93 -2.61
N VAL A 31 7.37 5.89 -2.98
CA VAL A 31 8.03 4.63 -3.32
C VAL A 31 8.35 3.83 -2.06
N VAL A 32 7.90 2.58 -2.04
CA VAL A 32 8.13 1.71 -0.90
C VAL A 32 8.96 0.48 -1.31
N VAL A 33 10.12 0.32 -0.69
CA VAL A 33 11.00 -0.80 -0.99
C VAL A 33 11.11 -1.75 0.21
N ALA A 34 11.23 -3.04 -0.07
CA ALA A 34 11.35 -4.04 0.99
C ALA A 34 12.17 -3.50 2.16
N GLU A 35 13.22 -2.75 1.85
CA GLU A 35 14.08 -2.18 2.87
C GLU A 35 13.29 -1.28 3.81
N ASN A 36 12.46 -0.41 3.24
CA ASN A 36 11.65 0.52 4.03
C ASN A 36 10.18 0.16 3.91
N PHE A 37 9.89 -1.10 3.61
CA PHE A 37 8.51 -1.56 3.47
C PHE A 37 7.76 -1.44 4.79
N ASP A 38 8.29 -2.10 5.82
CA ASP A 38 7.66 -2.07 7.14
C ASP A 38 7.72 -0.66 7.72
N GLU A 39 8.42 0.23 7.06
CA GLU A 39 8.55 1.61 7.51
C GLU A 39 7.39 2.46 6.99
N ILE A 40 7.07 2.30 5.72
CA ILE A 40 5.98 3.05 5.10
C ILE A 40 4.69 2.22 5.05
N VAL A 41 4.74 1.10 4.34
CA VAL A 41 3.57 0.23 4.22
C VAL A 41 2.96 -0.05 5.58
N ASN A 42 3.74 -0.68 6.46
CA ASN A 42 3.26 -1.01 7.81
C ASN A 42 3.17 0.24 8.67
N ASN A 43 2.00 0.46 9.26
CA ASN A 43 1.78 1.62 10.12
C ASN A 43 0.42 1.54 10.80
N GLU A 44 0.44 1.29 12.11
CA GLU A 44 -0.80 1.19 12.88
C GLU A 44 -1.24 2.56 13.39
N ASN A 45 -0.90 3.60 12.64
CA ASN A 45 -1.26 4.96 13.00
C ASN A 45 -2.04 5.64 11.88
N LYS A 46 -1.60 5.43 10.65
CA LYS A 46 -2.25 6.01 9.49
C LYS A 46 -2.40 5.00 8.36
N ASP A 47 -3.60 4.87 7.82
CA ASP A 47 -3.87 3.94 6.74
C ASP A 47 -2.90 4.15 5.58
N VAL A 48 -2.63 3.09 4.84
CA VAL A 48 -1.72 3.15 3.71
C VAL A 48 -2.16 2.21 2.59
N LEU A 49 -1.80 2.55 1.36
CA LEU A 49 -2.16 1.74 0.21
C LEU A 49 -0.92 1.34 -0.59
N ILE A 50 -0.75 0.04 -0.81
CA ILE A 50 0.40 -0.46 -1.56
C ILE A 50 -0.03 -1.09 -2.88
N GLU A 51 0.60 -0.67 -3.97
CA GLU A 51 0.28 -1.19 -5.30
C GLU A 51 1.52 -1.78 -5.97
N PHE A 52 1.50 -3.10 -6.17
CA PHE A 52 2.62 -3.78 -6.81
C PHE A 52 2.51 -3.72 -8.33
N TYR A 53 3.62 -3.39 -8.98
CA TYR A 53 3.65 -3.29 -10.44
C TYR A 53 4.97 -3.80 -10.99
N ALA A 54 5.03 -3.97 -12.31
CA ALA A 54 6.24 -4.44 -12.97
C ALA A 54 6.66 -3.51 -14.10
N PRO A 55 7.95 -3.14 -14.11
CA PRO A 55 8.50 -2.24 -15.14
C PRO A 55 8.57 -2.90 -16.50
N TRP A 56 8.34 -4.21 -16.54
CA TRP A 56 8.38 -4.95 -17.80
C TRP A 56 7.00 -5.52 -18.13
N CYS A 57 6.01 -5.17 -17.32
CA CYS A 57 4.64 -5.64 -17.54
C CYS A 57 3.79 -4.56 -18.20
N GLY A 58 3.15 -4.91 -19.30
CA GLY A 58 2.31 -3.96 -20.00
C GLY A 58 1.10 -3.53 -19.20
N HIS A 59 0.27 -4.50 -18.81
CA HIS A 59 -0.93 -4.23 -18.03
C HIS A 59 -0.63 -3.21 -16.93
N CYS A 60 0.48 -3.42 -16.22
CA CYS A 60 0.88 -2.52 -15.14
C CYS A 60 1.32 -1.17 -15.70
N LYS A 61 2.11 -1.20 -16.77
CA LYS A 61 2.60 0.02 -17.39
C LYS A 61 1.44 0.94 -17.76
N ASN A 62 0.33 0.35 -18.19
CA ASN A 62 -0.84 1.11 -18.58
C ASN A 62 -1.56 1.67 -17.36
N LEU A 63 -1.47 0.95 -16.25
CA LEU A 63 -2.12 1.37 -15.01
C LEU A 63 -1.25 2.38 -14.26
N GLU A 64 0.04 2.40 -14.58
CA GLU A 64 0.98 3.32 -13.94
C GLU A 64 0.35 4.70 -13.78
N PRO A 65 -0.07 5.29 -14.92
CA PRO A 65 -0.69 6.61 -14.92
C PRO A 65 -2.08 6.61 -14.29
N LYS A 66 -2.75 5.48 -14.35
CA LYS A 66 -4.08 5.34 -13.78
C LYS A 66 -4.03 5.34 -12.25
N TYR A 67 -2.92 4.82 -11.71
CA TYR A 67 -2.75 4.77 -10.26
C TYR A 67 -2.06 6.03 -9.74
N LYS A 68 -1.12 6.54 -10.53
CA LYS A 68 -0.37 7.73 -10.16
C LYS A 68 -1.32 8.83 -9.68
N GLU A 69 -2.30 9.16 -10.52
CA GLU A 69 -3.28 10.19 -10.18
C GLU A 69 -3.75 10.06 -8.74
N LEU A 70 -4.26 8.88 -8.40
CA LEU A 70 -4.74 8.61 -7.05
C LEU A 70 -3.79 9.17 -6.01
N GLY A 71 -2.49 9.05 -6.28
CA GLY A 71 -1.49 9.54 -5.36
C GLY A 71 -1.59 11.04 -5.13
N GLU A 72 -1.34 11.80 -6.19
CA GLU A 72 -1.40 13.25 -6.11
C GLU A 72 -2.80 13.72 -5.71
N LYS A 73 -3.80 12.91 -6.06
CA LYS A 73 -5.19 13.24 -5.74
C LYS A 73 -5.43 13.18 -4.24
N LEU A 74 -4.95 12.11 -3.60
CA LEU A 74 -5.12 11.93 -2.16
C LEU A 74 -4.01 12.67 -1.40
N SER A 75 -3.16 13.38 -2.13
CA SER A 75 -2.06 14.11 -1.52
C SER A 75 -2.57 14.97 -0.35
N LYS A 76 -3.85 15.30 -0.39
CA LYS A 76 -4.46 16.11 0.67
C LYS A 76 -5.09 15.21 1.74
N ASP A 77 -4.60 13.98 1.84
CA ASP A 77 -5.12 13.04 2.82
C ASP A 77 -4.15 12.89 4.00
N PRO A 78 -4.43 13.61 5.09
CA PRO A 78 -3.59 13.57 6.29
C PRO A 78 -3.70 12.25 7.03
N ASN A 79 -4.54 11.36 6.52
CA ASN A 79 -4.73 10.05 7.13
C ASN A 79 -4.30 8.93 6.17
N ILE A 80 -4.67 9.07 4.91
CA ILE A 80 -4.32 8.08 3.89
C ILE A 80 -3.03 8.45 3.18
N VAL A 81 -2.25 7.43 2.83
CA VAL A 81 -0.98 7.64 2.15
C VAL A 81 -0.78 6.63 1.04
N ILE A 82 -0.90 7.07 -0.21
CA ILE A 82 -0.74 6.19 -1.36
C ILE A 82 0.74 5.92 -1.63
N ALA A 83 1.07 4.66 -1.90
CA ALA A 83 2.44 4.27 -2.18
C ALA A 83 2.50 3.15 -3.21
N LYS A 84 3.69 2.86 -3.71
CA LYS A 84 3.89 1.81 -4.69
C LYS A 84 5.20 1.08 -4.46
N MET A 85 5.22 -0.21 -4.82
CA MET A 85 6.43 -1.02 -4.65
C MET A 85 6.58 -2.01 -5.79
N ASP A 86 7.80 -2.17 -6.28
CA ASP A 86 8.08 -3.09 -7.38
C ASP A 86 8.34 -4.50 -6.85
N ALA A 87 7.37 -5.40 -7.05
CA ALA A 87 7.50 -6.77 -6.60
C ALA A 87 8.73 -7.44 -7.19
N THR A 88 8.85 -7.36 -8.52
CA THR A 88 9.98 -7.95 -9.22
C THR A 88 11.31 -7.36 -8.73
N ALA A 89 11.22 -6.22 -8.06
CA ALA A 89 12.41 -5.56 -7.54
C ALA A 89 12.50 -5.70 -6.03
N ASN A 90 11.54 -6.40 -5.44
CA ASN A 90 11.52 -6.61 -3.99
C ASN A 90 10.58 -7.76 -3.64
N ASP A 91 11.12 -8.74 -2.92
CA ASP A 91 10.33 -9.89 -2.50
C ASP A 91 9.10 -9.46 -1.72
N VAL A 92 7.94 -9.99 -2.11
CA VAL A 92 6.69 -9.65 -1.43
C VAL A 92 6.54 -10.42 -0.12
N PRO A 93 6.31 -9.67 0.97
CA PRO A 93 6.16 -10.27 2.30
C PRO A 93 4.85 -11.04 2.44
N SER A 94 4.47 -11.33 3.68
CA SER A 94 3.23 -12.07 3.94
C SER A 94 2.36 -11.33 4.94
N PRO A 95 1.07 -11.67 4.97
CA PRO A 95 0.50 -12.71 4.09
C PRO A 95 0.46 -12.28 2.63
N TYR A 96 0.86 -11.03 2.38
CA TYR A 96 0.86 -10.50 1.02
C TYR A 96 1.24 -11.58 0.01
N GLU A 97 0.39 -11.78 -0.98
CA GLU A 97 0.64 -12.77 -2.02
C GLU A 97 0.48 -12.17 -3.41
N VAL A 98 1.52 -12.30 -4.23
CA VAL A 98 1.50 -11.77 -5.59
C VAL A 98 1.95 -12.82 -6.60
N ARG A 99 0.99 -13.39 -7.32
CA ARG A 99 1.31 -14.41 -8.31
C ARG A 99 1.18 -13.84 -9.72
N GLY A 100 0.22 -12.93 -9.92
CA GLY A 100 0.02 -12.33 -11.22
C GLY A 100 -0.23 -10.84 -11.13
N PHE A 101 0.44 -10.07 -11.99
CA PHE A 101 0.29 -8.62 -12.00
C PHE A 101 -0.68 -8.19 -13.09
N PRO A 102 -1.28 -7.00 -12.92
CA PRO A 102 -1.02 -6.14 -11.75
C PRO A 102 -1.59 -6.74 -10.47
N THR A 103 -1.16 -6.19 -9.33
CA THR A 103 -1.63 -6.67 -8.04
C THR A 103 -1.69 -5.52 -7.02
N ILE A 104 -2.90 -5.05 -6.74
CA ILE A 104 -3.09 -3.96 -5.79
C ILE A 104 -3.44 -4.49 -4.40
N TYR A 105 -2.91 -3.86 -3.37
CA TYR A 105 -3.16 -4.27 -1.99
C TYR A 105 -3.31 -3.06 -1.09
N PHE A 106 -3.94 -3.27 0.07
CA PHE A 106 -4.15 -2.19 1.04
C PHE A 106 -3.71 -2.61 2.43
N SER A 107 -3.08 -1.68 3.15
CA SER A 107 -2.60 -1.96 4.50
C SER A 107 -3.43 -1.22 5.53
N PRO A 108 -4.39 -1.94 6.15
CA PRO A 108 -5.28 -1.37 7.17
C PRO A 108 -4.54 -1.06 8.47
N ALA A 109 -5.19 -0.30 9.34
CA ALA A 109 -4.60 0.07 10.63
C ALA A 109 -4.79 -1.04 11.65
N ASN A 110 -3.71 -1.45 12.29
CA ASN A 110 -3.75 -2.51 13.29
C ASN A 110 -4.36 -3.78 12.72
N LYS A 111 -4.18 -3.98 11.41
CA LYS A 111 -4.70 -5.16 10.73
C LYS A 111 -3.65 -5.77 9.81
N LYS A 112 -2.42 -5.81 10.28
CA LYS A 112 -1.32 -6.38 9.50
C LYS A 112 -1.54 -7.87 9.25
N LEU A 113 -2.14 -8.54 10.22
CA LEU A 113 -2.42 -9.97 10.10
C LEU A 113 -3.45 -10.24 9.01
N ASN A 114 -4.43 -9.34 8.90
CA ASN A 114 -5.48 -9.48 7.91
C ASN A 114 -5.57 -8.24 7.02
N PRO A 115 -4.68 -8.18 6.01
CA PRO A 115 -4.64 -7.04 5.07
C PRO A 115 -5.85 -7.01 4.14
N LYS A 116 -5.91 -6.00 3.29
CA LYS A 116 -7.01 -5.85 2.35
C LYS A 116 -6.53 -5.99 0.92
N LYS A 117 -7.18 -6.88 0.16
CA LYS A 117 -6.81 -7.10 -1.23
C LYS A 117 -7.77 -6.40 -2.18
N TYR A 118 -7.30 -5.33 -2.80
CA TYR A 118 -8.13 -4.56 -3.73
C TYR A 118 -8.70 -5.46 -4.82
N GLU A 119 -10.01 -5.71 -4.75
CA GLU A 119 -10.68 -6.56 -5.73
C GLU A 119 -11.87 -5.82 -6.36
N GLY A 120 -11.60 -5.13 -7.47
CA GLY A 120 -12.66 -4.40 -8.15
C GLY A 120 -12.19 -3.83 -9.49
N GLY A 121 -12.52 -2.58 -9.73
CA GLY A 121 -12.14 -1.94 -10.98
C GLY A 121 -10.88 -1.11 -10.83
N ARG A 122 -10.01 -1.17 -11.84
CA ARG A 122 -8.75 -0.42 -11.82
C ARG A 122 -8.97 1.00 -12.32
N GLU A 123 -10.11 1.59 -11.97
CA GLU A 123 -10.42 2.95 -12.38
C GLU A 123 -10.10 3.95 -11.27
N LEU A 124 -9.35 5.00 -11.63
CA LEU A 124 -8.97 6.02 -10.67
C LEU A 124 -10.07 6.24 -9.63
N SER A 125 -11.27 6.54 -10.11
CA SER A 125 -12.41 6.77 -9.24
C SER A 125 -12.66 5.57 -8.33
N ASP A 126 -12.64 4.37 -8.93
CA ASP A 126 -12.87 3.14 -8.19
C ASP A 126 -11.92 3.06 -7.00
N PHE A 127 -10.71 3.59 -7.16
CA PHE A 127 -9.72 3.56 -6.10
C PHE A 127 -10.08 4.55 -5.00
N ILE A 128 -10.56 5.73 -5.39
CA ILE A 128 -10.93 6.76 -4.44
C ILE A 128 -12.06 6.29 -3.53
N SER A 129 -13.18 5.89 -4.14
CA SER A 129 -14.33 5.41 -3.38
C SER A 129 -13.98 4.15 -2.59
N TYR A 130 -13.13 3.31 -3.18
CA TYR A 130 -12.71 2.08 -2.53
C TYR A 130 -12.17 2.35 -1.12
N LEU A 131 -11.28 3.33 -1.02
CA LEU A 131 -10.69 3.69 0.27
C LEU A 131 -11.67 4.49 1.12
N GLN A 132 -12.43 5.37 0.47
CA GLN A 132 -13.41 6.20 1.17
C GLN A 132 -14.14 5.38 2.23
N ARG A 133 -14.48 4.14 1.90
CA ARG A 133 -15.19 3.26 2.82
C ARG A 133 -14.20 2.43 3.64
N GLU A 134 -13.46 1.56 2.94
CA GLU A 134 -12.48 0.70 3.60
C GLU A 134 -11.71 1.47 4.66
N ALA A 135 -11.01 2.52 4.24
CA ALA A 135 -10.22 3.34 5.15
C ALA A 135 -10.91 3.46 6.51
N THR A 136 -10.26 2.94 7.54
CA THR A 136 -10.80 2.99 8.89
C THR A 136 -11.59 4.28 9.13
N SER A 137 -10.86 5.38 9.31
CA SER A 137 -11.48 6.67 9.55
C SER A 137 -12.05 7.25 8.25
N GLY A 138 -11.20 7.38 7.24
CA GLY A 138 -11.63 7.90 5.97
C GLY A 138 -11.26 9.37 5.79
N PRO A 139 -11.64 9.94 4.64
CA PRO A 139 -11.36 11.34 4.33
C PRO A 139 -12.16 12.31 5.19
N SER A 140 -11.49 13.35 5.68
CA SER A 140 -12.14 14.34 6.53
C SER A 140 -13.27 15.04 5.79
N SER A 141 -14.46 15.02 6.37
CA SER A 141 -15.63 15.65 5.76
C SER A 141 -16.09 16.84 6.59
N GLY A 142 -15.15 17.64 7.05
CA GLY A 142 -15.48 18.80 7.85
C GLY A 142 -16.43 19.75 7.13
N GLY A 1 -10.07 -14.44 35.94
CA GLY A 1 -10.40 -14.85 34.60
C GLY A 1 -10.38 -13.68 33.62
N SER A 2 -9.42 -13.69 32.71
CA SER A 2 -9.28 -12.63 31.72
C SER A 2 -8.95 -13.20 30.35
N SER A 3 -9.17 -12.40 29.32
CA SER A 3 -8.89 -12.83 27.94
C SER A 3 -7.40 -12.77 27.65
N GLY A 4 -6.99 -13.45 26.58
CA GLY A 4 -5.58 -13.47 26.20
C GLY A 4 -5.08 -12.10 25.80
N SER A 5 -3.87 -11.75 26.27
CA SER A 5 -3.28 -10.46 25.97
C SER A 5 -2.13 -10.62 24.97
N SER A 6 -2.42 -10.41 23.69
CA SER A 6 -1.41 -10.53 22.65
C SER A 6 -1.51 -9.36 21.66
N GLY A 7 -0.37 -8.72 21.42
CA GLY A 7 -0.35 -7.59 20.51
C GLY A 7 0.74 -7.71 19.46
N PHE A 8 1.56 -6.67 19.33
CA PHE A 8 2.64 -6.67 18.36
C PHE A 8 3.36 -8.01 18.35
N ASP A 9 3.55 -8.57 17.15
CA ASP A 9 4.22 -9.86 17.00
C ASP A 9 5.57 -9.68 16.33
N GLY A 10 6.27 -8.61 16.68
CA GLY A 10 7.57 -8.36 16.09
C GLY A 10 7.48 -7.90 14.65
N ASN A 11 8.26 -8.53 13.78
CA ASN A 11 8.26 -8.19 12.37
C ASN A 11 7.54 -9.25 11.54
N LEU A 12 6.23 -9.10 11.42
CA LEU A 12 5.42 -10.05 10.66
C LEU A 12 5.64 -9.86 9.16
N LYS A 13 6.74 -10.42 8.65
CA LYS A 13 7.06 -10.31 7.24
C LYS A 13 8.25 -11.22 6.89
N ARG A 14 8.65 -11.18 5.62
CA ARG A 14 9.77 -11.99 5.16
C ARG A 14 10.10 -11.68 3.70
N TYR A 15 11.38 -11.42 3.43
CA TYR A 15 11.82 -11.10 2.08
C TYR A 15 13.30 -11.41 1.91
N LEU A 16 13.71 -11.68 0.68
CA LEU A 16 15.11 -11.99 0.39
C LEU A 16 15.74 -10.90 -0.47
N LYS A 17 14.95 -10.35 -1.39
CA LYS A 17 15.43 -9.29 -2.27
C LYS A 17 14.79 -7.95 -1.92
N SER A 18 15.46 -6.86 -2.26
CA SER A 18 14.97 -5.52 -1.97
C SER A 18 15.75 -4.47 -2.75
N GLU A 19 15.04 -3.43 -3.20
CA GLU A 19 15.67 -2.36 -3.95
C GLU A 19 16.24 -1.29 -3.02
N PRO A 20 17.15 -0.47 -3.55
CA PRO A 20 17.80 0.60 -2.78
C PRO A 20 16.82 1.74 -2.43
N ILE A 21 16.97 2.28 -1.23
CA ILE A 21 16.11 3.37 -0.79
C ILE A 21 16.43 4.66 -1.52
N PRO A 22 15.38 5.33 -2.03
CA PRO A 22 15.52 6.60 -2.75
C PRO A 22 15.95 7.75 -1.85
N GLU A 23 16.13 8.93 -2.44
CA GLU A 23 16.54 10.10 -1.69
C GLU A 23 15.34 11.03 -1.45
N SER A 24 14.46 11.10 -2.43
CA SER A 24 13.29 11.96 -2.35
C SER A 24 12.10 11.35 -3.10
N ASN A 25 10.99 11.19 -2.40
CA ASN A 25 9.78 10.62 -2.99
C ASN A 25 8.72 11.70 -3.22
N ASP A 26 9.14 12.82 -3.80
CA ASP A 26 8.22 13.92 -4.07
C ASP A 26 7.08 13.46 -4.98
N GLY A 27 7.34 12.44 -5.78
CA GLY A 27 6.32 11.93 -6.68
C GLY A 27 4.96 11.80 -6.02
N PRO A 28 3.92 11.56 -6.83
CA PRO A 28 2.55 11.42 -6.33
C PRO A 28 2.36 10.13 -5.53
N VAL A 29 3.18 9.13 -5.82
CA VAL A 29 3.10 7.85 -5.13
C VAL A 29 4.40 7.53 -4.41
N LYS A 30 4.35 7.51 -3.08
CA LYS A 30 5.53 7.22 -2.28
C LYS A 30 6.11 5.86 -2.64
N VAL A 31 7.41 5.82 -2.89
CA VAL A 31 8.09 4.57 -3.24
C VAL A 31 8.39 3.74 -2.00
N VAL A 32 7.94 2.49 -2.01
CA VAL A 32 8.17 1.58 -0.89
C VAL A 32 8.88 0.31 -1.33
N VAL A 33 10.00 0.00 -0.71
CA VAL A 33 10.77 -1.19 -1.05
C VAL A 33 10.96 -2.08 0.17
N ALA A 34 11.03 -3.39 -0.05
CA ALA A 34 11.21 -4.34 1.03
C ALA A 34 12.07 -3.75 2.15
N GLU A 35 13.11 -3.02 1.76
CA GLU A 35 14.01 -2.40 2.73
C GLU A 35 13.24 -1.51 3.70
N ASN A 36 12.40 -0.65 3.15
CA ASN A 36 11.60 0.27 3.96
C ASN A 36 10.10 -0.03 3.81
N PHE A 37 9.78 -1.31 3.65
CA PHE A 37 8.39 -1.73 3.49
C PHE A 37 7.63 -1.58 4.81
N ASP A 38 8.12 -2.25 5.84
CA ASP A 38 7.48 -2.20 7.16
C ASP A 38 7.59 -0.80 7.76
N GLU A 39 8.32 0.07 7.07
CA GLU A 39 8.50 1.44 7.54
C GLU A 39 7.38 2.34 7.06
N ILE A 40 7.07 2.25 5.77
CA ILE A 40 6.00 3.05 5.18
C ILE A 40 4.69 2.27 5.10
N VAL A 41 4.73 1.13 4.41
CA VAL A 41 3.54 0.29 4.27
C VAL A 41 2.88 0.04 5.61
N ASN A 42 3.61 -0.59 6.53
CA ASN A 42 3.10 -0.89 7.86
C ASN A 42 2.91 0.39 8.66
N ASN A 43 1.71 0.58 9.20
CA ASN A 43 1.41 1.76 10.00
C ASN A 43 0.01 1.66 10.60
N GLU A 44 -0.05 1.66 11.94
CA GLU A 44 -1.33 1.56 12.64
C GLU A 44 -1.84 2.94 13.03
N ASN A 45 -1.08 3.97 12.67
CA ASN A 45 -1.45 5.35 12.97
C ASN A 45 -2.17 6.00 11.81
N LYS A 46 -1.73 5.67 10.59
CA LYS A 46 -2.33 6.22 9.39
C LYS A 46 -2.46 5.15 8.30
N ASP A 47 -3.59 5.15 7.60
CA ASP A 47 -3.83 4.18 6.54
C ASP A 47 -2.75 4.27 5.47
N VAL A 48 -2.51 3.16 4.78
CA VAL A 48 -1.51 3.12 3.72
C VAL A 48 -1.91 2.13 2.63
N LEU A 49 -1.61 2.48 1.38
CA LEU A 49 -1.94 1.63 0.25
C LEU A 49 -0.67 1.19 -0.48
N ILE A 50 -0.64 -0.06 -0.92
CA ILE A 50 0.50 -0.59 -1.65
C ILE A 50 0.07 -1.24 -2.95
N GLU A 51 0.82 -0.95 -4.02
CA GLU A 51 0.52 -1.51 -5.33
C GLU A 51 1.74 -2.20 -5.93
N PHE A 52 1.60 -3.49 -6.23
CA PHE A 52 2.70 -4.26 -6.80
C PHE A 52 2.59 -4.31 -8.33
N TYR A 53 3.62 -3.78 -9.00
CA TYR A 53 3.64 -3.75 -10.46
C TYR A 53 4.93 -4.37 -10.99
N ALA A 54 5.05 -4.42 -12.31
CA ALA A 54 6.23 -4.98 -12.95
C ALA A 54 6.68 -4.14 -14.13
N PRO A 55 7.99 -3.88 -14.21
CA PRO A 55 8.58 -3.08 -15.29
C PRO A 55 8.54 -3.80 -16.64
N TRP A 56 8.33 -5.11 -16.59
CA TRP A 56 8.26 -5.91 -17.81
C TRP A 56 6.82 -6.31 -18.12
N CYS A 57 5.88 -5.79 -17.35
CA CYS A 57 4.47 -6.09 -17.54
C CYS A 57 3.73 -4.90 -18.15
N GLY A 58 3.28 -5.07 -19.39
CA GLY A 58 2.57 -4.00 -20.06
C GLY A 58 1.33 -3.54 -19.31
N HIS A 59 0.43 -4.48 -19.04
CA HIS A 59 -0.80 -4.18 -18.32
C HIS A 59 -0.52 -3.23 -17.16
N CYS A 60 0.62 -3.40 -16.51
CA CYS A 60 1.01 -2.56 -15.38
C CYS A 60 1.44 -1.18 -15.86
N LYS A 61 2.08 -1.14 -17.02
CA LYS A 61 2.55 0.12 -17.59
C LYS A 61 1.39 1.05 -17.89
N ASN A 62 0.26 0.47 -18.30
CA ASN A 62 -0.92 1.26 -18.62
C ASN A 62 -1.59 1.78 -17.34
N LEU A 63 -1.42 1.04 -16.24
CA LEU A 63 -1.99 1.42 -14.96
C LEU A 63 -1.13 2.48 -14.27
N GLU A 64 0.15 2.50 -14.60
CA GLU A 64 1.07 3.46 -14.02
C GLU A 64 0.40 4.81 -13.81
N PRO A 65 -0.09 5.39 -14.93
CA PRO A 65 -0.77 6.69 -14.89
C PRO A 65 -2.12 6.63 -14.20
N LYS A 66 -2.79 5.48 -14.31
CA LYS A 66 -4.09 5.28 -13.70
C LYS A 66 -3.98 5.26 -12.18
N TYR A 67 -2.83 4.82 -11.68
CA TYR A 67 -2.60 4.75 -10.24
C TYR A 67 -1.93 6.03 -9.74
N LYS A 68 -1.00 6.55 -10.53
CA LYS A 68 -0.28 7.76 -10.17
C LYS A 68 -1.24 8.87 -9.76
N GLU A 69 -2.14 9.22 -10.66
CA GLU A 69 -3.13 10.26 -10.39
C GLU A 69 -3.68 10.13 -8.97
N LEU A 70 -4.10 8.92 -8.62
CA LEU A 70 -4.65 8.66 -7.29
C LEU A 70 -3.77 9.27 -6.20
N GLY A 71 -2.46 9.14 -6.37
CA GLY A 71 -1.52 9.68 -5.40
C GLY A 71 -1.71 11.17 -5.18
N GLU A 72 -1.43 11.96 -6.21
CA GLU A 72 -1.58 13.40 -6.11
C GLU A 72 -3.03 13.80 -5.85
N LYS A 73 -3.95 12.94 -6.28
CA LYS A 73 -5.37 13.18 -6.10
C LYS A 73 -5.76 13.06 -4.63
N LEU A 74 -5.18 12.07 -3.94
CA LEU A 74 -5.47 11.85 -2.54
C LEU A 74 -4.69 12.83 -1.66
N SER A 75 -3.99 13.76 -2.30
CA SER A 75 -3.20 14.75 -1.58
C SER A 75 -4.07 15.54 -0.61
N LYS A 76 -5.39 15.39 -0.75
CA LYS A 76 -6.33 16.08 0.11
C LYS A 76 -6.52 15.34 1.43
N ASP A 77 -6.17 14.06 1.44
CA ASP A 77 -6.30 13.24 2.63
C ASP A 77 -4.96 13.12 3.36
N PRO A 78 -4.80 13.91 4.43
CA PRO A 78 -3.57 13.91 5.23
C PRO A 78 -3.39 12.62 6.03
N ASN A 79 -4.37 11.74 5.93
CA ASN A 79 -4.32 10.46 6.64
C ASN A 79 -4.07 9.31 5.67
N ILE A 80 -4.58 9.44 4.45
CA ILE A 80 -4.42 8.41 3.44
C ILE A 80 -3.18 8.68 2.58
N VAL A 81 -2.22 7.77 2.62
CA VAL A 81 -0.99 7.91 1.85
C VAL A 81 -0.85 6.76 0.84
N ILE A 82 -0.67 7.13 -0.43
CA ILE A 82 -0.51 6.13 -1.49
C ILE A 82 0.97 5.83 -1.73
N ALA A 83 1.28 4.55 -1.91
CA ALA A 83 2.64 4.14 -2.16
C ALA A 83 2.68 2.97 -3.15
N LYS A 84 3.86 2.76 -3.76
CA LYS A 84 4.02 1.68 -4.72
C LYS A 84 5.28 0.86 -4.41
N MET A 85 5.29 -0.38 -4.88
CA MET A 85 6.43 -1.27 -4.65
C MET A 85 6.57 -2.28 -5.79
N ASP A 86 7.79 -2.43 -6.29
CA ASP A 86 8.05 -3.36 -7.38
C ASP A 86 8.45 -4.73 -6.83
N ALA A 87 7.48 -5.63 -6.73
CA ALA A 87 7.74 -6.97 -6.22
C ALA A 87 8.90 -7.63 -6.98
N THR A 88 8.73 -7.79 -8.29
CA THR A 88 9.74 -8.41 -9.12
C THR A 88 11.14 -7.90 -8.75
N ALA A 89 11.19 -6.69 -8.22
CA ALA A 89 12.46 -6.08 -7.82
C ALA A 89 12.71 -6.26 -6.31
N ASN A 90 11.62 -6.33 -5.55
CA ASN A 90 11.72 -6.50 -4.11
C ASN A 90 10.74 -7.56 -3.62
N ASP A 91 11.27 -8.66 -3.09
CA ASP A 91 10.45 -9.74 -2.59
C ASP A 91 9.33 -9.21 -1.69
N VAL A 92 8.11 -9.67 -1.95
CA VAL A 92 6.96 -9.24 -1.17
C VAL A 92 6.86 -10.00 0.15
N PRO A 93 6.65 -9.27 1.24
CA PRO A 93 6.54 -9.85 2.58
C PRO A 93 5.25 -10.65 2.75
N SER A 94 4.91 -10.98 4.00
CA SER A 94 3.72 -11.75 4.30
C SER A 94 2.82 -11.00 5.29
N PRO A 95 1.54 -11.40 5.34
CA PRO A 95 1.01 -12.48 4.50
C PRO A 95 0.93 -12.09 3.02
N TYR A 96 1.18 -10.80 2.74
CA TYR A 96 1.13 -10.31 1.38
C TYR A 96 1.61 -11.37 0.39
N GLU A 97 0.75 -11.68 -0.59
CA GLU A 97 1.08 -12.68 -1.60
C GLU A 97 0.85 -12.13 -3.00
N VAL A 98 1.92 -12.10 -3.79
CA VAL A 98 1.84 -11.60 -5.16
C VAL A 98 2.28 -12.66 -6.16
N ARG A 99 1.31 -13.37 -6.72
CA ARG A 99 1.59 -14.42 -7.69
C ARG A 99 1.44 -13.90 -9.12
N GLY A 100 0.37 -13.13 -9.35
CA GLY A 100 0.13 -12.59 -10.67
C GLY A 100 -0.09 -11.08 -10.65
N PHE A 101 0.65 -10.37 -11.48
CA PHE A 101 0.54 -8.91 -11.54
C PHE A 101 -0.38 -8.49 -12.69
N PRO A 102 -0.95 -7.28 -12.58
CA PRO A 102 -0.73 -6.41 -11.42
C PRO A 102 -1.37 -6.95 -10.15
N THR A 103 -0.95 -6.42 -9.00
CA THR A 103 -1.49 -6.84 -7.72
C THR A 103 -1.56 -5.67 -6.75
N ILE A 104 -2.78 -5.19 -6.50
CA ILE A 104 -2.98 -4.07 -5.58
C ILE A 104 -3.36 -4.58 -4.19
N TYR A 105 -2.77 -3.98 -3.16
CA TYR A 105 -3.04 -4.36 -1.78
C TYR A 105 -3.24 -3.13 -0.91
N PHE A 106 -3.90 -3.32 0.23
CA PHE A 106 -4.16 -2.23 1.16
C PHE A 106 -3.72 -2.59 2.57
N SER A 107 -3.03 -1.68 3.23
CA SER A 107 -2.55 -1.90 4.58
C SER A 107 -3.36 -1.09 5.60
N PRO A 108 -4.42 -1.71 6.13
CA PRO A 108 -5.29 -1.05 7.11
C PRO A 108 -4.61 -0.87 8.46
N ALA A 109 -5.24 -0.09 9.34
CA ALA A 109 -4.69 0.17 10.66
C ALA A 109 -5.00 -0.98 11.62
N ASN A 110 -4.02 -1.33 12.45
CA ASN A 110 -4.19 -2.42 13.41
C ASN A 110 -4.93 -3.60 12.78
N LYS A 111 -4.73 -3.78 11.48
CA LYS A 111 -5.38 -4.87 10.76
C LYS A 111 -4.36 -5.67 9.96
N LYS A 112 -3.16 -5.81 10.51
CA LYS A 112 -2.09 -6.55 9.85
C LYS A 112 -2.46 -8.03 9.73
N LEU A 113 -2.72 -8.67 10.87
CA LEU A 113 -3.09 -10.08 10.90
C LEU A 113 -3.93 -10.45 9.67
N ASN A 114 -4.85 -9.57 9.31
CA ASN A 114 -5.71 -9.80 8.15
C ASN A 114 -5.83 -8.53 7.30
N PRO A 115 -4.95 -8.43 6.29
CA PRO A 115 -4.92 -7.28 5.38
C PRO A 115 -6.14 -7.25 4.46
N LYS A 116 -6.14 -6.32 3.50
CA LYS A 116 -7.23 -6.19 2.56
C LYS A 116 -6.71 -5.99 1.14
N LYS A 117 -7.09 -6.90 0.25
CA LYS A 117 -6.65 -6.82 -1.15
C LYS A 117 -7.65 -6.01 -1.97
N TYR A 118 -7.15 -4.97 -2.64
CA TYR A 118 -7.99 -4.12 -3.47
C TYR A 118 -8.70 -4.94 -4.55
N GLU A 119 -9.93 -5.33 -4.27
CA GLU A 119 -10.72 -6.11 -5.22
C GLU A 119 -11.85 -5.28 -5.81
N GLY A 120 -11.61 -4.69 -6.97
CA GLY A 120 -12.62 -3.88 -7.62
C GLY A 120 -12.17 -3.35 -8.96
N GLY A 121 -12.70 -2.20 -9.36
CA GLY A 121 -12.33 -1.60 -10.63
C GLY A 121 -11.05 -0.78 -10.55
N ARG A 122 -10.17 -0.96 -11.52
CA ARG A 122 -8.90 -0.23 -11.55
C ARG A 122 -9.10 1.18 -12.10
N GLU A 123 -10.14 1.85 -11.63
CA GLU A 123 -10.44 3.20 -12.08
C GLU A 123 -9.99 4.24 -11.05
N LEU A 124 -9.38 5.31 -11.52
CA LEU A 124 -8.90 6.37 -10.64
C LEU A 124 -9.91 6.65 -9.53
N SER A 125 -11.16 6.89 -9.91
CA SER A 125 -12.21 7.16 -8.95
C SER A 125 -12.50 5.93 -8.08
N ASP A 126 -12.64 4.78 -8.73
CA ASP A 126 -12.91 3.55 -8.02
C ASP A 126 -11.98 3.38 -6.81
N PHE A 127 -10.74 3.82 -6.98
CA PHE A 127 -9.75 3.74 -5.90
C PHE A 127 -10.09 4.71 -4.78
N ILE A 128 -10.44 5.94 -5.15
CA ILE A 128 -10.78 6.97 -4.17
C ILE A 128 -11.94 6.52 -3.28
N SER A 129 -13.05 6.17 -3.91
CA SER A 129 -14.23 5.72 -3.18
C SER A 129 -13.96 4.41 -2.47
N TYR A 130 -13.01 3.64 -2.98
CA TYR A 130 -12.66 2.35 -2.41
C TYR A 130 -12.09 2.53 -0.99
N LEU A 131 -11.12 3.42 -0.87
CA LEU A 131 -10.50 3.68 0.43
C LEU A 131 -11.44 4.45 1.34
N GLN A 132 -12.15 5.43 0.78
CA GLN A 132 -13.09 6.23 1.55
C GLN A 132 -13.82 5.37 2.57
N ARG A 133 -14.19 4.16 2.17
CA ARG A 133 -14.90 3.24 3.05
C ARG A 133 -13.96 2.18 3.62
N GLU A 134 -13.22 1.53 2.72
CA GLU A 134 -12.28 0.49 3.13
C GLU A 134 -11.34 1.01 4.22
N ALA A 135 -10.63 2.09 3.93
CA ALA A 135 -9.71 2.68 4.89
C ALA A 135 -10.45 3.22 6.11
N THR A 136 -9.79 3.16 7.27
CA THR A 136 -10.39 3.64 8.50
C THR A 136 -10.39 5.16 8.56
N SER A 137 -9.24 5.76 8.27
CA SER A 137 -9.09 7.21 8.29
C SER A 137 -10.30 7.88 7.63
N GLY A 138 -10.41 7.71 6.32
CA GLY A 138 -11.52 8.31 5.59
C GLY A 138 -11.44 9.82 5.55
N PRO A 139 -11.70 10.40 4.36
CA PRO A 139 -11.66 11.85 4.17
C PRO A 139 -12.81 12.56 4.87
N SER A 140 -14.02 12.05 4.67
CA SER A 140 -15.21 12.65 5.28
C SER A 140 -16.25 11.58 5.58
N SER A 141 -16.71 11.53 6.83
CA SER A 141 -17.71 10.55 7.23
C SER A 141 -18.78 11.21 8.11
N GLY A 142 -20.04 10.90 7.81
CA GLY A 142 -21.14 11.46 8.57
C GLY A 142 -21.86 12.56 7.81
N GLY A 1 -2.88 -2.20 38.51
CA GLY A 1 -3.18 -1.87 37.13
C GLY A 1 -2.90 -3.02 36.18
N SER A 2 -1.67 -3.07 35.66
CA SER A 2 -1.29 -4.13 34.73
C SER A 2 0.22 -4.08 34.47
N SER A 3 0.74 -5.14 33.86
CA SER A 3 2.16 -5.22 33.55
C SER A 3 2.39 -5.18 32.03
N GLY A 4 1.66 -4.31 31.36
CA GLY A 4 1.79 -4.17 29.91
C GLY A 4 1.27 -5.39 29.18
N SER A 5 -0.05 -5.57 29.19
CA SER A 5 -0.68 -6.70 28.52
C SER A 5 -0.89 -6.40 27.04
N SER A 6 -1.38 -5.21 26.74
CA SER A 6 -1.63 -4.80 25.36
C SER A 6 -0.55 -3.85 24.87
N GLY A 7 0.07 -4.19 23.75
CA GLY A 7 1.12 -3.36 23.19
C GLY A 7 1.06 -3.29 21.67
N PHE A 8 2.08 -2.68 21.06
CA PHE A 8 2.14 -2.55 19.62
C PHE A 8 2.72 -3.82 18.98
N ASP A 9 1.85 -4.62 18.40
CA ASP A 9 2.27 -5.87 17.76
C ASP A 9 2.20 -5.74 16.24
N GLY A 10 2.60 -6.81 15.54
CA GLY A 10 2.56 -6.80 14.10
C GLY A 10 3.94 -6.89 13.49
N ASN A 11 4.65 -7.97 13.78
CA ASN A 11 6.00 -8.17 13.25
C ASN A 11 5.97 -9.04 11.99
N LEU A 12 5.71 -8.40 10.85
CA LEU A 12 5.66 -9.12 9.58
C LEU A 12 6.68 -8.55 8.60
N LYS A 13 7.96 -8.70 8.95
CA LYS A 13 9.04 -8.21 8.10
C LYS A 13 9.93 -9.36 7.64
N ARG A 14 9.44 -10.15 6.69
CA ARG A 14 10.20 -11.28 6.17
C ARG A 14 10.35 -11.18 4.65
N TYR A 15 11.60 -11.14 4.19
CA TYR A 15 11.87 -11.05 2.75
C TYR A 15 13.33 -11.38 2.47
N LEU A 16 13.59 -11.87 1.26
CA LEU A 16 14.95 -12.23 0.85
C LEU A 16 15.54 -11.16 -0.07
N LYS A 17 14.70 -10.63 -0.96
CA LYS A 17 15.14 -9.60 -1.89
C LYS A 17 14.71 -8.22 -1.43
N SER A 18 15.36 -7.19 -1.94
CA SER A 18 15.05 -5.81 -1.57
C SER A 18 15.83 -4.83 -2.43
N GLU A 19 15.24 -3.66 -2.66
CA GLU A 19 15.88 -2.63 -3.47
C GLU A 19 16.44 -1.52 -2.59
N PRO A 20 17.36 -0.72 -3.16
CA PRO A 20 18.00 0.38 -2.44
C PRO A 20 17.03 1.54 -2.17
N ILE A 21 17.20 2.18 -1.03
CA ILE A 21 16.34 3.30 -0.66
C ILE A 21 16.64 4.53 -1.49
N PRO A 22 15.59 5.17 -2.03
CA PRO A 22 15.72 6.37 -2.86
C PRO A 22 16.18 7.58 -2.05
N GLU A 23 16.33 8.71 -2.73
CA GLU A 23 16.77 9.94 -2.08
C GLU A 23 15.59 10.90 -1.89
N SER A 24 14.67 10.90 -2.84
CA SER A 24 13.51 11.77 -2.79
C SER A 24 12.31 11.13 -3.51
N ASN A 25 11.19 11.03 -2.81
CA ASN A 25 9.98 10.45 -3.38
C ASN A 25 8.91 11.51 -3.61
N ASP A 26 9.34 12.66 -4.13
CA ASP A 26 8.41 13.76 -4.41
C ASP A 26 7.25 13.30 -5.28
N GLY A 27 7.51 12.28 -6.11
CA GLY A 27 6.48 11.77 -6.99
C GLY A 27 5.14 11.64 -6.30
N PRO A 28 4.07 11.45 -7.09
CA PRO A 28 2.71 11.31 -6.56
C PRO A 28 2.51 10.00 -5.81
N VAL A 29 3.37 9.03 -6.08
CA VAL A 29 3.29 7.73 -5.43
C VAL A 29 4.60 7.37 -4.74
N LYS A 30 4.57 7.37 -3.41
CA LYS A 30 5.77 7.04 -2.63
C LYS A 30 6.32 5.68 -3.02
N VAL A 31 7.65 5.59 -3.11
CA VAL A 31 8.31 4.34 -3.49
C VAL A 31 8.68 3.53 -2.25
N VAL A 32 7.99 2.41 -2.06
CA VAL A 32 8.25 1.54 -0.92
C VAL A 32 9.01 0.29 -1.35
N VAL A 33 10.15 0.05 -0.71
CA VAL A 33 10.98 -1.11 -1.03
C VAL A 33 11.15 -2.00 0.20
N ALA A 34 11.21 -3.30 -0.03
CA ALA A 34 11.39 -4.26 1.06
C ALA A 34 12.21 -3.67 2.19
N GLU A 35 13.29 -2.98 1.83
CA GLU A 35 14.16 -2.36 2.83
C GLU A 35 13.36 -1.44 3.75
N ASN A 36 12.56 -0.57 3.15
CA ASN A 36 11.74 0.38 3.92
C ASN A 36 10.25 0.07 3.74
N PHE A 37 9.92 -1.22 3.70
CA PHE A 37 8.54 -1.65 3.53
C PHE A 37 7.76 -1.47 4.84
N ASP A 38 8.26 -2.07 5.91
CA ASP A 38 7.62 -1.98 7.21
C ASP A 38 7.64 -0.54 7.73
N GLU A 39 8.48 0.29 7.12
CA GLU A 39 8.60 1.68 7.53
C GLU A 39 7.45 2.52 6.96
N ILE A 40 7.15 2.30 5.69
CA ILE A 40 6.06 3.03 5.03
C ILE A 40 4.78 2.21 5.01
N VAL A 41 4.85 1.02 4.41
CA VAL A 41 3.69 0.14 4.32
C VAL A 41 3.04 -0.03 5.70
N ASN A 42 3.79 -0.58 6.64
CA ASN A 42 3.28 -0.80 7.99
C ASN A 42 3.17 0.52 8.75
N ASN A 43 1.98 0.78 9.30
CA ASN A 43 1.74 2.00 10.05
C ASN A 43 0.37 1.97 10.73
N GLU A 44 0.37 1.78 12.04
CA GLU A 44 -0.87 1.73 12.80
C GLU A 44 -1.41 3.13 13.06
N ASN A 45 -0.56 4.13 12.85
CA ASN A 45 -0.94 5.52 13.07
C ASN A 45 -1.89 6.00 11.96
N LYS A 46 -1.56 5.67 10.72
CA LYS A 46 -2.37 6.06 9.58
C LYS A 46 -2.48 4.92 8.58
N ASP A 47 -3.49 5.00 7.71
CA ASP A 47 -3.71 3.97 6.69
C ASP A 47 -2.69 4.10 5.57
N VAL A 48 -2.41 2.99 4.91
CA VAL A 48 -1.45 2.98 3.80
C VAL A 48 -1.87 2.00 2.71
N LEU A 49 -1.78 2.43 1.46
CA LEU A 49 -2.15 1.59 0.33
C LEU A 49 -0.93 1.21 -0.50
N ILE A 50 -0.66 -0.08 -0.61
CA ILE A 50 0.48 -0.56 -1.38
C ILE A 50 0.03 -1.20 -2.69
N GLU A 51 0.74 -0.89 -3.76
CA GLU A 51 0.41 -1.42 -5.08
C GLU A 51 1.64 -2.07 -5.73
N PHE A 52 1.56 -3.38 -5.93
CA PHE A 52 2.66 -4.13 -6.53
C PHE A 52 2.50 -4.20 -8.05
N TYR A 53 3.61 -4.04 -8.77
CA TYR A 53 3.59 -4.10 -10.22
C TYR A 53 4.86 -4.75 -10.77
N ALA A 54 4.92 -4.90 -12.08
CA ALA A 54 6.08 -5.51 -12.73
C ALA A 54 6.54 -4.67 -13.92
N PRO A 55 7.85 -4.40 -13.98
CA PRO A 55 8.45 -3.61 -15.06
C PRO A 55 8.45 -4.36 -16.39
N TRP A 56 8.10 -5.64 -16.34
CA TRP A 56 8.06 -6.46 -17.54
C TRP A 56 6.62 -6.83 -17.91
N CYS A 57 5.68 -6.02 -17.45
CA CYS A 57 4.27 -6.26 -17.72
C CYS A 57 3.57 -4.97 -18.15
N GLY A 58 3.23 -4.89 -19.43
CA GLY A 58 2.56 -3.71 -19.95
C GLY A 58 1.47 -3.21 -19.02
N HIS A 59 0.78 -4.13 -18.36
CA HIS A 59 -0.30 -3.77 -17.45
C HIS A 59 0.10 -2.59 -16.57
N CYS A 60 1.28 -2.69 -15.96
CA CYS A 60 1.79 -1.63 -15.09
C CYS A 60 1.82 -0.30 -15.83
N LYS A 61 2.26 -0.33 -17.09
CA LYS A 61 2.34 0.87 -17.90
C LYS A 61 0.96 1.48 -18.11
N ASN A 62 -0.03 0.63 -18.34
CA ASN A 62 -1.40 1.09 -18.55
C ASN A 62 -2.01 1.60 -17.25
N LEU A 63 -1.68 0.95 -16.15
CA LEU A 63 -2.19 1.35 -14.84
C LEU A 63 -1.35 2.46 -14.24
N GLU A 64 -0.12 2.60 -14.73
CA GLU A 64 0.79 3.63 -14.23
C GLU A 64 0.05 4.96 -14.04
N PRO A 65 -0.56 5.46 -15.12
CA PRO A 65 -1.31 6.73 -15.08
C PRO A 65 -2.61 6.61 -14.28
N LYS A 66 -3.22 5.44 -14.34
CA LYS A 66 -4.47 5.20 -13.62
C LYS A 66 -4.24 5.22 -12.12
N TYR A 67 -3.03 4.85 -11.70
CA TYR A 67 -2.68 4.82 -10.28
C TYR A 67 -2.03 6.14 -9.86
N LYS A 68 -1.04 6.58 -10.62
CA LYS A 68 -0.34 7.82 -10.33
C LYS A 68 -1.30 8.89 -9.85
N GLU A 69 -2.22 9.29 -10.72
CA GLU A 69 -3.19 10.31 -10.38
C GLU A 69 -3.70 10.13 -8.95
N LEU A 70 -4.05 8.89 -8.61
CA LEU A 70 -4.55 8.58 -7.27
C LEU A 70 -3.58 9.09 -6.20
N GLY A 71 -2.28 8.94 -6.46
CA GLY A 71 -1.29 9.40 -5.52
C GLY A 71 -1.42 10.87 -5.18
N GLU A 72 -1.19 11.73 -6.17
CA GLU A 72 -1.29 13.16 -5.98
C GLU A 72 -2.74 13.58 -5.70
N LYS A 73 -3.68 12.76 -6.16
CA LYS A 73 -5.10 13.04 -5.97
C LYS A 73 -5.48 12.88 -4.50
N LEU A 74 -5.04 11.79 -3.90
CA LEU A 74 -5.34 11.52 -2.50
C LEU A 74 -4.42 12.31 -1.58
N SER A 75 -3.57 13.14 -2.17
CA SER A 75 -2.64 13.95 -1.40
C SER A 75 -3.37 14.76 -0.34
N LYS A 76 -4.57 15.22 -0.67
CA LYS A 76 -5.37 16.00 0.26
C LYS A 76 -5.67 15.21 1.53
N ASP A 77 -5.37 13.92 1.50
CA ASP A 77 -5.60 13.05 2.65
C ASP A 77 -4.30 12.83 3.42
N PRO A 78 -4.14 13.55 4.54
CA PRO A 78 -2.96 13.44 5.39
C PRO A 78 -2.89 12.11 6.13
N ASN A 79 -3.88 11.26 5.89
CA ASN A 79 -3.93 9.95 6.54
C ASN A 79 -3.68 8.83 5.54
N ILE A 80 -4.24 8.99 4.33
CA ILE A 80 -4.07 7.99 3.28
C ILE A 80 -2.81 8.25 2.48
N VAL A 81 -1.85 7.34 2.58
CA VAL A 81 -0.59 7.46 1.86
C VAL A 81 -0.50 6.45 0.72
N ILE A 82 -0.42 6.95 -0.50
CA ILE A 82 -0.34 6.08 -1.68
C ILE A 82 1.12 5.82 -2.05
N ALA A 83 1.48 4.54 -2.10
CA ALA A 83 2.85 4.15 -2.45
C ALA A 83 2.84 2.95 -3.40
N LYS A 84 4.02 2.62 -3.93
CA LYS A 84 4.15 1.49 -4.84
C LYS A 84 5.43 0.70 -4.55
N MET A 85 5.42 -0.57 -4.91
CA MET A 85 6.58 -1.43 -4.70
C MET A 85 6.69 -2.49 -5.79
N ASP A 86 7.91 -2.66 -6.30
CA ASP A 86 8.15 -3.63 -7.37
C ASP A 86 8.42 -5.02 -6.78
N ALA A 87 7.35 -5.78 -6.56
CA ALA A 87 7.46 -7.12 -6.00
C ALA A 87 8.61 -7.88 -6.64
N THR A 88 8.47 -8.19 -7.92
CA THR A 88 9.50 -8.92 -8.65
C THR A 88 10.90 -8.48 -8.23
N ALA A 89 11.02 -7.21 -7.84
CA ALA A 89 12.29 -6.67 -7.41
C ALA A 89 12.50 -6.84 -5.92
N ASN A 90 11.40 -6.73 -5.16
CA ASN A 90 11.46 -6.89 -3.71
C ASN A 90 10.50 -7.98 -3.25
N ASP A 91 11.05 -9.05 -2.69
CA ASP A 91 10.25 -10.16 -2.19
C ASP A 91 9.08 -9.66 -1.34
N VAL A 92 7.87 -9.96 -1.79
CA VAL A 92 6.66 -9.53 -1.08
C VAL A 92 6.44 -10.39 0.17
N PRO A 93 6.42 -9.74 1.34
CA PRO A 93 6.20 -10.42 2.62
C PRO A 93 4.78 -10.92 2.77
N SER A 94 4.47 -11.46 3.95
CA SER A 94 3.14 -12.00 4.23
C SER A 94 2.36 -11.05 5.13
N PRO A 95 1.02 -11.19 5.12
CA PRO A 95 0.35 -12.19 4.29
C PRO A 95 0.43 -11.86 2.80
N TYR A 96 0.62 -10.58 2.49
CA TYR A 96 0.71 -10.13 1.11
C TYR A 96 1.23 -11.25 0.21
N GLU A 97 0.37 -11.72 -0.70
CA GLU A 97 0.74 -12.78 -1.63
C GLU A 97 0.47 -12.36 -3.07
N VAL A 98 1.47 -11.77 -3.70
CA VAL A 98 1.35 -11.33 -5.09
C VAL A 98 1.53 -12.49 -6.06
N ARG A 99 0.42 -13.03 -6.55
CA ARG A 99 0.46 -14.15 -7.48
C ARG A 99 0.31 -13.67 -8.92
N GLY A 100 -0.63 -12.75 -9.13
CA GLY A 100 -0.86 -12.22 -10.46
C GLY A 100 -0.92 -10.70 -10.48
N PHE A 101 -0.20 -10.09 -11.43
CA PHE A 101 -0.17 -8.65 -11.55
C PHE A 101 -1.08 -8.16 -12.67
N PRO A 102 -1.51 -6.90 -12.59
CA PRO A 102 -1.14 -6.01 -11.49
C PRO A 102 -1.78 -6.42 -10.17
N THR A 103 -1.05 -6.22 -9.08
CA THR A 103 -1.55 -6.56 -7.75
C THR A 103 -1.65 -5.33 -6.86
N ILE A 104 -2.84 -5.12 -6.29
CA ILE A 104 -3.06 -3.98 -5.41
C ILE A 104 -3.50 -4.43 -4.03
N TYR A 105 -2.80 -3.94 -3.00
CA TYR A 105 -3.11 -4.29 -1.63
C TYR A 105 -3.28 -3.04 -0.76
N PHE A 106 -4.09 -3.15 0.29
CA PHE A 106 -4.33 -2.03 1.18
C PHE A 106 -4.06 -2.43 2.63
N SER A 107 -3.28 -1.60 3.32
CA SER A 107 -2.94 -1.87 4.72
C SER A 107 -3.79 -1.02 5.66
N PRO A 108 -4.84 -1.65 6.21
CA PRO A 108 -5.76 -0.98 7.14
C PRO A 108 -5.11 -0.67 8.48
N ALA A 109 -5.74 0.21 9.25
CA ALA A 109 -5.22 0.59 10.56
C ALA A 109 -5.54 -0.46 11.61
N ASN A 110 -4.55 -0.81 12.42
CA ASN A 110 -4.73 -1.82 13.47
C ASN A 110 -5.39 -3.07 12.90
N LYS A 111 -5.12 -3.36 11.63
CA LYS A 111 -5.70 -4.53 10.98
C LYS A 111 -4.64 -5.29 10.20
N LYS A 112 -3.41 -5.29 10.72
CA LYS A 112 -2.30 -5.99 10.07
C LYS A 112 -2.61 -7.47 9.91
N LEU A 113 -2.94 -8.13 11.02
CA LEU A 113 -3.27 -9.55 10.99
C LEU A 113 -4.16 -9.89 9.80
N ASN A 114 -5.10 -9.00 9.51
CA ASN A 114 -6.02 -9.21 8.40
C ASN A 114 -6.16 -7.93 7.56
N PRO A 115 -5.28 -7.79 6.56
CA PRO A 115 -5.28 -6.64 5.66
C PRO A 115 -6.51 -6.61 4.75
N LYS A 116 -6.47 -5.74 3.74
CA LYS A 116 -7.56 -5.61 2.78
C LYS A 116 -7.04 -5.55 1.35
N LYS A 117 -7.31 -6.60 0.59
CA LYS A 117 -6.87 -6.66 -0.80
C LYS A 117 -7.83 -5.90 -1.71
N TYR A 118 -7.28 -4.99 -2.52
CA TYR A 118 -8.09 -4.20 -3.43
C TYR A 118 -8.65 -5.06 -4.56
N GLU A 119 -9.92 -5.46 -4.42
CA GLU A 119 -10.58 -6.29 -5.41
C GLU A 119 -11.67 -5.51 -6.13
N GLY A 120 -11.31 -4.86 -7.23
CA GLY A 120 -12.28 -4.09 -8.00
C GLY A 120 -11.72 -3.60 -9.32
N GLY A 121 -12.23 -2.46 -9.79
CA GLY A 121 -11.77 -1.92 -11.06
C GLY A 121 -10.57 -1.00 -10.88
N ARG A 122 -9.62 -1.10 -11.81
CA ARG A 122 -8.42 -0.28 -11.76
C ARG A 122 -8.70 1.14 -12.26
N GLU A 123 -9.82 1.71 -11.85
CA GLU A 123 -10.21 3.05 -12.26
C GLU A 123 -9.89 4.06 -11.17
N LEU A 124 -9.18 5.12 -11.54
CA LEU A 124 -8.81 6.18 -10.59
C LEU A 124 -9.92 6.39 -9.57
N SER A 125 -11.13 6.68 -10.06
CA SER A 125 -12.27 6.92 -9.19
C SER A 125 -12.58 5.67 -8.37
N ASP A 126 -12.63 4.53 -9.03
CA ASP A 126 -12.92 3.26 -8.36
C ASP A 126 -12.09 3.12 -7.09
N PHE A 127 -10.86 3.61 -7.14
CA PHE A 127 -9.97 3.52 -6.00
C PHE A 127 -10.38 4.51 -4.90
N ILE A 128 -10.61 5.76 -5.30
CA ILE A 128 -11.02 6.79 -4.36
C ILE A 128 -12.20 6.32 -3.51
N SER A 129 -13.28 5.93 -4.18
CA SER A 129 -14.48 5.47 -3.49
C SER A 129 -14.18 4.22 -2.66
N TYR A 130 -13.32 3.36 -3.18
CA TYR A 130 -12.95 2.13 -2.49
C TYR A 130 -12.37 2.43 -1.11
N LEU A 131 -11.48 3.41 -1.06
CA LEU A 131 -10.85 3.80 0.20
C LEU A 131 -11.83 4.55 1.09
N GLN A 132 -12.63 5.42 0.48
CA GLN A 132 -13.62 6.20 1.22
C GLN A 132 -14.24 5.37 2.34
N ARG A 133 -14.53 4.11 2.03
CA ARG A 133 -15.14 3.21 3.01
C ARG A 133 -14.09 2.28 3.62
N GLU A 134 -13.45 1.49 2.77
CA GLU A 134 -12.42 0.55 3.23
C GLU A 134 -11.57 1.18 4.32
N ALA A 135 -11.02 2.37 4.04
CA ALA A 135 -10.19 3.06 5.01
C ALA A 135 -11.01 3.53 6.21
N THR A 136 -10.35 3.65 7.36
CA THR A 136 -11.01 4.08 8.58
C THR A 136 -11.02 5.61 8.70
N SER A 137 -9.84 6.21 8.55
CA SER A 137 -9.71 7.66 8.64
C SER A 137 -10.76 8.35 7.77
N GLY A 138 -10.72 8.09 6.47
CA GLY A 138 -11.66 8.70 5.56
C GLY A 138 -11.41 10.18 5.37
N PRO A 139 -11.67 10.68 4.15
CA PRO A 139 -11.48 12.10 3.81
C PRO A 139 -12.51 13.00 4.50
N SER A 140 -13.66 12.43 4.83
CA SER A 140 -14.72 13.17 5.49
C SER A 140 -15.18 14.34 4.61
N SER A 141 -15.29 14.08 3.31
CA SER A 141 -15.72 15.11 2.37
C SER A 141 -14.78 16.31 2.40
N GLY A 142 -13.48 16.03 2.50
CA GLY A 142 -12.51 17.11 2.55
C GLY A 142 -11.32 16.85 1.63
N GLY A 1 -18.01 2.19 20.16
CA GLY A 1 -16.64 2.56 20.47
C GLY A 1 -15.96 1.55 21.37
N SER A 2 -14.65 1.70 21.55
CA SER A 2 -13.88 0.79 22.39
C SER A 2 -13.00 1.57 23.36
N SER A 3 -12.34 2.62 22.85
CA SER A 3 -11.46 3.43 23.67
C SER A 3 -10.36 2.59 24.30
N GLY A 4 -9.78 1.69 23.50
CA GLY A 4 -8.72 0.84 23.99
C GLY A 4 -7.72 0.48 22.91
N SER A 5 -6.75 1.36 22.68
CA SER A 5 -5.73 1.13 21.66
C SER A 5 -4.85 -0.07 22.02
N SER A 6 -4.55 -0.89 21.04
CA SER A 6 -3.71 -2.07 21.25
C SER A 6 -3.30 -2.69 19.92
N GLY A 7 -1.99 -2.87 19.75
CA GLY A 7 -1.49 -3.44 18.51
C GLY A 7 -0.71 -4.73 18.76
N PHE A 8 0.44 -4.85 18.11
CA PHE A 8 1.28 -6.04 18.25
C PHE A 8 2.68 -5.79 17.70
N ASP A 9 3.69 -6.33 18.39
CA ASP A 9 5.07 -6.16 17.96
C ASP A 9 5.62 -7.47 17.38
N GLY A 10 4.81 -8.12 16.53
CA GLY A 10 5.24 -9.37 15.93
C GLY A 10 5.87 -9.16 14.57
N ASN A 11 7.17 -9.38 14.48
CA ASN A 11 7.89 -9.22 13.22
C ASN A 11 7.50 -10.31 12.23
N LEU A 12 6.52 -10.02 11.40
CA LEU A 12 6.05 -10.98 10.40
C LEU A 12 6.61 -10.65 9.02
N LYS A 13 7.69 -9.89 8.99
CA LYS A 13 8.33 -9.49 7.74
C LYS A 13 9.37 -10.52 7.30
N ARG A 14 9.34 -10.87 6.02
CA ARG A 14 10.28 -11.85 5.47
C ARG A 14 10.43 -11.68 3.97
N TYR A 15 11.67 -11.55 3.51
CA TYR A 15 11.94 -11.37 2.09
C TYR A 15 13.36 -11.83 1.75
N LEU A 16 13.57 -12.19 0.49
CA LEU A 16 14.88 -12.65 0.04
C LEU A 16 15.58 -11.56 -0.78
N LYS A 17 14.80 -10.82 -1.56
CA LYS A 17 15.35 -9.75 -2.39
C LYS A 17 14.69 -8.41 -2.05
N SER A 18 15.20 -7.34 -2.65
CA SER A 18 14.65 -6.01 -2.41
C SER A 18 15.29 -4.98 -3.35
N GLU A 19 14.76 -3.77 -3.35
CA GLU A 19 15.27 -2.71 -4.20
C GLU A 19 16.04 -1.68 -3.39
N PRO A 20 16.89 -0.91 -4.07
CA PRO A 20 17.71 0.13 -3.42
C PRO A 20 16.87 1.31 -2.94
N ILE A 21 17.15 1.76 -1.72
CA ILE A 21 16.41 2.89 -1.15
C ILE A 21 16.76 4.18 -1.85
N PRO A 22 15.72 4.85 -2.40
CA PRO A 22 15.88 6.12 -3.11
C PRO A 22 16.26 7.27 -2.18
N GLU A 23 16.60 8.41 -2.77
CA GLU A 23 16.97 9.58 -1.99
C GLU A 23 15.81 10.56 -1.86
N SER A 24 15.04 10.71 -2.94
CA SER A 24 13.90 11.61 -2.95
C SER A 24 12.66 10.90 -3.50
N ASN A 25 11.52 11.13 -2.84
CA ASN A 25 10.27 10.52 -3.26
C ASN A 25 9.14 11.55 -3.30
N ASP A 26 9.49 12.76 -3.71
CA ASP A 26 8.52 13.85 -3.80
C ASP A 26 7.61 13.66 -5.01
N GLY A 27 6.87 12.56 -5.03
CA GLY A 27 5.98 12.29 -6.15
C GLY A 27 4.57 11.96 -5.69
N PRO A 28 3.72 11.57 -6.65
CA PRO A 28 2.31 11.22 -6.36
C PRO A 28 2.21 9.91 -5.60
N VAL A 29 3.11 8.97 -5.87
CA VAL A 29 3.11 7.68 -5.21
C VAL A 29 4.48 7.37 -4.61
N LYS A 30 4.54 7.36 -3.28
CA LYS A 30 5.78 7.07 -2.58
C LYS A 30 6.32 5.69 -2.95
N VAL A 31 7.62 5.61 -3.20
CA VAL A 31 8.25 4.34 -3.55
C VAL A 31 8.59 3.53 -2.31
N VAL A 32 7.96 2.37 -2.17
CA VAL A 32 8.20 1.50 -1.03
C VAL A 32 8.86 0.20 -1.46
N VAL A 33 10.04 -0.07 -0.91
CA VAL A 33 10.79 -1.27 -1.23
C VAL A 33 10.89 -2.19 -0.02
N ALA A 34 10.93 -3.50 -0.28
CA ALA A 34 11.03 -4.49 0.78
C ALA A 34 11.88 -3.97 1.94
N GLU A 35 13.02 -3.36 1.61
CA GLU A 35 13.92 -2.82 2.62
C GLU A 35 13.18 -1.85 3.53
N ASN A 36 12.46 -0.90 2.94
CA ASN A 36 11.71 0.08 3.71
C ASN A 36 10.21 -0.17 3.60
N PHE A 37 9.83 -1.43 3.49
CA PHE A 37 8.43 -1.81 3.38
C PHE A 37 7.72 -1.68 4.72
N ASP A 38 8.34 -2.23 5.76
CA ASP A 38 7.77 -2.17 7.10
C ASP A 38 7.87 -0.77 7.68
N GLU A 39 8.53 0.13 6.94
CA GLU A 39 8.70 1.50 7.38
C GLU A 39 7.55 2.38 6.91
N ILE A 40 7.14 2.19 5.64
CA ILE A 40 6.06 2.95 5.07
C ILE A 40 4.75 2.16 5.09
N VAL A 41 4.74 1.04 4.37
CA VAL A 41 3.55 0.20 4.31
C VAL A 41 3.02 -0.12 5.70
N ASN A 42 3.84 -0.79 6.50
CA ASN A 42 3.45 -1.15 7.86
C ASN A 42 3.19 0.09 8.70
N ASN A 43 1.95 0.24 9.15
CA ASN A 43 1.56 1.40 9.96
C ASN A 43 0.14 1.24 10.49
N GLU A 44 0.00 1.25 11.82
CA GLU A 44 -1.30 1.11 12.45
C GLU A 44 -1.77 2.44 13.03
N ASN A 45 -1.35 3.53 12.40
CA ASN A 45 -1.73 4.86 12.85
C ASN A 45 -2.40 5.65 11.73
N LYS A 46 -2.05 5.32 10.50
CA LYS A 46 -2.61 5.99 9.33
C LYS A 46 -2.94 5.00 8.22
N ASP A 47 -3.80 5.40 7.31
CA ASP A 47 -4.21 4.54 6.20
C ASP A 47 -3.16 4.57 5.09
N VAL A 48 -2.70 3.38 4.71
CA VAL A 48 -1.69 3.25 3.65
C VAL A 48 -2.17 2.32 2.55
N LEU A 49 -1.66 2.53 1.34
CA LEU A 49 -2.02 1.70 0.20
C LEU A 49 -0.78 1.26 -0.58
N ILE A 50 -0.64 -0.04 -0.77
CA ILE A 50 0.50 -0.58 -1.50
C ILE A 50 0.05 -1.28 -2.78
N GLU A 51 0.75 -1.01 -3.87
CA GLU A 51 0.43 -1.61 -5.16
C GLU A 51 1.65 -2.28 -5.77
N PHE A 52 1.59 -3.60 -5.92
CA PHE A 52 2.69 -4.37 -6.49
C PHE A 52 2.54 -4.47 -8.01
N TYR A 53 3.50 -3.90 -8.73
CA TYR A 53 3.47 -3.93 -10.19
C TYR A 53 4.69 -4.69 -10.73
N ALA A 54 4.71 -4.87 -12.05
CA ALA A 54 5.81 -5.58 -12.70
C ALA A 54 6.37 -4.78 -13.86
N PRO A 55 7.70 -4.60 -13.87
CA PRO A 55 8.39 -3.84 -14.92
C PRO A 55 8.38 -4.57 -16.26
N TRP A 56 8.14 -5.88 -16.22
CA TRP A 56 8.10 -6.69 -17.43
C TRP A 56 6.66 -6.97 -17.84
N CYS A 57 5.72 -6.22 -17.28
CA CYS A 57 4.31 -6.39 -17.59
C CYS A 57 3.67 -5.05 -17.96
N GLY A 58 3.44 -4.85 -19.24
CA GLY A 58 2.84 -3.61 -19.70
C GLY A 58 1.77 -3.10 -18.75
N HIS A 59 0.98 -4.02 -18.22
CA HIS A 59 -0.10 -3.66 -17.30
C HIS A 59 0.34 -2.51 -16.39
N CYS A 60 1.55 -2.60 -15.86
CA CYS A 60 2.09 -1.56 -14.98
C CYS A 60 2.02 -0.20 -15.64
N LYS A 61 2.49 -0.13 -16.89
CA LYS A 61 2.49 1.12 -17.64
C LYS A 61 1.06 1.62 -17.87
N ASN A 62 0.16 0.70 -18.19
CA ASN A 62 -1.24 1.06 -18.43
C ASN A 62 -1.91 1.51 -17.13
N LEU A 63 -1.45 0.95 -16.02
CA LEU A 63 -2.01 1.30 -14.71
C LEU A 63 -1.23 2.45 -14.07
N GLU A 64 -0.01 2.66 -14.55
CA GLU A 64 0.84 3.72 -14.02
C GLU A 64 0.04 5.01 -13.83
N PRO A 65 -0.56 5.50 -14.93
CA PRO A 65 -1.36 6.72 -14.90
C PRO A 65 -2.67 6.55 -14.15
N LYS A 66 -3.19 5.34 -14.14
CA LYS A 66 -4.43 5.03 -13.45
C LYS A 66 -4.23 5.05 -11.93
N TYR A 67 -3.03 4.71 -11.49
CA TYR A 67 -2.71 4.69 -10.07
C TYR A 67 -2.10 6.02 -9.63
N LYS A 68 -1.14 6.50 -10.41
CA LYS A 68 -0.47 7.76 -10.10
C LYS A 68 -1.48 8.83 -9.70
N GLU A 69 -2.40 9.14 -10.61
CA GLU A 69 -3.42 10.15 -10.33
C GLU A 69 -3.90 10.06 -8.89
N LEU A 70 -4.34 8.87 -8.49
CA LEU A 70 -4.84 8.65 -7.14
C LEU A 70 -3.86 9.20 -6.11
N GLY A 71 -2.56 9.04 -6.39
CA GLY A 71 -1.55 9.53 -5.47
C GLY A 71 -1.65 11.03 -5.23
N GLU A 72 -1.42 11.80 -6.28
CA GLU A 72 -1.48 13.25 -6.17
C GLU A 72 -2.89 13.71 -5.84
N LYS A 73 -3.88 12.91 -6.23
CA LYS A 73 -5.28 13.24 -5.97
C LYS A 73 -5.60 13.11 -4.49
N LEU A 74 -5.14 12.03 -3.88
CA LEU A 74 -5.38 11.78 -2.46
C LEU A 74 -4.39 12.57 -1.60
N SER A 75 -3.54 13.37 -2.26
CA SER A 75 -2.55 14.17 -1.56
C SER A 75 -3.21 15.03 -0.49
N LYS A 76 -4.46 15.40 -0.72
CA LYS A 76 -5.21 16.23 0.21
C LYS A 76 -5.56 15.44 1.48
N ASP A 77 -5.14 14.18 1.52
CA ASP A 77 -5.40 13.33 2.67
C ASP A 77 -4.12 13.05 3.45
N PRO A 78 -3.92 13.78 4.55
CA PRO A 78 -2.74 13.63 5.40
C PRO A 78 -2.73 12.31 6.16
N ASN A 79 -3.77 11.51 5.95
CA ASN A 79 -3.89 10.21 6.62
C ASN A 79 -3.72 9.07 5.62
N ILE A 80 -4.19 9.29 4.39
CA ILE A 80 -4.09 8.28 3.36
C ILE A 80 -2.85 8.50 2.49
N VAL A 81 -1.90 7.58 2.59
CA VAL A 81 -0.66 7.68 1.82
C VAL A 81 -0.61 6.61 0.73
N ILE A 82 -0.53 7.06 -0.52
CA ILE A 82 -0.47 6.14 -1.66
C ILE A 82 0.97 5.84 -2.05
N ALA A 83 1.36 4.58 -1.94
CA ALA A 83 2.71 4.15 -2.29
C ALA A 83 2.69 2.98 -3.25
N LYS A 84 3.84 2.70 -3.86
CA LYS A 84 3.95 1.59 -4.80
C LYS A 84 5.20 0.76 -4.53
N MET A 85 5.18 -0.50 -4.94
CA MET A 85 6.32 -1.39 -4.75
C MET A 85 6.40 -2.42 -5.87
N ASP A 86 7.57 -3.03 -6.01
CA ASP A 86 7.79 -4.03 -7.05
C ASP A 86 7.92 -5.42 -6.44
N ALA A 87 7.02 -6.32 -6.82
CA ALA A 87 7.05 -7.69 -6.31
C ALA A 87 8.26 -8.44 -6.82
N THR A 88 8.26 -8.76 -8.11
CA THR A 88 9.37 -9.48 -8.72
C THR A 88 10.71 -8.88 -8.32
N ALA A 89 10.71 -7.58 -8.03
CA ALA A 89 11.93 -6.88 -7.64
C ALA A 89 12.10 -6.90 -6.12
N ASN A 90 10.98 -6.90 -5.40
CA ASN A 90 11.01 -6.92 -3.94
C ASN A 90 10.07 -7.99 -3.39
N ASP A 91 10.67 -9.11 -2.98
CA ASP A 91 9.90 -10.22 -2.42
C ASP A 91 8.78 -9.70 -1.51
N VAL A 92 7.55 -10.07 -1.83
CA VAL A 92 6.40 -9.65 -1.04
C VAL A 92 6.22 -10.54 0.19
N PRO A 93 6.25 -9.92 1.38
CA PRO A 93 6.08 -10.64 2.65
C PRO A 93 4.66 -11.16 2.84
N SER A 94 4.36 -11.59 4.07
CA SER A 94 3.04 -12.11 4.39
C SER A 94 2.26 -11.14 5.27
N PRO A 95 0.93 -11.29 5.29
CA PRO A 95 0.24 -12.32 4.51
C PRO A 95 0.29 -12.05 3.01
N TYR A 96 0.53 -10.79 2.65
CA TYR A 96 0.60 -10.40 1.25
C TYR A 96 1.05 -11.57 0.38
N GLU A 97 0.15 -12.04 -0.47
CA GLU A 97 0.46 -13.16 -1.37
C GLU A 97 0.23 -12.77 -2.82
N VAL A 98 1.26 -12.16 -3.43
CA VAL A 98 1.18 -11.74 -4.82
C VAL A 98 1.33 -12.93 -5.77
N ARG A 99 0.31 -13.16 -6.59
CA ARG A 99 0.34 -14.26 -7.54
C ARG A 99 0.18 -13.75 -8.98
N GLY A 100 -0.82 -12.90 -9.17
CA GLY A 100 -1.08 -12.34 -10.50
C GLY A 100 -1.02 -10.83 -10.50
N PHE A 101 -0.27 -10.27 -11.45
CA PHE A 101 -0.13 -8.83 -11.57
C PHE A 101 -0.98 -8.29 -12.72
N PRO A 102 -1.35 -7.00 -12.64
CA PRO A 102 -0.94 -6.15 -11.52
C PRO A 102 -1.64 -6.52 -10.21
N THR A 103 -0.92 -6.39 -9.11
CA THR A 103 -1.47 -6.72 -7.80
C THR A 103 -1.58 -5.49 -6.92
N ILE A 104 -2.76 -5.26 -6.37
CA ILE A 104 -3.00 -4.11 -5.50
C ILE A 104 -3.45 -4.55 -4.12
N TYR A 105 -2.87 -3.91 -3.10
CA TYR A 105 -3.21 -4.23 -1.71
C TYR A 105 -3.44 -2.97 -0.90
N PHE A 106 -3.95 -3.14 0.31
CA PHE A 106 -4.22 -2.01 1.19
C PHE A 106 -3.83 -2.33 2.64
N SER A 107 -3.09 -1.42 3.27
CA SER A 107 -2.65 -1.61 4.64
C SER A 107 -3.52 -0.81 5.61
N PRO A 108 -4.50 -1.48 6.21
CA PRO A 108 -5.42 -0.85 7.18
C PRO A 108 -4.73 -0.48 8.48
N ALA A 109 -5.42 0.29 9.31
CA ALA A 109 -4.87 0.71 10.60
C ALA A 109 -5.24 -0.27 11.70
N ASN A 110 -4.25 -0.75 12.42
CA ASN A 110 -4.46 -1.70 13.51
C ASN A 110 -5.03 -3.01 12.98
N LYS A 111 -4.72 -3.32 11.73
CA LYS A 111 -5.20 -4.55 11.10
C LYS A 111 -4.05 -5.26 10.39
N LYS A 112 -2.84 -5.05 10.87
CA LYS A 112 -1.66 -5.68 10.29
C LYS A 112 -1.89 -7.18 10.08
N LEU A 113 -2.20 -7.88 11.16
CA LEU A 113 -2.45 -9.31 11.10
C LEU A 113 -3.23 -9.67 9.84
N ASN A 114 -4.23 -8.86 9.51
CA ASN A 114 -5.05 -9.09 8.33
C ASN A 114 -5.24 -7.81 7.54
N PRO A 115 -4.46 -7.64 6.47
CA PRO A 115 -4.52 -6.45 5.61
C PRO A 115 -5.81 -6.41 4.79
N LYS A 116 -5.82 -5.57 3.76
CA LYS A 116 -6.99 -5.43 2.89
C LYS A 116 -6.58 -5.46 1.43
N LYS A 117 -7.08 -6.45 0.70
CA LYS A 117 -6.77 -6.57 -0.72
C LYS A 117 -7.76 -5.80 -1.58
N TYR A 118 -7.30 -5.29 -2.71
CA TYR A 118 -8.15 -4.53 -3.61
C TYR A 118 -8.73 -5.42 -4.70
N GLU A 119 -10.03 -5.68 -4.60
CA GLU A 119 -10.71 -6.53 -5.58
C GLU A 119 -11.81 -5.75 -6.30
N GLY A 120 -11.46 -5.16 -7.44
CA GLY A 120 -12.43 -4.38 -8.20
C GLY A 120 -11.86 -3.89 -9.52
N GLY A 121 -12.26 -2.68 -9.91
CA GLY A 121 -11.78 -2.11 -11.16
C GLY A 121 -10.59 -1.18 -10.96
N ARG A 122 -9.66 -1.22 -11.88
CA ARG A 122 -8.46 -0.37 -11.80
C ARG A 122 -8.76 1.03 -12.31
N GLU A 123 -9.93 1.56 -11.95
CA GLU A 123 -10.32 2.90 -12.37
C GLU A 123 -10.03 3.93 -11.28
N LEU A 124 -9.36 5.01 -11.66
CA LEU A 124 -9.02 6.06 -10.71
C LEU A 124 -10.12 6.23 -9.67
N SER A 125 -11.34 6.49 -10.13
CA SER A 125 -12.48 6.68 -9.24
C SER A 125 -12.68 5.46 -8.35
N ASP A 126 -12.64 4.28 -8.95
CA ASP A 126 -12.82 3.02 -8.22
C ASP A 126 -11.88 2.96 -7.02
N PHE A 127 -10.70 3.57 -7.17
CA PHE A 127 -9.71 3.59 -6.10
C PHE A 127 -10.12 4.56 -4.99
N ILE A 128 -10.67 5.70 -5.39
CA ILE A 128 -11.09 6.71 -4.44
C ILE A 128 -12.23 6.20 -3.57
N SER A 129 -13.38 5.95 -4.20
CA SER A 129 -14.56 5.46 -3.49
C SER A 129 -14.22 4.20 -2.69
N TYR A 130 -13.27 3.42 -3.21
CA TYR A 130 -12.86 2.18 -2.55
C TYR A 130 -12.31 2.47 -1.16
N LEU A 131 -11.42 3.46 -1.07
CA LEU A 131 -10.81 3.83 0.21
C LEU A 131 -11.81 4.59 1.08
N GLN A 132 -12.60 5.45 0.45
CA GLN A 132 -13.60 6.22 1.17
C GLN A 132 -14.25 5.40 2.27
N ARG A 133 -14.51 4.13 1.98
CA ARG A 133 -15.13 3.22 2.93
C ARG A 133 -14.10 2.30 3.57
N GLU A 134 -13.29 1.65 2.73
CA GLU A 134 -12.26 0.74 3.22
C GLU A 134 -11.39 1.41 4.28
N ALA A 135 -10.78 2.54 3.90
CA ALA A 135 -9.93 3.28 4.82
C ALA A 135 -10.72 3.78 6.02
N THR A 136 -10.03 3.91 7.16
CA THR A 136 -10.67 4.38 8.38
C THR A 136 -10.83 5.90 8.36
N SER A 137 -9.74 6.61 8.08
CA SER A 137 -9.76 8.06 8.04
C SER A 137 -10.42 8.55 6.77
N GLY A 138 -11.60 8.02 6.47
CA GLY A 138 -12.33 8.42 5.28
C GLY A 138 -12.40 9.92 5.13
N PRO A 139 -12.28 10.40 3.87
CA PRO A 139 -12.32 11.83 3.57
C PRO A 139 -13.72 12.42 3.76
N SER A 140 -13.87 13.25 4.77
CA SER A 140 -15.16 13.88 5.06
C SER A 140 -15.36 15.13 4.21
N SER A 141 -15.75 14.94 2.96
CA SER A 141 -15.97 16.05 2.04
C SER A 141 -16.77 17.16 2.73
N GLY A 142 -16.56 18.40 2.28
CA GLY A 142 -17.26 19.53 2.85
C GLY A 142 -17.10 20.79 2.01
N GLY A 1 0.99 3.78 38.69
CA GLY A 1 0.82 3.54 37.28
C GLY A 1 1.39 2.21 36.83
N SER A 2 0.62 1.15 37.03
CA SER A 2 1.06 -0.20 36.65
C SER A 2 0.81 -0.44 35.17
N SER A 3 1.17 0.53 34.35
CA SER A 3 1.00 0.42 32.90
C SER A 3 2.18 -0.29 32.26
N GLY A 4 1.90 -1.03 31.18
CA GLY A 4 2.95 -1.75 30.49
C GLY A 4 2.49 -2.34 29.17
N SER A 5 2.93 -1.76 28.07
CA SER A 5 2.54 -2.23 26.75
C SER A 5 3.40 -3.42 26.33
N SER A 6 2.78 -4.61 26.33
CA SER A 6 3.48 -5.83 25.96
C SER A 6 3.01 -6.32 24.59
N GLY A 7 3.89 -6.23 23.60
CA GLY A 7 3.55 -6.67 22.26
C GLY A 7 4.57 -7.64 21.70
N PHE A 8 4.96 -8.62 22.51
CA PHE A 8 5.93 -9.62 22.08
C PHE A 8 5.75 -9.97 20.61
N ASP A 9 4.52 -10.34 20.25
CA ASP A 9 4.21 -10.70 18.87
C ASP A 9 4.27 -9.48 17.97
N GLY A 10 5.13 -9.54 16.94
CA GLY A 10 5.27 -8.44 16.02
C GLY A 10 6.44 -8.61 15.08
N ASN A 11 7.01 -7.49 14.64
CA ASN A 11 8.16 -7.54 13.73
C ASN A 11 7.81 -8.31 12.46
N LEU A 12 6.60 -8.10 11.95
CA LEU A 12 6.15 -8.78 10.74
C LEU A 12 6.85 -8.22 9.51
N LYS A 13 7.96 -8.86 9.12
CA LYS A 13 8.73 -8.44 7.96
C LYS A 13 9.79 -9.48 7.59
N ARG A 14 10.03 -9.63 6.30
CA ARG A 14 11.02 -10.59 5.81
C ARG A 14 11.17 -10.50 4.30
N TYR A 15 12.41 -10.64 3.83
CA TYR A 15 12.69 -10.56 2.40
C TYR A 15 14.15 -10.93 2.12
N LEU A 16 14.42 -11.35 0.89
CA LEU A 16 15.77 -11.72 0.49
C LEU A 16 16.38 -10.66 -0.41
N LYS A 17 15.60 -10.18 -1.37
CA LYS A 17 16.06 -9.16 -2.30
C LYS A 17 15.32 -7.85 -2.07
N SER A 18 15.98 -6.74 -2.41
CA SER A 18 15.39 -5.42 -2.24
C SER A 18 16.13 -4.37 -3.07
N GLU A 19 15.54 -3.20 -3.21
CA GLU A 19 16.14 -2.12 -3.98
C GLU A 19 16.69 -1.04 -3.06
N PRO A 20 17.58 -0.19 -3.60
CA PRO A 20 18.20 0.90 -2.84
C PRO A 20 17.20 2.01 -2.50
N ILE A 21 17.35 2.59 -1.32
CA ILE A 21 16.46 3.66 -0.88
C ILE A 21 16.70 4.93 -1.70
N PRO A 22 15.59 5.57 -2.12
CA PRO A 22 15.64 6.80 -2.91
C PRO A 22 16.14 8.00 -2.10
N GLU A 23 16.33 9.12 -2.77
CA GLU A 23 16.80 10.34 -2.10
C GLU A 23 15.67 11.36 -1.97
N SER A 24 14.84 11.44 -3.01
CA SER A 24 13.72 12.38 -3.02
C SER A 24 12.45 11.71 -3.52
N ASN A 25 11.44 11.63 -2.66
CA ASN A 25 10.17 11.01 -3.01
C ASN A 25 9.06 12.04 -3.01
N ASP A 26 9.33 13.21 -3.56
CA ASP A 26 8.33 14.29 -3.62
C ASP A 26 7.39 14.08 -4.80
N GLY A 27 6.83 12.88 -4.92
CA GLY A 27 5.92 12.59 -6.00
C GLY A 27 4.54 12.20 -5.52
N PRO A 28 3.65 11.85 -6.46
CA PRO A 28 2.28 11.45 -6.14
C PRO A 28 2.21 10.10 -5.43
N VAL A 29 3.01 9.15 -5.91
CA VAL A 29 3.04 7.81 -5.32
C VAL A 29 4.38 7.55 -4.65
N LYS A 30 4.39 7.53 -3.32
CA LYS A 30 5.60 7.28 -2.55
C LYS A 30 6.17 5.90 -2.88
N VAL A 31 7.47 5.87 -3.18
CA VAL A 31 8.14 4.61 -3.51
C VAL A 31 8.49 3.83 -2.25
N VAL A 32 7.99 2.61 -2.17
CA VAL A 32 8.24 1.75 -1.01
C VAL A 32 9.06 0.53 -1.41
N VAL A 33 10.24 0.37 -0.80
CA VAL A 33 11.11 -0.75 -1.10
C VAL A 33 11.21 -1.69 0.11
N ALA A 34 11.28 -2.99 -0.17
CA ALA A 34 11.37 -3.99 0.88
C ALA A 34 12.18 -3.46 2.06
N GLU A 35 13.23 -2.69 1.77
CA GLU A 35 14.09 -2.13 2.81
C GLU A 35 13.29 -1.22 3.73
N ASN A 36 12.50 -0.32 3.13
CA ASN A 36 11.69 0.61 3.91
C ASN A 36 10.21 0.24 3.83
N PHE A 37 9.94 -1.04 3.57
CA PHE A 37 8.57 -1.53 3.47
C PHE A 37 7.85 -1.42 4.82
N ASP A 38 8.45 -2.03 5.84
CA ASP A 38 7.87 -2.00 7.18
C ASP A 38 7.90 -0.59 7.76
N GLU A 39 8.50 0.34 7.01
CA GLU A 39 8.59 1.73 7.46
C GLU A 39 7.43 2.56 6.93
N ILE A 40 7.10 2.35 5.66
CA ILE A 40 6.00 3.07 5.03
C ILE A 40 4.74 2.23 4.99
N VAL A 41 4.86 1.02 4.45
CA VAL A 41 3.73 0.10 4.35
C VAL A 41 3.17 -0.23 5.73
N ASN A 42 4.00 -0.85 6.57
CA ASN A 42 3.59 -1.22 7.92
C ASN A 42 3.35 0.02 8.78
N ASN A 43 2.15 0.12 9.33
CA ASN A 43 1.78 1.26 10.17
C ASN A 43 0.39 1.08 10.75
N GLU A 44 0.33 0.89 12.06
CA GLU A 44 -0.95 0.70 12.75
C GLU A 44 -1.46 2.02 13.33
N ASN A 45 -1.17 3.12 12.63
CA ASN A 45 -1.60 4.43 13.08
C ASN A 45 -2.34 5.17 11.96
N LYS A 46 -1.98 4.87 10.72
CA LYS A 46 -2.61 5.50 9.57
C LYS A 46 -2.88 4.48 8.47
N ASP A 47 -3.70 4.86 7.49
CA ASP A 47 -4.02 3.98 6.37
C ASP A 47 -3.02 4.14 5.24
N VAL A 48 -2.72 3.03 4.56
CA VAL A 48 -1.77 3.05 3.45
C VAL A 48 -2.17 2.04 2.37
N LEU A 49 -1.85 2.37 1.12
CA LEU A 49 -2.17 1.49 0.01
C LEU A 49 -0.91 1.13 -0.78
N ILE A 50 -0.67 -0.17 -0.95
CA ILE A 50 0.50 -0.64 -1.69
C ILE A 50 0.09 -1.28 -3.01
N GLU A 51 0.79 -0.92 -4.08
CA GLU A 51 0.50 -1.47 -5.40
C GLU A 51 1.76 -2.04 -6.04
N PHE A 52 1.77 -3.37 -6.21
CA PHE A 52 2.92 -4.04 -6.80
C PHE A 52 2.80 -4.08 -8.33
N TYR A 53 3.73 -3.41 -8.99
CA TYR A 53 3.72 -3.36 -10.45
C TYR A 53 4.96 -4.03 -11.02
N ALA A 54 4.99 -4.19 -12.34
CA ALA A 54 6.12 -4.83 -13.01
C ALA A 54 6.59 -4.00 -14.20
N PRO A 55 7.91 -3.76 -14.29
CA PRO A 55 8.52 -2.98 -15.36
C PRO A 55 8.46 -3.70 -16.70
N TRP A 56 8.00 -4.95 -16.68
CA TRP A 56 7.91 -5.76 -17.89
C TRP A 56 6.49 -6.28 -18.08
N CYS A 57 5.52 -5.57 -17.52
CA CYS A 57 4.12 -5.96 -17.63
C CYS A 57 3.26 -4.80 -18.12
N GLY A 58 2.73 -4.93 -19.34
CA GLY A 58 1.91 -3.89 -19.90
C GLY A 58 0.79 -3.47 -18.98
N HIS A 59 -0.10 -4.41 -18.66
CA HIS A 59 -1.23 -4.14 -17.77
C HIS A 59 -0.80 -3.26 -16.59
N CYS A 60 0.41 -3.51 -16.09
CA CYS A 60 0.94 -2.74 -14.96
C CYS A 60 1.37 -1.35 -15.42
N LYS A 61 1.88 -1.25 -16.64
CA LYS A 61 2.32 0.02 -17.19
C LYS A 61 1.14 0.93 -17.47
N ASN A 62 0.03 0.33 -17.91
CA ASN A 62 -1.17 1.10 -18.21
C ASN A 62 -1.84 1.61 -16.94
N LEU A 63 -1.56 0.94 -15.82
CA LEU A 63 -2.13 1.33 -14.54
C LEU A 63 -1.29 2.42 -13.88
N GLU A 64 0.01 2.40 -14.16
CA GLU A 64 0.92 3.39 -13.59
C GLU A 64 0.25 4.75 -13.48
N PRO A 65 -0.25 5.25 -14.63
CA PRO A 65 -0.91 6.56 -14.69
C PRO A 65 -2.27 6.55 -13.99
N LYS A 66 -2.97 5.43 -14.09
CA LYS A 66 -4.28 5.29 -13.47
C LYS A 66 -4.16 5.33 -11.95
N TYR A 67 -3.02 4.89 -11.43
CA TYR A 67 -2.78 4.87 -10.00
C TYR A 67 -2.05 6.13 -9.55
N LYS A 68 -1.10 6.59 -10.37
CA LYS A 68 -0.33 7.78 -10.07
C LYS A 68 -1.24 8.91 -9.57
N GLU A 69 -2.20 9.29 -10.42
CA GLU A 69 -3.13 10.36 -10.07
C GLU A 69 -3.62 10.21 -8.64
N LEU A 70 -4.08 9.00 -8.30
CA LEU A 70 -4.59 8.73 -6.96
C LEU A 70 -3.65 9.27 -5.91
N GLY A 71 -2.35 9.19 -6.17
CA GLY A 71 -1.35 9.69 -5.23
C GLY A 71 -1.53 11.17 -4.94
N GLU A 72 -1.37 11.99 -5.98
CA GLU A 72 -1.51 13.43 -5.83
C GLU A 72 -2.95 13.82 -5.53
N LYS A 73 -3.88 12.94 -5.90
CA LYS A 73 -5.30 13.19 -5.66
C LYS A 73 -5.64 13.04 -4.19
N LEU A 74 -5.20 11.94 -3.59
CA LEU A 74 -5.47 11.67 -2.19
C LEU A 74 -4.50 12.44 -1.29
N SER A 75 -3.64 13.24 -1.92
CA SER A 75 -2.65 14.03 -1.19
C SER A 75 -3.32 14.82 -0.07
N LYS A 76 -4.60 15.08 -0.22
CA LYS A 76 -5.37 15.83 0.78
C LYS A 76 -5.90 14.90 1.86
N ASP A 77 -5.33 13.70 1.94
CA ASP A 77 -5.75 12.71 2.94
C ASP A 77 -4.66 12.51 3.99
N PRO A 78 -4.83 13.20 5.14
CA PRO A 78 -3.87 13.10 6.25
C PRO A 78 -3.90 11.74 6.93
N ASN A 79 -4.79 10.87 6.46
CA ASN A 79 -4.93 9.53 7.04
C ASN A 79 -4.71 8.47 5.97
N ILE A 80 -4.26 8.89 4.79
CA ILE A 80 -4.02 7.97 3.69
C ILE A 80 -2.68 8.28 3.01
N VAL A 81 -1.98 7.23 2.60
CA VAL A 81 -0.70 7.37 1.93
C VAL A 81 -0.56 6.40 0.77
N ILE A 82 -0.64 6.92 -0.44
CA ILE A 82 -0.53 6.09 -1.64
C ILE A 82 0.93 5.87 -2.02
N ALA A 83 1.31 4.60 -2.16
CA ALA A 83 2.68 4.26 -2.51
C ALA A 83 2.72 3.05 -3.45
N LYS A 84 3.89 2.75 -3.99
CA LYS A 84 4.05 1.62 -4.89
C LYS A 84 5.38 0.91 -4.63
N MET A 85 5.44 -0.38 -4.96
CA MET A 85 6.64 -1.17 -4.78
C MET A 85 6.86 -2.13 -5.94
N ASP A 86 8.12 -2.32 -6.32
CA ASP A 86 8.46 -3.20 -7.43
C ASP A 86 8.73 -4.61 -6.92
N ALA A 87 7.68 -5.38 -6.71
CA ALA A 87 7.81 -6.75 -6.23
C ALA A 87 8.97 -7.46 -6.91
N THR A 88 9.02 -7.37 -8.24
CA THR A 88 10.07 -8.00 -9.01
C THR A 88 11.44 -7.53 -8.57
N ALA A 89 11.52 -6.27 -8.15
CA ALA A 89 12.79 -5.70 -7.70
C ALA A 89 12.83 -5.61 -6.17
N ASN A 90 11.89 -6.29 -5.52
CA ASN A 90 11.82 -6.29 -4.06
C ASN A 90 10.97 -7.43 -3.55
N ASP A 91 11.61 -8.44 -2.98
CA ASP A 91 10.91 -9.60 -2.44
C ASP A 91 9.68 -9.17 -1.64
N VAL A 92 8.53 -9.76 -1.99
CA VAL A 92 7.28 -9.43 -1.30
C VAL A 92 7.19 -10.14 0.04
N PRO A 93 7.03 -9.35 1.12
CA PRO A 93 6.92 -9.89 2.48
C PRO A 93 5.62 -10.65 2.71
N SER A 94 5.32 -10.91 3.98
CA SER A 94 4.10 -11.63 4.33
C SER A 94 3.20 -10.78 5.21
N PRO A 95 1.91 -11.16 5.29
CA PRO A 95 1.39 -12.33 4.58
C PRO A 95 1.34 -12.12 3.07
N TYR A 96 1.48 -10.86 2.65
CA TYR A 96 1.45 -10.53 1.23
C TYR A 96 2.01 -11.66 0.38
N GLU A 97 1.18 -12.19 -0.52
CA GLU A 97 1.59 -13.28 -1.39
C GLU A 97 1.28 -12.95 -2.84
N VAL A 98 2.09 -12.10 -3.45
CA VAL A 98 1.89 -11.71 -4.84
C VAL A 98 2.32 -12.82 -5.79
N ARG A 99 1.40 -13.22 -6.67
CA ARG A 99 1.68 -14.29 -7.63
C ARG A 99 1.45 -13.80 -9.05
N GLY A 100 0.37 -13.05 -9.25
CA GLY A 100 0.06 -12.54 -10.58
C GLY A 100 -0.14 -11.03 -10.58
N PHE A 101 0.55 -10.35 -11.49
CA PHE A 101 0.44 -8.90 -11.59
C PHE A 101 -0.54 -8.50 -12.69
N PRO A 102 -1.11 -7.30 -12.56
CA PRO A 102 -0.84 -6.40 -11.44
C PRO A 102 -1.40 -6.93 -10.12
N THR A 103 -0.90 -6.40 -9.02
CA THR A 103 -1.36 -6.82 -7.70
C THR A 103 -1.46 -5.63 -6.75
N ILE A 104 -2.69 -5.20 -6.47
CA ILE A 104 -2.92 -4.08 -5.57
C ILE A 104 -3.33 -4.56 -4.18
N TYR A 105 -2.59 -4.13 -3.17
CA TYR A 105 -2.87 -4.50 -1.79
C TYR A 105 -3.05 -3.28 -0.91
N PHE A 106 -3.93 -3.40 0.09
CA PHE A 106 -4.20 -2.29 1.00
C PHE A 106 -3.80 -2.66 2.44
N SER A 107 -3.10 -1.76 3.10
CA SER A 107 -2.66 -1.98 4.47
C SER A 107 -3.54 -1.21 5.46
N PRO A 108 -4.56 -1.89 5.99
CA PRO A 108 -5.49 -1.27 6.95
C PRO A 108 -4.83 -1.02 8.31
N ALA A 109 -5.48 -0.20 9.13
CA ALA A 109 -4.96 0.13 10.46
C ALA A 109 -5.28 -0.98 11.45
N ASN A 110 -4.31 -1.27 12.32
CA ASN A 110 -4.49 -2.31 13.33
C ASN A 110 -5.05 -3.59 12.71
N LYS A 111 -4.80 -3.77 11.41
CA LYS A 111 -5.30 -4.94 10.70
C LYS A 111 -4.17 -5.62 9.93
N LYS A 112 -2.93 -5.34 10.33
CA LYS A 112 -1.76 -5.91 9.68
C LYS A 112 -1.97 -7.40 9.42
N LEU A 113 -2.02 -8.19 10.49
CA LEU A 113 -2.22 -9.62 10.36
C LEU A 113 -3.12 -9.96 9.18
N ASN A 114 -4.28 -9.31 9.13
CA ASN A 114 -5.23 -9.53 8.05
C ASN A 114 -5.36 -8.29 7.17
N PRO A 115 -4.61 -8.28 6.05
CA PRO A 115 -4.62 -7.17 5.10
C PRO A 115 -5.93 -7.06 4.35
N LYS A 116 -5.95 -6.20 3.33
CA LYS A 116 -7.15 -6.01 2.52
C LYS A 116 -6.79 -5.88 1.04
N LYS A 117 -7.14 -6.90 0.26
CA LYS A 117 -6.87 -6.91 -1.17
C LYS A 117 -7.78 -5.95 -1.91
N TYR A 118 -7.34 -5.49 -3.08
CA TYR A 118 -8.13 -4.56 -3.89
C TYR A 118 -8.73 -5.27 -5.10
N GLU A 119 -9.99 -5.70 -4.97
CA GLU A 119 -10.67 -6.39 -6.06
C GLU A 119 -11.80 -5.52 -6.62
N GLY A 120 -11.54 -4.91 -7.77
CA GLY A 120 -12.54 -4.06 -8.40
C GLY A 120 -12.04 -3.45 -9.70
N GLY A 121 -12.57 -2.27 -10.02
CA GLY A 121 -12.17 -1.60 -11.25
C GLY A 121 -10.89 -0.81 -11.08
N ARG A 122 -9.95 -1.00 -12.00
CA ARG A 122 -8.67 -0.30 -11.95
C ARG A 122 -8.81 1.12 -12.48
N GLU A 123 -9.86 1.81 -12.06
CA GLU A 123 -10.11 3.18 -12.49
C GLU A 123 -9.80 4.17 -11.37
N LEU A 124 -9.08 5.23 -11.72
CA LEU A 124 -8.71 6.25 -10.73
C LEU A 124 -9.82 6.46 -9.72
N SER A 125 -11.02 6.77 -10.21
CA SER A 125 -12.16 7.00 -9.35
C SER A 125 -12.44 5.77 -8.48
N ASP A 126 -12.45 4.60 -9.10
CA ASP A 126 -12.70 3.36 -8.39
C ASP A 126 -11.79 3.24 -7.16
N PHE A 127 -10.56 3.71 -7.30
CA PHE A 127 -9.60 3.65 -6.21
C PHE A 127 -9.98 4.63 -5.09
N ILE A 128 -10.33 5.85 -5.48
CA ILE A 128 -10.72 6.87 -4.52
C ILE A 128 -11.93 6.42 -3.69
N SER A 129 -13.03 6.12 -4.37
CA SER A 129 -14.24 5.68 -3.70
C SER A 129 -14.00 4.39 -2.92
N TYR A 130 -13.06 3.58 -3.41
CA TYR A 130 -12.73 2.32 -2.76
C TYR A 130 -12.25 2.54 -1.34
N LEU A 131 -11.37 3.52 -1.17
CA LEU A 131 -10.82 3.86 0.14
C LEU A 131 -11.84 4.62 0.98
N GLN A 132 -12.50 5.59 0.35
CA GLN A 132 -13.50 6.39 1.03
C GLN A 132 -14.28 5.56 2.05
N ARG A 133 -14.59 4.32 1.67
CA ARG A 133 -15.33 3.42 2.54
C ARG A 133 -14.39 2.46 3.26
N GLU A 134 -13.50 1.84 2.50
CA GLU A 134 -12.54 0.89 3.06
C GLU A 134 -11.74 1.53 4.20
N ALA A 135 -11.00 2.58 3.87
CA ALA A 135 -10.19 3.28 4.86
C ALA A 135 -10.97 3.48 6.16
N THR A 136 -10.38 3.05 7.27
CA THR A 136 -11.01 3.17 8.57
C THR A 136 -11.44 4.61 8.84
N SER A 137 -10.47 5.47 9.11
CA SER A 137 -10.74 6.87 9.40
C SER A 137 -11.61 7.47 8.30
N GLY A 138 -11.13 7.40 7.07
CA GLY A 138 -11.87 7.96 5.95
C GLY A 138 -11.50 9.41 5.66
N PRO A 139 -12.01 9.93 4.54
CA PRO A 139 -11.75 11.31 4.12
C PRO A 139 -12.43 12.34 5.04
N SER A 140 -11.94 13.57 5.00
CA SER A 140 -12.49 14.63 5.83
C SER A 140 -14.01 14.60 5.81
N SER A 141 -14.63 15.27 6.79
CA SER A 141 -16.09 15.31 6.87
C SER A 141 -16.56 16.64 7.46
N GLY A 142 -17.44 17.32 6.75
CA GLY A 142 -17.96 18.60 7.21
C GLY A 142 -18.19 19.57 6.08
N GLY A 1 -11.27 -20.43 33.47
CA GLY A 1 -10.19 -20.72 32.56
C GLY A 1 -10.05 -19.67 31.47
N SER A 2 -8.97 -18.90 31.54
CA SER A 2 -8.73 -17.84 30.57
C SER A 2 -7.23 -17.72 30.27
N SER A 3 -6.92 -17.01 29.18
CA SER A 3 -5.53 -16.83 28.77
C SER A 3 -5.14 -15.36 28.84
N GLY A 4 -3.86 -15.09 29.06
CA GLY A 4 -3.38 -13.73 29.14
C GLY A 4 -2.07 -13.53 28.40
N SER A 5 -2.16 -13.32 27.09
CA SER A 5 -0.97 -13.12 26.26
C SER A 5 -0.74 -11.63 26.01
N SER A 6 0.52 -11.27 25.76
CA SER A 6 0.88 -9.89 25.50
C SER A 6 2.02 -9.79 24.50
N GLY A 7 1.75 -9.19 23.35
CA GLY A 7 2.76 -9.05 22.32
C GLY A 7 2.17 -9.05 20.92
N PHE A 8 1.83 -7.87 20.43
CA PHE A 8 1.26 -7.73 19.10
C PHE A 8 2.28 -7.14 18.12
N ASP A 9 2.85 -6.01 18.49
CA ASP A 9 3.84 -5.34 17.64
C ASP A 9 5.16 -6.11 17.65
N GLY A 10 5.33 -6.99 16.68
CA GLY A 10 6.55 -7.78 16.59
C GLY A 10 7.31 -7.52 15.30
N ASN A 11 8.33 -8.33 15.06
CA ASN A 11 9.14 -8.19 13.85
C ASN A 11 8.66 -9.13 12.75
N LEU A 12 7.62 -8.70 12.04
CA LEU A 12 7.05 -9.50 10.96
C LEU A 12 7.85 -9.32 9.67
N LYS A 13 9.04 -8.74 9.80
CA LYS A 13 9.90 -8.51 8.64
C LYS A 13 10.46 -9.83 8.11
N ARG A 14 10.21 -10.09 6.82
CA ARG A 14 10.69 -11.32 6.20
C ARG A 14 10.75 -11.15 4.67
N TYR A 15 11.92 -11.41 4.11
CA TYR A 15 12.11 -11.30 2.67
C TYR A 15 13.45 -11.88 2.23
N LEU A 16 13.57 -12.21 0.96
CA LEU A 16 14.80 -12.77 0.42
C LEU A 16 15.60 -11.72 -0.35
N LYS A 17 14.90 -10.91 -1.13
CA LYS A 17 15.54 -9.86 -1.92
C LYS A 17 14.84 -8.53 -1.72
N SER A 18 15.55 -7.44 -2.00
CA SER A 18 14.99 -6.10 -1.84
C SER A 18 15.82 -5.07 -2.61
N GLU A 19 15.26 -3.88 -2.79
CA GLU A 19 15.94 -2.82 -3.51
C GLU A 19 16.46 -1.76 -2.54
N PRO A 20 17.42 -0.94 -3.02
CA PRO A 20 18.01 0.13 -2.22
C PRO A 20 17.03 1.27 -1.95
N ILE A 21 17.13 1.88 -0.77
CA ILE A 21 16.26 2.98 -0.41
C ILE A 21 16.56 4.23 -1.24
N PRO A 22 15.49 4.83 -1.77
CA PRO A 22 15.61 6.04 -2.60
C PRO A 22 16.03 7.27 -1.78
N GLU A 23 16.25 8.38 -2.47
CA GLU A 23 16.65 9.62 -1.80
C GLU A 23 15.51 10.63 -1.81
N SER A 24 14.77 10.67 -2.91
CA SER A 24 13.66 11.60 -3.05
C SER A 24 12.39 10.87 -3.50
N ASN A 25 11.29 11.11 -2.78
CA ASN A 25 10.02 10.48 -3.12
C ASN A 25 8.89 11.50 -3.11
N ASP A 26 9.15 12.66 -3.69
CA ASP A 26 8.14 13.73 -3.75
C ASP A 26 7.05 13.39 -4.76
N GLY A 27 7.35 12.45 -5.65
CA GLY A 27 6.38 12.05 -6.66
C GLY A 27 5.00 11.82 -6.07
N PRO A 28 4.02 11.58 -6.94
CA PRO A 28 2.63 11.35 -6.53
C PRO A 28 2.46 10.01 -5.82
N VAL A 29 3.29 9.03 -6.20
CA VAL A 29 3.23 7.71 -5.60
C VAL A 29 4.52 7.39 -4.86
N LYS A 30 4.46 7.41 -3.53
CA LYS A 30 5.62 7.11 -2.70
C LYS A 30 6.18 5.72 -3.02
N VAL A 31 7.50 5.66 -3.21
CA VAL A 31 8.16 4.40 -3.52
C VAL A 31 8.44 3.60 -2.24
N VAL A 32 7.97 2.36 -2.22
CA VAL A 32 8.17 1.49 -1.08
C VAL A 32 8.93 0.22 -1.46
N VAL A 33 9.98 -0.09 -0.72
CA VAL A 33 10.78 -1.28 -0.99
C VAL A 33 10.82 -2.21 0.22
N ALA A 34 10.86 -3.51 -0.04
CA ALA A 34 10.91 -4.50 1.03
C ALA A 34 11.76 -4.02 2.19
N GLU A 35 12.75 -3.19 1.89
CA GLU A 35 13.64 -2.66 2.91
C GLU A 35 12.90 -1.74 3.86
N ASN A 36 12.08 -0.85 3.30
CA ASN A 36 11.30 0.09 4.10
C ASN A 36 9.81 -0.12 3.88
N PHE A 37 9.40 -1.36 3.73
CA PHE A 37 8.00 -1.69 3.53
C PHE A 37 7.19 -1.48 4.79
N ASP A 38 7.65 -2.05 5.89
CA ASP A 38 6.97 -1.92 7.17
C ASP A 38 7.07 -0.49 7.70
N GLU A 39 7.94 0.31 7.07
CA GLU A 39 8.14 1.69 7.49
C GLU A 39 7.07 2.59 6.87
N ILE A 40 6.75 2.35 5.61
CA ILE A 40 5.74 3.14 4.91
C ILE A 40 4.39 2.41 4.87
N VAL A 41 4.38 1.23 4.26
CA VAL A 41 3.16 0.43 4.17
C VAL A 41 2.53 0.22 5.53
N ASN A 42 3.26 -0.43 6.43
CA ASN A 42 2.77 -0.70 7.78
C ASN A 42 2.78 0.57 8.61
N ASN A 43 1.66 0.84 9.27
CA ASN A 43 1.53 2.04 10.10
C ASN A 43 0.20 2.03 10.86
N GLU A 44 0.27 1.75 12.16
CA GLU A 44 -0.93 1.72 12.99
C GLU A 44 -1.31 3.12 13.46
N ASN A 45 -1.11 4.10 12.58
CA ASN A 45 -1.44 5.48 12.89
C ASN A 45 -2.20 6.14 11.75
N LYS A 46 -1.84 5.78 10.52
CA LYS A 46 -2.48 6.34 9.35
C LYS A 46 -2.71 5.26 8.29
N ASP A 47 -3.81 5.37 7.56
CA ASP A 47 -4.13 4.40 6.51
C ASP A 47 -3.12 4.47 5.37
N VAL A 48 -2.68 3.30 4.91
CA VAL A 48 -1.71 3.23 3.82
C VAL A 48 -2.17 2.26 2.75
N LEU A 49 -1.86 2.58 1.49
CA LEU A 49 -2.24 1.74 0.37
C LEU A 49 -1.02 1.36 -0.47
N ILE A 50 -0.76 0.06 -0.55
CA ILE A 50 0.39 -0.44 -1.32
C ILE A 50 -0.07 -1.09 -2.62
N GLU A 51 0.65 -0.80 -3.70
CA GLU A 51 0.32 -1.36 -5.01
C GLU A 51 1.53 -2.04 -5.63
N PHE A 52 1.41 -3.35 -5.86
CA PHE A 52 2.50 -4.12 -6.44
C PHE A 52 2.35 -4.21 -7.97
N TYR A 53 3.47 -4.05 -8.67
CA TYR A 53 3.45 -4.11 -10.13
C TYR A 53 4.70 -4.82 -10.66
N ALA A 54 4.72 -5.07 -11.96
CA ALA A 54 5.85 -5.73 -12.59
C ALA A 54 6.45 -4.86 -13.70
N PRO A 55 7.79 -4.75 -13.69
CA PRO A 55 8.51 -3.95 -14.69
C PRO A 55 8.47 -4.59 -16.08
N TRP A 56 7.83 -5.74 -16.17
CA TRP A 56 7.72 -6.46 -17.44
C TRP A 56 6.27 -6.82 -17.74
N CYS A 57 5.35 -6.06 -17.17
CA CYS A 57 3.92 -6.31 -17.38
C CYS A 57 3.24 -5.09 -17.99
N GLY A 58 2.83 -5.22 -19.25
CA GLY A 58 2.17 -4.12 -19.93
C GLY A 58 1.21 -3.38 -19.04
N HIS A 59 0.22 -4.10 -18.52
CA HIS A 59 -0.79 -3.51 -17.64
C HIS A 59 -0.18 -2.37 -16.81
N CYS A 60 0.79 -2.71 -15.98
CA CYS A 60 1.45 -1.73 -15.13
C CYS A 60 1.69 -0.43 -15.88
N LYS A 61 2.26 -0.54 -17.08
CA LYS A 61 2.55 0.62 -17.90
C LYS A 61 1.28 1.42 -18.17
N ASN A 62 0.22 0.73 -18.59
CA ASN A 62 -1.05 1.37 -18.88
C ASN A 62 -1.73 1.84 -17.59
N LEU A 63 -1.35 1.23 -16.48
CA LEU A 63 -1.91 1.59 -15.18
C LEU A 63 -1.07 2.66 -14.49
N GLU A 64 0.18 2.79 -14.92
CA GLU A 64 1.09 3.77 -14.34
C GLU A 64 0.38 5.11 -14.15
N PRO A 65 -0.15 5.66 -15.25
CA PRO A 65 -0.86 6.96 -15.23
C PRO A 65 -2.20 6.85 -14.51
N LYS A 66 -2.85 5.71 -14.63
CA LYS A 66 -4.15 5.49 -13.98
C LYS A 66 -4.01 5.48 -12.46
N TYR A 67 -2.86 5.02 -11.98
CA TYR A 67 -2.60 4.96 -10.55
C TYR A 67 -1.98 6.26 -10.06
N LYS A 68 -0.95 6.72 -10.76
CA LYS A 68 -0.26 7.96 -10.41
C LYS A 68 -1.24 9.00 -9.89
N GLU A 69 -2.21 9.38 -10.73
CA GLU A 69 -3.21 10.36 -10.36
C GLU A 69 -3.64 10.18 -8.91
N LEU A 70 -4.17 9.00 -8.60
CA LEU A 70 -4.62 8.70 -7.25
C LEU A 70 -3.63 9.22 -6.21
N GLY A 71 -2.35 9.14 -6.53
CA GLY A 71 -1.33 9.61 -5.62
C GLY A 71 -1.49 11.06 -5.27
N GLU A 72 -1.25 11.94 -6.25
CA GLU A 72 -1.37 13.38 -6.03
C GLU A 72 -2.82 13.76 -5.72
N LYS A 73 -3.75 12.92 -6.13
CA LYS A 73 -5.17 13.16 -5.90
C LYS A 73 -5.52 12.96 -4.42
N LEU A 74 -4.93 11.94 -3.80
CA LEU A 74 -5.17 11.65 -2.40
C LEU A 74 -4.20 12.42 -1.51
N SER A 75 -3.36 13.25 -2.12
CA SER A 75 -2.38 14.03 -1.39
C SER A 75 -3.05 14.86 -0.30
N LYS A 76 -4.28 15.28 -0.57
CA LYS A 76 -5.04 16.09 0.38
C LYS A 76 -5.51 15.24 1.56
N ASP A 77 -5.15 13.96 1.54
CA ASP A 77 -5.52 13.05 2.62
C ASP A 77 -4.36 12.81 3.56
N PRO A 78 -4.38 13.51 4.71
CA PRO A 78 -3.33 13.38 5.73
C PRO A 78 -3.35 12.03 6.44
N ASN A 79 -4.29 11.18 6.04
CA ASN A 79 -4.43 9.86 6.63
C ASN A 79 -4.06 8.77 5.62
N ILE A 80 -4.49 8.94 4.38
CA ILE A 80 -4.20 7.98 3.33
C ILE A 80 -2.90 8.33 2.60
N VAL A 81 -2.10 7.31 2.32
CA VAL A 81 -0.84 7.51 1.62
C VAL A 81 -0.65 6.49 0.51
N ILE A 82 -0.65 6.97 -0.73
CA ILE A 82 -0.49 6.10 -1.89
C ILE A 82 0.98 5.80 -2.15
N ALA A 83 1.29 4.52 -2.35
CA ALA A 83 2.66 4.10 -2.61
C ALA A 83 2.70 2.95 -3.61
N LYS A 84 3.91 2.61 -4.06
CA LYS A 84 4.08 1.53 -5.02
C LYS A 84 5.35 0.74 -4.74
N MET A 85 5.38 -0.52 -5.15
CA MET A 85 6.54 -1.37 -4.93
C MET A 85 6.66 -2.41 -6.05
N ASP A 86 7.87 -2.57 -6.57
CA ASP A 86 8.12 -3.53 -7.64
C ASP A 86 8.40 -4.91 -7.07
N ALA A 87 7.34 -5.59 -6.64
CA ALA A 87 7.47 -6.93 -6.07
C ALA A 87 8.56 -7.72 -6.78
N THR A 88 8.39 -7.95 -8.07
CA THR A 88 9.35 -8.68 -8.87
C THR A 88 10.77 -8.47 -8.35
N ALA A 89 11.08 -7.22 -8.00
CA ALA A 89 12.40 -6.87 -7.49
C ALA A 89 12.42 -6.90 -5.96
N ASN A 90 11.28 -6.58 -5.35
CA ASN A 90 11.18 -6.57 -3.89
C ASN A 90 10.28 -7.71 -3.41
N ASP A 91 10.90 -8.77 -2.92
CA ASP A 91 10.15 -9.92 -2.42
C ASP A 91 8.97 -9.48 -1.57
N VAL A 92 7.77 -9.92 -1.94
CA VAL A 92 6.56 -9.56 -1.21
C VAL A 92 6.56 -10.18 0.19
N PRO A 93 6.31 -9.35 1.21
CA PRO A 93 6.28 -9.79 2.60
C PRO A 93 5.07 -10.67 2.90
N SER A 94 4.78 -10.83 4.19
CA SER A 94 3.65 -11.65 4.61
C SER A 94 2.78 -10.91 5.63
N PRO A 95 1.53 -11.37 5.79
CA PRO A 95 1.01 -12.53 5.04
C PRO A 95 0.81 -12.21 3.56
N TYR A 96 1.03 -10.95 3.19
CA TYR A 96 0.87 -10.53 1.81
C TYR A 96 1.27 -11.63 0.85
N GLU A 97 0.37 -11.95 -0.08
CA GLU A 97 0.63 -12.99 -1.07
C GLU A 97 0.34 -12.49 -2.48
N VAL A 98 1.38 -12.43 -3.30
CA VAL A 98 1.25 -11.97 -4.68
C VAL A 98 1.75 -13.02 -5.67
N ARG A 99 0.84 -13.53 -6.48
CA ARG A 99 1.19 -14.55 -7.48
C ARG A 99 1.13 -13.98 -8.89
N GLY A 100 0.03 -13.28 -9.18
CA GLY A 100 -0.13 -12.68 -10.50
C GLY A 100 -0.22 -11.17 -10.45
N PHE A 101 0.57 -10.50 -11.29
CA PHE A 101 0.58 -9.04 -11.34
C PHE A 101 -0.29 -8.53 -12.49
N PRO A 102 -0.77 -7.30 -12.36
CA PRO A 102 -0.50 -6.45 -11.18
C PRO A 102 -1.21 -6.97 -9.94
N THR A 103 -0.77 -6.50 -8.78
CA THR A 103 -1.36 -6.90 -7.51
C THR A 103 -1.42 -5.74 -6.54
N ILE A 104 -2.63 -5.22 -6.32
CA ILE A 104 -2.83 -4.10 -5.41
C ILE A 104 -3.24 -4.59 -4.03
N TYR A 105 -2.75 -3.92 -3.00
CA TYR A 105 -3.07 -4.28 -1.61
C TYR A 105 -3.42 -3.05 -0.79
N PHE A 106 -3.75 -3.27 0.47
CA PHE A 106 -4.10 -2.17 1.37
C PHE A 106 -3.68 -2.48 2.81
N SER A 107 -3.09 -1.49 3.47
CA SER A 107 -2.63 -1.66 4.84
C SER A 107 -3.56 -0.96 5.82
N PRO A 108 -4.52 -1.71 6.37
CA PRO A 108 -5.49 -1.18 7.32
C PRO A 108 -4.86 -0.84 8.66
N ALA A 109 -5.54 0.01 9.43
CA ALA A 109 -5.05 0.42 10.73
C ALA A 109 -5.44 -0.58 11.82
N ASN A 110 -4.46 -1.00 12.62
CA ASN A 110 -4.70 -1.96 13.68
C ASN A 110 -5.10 -3.31 13.11
N LYS A 111 -4.70 -3.58 11.87
CA LYS A 111 -5.02 -4.83 11.21
C LYS A 111 -3.78 -5.45 10.57
N LYS A 112 -2.61 -4.99 11.01
CA LYS A 112 -1.36 -5.50 10.49
C LYS A 112 -1.38 -7.02 10.37
N LEU A 113 -1.52 -7.70 11.49
CA LEU A 113 -1.56 -9.15 11.51
C LEU A 113 -2.37 -9.69 10.34
N ASN A 114 -3.38 -8.93 9.92
CA ASN A 114 -4.22 -9.33 8.80
C ASN A 114 -4.44 -8.16 7.85
N PRO A 115 -3.65 -8.13 6.76
CA PRO A 115 -3.74 -7.07 5.74
C PRO A 115 -5.04 -7.16 4.93
N LYS A 116 -5.20 -6.23 4.00
CA LYS A 116 -6.38 -6.20 3.16
C LYS A 116 -6.01 -5.97 1.70
N LYS A 117 -6.45 -6.86 0.82
CA LYS A 117 -6.17 -6.75 -0.61
C LYS A 117 -7.25 -5.95 -1.32
N TYR A 118 -6.86 -5.21 -2.35
CA TYR A 118 -7.80 -4.40 -3.10
C TYR A 118 -8.48 -5.24 -4.19
N GLU A 119 -9.81 -5.29 -4.13
CA GLU A 119 -10.58 -6.05 -5.11
C GLU A 119 -11.58 -5.16 -5.83
N GLY A 120 -11.26 -4.81 -7.08
CA GLY A 120 -12.14 -3.96 -7.86
C GLY A 120 -11.51 -3.50 -9.15
N GLY A 121 -12.17 -2.57 -9.84
CA GLY A 121 -11.64 -2.06 -11.09
C GLY A 121 -10.50 -1.08 -10.89
N ARG A 122 -9.50 -1.16 -11.76
CA ARG A 122 -8.34 -0.28 -11.67
C ARG A 122 -8.67 1.11 -12.20
N GLU A 123 -9.81 1.65 -11.75
CA GLU A 123 -10.23 2.98 -12.18
C GLU A 123 -9.95 4.01 -11.11
N LEU A 124 -9.31 5.11 -11.50
CA LEU A 124 -8.97 6.18 -10.57
C LEU A 124 -10.04 6.32 -9.50
N SER A 125 -11.28 6.49 -9.93
CA SER A 125 -12.41 6.64 -9.01
C SER A 125 -12.55 5.40 -8.12
N ASP A 126 -12.50 4.23 -8.74
CA ASP A 126 -12.63 2.97 -8.01
C ASP A 126 -11.77 3.00 -6.74
N PHE A 127 -10.56 3.54 -6.85
CA PHE A 127 -9.66 3.62 -5.72
C PHE A 127 -10.17 4.61 -4.68
N ILE A 128 -10.62 5.76 -5.15
CA ILE A 128 -11.14 6.79 -4.25
C ILE A 128 -12.33 6.28 -3.44
N SER A 129 -13.32 5.72 -4.14
CA SER A 129 -14.50 5.19 -3.47
C SER A 129 -14.14 3.99 -2.60
N TYR A 130 -13.24 3.15 -3.10
CA TYR A 130 -12.81 1.96 -2.37
C TYR A 130 -12.26 2.34 -0.99
N LEU A 131 -11.30 3.26 -0.99
CA LEU A 131 -10.69 3.70 0.27
C LEU A 131 -11.70 4.47 1.11
N GLN A 132 -12.47 5.34 0.48
CA GLN A 132 -13.48 6.13 1.18
C GLN A 132 -14.13 5.32 2.29
N ARG A 133 -14.39 4.05 2.01
CA ARG A 133 -15.02 3.16 2.99
C ARG A 133 -13.98 2.28 3.68
N GLU A 134 -13.29 1.47 2.90
CA GLU A 134 -12.27 0.58 3.44
C GLU A 134 -11.41 1.31 4.47
N ALA A 135 -10.84 2.44 4.07
CA ALA A 135 -10.01 3.23 4.97
C ALA A 135 -10.71 3.50 6.29
N THR A 136 -10.00 3.27 7.39
CA THR A 136 -10.56 3.48 8.72
C THR A 136 -11.04 4.93 8.89
N SER A 137 -10.08 5.84 9.06
CA SER A 137 -10.40 7.25 9.24
C SER A 137 -11.38 7.73 8.18
N GLY A 138 -10.96 7.66 6.92
CA GLY A 138 -11.81 8.08 5.82
C GLY A 138 -11.51 9.51 5.38
N PRO A 139 -11.61 9.75 4.06
CA PRO A 139 -11.36 11.08 3.49
C PRO A 139 -12.45 12.08 3.87
N SER A 140 -13.39 11.65 4.68
CA SER A 140 -14.49 12.52 5.12
C SER A 140 -14.01 13.96 5.25
N SER A 141 -14.55 14.83 4.41
CA SER A 141 -14.18 16.24 4.43
C SER A 141 -15.41 17.13 4.61
N GLY A 142 -15.57 17.68 5.82
CA GLY A 142 -16.71 18.53 6.10
C GLY A 142 -17.45 18.12 7.35
N GLY A 1 -22.32 0.09 19.83
CA GLY A 1 -21.68 -0.46 18.66
C GLY A 1 -21.09 -1.83 18.91
N SER A 2 -19.84 -2.02 18.48
CA SER A 2 -19.16 -3.30 18.66
C SER A 2 -17.70 -3.09 19.03
N SER A 3 -17.07 -4.13 19.58
CA SER A 3 -15.67 -4.06 19.99
C SER A 3 -14.99 -5.42 19.81
N GLY A 4 -13.67 -5.41 19.92
CA GLY A 4 -12.91 -6.64 19.76
C GLY A 4 -11.57 -6.42 19.10
N SER A 5 -10.52 -6.29 19.91
CA SER A 5 -9.17 -6.07 19.39
C SER A 5 -8.13 -6.66 20.33
N SER A 6 -7.16 -7.37 19.74
CA SER A 6 -6.10 -8.00 20.53
C SER A 6 -4.83 -7.16 20.49
N GLY A 7 -4.26 -6.89 21.66
CA GLY A 7 -3.05 -6.10 21.75
C GLY A 7 -1.81 -6.92 21.45
N PHE A 8 -1.27 -6.76 20.25
CA PHE A 8 -0.08 -7.49 19.84
C PHE A 8 0.57 -6.83 18.63
N ASP A 9 1.79 -6.33 18.81
CA ASP A 9 2.52 -5.66 17.74
C ASP A 9 3.93 -6.22 17.63
N GLY A 10 4.26 -6.78 16.47
CA GLY A 10 5.58 -7.34 16.27
C GLY A 10 6.10 -7.10 14.85
N ASN A 11 7.40 -7.28 14.66
CA ASN A 11 8.01 -7.08 13.36
C ASN A 11 7.60 -8.19 12.38
N LEU A 12 6.49 -7.97 11.69
CA LEU A 12 5.99 -8.96 10.74
C LEU A 12 6.45 -8.61 9.32
N LYS A 13 7.61 -9.13 8.93
CA LYS A 13 8.15 -8.89 7.60
C LYS A 13 9.19 -9.95 7.24
N ARG A 14 9.45 -10.09 5.94
CA ARG A 14 10.41 -11.07 5.46
C ARG A 14 10.64 -10.92 3.96
N TYR A 15 11.90 -10.84 3.55
CA TYR A 15 12.24 -10.69 2.15
C TYR A 15 13.70 -11.07 1.90
N LEU A 16 13.97 -11.62 0.72
CA LEU A 16 15.32 -12.02 0.36
C LEU A 16 16.03 -10.93 -0.42
N LYS A 17 15.30 -10.26 -1.31
CA LYS A 17 15.85 -9.18 -2.11
C LYS A 17 15.17 -7.85 -1.79
N SER A 18 15.88 -6.76 -2.07
CA SER A 18 15.34 -5.43 -1.81
C SER A 18 16.07 -4.38 -2.63
N GLU A 19 15.37 -3.31 -2.98
CA GLU A 19 15.96 -2.23 -3.77
C GLU A 19 16.52 -1.13 -2.86
N PRO A 20 17.40 -0.30 -3.41
CA PRO A 20 18.02 0.80 -2.68
C PRO A 20 17.04 1.91 -2.35
N ILE A 21 17.17 2.48 -1.16
CA ILE A 21 16.28 3.56 -0.73
C ILE A 21 16.55 4.84 -1.52
N PRO A 22 15.48 5.45 -2.04
CA PRO A 22 15.57 6.68 -2.82
C PRO A 22 15.96 7.89 -1.96
N GLU A 23 16.45 8.94 -2.61
CA GLU A 23 16.86 10.15 -1.90
C GLU A 23 15.70 11.12 -1.78
N SER A 24 14.89 11.21 -2.83
CA SER A 24 13.74 12.12 -2.84
C SER A 24 12.56 11.47 -3.55
N ASN A 25 11.57 11.04 -2.78
CA ASN A 25 10.38 10.41 -3.33
C ASN A 25 9.12 11.15 -2.91
N ASP A 26 9.15 12.48 -3.04
CA ASP A 26 8.01 13.31 -2.66
C ASP A 26 7.04 13.46 -3.84
N GLY A 27 6.86 12.37 -4.59
CA GLY A 27 5.96 12.40 -5.72
C GLY A 27 4.53 12.02 -5.36
N PRO A 28 3.75 11.63 -6.36
CA PRO A 28 2.35 11.24 -6.17
C PRO A 28 2.22 9.90 -5.43
N VAL A 29 3.06 8.94 -5.81
CA VAL A 29 3.04 7.62 -5.18
C VAL A 29 4.36 7.34 -4.47
N LYS A 30 4.34 7.43 -3.14
CA LYS A 30 5.52 7.18 -2.34
C LYS A 30 6.15 5.82 -2.68
N VAL A 31 7.47 5.81 -2.83
CA VAL A 31 8.19 4.58 -3.16
C VAL A 31 8.48 3.76 -1.91
N VAL A 32 7.97 2.54 -1.89
CA VAL A 32 8.18 1.65 -0.75
C VAL A 32 8.91 0.38 -1.16
N VAL A 33 10.13 0.20 -0.64
CA VAL A 33 10.93 -0.97 -0.95
C VAL A 33 11.08 -1.87 0.26
N ALA A 34 11.06 -3.18 0.02
CA ALA A 34 11.18 -4.16 1.08
C ALA A 34 12.05 -3.62 2.22
N GLU A 35 13.11 -2.89 1.86
CA GLU A 35 14.02 -2.31 2.84
C GLU A 35 13.26 -1.44 3.83
N ASN A 36 12.47 -0.52 3.31
CA ASN A 36 11.68 0.39 4.15
C ASN A 36 10.20 0.08 4.05
N PHE A 37 9.88 -1.16 3.70
CA PHE A 37 8.49 -1.60 3.57
C PHE A 37 7.77 -1.51 4.92
N ASP A 38 8.37 -2.09 5.94
CA ASP A 38 7.78 -2.08 7.28
C ASP A 38 7.81 -0.68 7.87
N GLU A 39 8.42 0.25 7.15
CA GLU A 39 8.52 1.63 7.61
C GLU A 39 7.35 2.47 7.07
N ILE A 40 7.05 2.28 5.79
CA ILE A 40 5.95 3.01 5.16
C ILE A 40 4.68 2.18 5.13
N VAL A 41 4.74 1.03 4.46
CA VAL A 41 3.59 0.14 4.37
C VAL A 41 3.02 -0.18 5.75
N ASN A 42 3.84 -0.83 6.57
CA ASN A 42 3.43 -1.20 7.91
C ASN A 42 3.19 0.03 8.78
N ASN A 43 1.96 0.18 9.27
CA ASN A 43 1.60 1.31 10.11
C ASN A 43 0.18 1.16 10.64
N GLU A 44 0.05 1.13 11.97
CA GLU A 44 -1.25 0.99 12.60
C GLU A 44 -1.71 2.32 13.19
N ASN A 45 -1.33 3.41 12.54
CA ASN A 45 -1.70 4.74 13.01
C ASN A 45 -2.34 5.56 11.88
N LYS A 46 -1.91 5.28 10.65
CA LYS A 46 -2.45 5.98 9.49
C LYS A 46 -2.68 5.01 8.34
N ASP A 47 -3.82 5.16 7.66
CA ASP A 47 -4.16 4.30 6.53
C ASP A 47 -3.08 4.35 5.46
N VAL A 48 -2.76 3.20 4.89
CA VAL A 48 -1.73 3.10 3.86
C VAL A 48 -2.17 2.19 2.72
N LEU A 49 -1.56 2.35 1.56
CA LEU A 49 -1.88 1.53 0.40
C LEU A 49 -0.63 1.16 -0.38
N ILE A 50 -0.51 -0.12 -0.72
CA ILE A 50 0.65 -0.60 -1.46
C ILE A 50 0.24 -1.15 -2.83
N GLU A 51 1.06 -0.88 -3.83
CA GLU A 51 0.78 -1.34 -5.19
C GLU A 51 1.95 -2.13 -5.75
N PHE A 52 1.70 -3.39 -6.07
CA PHE A 52 2.73 -4.27 -6.62
C PHE A 52 2.62 -4.35 -8.13
N TYR A 53 3.58 -3.74 -8.82
CA TYR A 53 3.59 -3.75 -10.28
C TYR A 53 4.82 -4.49 -10.81
N ALA A 54 4.94 -4.54 -12.13
CA ALA A 54 6.07 -5.21 -12.77
C ALA A 54 6.67 -4.34 -13.88
N PRO A 55 8.00 -4.22 -13.88
CA PRO A 55 8.72 -3.43 -14.88
C PRO A 55 8.68 -4.07 -16.27
N TRP A 56 8.04 -5.23 -16.36
CA TRP A 56 7.92 -5.93 -17.63
C TRP A 56 6.47 -6.25 -17.95
N CYS A 57 5.56 -5.74 -17.13
CA CYS A 57 4.13 -5.97 -17.32
C CYS A 57 3.47 -4.77 -17.99
N GLY A 58 2.73 -5.03 -19.06
CA GLY A 58 2.05 -3.95 -19.77
C GLY A 58 0.83 -3.45 -19.05
N HIS A 59 0.01 -4.37 -18.56
CA HIS A 59 -1.21 -4.02 -17.84
C HIS A 59 -0.92 -2.97 -16.77
N CYS A 60 0.31 -2.98 -16.27
CA CYS A 60 0.71 -2.02 -15.23
C CYS A 60 1.05 -0.68 -15.85
N LYS A 61 1.78 -0.69 -16.95
CA LYS A 61 2.18 0.53 -17.64
C LYS A 61 0.95 1.39 -17.98
N ASN A 62 -0.10 0.72 -18.44
CA ASN A 62 -1.33 1.42 -18.81
C ASN A 62 -2.05 1.93 -17.57
N LEU A 63 -1.74 1.34 -16.42
CA LEU A 63 -2.35 1.74 -15.15
C LEU A 63 -1.50 2.77 -14.43
N GLU A 64 -0.21 2.79 -14.75
CA GLU A 64 0.72 3.72 -14.12
C GLU A 64 0.02 5.05 -13.82
N PRO A 65 -0.53 5.67 -14.87
CA PRO A 65 -1.23 6.96 -14.75
C PRO A 65 -2.56 6.82 -13.99
N LYS A 66 -3.15 5.64 -14.06
CA LYS A 66 -4.41 5.38 -13.38
C LYS A 66 -4.22 5.29 -11.87
N TYR A 67 -3.04 4.83 -11.46
CA TYR A 67 -2.73 4.69 -10.04
C TYR A 67 -1.96 5.90 -9.53
N LYS A 68 -1.03 6.39 -10.36
CA LYS A 68 -0.23 7.54 -9.99
C LYS A 68 -1.11 8.73 -9.63
N GLU A 69 -2.16 8.95 -10.43
CA GLU A 69 -3.07 10.06 -10.20
C GLU A 69 -3.62 10.03 -8.77
N LEU A 70 -4.17 8.88 -8.38
CA LEU A 70 -4.72 8.71 -7.04
C LEU A 70 -3.79 9.32 -5.99
N GLY A 71 -2.49 9.15 -6.19
CA GLY A 71 -1.52 9.68 -5.26
C GLY A 71 -1.57 11.20 -5.18
N GLU A 72 -1.23 11.86 -6.27
CA GLU A 72 -1.24 13.32 -6.32
C GLU A 72 -2.65 13.87 -6.08
N LYS A 73 -3.65 13.03 -6.32
CA LYS A 73 -5.04 13.42 -6.15
C LYS A 73 -5.44 13.37 -4.67
N LEU A 74 -5.05 12.29 -4.00
CA LEU A 74 -5.36 12.12 -2.58
C LEU A 74 -4.33 12.84 -1.71
N SER A 75 -3.37 13.50 -2.35
CA SER A 75 -2.34 14.22 -1.63
C SER A 75 -2.91 14.95 -0.41
N LYS A 76 -4.18 15.30 -0.50
CA LYS A 76 -4.86 16.00 0.59
C LYS A 76 -5.39 15.00 1.62
N ASP A 77 -4.75 13.83 1.69
CA ASP A 77 -5.16 12.79 2.63
C ASP A 77 -4.19 12.73 3.82
N PRO A 78 -4.53 13.45 4.89
CA PRO A 78 -3.71 13.49 6.11
C PRO A 78 -3.73 12.17 6.87
N ASN A 79 -4.47 11.20 6.33
CA ASN A 79 -4.57 9.89 6.96
C ASN A 79 -4.12 8.79 6.00
N ILE A 80 -4.57 8.88 4.76
CA ILE A 80 -4.20 7.89 3.74
C ILE A 80 -2.91 8.28 3.04
N VAL A 81 -2.11 7.27 2.69
CA VAL A 81 -0.84 7.49 2.01
C VAL A 81 -0.65 6.51 0.87
N ILE A 82 -0.77 7.01 -0.36
CA ILE A 82 -0.60 6.18 -1.55
C ILE A 82 0.86 5.88 -1.81
N ALA A 83 1.17 4.61 -2.05
CA ALA A 83 2.54 4.20 -2.32
C ALA A 83 2.58 3.03 -3.30
N LYS A 84 3.78 2.66 -3.73
CA LYS A 84 3.95 1.56 -4.67
C LYS A 84 5.27 0.82 -4.42
N MET A 85 5.33 -0.42 -4.86
CA MET A 85 6.54 -1.23 -4.70
C MET A 85 6.69 -2.23 -5.84
N ASP A 86 7.94 -2.53 -6.18
CA ASP A 86 8.22 -3.47 -7.26
C ASP A 86 8.51 -4.86 -6.71
N ALA A 87 7.51 -5.73 -6.75
CA ALA A 87 7.66 -7.10 -6.25
C ALA A 87 8.74 -7.85 -7.02
N THR A 88 8.82 -7.59 -8.32
CA THR A 88 9.81 -8.24 -9.17
C THR A 88 11.22 -7.82 -8.79
N ALA A 89 11.33 -6.72 -8.05
CA ALA A 89 12.62 -6.22 -7.62
C ALA A 89 12.74 -6.21 -6.09
N ASN A 90 11.61 -6.44 -5.42
CA ASN A 90 11.58 -6.46 -3.97
C ASN A 90 10.67 -7.58 -3.46
N ASP A 91 11.29 -8.62 -2.92
CA ASP A 91 10.55 -9.76 -2.39
C ASP A 91 9.32 -9.30 -1.61
N VAL A 92 8.20 -9.98 -1.81
CA VAL A 92 6.96 -9.64 -1.13
C VAL A 92 6.95 -10.20 0.30
N PRO A 93 6.67 -9.32 1.27
CA PRO A 93 6.61 -9.71 2.69
C PRO A 93 5.41 -10.59 3.00
N SER A 94 5.11 -10.74 4.29
CA SER A 94 4.00 -11.57 4.72
C SER A 94 3.07 -10.79 5.66
N PRO A 95 1.80 -11.21 5.71
CA PRO A 95 1.30 -12.34 4.92
C PRO A 95 1.25 -12.02 3.42
N TYR A 96 1.52 -10.76 3.08
CA TYR A 96 1.50 -10.33 1.69
C TYR A 96 1.94 -11.46 0.76
N GLU A 97 1.23 -11.61 -0.35
CA GLU A 97 1.54 -12.65 -1.32
C GLU A 97 1.12 -12.23 -2.73
N VAL A 98 2.09 -12.18 -3.64
CA VAL A 98 1.82 -11.79 -5.02
C VAL A 98 2.04 -12.96 -5.97
N ARG A 99 0.95 -13.48 -6.53
CA ARG A 99 1.02 -14.60 -7.46
C ARG A 99 0.91 -14.12 -8.90
N GLY A 100 -0.04 -13.23 -9.16
CA GLY A 100 -0.23 -12.70 -10.49
C GLY A 100 -0.35 -11.19 -10.52
N PHE A 101 0.39 -10.55 -11.42
CA PHE A 101 0.36 -9.10 -11.53
C PHE A 101 -0.58 -8.66 -12.64
N PRO A 102 -1.10 -7.43 -12.52
CA PRO A 102 -0.77 -6.54 -11.40
C PRO A 102 -1.38 -7.02 -10.08
N THR A 103 -0.84 -6.54 -8.98
CA THR A 103 -1.31 -6.93 -7.66
C THR A 103 -1.36 -5.73 -6.72
N ILE A 104 -2.58 -5.32 -6.36
CA ILE A 104 -2.76 -4.18 -5.47
C ILE A 104 -3.28 -4.63 -4.11
N TYR A 105 -2.64 -4.14 -3.05
CA TYR A 105 -3.04 -4.49 -1.69
C TYR A 105 -3.38 -3.24 -0.88
N PHE A 106 -3.68 -3.44 0.41
CA PHE A 106 -4.02 -2.33 1.29
C PHE A 106 -3.67 -2.66 2.73
N SER A 107 -3.00 -1.73 3.40
CA SER A 107 -2.60 -1.93 4.79
C SER A 107 -3.51 -1.14 5.73
N PRO A 108 -4.53 -1.81 6.28
CA PRO A 108 -5.49 -1.20 7.20
C PRO A 108 -4.86 -0.87 8.56
N ALA A 109 -5.58 -0.09 9.36
CA ALA A 109 -5.10 0.30 10.67
C ALA A 109 -5.46 -0.75 11.73
N ASN A 110 -4.50 -1.09 12.58
CA ASN A 110 -4.72 -2.06 13.63
C ASN A 110 -5.24 -3.37 13.05
N LYS A 111 -4.92 -3.62 11.78
CA LYS A 111 -5.34 -4.84 11.11
C LYS A 111 -4.16 -5.54 10.43
N LYS A 112 -2.96 -5.23 10.90
CA LYS A 112 -1.75 -5.83 10.34
C LYS A 112 -1.89 -7.35 10.24
N LEU A 113 -2.47 -7.95 11.27
CA LEU A 113 -2.66 -9.39 11.30
C LEU A 113 -3.37 -9.87 10.03
N ASN A 114 -4.34 -9.10 9.58
CA ASN A 114 -5.10 -9.44 8.39
C ASN A 114 -5.27 -8.23 7.48
N PRO A 115 -4.40 -8.12 6.46
CA PRO A 115 -4.43 -7.01 5.49
C PRO A 115 -5.65 -7.07 4.59
N LYS A 116 -5.66 -6.21 3.57
CA LYS A 116 -6.77 -6.17 2.62
C LYS A 116 -6.26 -6.07 1.19
N LYS A 117 -6.90 -6.80 0.28
CA LYS A 117 -6.50 -6.79 -1.12
C LYS A 117 -7.53 -6.03 -1.96
N TYR A 118 -7.04 -5.21 -2.88
CA TYR A 118 -7.90 -4.42 -3.75
C TYR A 118 -8.46 -5.27 -4.88
N GLU A 119 -9.74 -5.59 -4.81
CA GLU A 119 -10.40 -6.39 -5.83
C GLU A 119 -11.61 -5.67 -6.41
N GLY A 120 -11.39 -4.98 -7.54
CA GLY A 120 -12.47 -4.26 -8.18
C GLY A 120 -12.05 -3.66 -9.51
N GLY A 121 -12.51 -2.44 -9.77
CA GLY A 121 -12.16 -1.78 -11.02
C GLY A 121 -10.88 -0.99 -10.93
N ARG A 122 -9.98 -1.23 -11.87
CA ARG A 122 -8.69 -0.54 -11.89
C ARG A 122 -8.83 0.85 -12.48
N GLU A 123 -9.81 1.61 -11.99
CA GLU A 123 -10.06 2.96 -12.47
C GLU A 123 -9.74 3.99 -11.39
N LEU A 124 -9.00 5.02 -11.75
CA LEU A 124 -8.63 6.08 -10.82
C LEU A 124 -9.75 6.33 -9.81
N SER A 125 -10.97 6.53 -10.31
CA SER A 125 -12.11 6.78 -9.45
C SER A 125 -12.40 5.58 -8.57
N ASP A 126 -12.54 4.40 -9.19
CA ASP A 126 -12.81 3.18 -8.46
C ASP A 126 -11.93 3.09 -7.21
N PHE A 127 -10.69 3.55 -7.32
CA PHE A 127 -9.76 3.52 -6.21
C PHE A 127 -10.18 4.49 -5.11
N ILE A 128 -10.59 5.69 -5.51
CA ILE A 128 -11.03 6.70 -4.57
C ILE A 128 -12.15 6.19 -3.68
N SER A 129 -13.29 5.87 -4.30
CA SER A 129 -14.44 5.36 -3.56
C SER A 129 -14.06 4.14 -2.74
N TYR A 130 -13.18 3.32 -3.28
CA TYR A 130 -12.73 2.11 -2.59
C TYR A 130 -12.19 2.44 -1.21
N LEU A 131 -11.27 3.40 -1.16
CA LEU A 131 -10.66 3.81 0.10
C LEU A 131 -11.66 4.58 0.96
N GLN A 132 -12.43 5.46 0.33
CA GLN A 132 -13.43 6.25 1.04
C GLN A 132 -14.20 5.39 2.03
N ARG A 133 -14.56 4.18 1.60
CA ARG A 133 -15.30 3.27 2.45
C ARG A 133 -14.36 2.36 3.25
N GLU A 134 -13.45 1.70 2.54
CA GLU A 134 -12.48 0.81 3.17
C GLU A 134 -11.76 1.52 4.31
N ALA A 135 -11.02 2.56 3.98
CA ALA A 135 -10.28 3.33 4.97
C ALA A 135 -11.06 3.45 6.27
N THR A 136 -10.65 2.69 7.28
CA THR A 136 -11.33 2.72 8.57
C THR A 136 -11.51 4.15 9.07
N SER A 137 -10.42 4.90 9.10
CA SER A 137 -10.46 6.29 9.56
C SER A 137 -11.11 7.19 8.51
N GLY A 138 -10.75 6.95 7.25
CA GLY A 138 -11.30 7.75 6.17
C GLY A 138 -10.94 9.21 6.28
N PRO A 139 -11.06 9.95 5.16
CA PRO A 139 -10.74 11.38 5.11
C PRO A 139 -11.74 12.22 5.90
N SER A 140 -11.26 12.86 6.97
CA SER A 140 -12.11 13.68 7.81
C SER A 140 -11.58 15.11 7.88
N SER A 141 -12.39 16.02 8.42
CA SER A 141 -12.01 17.42 8.54
C SER A 141 -11.90 17.83 10.00
N GLY A 142 -11.08 18.84 10.27
CA GLY A 142 -10.90 19.31 11.63
C GLY A 142 -9.48 19.70 11.94
N GLY A 1 -13.08 -4.94 37.77
CA GLY A 1 -11.95 -4.34 37.08
C GLY A 1 -11.72 -4.94 35.72
N SER A 2 -11.64 -4.08 34.70
CA SER A 2 -11.43 -4.54 33.33
C SER A 2 -10.13 -3.95 32.76
N SER A 3 -9.06 -4.75 32.79
CA SER A 3 -7.77 -4.31 32.28
C SER A 3 -6.94 -5.50 31.81
N GLY A 4 -5.95 -5.23 30.96
CA GLY A 4 -5.10 -6.28 30.45
C GLY A 4 -4.84 -6.15 28.96
N SER A 5 -3.61 -5.84 28.60
CA SER A 5 -3.23 -5.67 27.21
C SER A 5 -1.92 -6.40 26.90
N SER A 6 -1.85 -7.04 25.75
CA SER A 6 -0.66 -7.77 25.34
C SER A 6 -0.79 -8.27 23.91
N GLY A 7 0.36 -8.50 23.26
CA GLY A 7 0.36 -8.97 21.89
C GLY A 7 1.71 -8.85 21.23
N PHE A 8 1.83 -9.37 20.01
CA PHE A 8 3.08 -9.32 19.27
C PHE A 8 3.11 -8.12 18.33
N ASP A 9 4.27 -7.51 18.19
CA ASP A 9 4.44 -6.35 17.32
C ASP A 9 4.06 -6.70 15.89
N GLY A 10 4.66 -7.76 15.36
CA GLY A 10 4.37 -8.17 13.99
C GLY A 10 5.60 -8.63 13.25
N ASN A 11 6.18 -9.75 13.70
CA ASN A 11 7.38 -10.29 13.07
C ASN A 11 7.02 -11.12 11.84
N LEU A 12 6.05 -10.63 11.07
CA LEU A 12 5.61 -11.32 9.87
C LEU A 12 6.28 -10.74 8.63
N LYS A 13 7.59 -10.51 8.71
CA LYS A 13 8.35 -9.95 7.60
C LYS A 13 9.37 -10.96 7.08
N ARG A 14 9.53 -10.99 5.75
CA ARG A 14 10.47 -11.92 5.13
C ARG A 14 10.56 -11.66 3.63
N TYR A 15 11.77 -11.36 3.16
CA TYR A 15 11.99 -11.09 1.74
C TYR A 15 13.41 -11.48 1.33
N LEU A 16 13.58 -11.77 0.05
CA LEU A 16 14.89 -12.16 -0.48
C LEU A 16 15.50 -11.03 -1.31
N LYS A 17 14.63 -10.28 -1.99
CA LYS A 17 15.07 -9.17 -2.83
C LYS A 17 14.85 -7.83 -2.12
N SER A 18 15.50 -6.79 -2.61
CA SER A 18 15.38 -5.46 -2.03
C SER A 18 15.96 -4.40 -2.96
N GLU A 19 15.21 -3.31 -3.14
CA GLU A 19 15.64 -2.22 -4.00
C GLU A 19 16.28 -1.10 -3.19
N PRO A 20 17.04 -0.23 -3.88
CA PRO A 20 17.73 0.90 -3.25
C PRO A 20 16.76 1.97 -2.78
N ILE A 21 17.02 2.54 -1.60
CA ILE A 21 16.17 3.58 -1.05
C ILE A 21 16.30 4.88 -1.84
N PRO A 22 15.18 5.39 -2.35
CA PRO A 22 15.14 6.63 -3.13
C PRO A 22 15.42 7.86 -2.27
N GLU A 23 16.35 8.70 -2.73
CA GLU A 23 16.70 9.91 -2.01
C GLU A 23 15.46 10.75 -1.70
N SER A 24 14.61 10.93 -2.70
CA SER A 24 13.39 11.72 -2.53
C SER A 24 12.25 11.13 -3.37
N ASN A 25 11.09 10.99 -2.75
CA ASN A 25 9.92 10.44 -3.44
C ASN A 25 8.91 11.55 -3.74
N ASP A 26 9.38 12.64 -4.31
CA ASP A 26 8.52 13.77 -4.64
C ASP A 26 7.31 13.30 -5.45
N GLY A 27 7.50 12.26 -6.25
CA GLY A 27 6.41 11.74 -7.05
C GLY A 27 5.11 11.66 -6.28
N PRO A 28 4.00 11.50 -7.01
CA PRO A 28 2.67 11.41 -6.41
C PRO A 28 2.46 10.11 -5.64
N VAL A 29 3.25 9.09 -5.99
CA VAL A 29 3.15 7.79 -5.33
C VAL A 29 4.47 7.43 -4.66
N LYS A 30 4.46 7.39 -3.33
CA LYS A 30 5.66 7.05 -2.57
C LYS A 30 6.18 5.68 -2.96
N VAL A 31 7.50 5.56 -3.10
CA VAL A 31 8.13 4.30 -3.47
C VAL A 31 8.49 3.48 -2.23
N VAL A 32 7.87 2.32 -2.09
CA VAL A 32 8.13 1.45 -0.95
C VAL A 32 8.96 0.24 -1.36
N VAL A 33 10.09 0.05 -0.69
CA VAL A 33 10.98 -1.07 -0.99
C VAL A 33 11.12 -1.99 0.22
N ALA A 34 11.30 -3.28 -0.04
CA ALA A 34 11.46 -4.26 1.01
C ALA A 34 12.28 -3.69 2.18
N GLU A 35 13.28 -2.88 1.85
CA GLU A 35 14.13 -2.28 2.85
C GLU A 35 13.33 -1.36 3.78
N ASN A 36 12.56 -0.46 3.17
CA ASN A 36 11.74 0.47 3.93
C ASN A 36 10.26 0.12 3.83
N PHE A 37 9.98 -1.17 3.63
CA PHE A 37 8.62 -1.64 3.51
C PHE A 37 7.87 -1.49 4.85
N ASP A 38 8.42 -2.09 5.89
CA ASP A 38 7.82 -2.02 7.22
C ASP A 38 7.83 -0.60 7.75
N GLU A 39 8.47 0.31 7.01
CA GLU A 39 8.56 1.71 7.41
C GLU A 39 7.35 2.50 6.89
N ILE A 40 6.99 2.24 5.64
CA ILE A 40 5.86 2.94 5.03
C ILE A 40 4.60 2.07 5.07
N VAL A 41 4.70 0.85 4.56
CA VAL A 41 3.57 -0.07 4.54
C VAL A 41 3.02 -0.29 5.96
N ASN A 42 3.87 -0.82 6.83
CA ASN A 42 3.46 -1.07 8.21
C ASN A 42 3.22 0.23 8.97
N ASN A 43 1.97 0.47 9.32
CA ASN A 43 1.60 1.70 10.05
C ASN A 43 0.14 1.66 10.48
N GLU A 44 -0.09 1.43 11.76
CA GLU A 44 -1.44 1.37 12.30
C GLU A 44 -1.92 2.76 12.72
N ASN A 45 -1.11 3.77 12.46
CA ASN A 45 -1.44 5.14 12.81
C ASN A 45 -2.18 5.83 11.66
N LYS A 46 -1.81 5.49 10.44
CA LYS A 46 -2.44 6.07 9.26
C LYS A 46 -2.67 5.01 8.19
N ASP A 47 -3.69 5.22 7.37
CA ASP A 47 -4.02 4.30 6.30
C ASP A 47 -2.96 4.32 5.20
N VAL A 48 -2.57 3.14 4.73
CA VAL A 48 -1.55 3.02 3.68
C VAL A 48 -1.99 2.05 2.61
N LEU A 49 -1.79 2.43 1.36
CA LEU A 49 -2.16 1.58 0.22
C LEU A 49 -0.93 1.17 -0.57
N ILE A 50 -0.69 -0.13 -0.65
CA ILE A 50 0.44 -0.66 -1.39
C ILE A 50 0.01 -1.32 -2.69
N GLU A 51 0.73 -1.02 -3.77
CA GLU A 51 0.41 -1.58 -5.07
C GLU A 51 1.64 -2.24 -5.70
N PHE A 52 1.54 -3.54 -5.98
CA PHE A 52 2.64 -4.27 -6.57
C PHE A 52 2.48 -4.37 -8.09
N TYR A 53 3.48 -3.88 -8.81
CA TYR A 53 3.46 -3.90 -10.27
C TYR A 53 4.69 -4.62 -10.82
N ALA A 54 4.77 -4.68 -12.15
CA ALA A 54 5.90 -5.34 -12.81
C ALA A 54 6.42 -4.48 -13.96
N PRO A 55 7.76 -4.33 -14.02
CA PRO A 55 8.41 -3.55 -15.07
C PRO A 55 8.33 -4.22 -16.43
N TRP A 56 7.80 -5.43 -16.46
CA TRP A 56 7.66 -6.18 -17.70
C TRP A 56 6.21 -6.58 -17.94
N CYS A 57 5.30 -5.86 -17.31
CA CYS A 57 3.87 -6.15 -17.44
C CYS A 57 3.13 -4.94 -18.02
N GLY A 58 2.65 -5.07 -19.25
CA GLY A 58 1.93 -3.98 -19.89
C GLY A 58 0.95 -3.31 -18.95
N HIS A 59 0.16 -4.11 -18.26
CA HIS A 59 -0.83 -3.59 -17.32
C HIS A 59 -0.22 -2.51 -16.43
N CYS A 60 1.04 -2.72 -16.05
CA CYS A 60 1.73 -1.77 -15.19
C CYS A 60 1.89 -0.42 -15.89
N LYS A 61 2.28 -0.46 -17.16
CA LYS A 61 2.48 0.75 -17.95
C LYS A 61 1.16 1.48 -18.15
N ASN A 62 0.10 0.73 -18.44
CA ASN A 62 -1.22 1.30 -18.65
C ASN A 62 -1.83 1.78 -17.34
N LEU A 63 -1.54 1.05 -16.26
CA LEU A 63 -2.06 1.40 -14.95
C LEU A 63 -1.21 2.48 -14.30
N GLU A 64 0.07 2.53 -14.67
CA GLU A 64 0.98 3.52 -14.12
C GLU A 64 0.29 4.86 -13.93
N PRO A 65 -0.26 5.41 -15.02
CA PRO A 65 -0.96 6.69 -14.99
C PRO A 65 -2.30 6.61 -14.25
N LYS A 66 -2.92 5.44 -14.31
CA LYS A 66 -4.20 5.23 -13.64
C LYS A 66 -4.04 5.23 -12.12
N TYR A 67 -2.86 4.81 -11.66
CA TYR A 67 -2.58 4.77 -10.23
C TYR A 67 -1.92 6.07 -9.77
N LYS A 68 -0.93 6.52 -10.54
CA LYS A 68 -0.21 7.75 -10.22
C LYS A 68 -1.18 8.83 -9.72
N GLU A 69 -2.14 9.18 -10.57
CA GLU A 69 -3.13 10.21 -10.21
C GLU A 69 -3.57 10.05 -8.76
N LEU A 70 -4.17 8.90 -8.46
CA LEU A 70 -4.65 8.62 -7.10
C LEU A 70 -3.68 9.17 -6.06
N GLY A 71 -2.39 9.11 -6.37
CA GLY A 71 -1.38 9.61 -5.45
C GLY A 71 -1.55 11.09 -5.15
N GLU A 72 -1.30 11.92 -6.16
CA GLU A 72 -1.41 13.36 -5.99
C GLU A 72 -2.87 13.76 -5.75
N LYS A 73 -3.79 12.88 -6.12
CA LYS A 73 -5.22 13.14 -5.94
C LYS A 73 -5.61 12.99 -4.47
N LEU A 74 -5.08 11.96 -3.82
CA LEU A 74 -5.38 11.70 -2.42
C LEU A 74 -4.44 12.49 -1.51
N SER A 75 -3.60 13.31 -2.11
CA SER A 75 -2.64 14.12 -1.36
C SER A 75 -3.37 14.96 -0.30
N LYS A 76 -4.58 15.40 -0.63
CA LYS A 76 -5.37 16.20 0.28
C LYS A 76 -5.74 15.42 1.54
N ASP A 77 -5.39 14.13 1.53
CA ASP A 77 -5.68 13.26 2.68
C ASP A 77 -4.42 13.03 3.50
N PRO A 78 -4.29 13.76 4.62
CA PRO A 78 -3.15 13.64 5.52
C PRO A 78 -3.13 12.32 6.27
N ASN A 79 -4.12 11.47 6.00
CA ASN A 79 -4.22 10.18 6.65
C ASN A 79 -3.94 9.05 5.66
N ILE A 80 -4.36 9.24 4.42
CA ILE A 80 -4.15 8.24 3.38
C ILE A 80 -2.86 8.51 2.61
N VAL A 81 -2.01 7.50 2.51
CA VAL A 81 -0.74 7.63 1.80
C VAL A 81 -0.61 6.56 0.72
N ILE A 82 -0.66 6.99 -0.54
CA ILE A 82 -0.54 6.07 -1.66
C ILE A 82 0.92 5.76 -1.97
N ALA A 83 1.26 4.47 -1.96
CA ALA A 83 2.62 4.04 -2.25
C ALA A 83 2.64 2.88 -3.22
N LYS A 84 3.79 2.65 -3.84
CA LYS A 84 3.94 1.56 -4.81
C LYS A 84 5.23 0.79 -4.56
N MET A 85 5.22 -0.50 -4.90
CA MET A 85 6.40 -1.33 -4.72
C MET A 85 6.55 -2.31 -5.88
N ASP A 86 7.79 -2.52 -6.31
CA ASP A 86 8.07 -3.43 -7.42
C ASP A 86 8.44 -4.81 -6.89
N ALA A 87 7.45 -5.68 -6.75
CA ALA A 87 7.68 -7.03 -6.26
C ALA A 87 8.88 -7.66 -6.95
N THR A 88 8.90 -7.58 -8.27
CA THR A 88 10.00 -8.15 -9.06
C THR A 88 11.35 -7.60 -8.59
N ALA A 89 11.33 -6.38 -8.08
CA ALA A 89 12.55 -5.74 -7.59
C ALA A 89 12.74 -5.97 -6.10
N ASN A 90 11.70 -6.47 -5.44
CA ASN A 90 11.74 -6.73 -4.00
C ASN A 90 10.70 -7.76 -3.60
N ASP A 91 11.16 -8.84 -2.99
CA ASP A 91 10.25 -9.91 -2.55
C ASP A 91 9.18 -9.36 -1.60
N VAL A 92 7.95 -9.78 -1.82
CA VAL A 92 6.83 -9.33 -1.00
C VAL A 92 6.73 -10.16 0.29
N PRO A 93 6.67 -9.45 1.44
CA PRO A 93 6.59 -10.09 2.75
C PRO A 93 5.24 -10.76 2.98
N SER A 94 4.97 -11.15 4.22
CA SER A 94 3.73 -11.81 4.57
C SER A 94 2.91 -10.95 5.54
N PRO A 95 1.60 -11.25 5.64
CA PRO A 95 0.97 -12.32 4.87
C PRO A 95 0.89 -12.01 3.38
N TYR A 96 1.16 -10.76 3.03
CA TYR A 96 1.11 -10.32 1.65
C TYR A 96 1.58 -11.44 0.70
N GLU A 97 0.81 -11.65 -0.36
CA GLU A 97 1.14 -12.69 -1.33
C GLU A 97 0.84 -12.21 -2.76
N VAL A 98 1.87 -12.15 -3.59
CA VAL A 98 1.71 -11.72 -4.97
C VAL A 98 2.17 -12.80 -5.94
N ARG A 99 1.24 -13.31 -6.73
CA ARG A 99 1.55 -14.35 -7.70
C ARG A 99 1.27 -13.88 -9.12
N GLY A 100 0.13 -13.22 -9.31
CA GLY A 100 -0.24 -12.71 -10.62
C GLY A 100 -0.33 -11.20 -10.66
N PHE A 101 0.43 -10.58 -11.55
CA PHE A 101 0.43 -9.13 -11.69
C PHE A 101 -0.47 -8.69 -12.84
N PRO A 102 -0.97 -7.45 -12.75
CA PRO A 102 -0.68 -6.55 -11.63
C PRO A 102 -1.34 -7.02 -10.33
N THR A 103 -0.85 -6.50 -9.20
CA THR A 103 -1.40 -6.86 -7.90
C THR A 103 -1.48 -5.64 -6.99
N ILE A 104 -2.67 -5.39 -6.45
CA ILE A 104 -2.88 -4.25 -5.56
C ILE A 104 -3.27 -4.72 -4.16
N TYR A 105 -2.70 -4.07 -3.14
CA TYR A 105 -3.00 -4.42 -1.77
C TYR A 105 -3.26 -3.17 -0.92
N PHE A 106 -3.87 -3.36 0.24
CA PHE A 106 -4.19 -2.25 1.13
C PHE A 106 -3.79 -2.58 2.57
N SER A 107 -3.16 -1.61 3.23
CA SER A 107 -2.74 -1.80 4.61
C SER A 107 -3.66 -1.07 5.59
N PRO A 108 -4.67 -1.78 6.08
CA PRO A 108 -5.66 -1.23 7.02
C PRO A 108 -5.04 -0.94 8.39
N ALA A 109 -5.59 0.04 9.09
CA ALA A 109 -5.11 0.41 10.42
C ALA A 109 -5.42 -0.68 11.43
N ASN A 110 -4.51 -0.86 12.40
CA ASN A 110 -4.69 -1.87 13.43
C ASN A 110 -5.17 -3.19 12.84
N LYS A 111 -4.86 -3.39 11.56
CA LYS A 111 -5.25 -4.62 10.87
C LYS A 111 -4.06 -5.24 10.14
N LYS A 112 -2.90 -5.23 10.79
CA LYS A 112 -1.69 -5.79 10.22
C LYS A 112 -1.82 -7.30 10.05
N LEU A 113 -2.21 -7.98 11.11
CA LEU A 113 -2.37 -9.43 11.08
C LEU A 113 -3.19 -9.86 9.86
N ASN A 114 -4.32 -9.21 9.66
CA ASN A 114 -5.20 -9.52 8.53
C ASN A 114 -5.42 -8.28 7.66
N PRO A 115 -4.56 -8.12 6.64
CA PRO A 115 -4.65 -6.98 5.71
C PRO A 115 -5.88 -7.06 4.81
N LYS A 116 -5.86 -6.29 3.73
CA LYS A 116 -6.97 -6.27 2.78
C LYS A 116 -6.47 -6.05 1.37
N LYS A 117 -6.95 -6.87 0.44
CA LYS A 117 -6.55 -6.76 -0.96
C LYS A 117 -7.60 -6.00 -1.78
N TYR A 118 -7.14 -5.11 -2.65
CA TYR A 118 -8.03 -4.31 -3.47
C TYR A 118 -8.65 -5.17 -4.58
N GLU A 119 -9.92 -5.51 -4.40
CA GLU A 119 -10.64 -6.33 -5.38
C GLU A 119 -11.80 -5.55 -5.98
N GLY A 120 -11.58 -4.99 -7.17
CA GLY A 120 -12.62 -4.23 -7.83
C GLY A 120 -12.17 -3.67 -9.17
N GLY A 121 -12.66 -2.48 -9.50
CA GLY A 121 -12.29 -1.86 -10.77
C GLY A 121 -11.00 -1.06 -10.66
N ARG A 122 -10.09 -1.30 -11.60
CA ARG A 122 -8.81 -0.60 -11.61
C ARG A 122 -8.96 0.80 -12.20
N GLU A 123 -9.99 1.51 -11.76
CA GLU A 123 -10.25 2.86 -12.25
C GLU A 123 -9.90 3.90 -11.18
N LEU A 124 -9.17 4.93 -11.59
CA LEU A 124 -8.77 5.99 -10.67
C LEU A 124 -9.88 6.30 -9.67
N SER A 125 -11.07 6.55 -10.19
CA SER A 125 -12.22 6.86 -9.34
C SER A 125 -12.53 5.68 -8.41
N ASP A 126 -12.50 4.48 -8.96
CA ASP A 126 -12.78 3.27 -8.19
C ASP A 126 -11.94 3.23 -6.92
N PHE A 127 -10.67 3.59 -7.05
CA PHE A 127 -9.75 3.60 -5.91
C PHE A 127 -10.22 4.60 -4.85
N ILE A 128 -10.67 5.76 -5.29
CA ILE A 128 -11.14 6.80 -4.39
C ILE A 128 -12.31 6.30 -3.54
N SER A 129 -13.40 5.94 -4.19
CA SER A 129 -14.58 5.45 -3.50
C SER A 129 -14.25 4.26 -2.63
N TYR A 130 -13.28 3.45 -3.09
CA TYR A 130 -12.87 2.26 -2.35
C TYR A 130 -12.40 2.63 -0.94
N LEU A 131 -11.39 3.49 -0.87
CA LEU A 131 -10.85 3.93 0.42
C LEU A 131 -11.89 4.72 1.20
N GLN A 132 -12.65 5.55 0.50
CA GLN A 132 -13.67 6.37 1.13
C GLN A 132 -14.43 5.57 2.18
N ARG A 133 -14.72 4.31 1.87
CA ARG A 133 -15.45 3.44 2.78
C ARG A 133 -14.50 2.46 3.46
N GLU A 134 -13.52 1.96 2.70
CA GLU A 134 -12.55 1.02 3.23
C GLU A 134 -11.66 1.68 4.28
N ALA A 135 -10.93 2.71 3.86
CA ALA A 135 -10.03 3.43 4.77
C ALA A 135 -10.72 3.71 6.10
N THR A 136 -10.01 3.41 7.20
CA THR A 136 -10.55 3.63 8.53
C THR A 136 -10.95 5.09 8.73
N SER A 137 -9.95 5.95 8.92
CA SER A 137 -10.19 7.37 9.13
C SER A 137 -11.14 7.92 8.06
N GLY A 138 -10.76 7.76 6.80
CA GLY A 138 -11.58 8.24 5.71
C GLY A 138 -11.11 9.58 5.18
N PRO A 139 -11.82 10.11 4.17
CA PRO A 139 -11.50 11.40 3.55
C PRO A 139 -11.76 12.57 4.48
N SER A 140 -12.25 12.27 5.68
CA SER A 140 -12.55 13.31 6.67
C SER A 140 -11.39 14.29 6.79
N SER A 141 -11.69 15.58 6.64
CA SER A 141 -10.68 16.62 6.74
C SER A 141 -11.17 17.77 7.59
N GLY A 142 -10.27 18.31 8.43
CA GLY A 142 -10.63 19.41 9.30
C GLY A 142 -9.45 19.91 10.11
N GLY A 1 -19.25 -14.04 25.05
CA GLY A 1 -18.97 -12.67 25.44
C GLY A 1 -17.58 -12.49 26.01
N SER A 2 -16.56 -12.77 25.19
CA SER A 2 -15.19 -12.64 25.63
C SER A 2 -14.23 -12.79 24.44
N SER A 3 -13.47 -11.74 24.17
CA SER A 3 -12.52 -11.75 23.06
C SER A 3 -11.28 -10.93 23.40
N GLY A 4 -10.11 -11.52 23.17
CA GLY A 4 -8.86 -10.83 23.45
C GLY A 4 -7.66 -11.75 23.34
N SER A 5 -6.65 -11.32 22.58
CA SER A 5 -5.45 -12.12 22.40
C SER A 5 -4.24 -11.22 22.11
N SER A 6 -3.05 -11.81 22.15
CA SER A 6 -1.83 -11.06 21.90
C SER A 6 -0.66 -12.01 21.64
N GLY A 7 0.47 -11.45 21.22
CA GLY A 7 1.64 -12.25 20.94
C GLY A 7 2.02 -12.24 19.47
N PHE A 8 3.30 -12.01 19.20
CA PHE A 8 3.79 -11.96 17.83
C PHE A 8 2.97 -10.98 16.99
N ASP A 9 2.61 -9.85 17.59
CA ASP A 9 1.83 -8.83 16.90
C ASP A 9 2.73 -7.71 16.38
N GLY A 10 2.70 -7.50 15.07
CA GLY A 10 3.52 -6.46 14.47
C GLY A 10 4.99 -6.83 14.44
N ASN A 11 5.77 -6.04 13.70
CA ASN A 11 7.21 -6.30 13.59
C ASN A 11 7.47 -7.68 12.97
N LEU A 12 6.61 -8.07 12.04
CA LEU A 12 6.75 -9.36 11.38
C LEU A 12 7.30 -9.19 9.96
N LYS A 13 8.30 -8.34 9.81
CA LYS A 13 8.92 -8.09 8.52
C LYS A 13 9.68 -9.32 8.03
N ARG A 14 9.28 -9.82 6.86
CA ARG A 14 9.92 -11.00 6.29
C ARG A 14 10.19 -10.79 4.79
N TYR A 15 11.41 -11.10 4.37
CA TYR A 15 11.79 -10.95 2.97
C TYR A 15 13.21 -11.47 2.73
N LEU A 16 13.54 -11.68 1.47
CA LEU A 16 14.86 -12.19 1.10
C LEU A 16 15.63 -11.16 0.27
N LYS A 17 14.91 -10.44 -0.59
CA LYS A 17 15.52 -9.43 -1.44
C LYS A 17 14.91 -8.06 -1.16
N SER A 18 15.59 -7.01 -1.62
CA SER A 18 15.12 -5.65 -1.41
C SER A 18 15.88 -4.68 -2.31
N GLU A 19 15.25 -3.54 -2.62
CA GLU A 19 15.86 -2.52 -3.47
C GLU A 19 16.37 -1.36 -2.63
N PRO A 20 17.27 -0.55 -3.23
CA PRO A 20 17.86 0.60 -2.57
C PRO A 20 16.86 1.73 -2.35
N ILE A 21 16.97 2.42 -1.22
CA ILE A 21 16.07 3.52 -0.90
C ILE A 21 16.32 4.72 -1.81
N PRO A 22 15.23 5.28 -2.36
CA PRO A 22 15.30 6.44 -3.25
C PRO A 22 15.71 7.71 -2.52
N GLU A 23 16.50 8.55 -3.17
CA GLU A 23 16.96 9.80 -2.58
C GLU A 23 15.84 10.83 -2.57
N SER A 24 15.03 10.83 -3.62
CA SER A 24 13.92 11.77 -3.74
C SER A 24 12.59 11.03 -3.83
N ASN A 25 11.75 11.20 -2.81
CA ASN A 25 10.45 10.56 -2.77
C ASN A 25 9.34 11.59 -2.58
N ASP A 26 9.39 12.67 -3.34
CA ASP A 26 8.39 13.72 -3.25
C ASP A 26 7.53 13.77 -4.51
N GLY A 27 6.82 12.67 -4.77
CA GLY A 27 5.96 12.60 -5.94
C GLY A 27 4.54 12.23 -5.59
N PRO A 28 3.76 11.85 -6.62
CA PRO A 28 2.35 11.45 -6.44
C PRO A 28 2.22 10.13 -5.70
N VAL A 29 3.08 9.17 -6.05
CA VAL A 29 3.04 7.86 -5.42
C VAL A 29 4.37 7.55 -4.73
N LYS A 30 4.35 7.56 -3.40
CA LYS A 30 5.56 7.27 -2.62
C LYS A 30 6.10 5.88 -2.93
N VAL A 31 7.42 5.79 -3.09
CA VAL A 31 8.07 4.52 -3.40
C VAL A 31 8.34 3.72 -2.14
N VAL A 32 7.85 2.49 -2.10
CA VAL A 32 8.04 1.62 -0.95
C VAL A 32 8.80 0.36 -1.34
N VAL A 33 9.96 0.16 -0.72
CA VAL A 33 10.79 -1.01 -1.00
C VAL A 33 10.91 -1.90 0.24
N ALA A 34 11.03 -3.21 0.00
CA ALA A 34 11.15 -4.17 1.10
C ALA A 34 11.96 -3.58 2.25
N GLU A 35 13.00 -2.82 1.92
CA GLU A 35 13.85 -2.20 2.93
C GLU A 35 13.04 -1.27 3.83
N ASN A 36 12.25 -0.40 3.21
CA ASN A 36 11.42 0.54 3.96
C ASN A 36 9.94 0.20 3.81
N PHE A 37 9.65 -1.08 3.64
CA PHE A 37 8.27 -1.54 3.48
C PHE A 37 7.50 -1.37 4.79
N ASP A 38 7.93 -2.08 5.82
CA ASP A 38 7.28 -2.00 7.13
C ASP A 38 7.34 -0.59 7.69
N GLU A 39 8.10 0.28 7.02
CA GLU A 39 8.24 1.66 7.45
C GLU A 39 7.09 2.52 6.92
N ILE A 40 6.79 2.36 5.63
CA ILE A 40 5.72 3.11 5.00
C ILE A 40 4.43 2.30 4.93
N VAL A 41 4.55 1.07 4.43
CA VAL A 41 3.41 0.18 4.31
C VAL A 41 2.74 -0.05 5.67
N ASN A 42 3.51 -0.62 6.59
CA ASN A 42 3.00 -0.90 7.94
C ASN A 42 2.93 0.37 8.77
N ASN A 43 1.76 0.66 9.31
CA ASN A 43 1.56 1.85 10.13
C ASN A 43 0.22 1.80 10.84
N GLU A 44 0.25 1.52 12.14
CA GLU A 44 -0.97 1.45 12.94
C GLU A 44 -1.51 2.85 13.25
N ASN A 45 -0.79 3.86 12.79
CA ASN A 45 -1.19 5.25 13.02
C ASN A 45 -2.17 5.71 11.94
N LYS A 46 -1.85 5.42 10.69
CA LYS A 46 -2.70 5.81 9.58
C LYS A 46 -2.82 4.67 8.56
N ASP A 47 -3.78 4.80 7.65
CA ASP A 47 -3.99 3.78 6.63
C ASP A 47 -3.04 3.97 5.45
N VAL A 48 -2.69 2.89 4.77
CA VAL A 48 -1.79 2.95 3.64
C VAL A 48 -2.22 1.98 2.54
N LEU A 49 -1.93 2.33 1.29
CA LEU A 49 -2.30 1.49 0.15
C LEU A 49 -1.06 1.12 -0.66
N ILE A 50 -0.79 -0.17 -0.78
CA ILE A 50 0.37 -0.65 -1.54
C ILE A 50 -0.07 -1.30 -2.84
N GLU A 51 0.65 -0.99 -3.92
CA GLU A 51 0.33 -1.54 -5.23
C GLU A 51 1.56 -2.19 -5.86
N PHE A 52 1.56 -3.52 -5.90
CA PHE A 52 2.68 -4.26 -6.47
C PHE A 52 2.55 -4.37 -7.98
N TYR A 53 3.60 -3.97 -8.69
CA TYR A 53 3.59 -4.02 -10.15
C TYR A 53 4.89 -4.63 -10.68
N ALA A 54 4.96 -4.80 -12.00
CA ALA A 54 6.14 -5.38 -12.63
C ALA A 54 6.68 -4.47 -13.72
N PRO A 55 8.00 -4.24 -13.71
CA PRO A 55 8.67 -3.39 -14.71
C PRO A 55 8.68 -4.01 -16.09
N TRP A 56 8.18 -5.25 -16.19
CA TRP A 56 8.14 -5.95 -17.46
C TRP A 56 6.71 -6.38 -17.80
N CYS A 57 5.75 -5.76 -17.14
CA CYS A 57 4.34 -6.08 -17.36
C CYS A 57 3.59 -4.87 -17.93
N GLY A 58 3.38 -4.89 -19.25
CA GLY A 58 2.68 -3.79 -19.89
C GLY A 58 1.50 -3.30 -19.08
N HIS A 59 0.63 -4.23 -18.69
CA HIS A 59 -0.55 -3.88 -17.90
C HIS A 59 -0.24 -2.77 -16.90
N CYS A 60 0.96 -2.82 -16.32
CA CYS A 60 1.36 -1.82 -15.35
C CYS A 60 1.60 -0.47 -16.02
N LYS A 61 2.39 -0.48 -17.09
CA LYS A 61 2.68 0.74 -17.83
C LYS A 61 1.41 1.52 -18.13
N ASN A 62 0.44 0.85 -18.74
CA ASN A 62 -0.82 1.48 -19.09
C ASN A 62 -1.60 1.89 -17.84
N LEU A 63 -1.20 1.31 -16.70
CA LEU A 63 -1.85 1.62 -15.44
C LEU A 63 -1.06 2.67 -14.65
N GLU A 64 0.21 2.83 -15.02
CA GLU A 64 1.08 3.80 -14.36
C GLU A 64 0.36 5.13 -14.16
N PRO A 65 -0.15 5.70 -15.27
CA PRO A 65 -0.87 6.97 -15.26
C PRO A 65 -2.23 6.86 -14.58
N LYS A 66 -2.79 5.66 -14.56
CA LYS A 66 -4.08 5.42 -13.93
C LYS A 66 -3.95 5.36 -12.42
N TYR A 67 -2.81 4.86 -11.94
CA TYR A 67 -2.57 4.75 -10.51
C TYR A 67 -1.89 6.01 -9.97
N LYS A 68 -1.08 6.64 -10.81
CA LYS A 68 -0.38 7.86 -10.43
C LYS A 68 -1.34 8.90 -9.90
N GLU A 69 -2.34 9.25 -10.71
CA GLU A 69 -3.33 10.24 -10.33
C GLU A 69 -3.77 10.04 -8.89
N LEU A 70 -4.26 8.84 -8.58
CA LEU A 70 -4.71 8.52 -7.24
C LEU A 70 -3.76 9.09 -6.18
N GLY A 71 -2.46 9.01 -6.46
CA GLY A 71 -1.47 9.52 -5.54
C GLY A 71 -1.60 11.02 -5.32
N GLU A 72 -1.28 11.79 -6.36
CA GLU A 72 -1.37 13.24 -6.27
C GLU A 72 -2.79 13.69 -5.95
N LYS A 73 -3.75 12.81 -6.20
CA LYS A 73 -5.15 13.11 -5.93
C LYS A 73 -5.45 13.01 -4.44
N LEU A 74 -4.99 11.93 -3.82
CA LEU A 74 -5.21 11.70 -2.39
C LEU A 74 -4.12 12.38 -1.56
N SER A 75 -3.22 13.07 -2.24
CA SER A 75 -2.11 13.77 -1.57
C SER A 75 -2.65 14.60 -0.40
N LYS A 76 -3.93 14.96 -0.47
CA LYS A 76 -4.56 15.75 0.58
C LYS A 76 -5.22 14.87 1.61
N ASP A 77 -4.76 13.62 1.70
CA ASP A 77 -5.30 12.67 2.67
C ASP A 77 -4.31 12.40 3.79
N PRO A 78 -4.52 13.07 4.93
CA PRO A 78 -3.65 12.92 6.11
C PRO A 78 -3.80 11.56 6.77
N ASN A 79 -4.68 10.73 6.21
CA ASN A 79 -4.91 9.40 6.75
C ASN A 79 -4.53 8.32 5.73
N ILE A 80 -4.81 8.60 4.46
CA ILE A 80 -4.50 7.67 3.39
C ILE A 80 -3.21 8.06 2.67
N VAL A 81 -2.30 7.11 2.53
CA VAL A 81 -1.02 7.35 1.86
C VAL A 81 -0.81 6.37 0.72
N ILE A 82 -0.88 6.88 -0.51
CA ILE A 82 -0.69 6.05 -1.69
C ILE A 82 0.80 5.80 -1.97
N ALA A 83 1.14 4.55 -2.23
CA ALA A 83 2.52 4.18 -2.52
C ALA A 83 2.59 3.02 -3.51
N LYS A 84 3.79 2.75 -4.00
CA LYS A 84 3.99 1.67 -4.96
C LYS A 84 5.24 0.86 -4.61
N MET A 85 5.25 -0.40 -5.02
CA MET A 85 6.40 -1.27 -4.75
C MET A 85 6.59 -2.28 -5.89
N ASP A 86 7.83 -2.46 -6.31
CA ASP A 86 8.15 -3.39 -7.38
C ASP A 86 8.48 -4.77 -6.83
N ALA A 87 7.45 -5.56 -6.58
CA ALA A 87 7.62 -6.91 -6.04
C ALA A 87 8.77 -7.63 -6.75
N THR A 88 8.67 -7.72 -8.07
CA THR A 88 9.70 -8.39 -8.86
C THR A 88 11.09 -7.93 -8.45
N ALA A 89 11.20 -6.68 -8.02
CA ALA A 89 12.49 -6.13 -7.60
C ALA A 89 12.68 -6.29 -6.09
N ASN A 90 11.58 -6.51 -5.37
CA ASN A 90 11.63 -6.68 -3.93
C ASN A 90 10.68 -7.78 -3.49
N ASP A 91 11.24 -8.79 -2.81
CA ASP A 91 10.44 -9.92 -2.32
C ASP A 91 9.23 -9.43 -1.54
N VAL A 92 8.06 -9.96 -1.86
CA VAL A 92 6.83 -9.58 -1.18
C VAL A 92 6.77 -10.16 0.22
N PRO A 93 6.45 -9.31 1.21
CA PRO A 93 6.35 -9.72 2.61
C PRO A 93 5.16 -10.63 2.87
N SER A 94 4.86 -10.86 4.15
CA SER A 94 3.74 -11.72 4.53
C SER A 94 2.84 -11.02 5.54
N PRO A 95 1.61 -11.52 5.68
CA PRO A 95 1.13 -12.67 4.90
C PRO A 95 0.95 -12.34 3.42
N TYR A 96 1.16 -11.08 3.07
CA TYR A 96 1.02 -10.63 1.70
C TYR A 96 1.42 -11.73 0.72
N GLU A 97 0.53 -12.02 -0.23
CA GLU A 97 0.79 -13.06 -1.22
C GLU A 97 0.48 -12.55 -2.63
N VAL A 98 1.52 -12.21 -3.37
CA VAL A 98 1.36 -11.71 -4.74
C VAL A 98 1.77 -12.77 -5.76
N ARG A 99 0.80 -13.21 -6.54
CA ARG A 99 1.06 -14.22 -7.56
C ARG A 99 0.85 -13.65 -8.96
N GLY A 100 -0.27 -12.96 -9.15
CA GLY A 100 -0.58 -12.37 -10.44
C GLY A 100 -0.65 -10.85 -10.39
N PHE A 101 0.09 -10.20 -11.27
CA PHE A 101 0.12 -8.73 -11.31
C PHE A 101 -0.78 -8.22 -12.43
N PRO A 102 -1.26 -6.97 -12.28
CA PRO A 102 -0.95 -6.15 -11.10
C PRO A 102 -1.62 -6.68 -9.84
N THR A 103 -1.07 -6.30 -8.68
CA THR A 103 -1.61 -6.74 -7.40
C THR A 103 -1.73 -5.57 -6.44
N ILE A 104 -2.95 -5.06 -6.28
CA ILE A 104 -3.20 -3.94 -5.38
C ILE A 104 -3.66 -4.43 -4.00
N TYR A 105 -2.97 -3.99 -2.97
CA TYR A 105 -3.30 -4.38 -1.60
C TYR A 105 -3.59 -3.16 -0.74
N PHE A 106 -3.85 -3.39 0.54
CA PHE A 106 -4.14 -2.31 1.48
C PHE A 106 -3.71 -2.68 2.89
N SER A 107 -3.07 -1.73 3.58
CA SER A 107 -2.60 -1.95 4.94
C SER A 107 -3.48 -1.24 5.95
N PRO A 108 -4.50 -1.96 6.45
CA PRO A 108 -5.44 -1.40 7.44
C PRO A 108 -4.78 -1.18 8.80
N ALA A 109 -5.36 -0.26 9.58
CA ALA A 109 -4.83 0.05 10.90
C ALA A 109 -5.31 -0.97 11.93
N ASN A 110 -4.36 -1.52 12.68
CA ASN A 110 -4.67 -2.51 13.70
C ASN A 110 -5.18 -3.81 13.07
N LYS A 111 -4.78 -4.03 11.81
CA LYS A 111 -5.19 -5.24 11.10
C LYS A 111 -4.00 -5.87 10.38
N LYS A 112 -2.96 -6.18 11.14
CA LYS A 112 -1.76 -6.80 10.59
C LYS A 112 -1.96 -8.30 10.39
N LEU A 113 -2.31 -8.99 11.47
CA LEU A 113 -2.53 -10.43 11.41
C LEU A 113 -3.21 -10.82 10.11
N ASN A 114 -3.98 -9.89 9.54
CA ASN A 114 -4.69 -10.15 8.29
C ASN A 114 -4.84 -8.86 7.48
N PRO A 115 -4.07 -8.76 6.38
CA PRO A 115 -4.10 -7.58 5.50
C PRO A 115 -5.40 -7.49 4.72
N LYS A 116 -5.47 -6.50 3.82
CA LYS A 116 -6.66 -6.29 3.00
C LYS A 116 -6.30 -6.25 1.53
N LYS A 117 -6.88 -7.16 0.75
CA LYS A 117 -6.62 -7.21 -0.68
C LYS A 117 -7.68 -6.42 -1.46
N TYR A 118 -7.23 -5.56 -2.35
CA TYR A 118 -8.13 -4.75 -3.16
C TYR A 118 -8.75 -5.57 -4.28
N GLU A 119 -10.05 -5.81 -4.18
CA GLU A 119 -10.77 -6.60 -5.18
C GLU A 119 -11.95 -5.81 -5.74
N GLY A 120 -11.75 -5.18 -6.90
CA GLY A 120 -12.81 -4.42 -7.52
C GLY A 120 -12.41 -3.83 -8.86
N GLY A 121 -12.77 -2.58 -9.10
CA GLY A 121 -12.43 -1.93 -10.35
C GLY A 121 -11.15 -1.13 -10.26
N ARG A 122 -10.22 -1.39 -11.16
CA ARG A 122 -8.94 -0.68 -11.19
C ARG A 122 -9.09 0.70 -11.81
N GLU A 123 -10.14 1.41 -11.42
CA GLU A 123 -10.39 2.75 -11.94
C GLU A 123 -9.96 3.82 -10.94
N LEU A 124 -9.34 4.88 -11.45
CA LEU A 124 -8.87 5.97 -10.61
C LEU A 124 -9.91 6.32 -9.54
N SER A 125 -11.15 6.54 -9.99
CA SER A 125 -12.24 6.89 -9.08
C SER A 125 -12.62 5.69 -8.22
N ASP A 126 -12.50 4.50 -8.79
CA ASP A 126 -12.83 3.28 -8.07
C ASP A 126 -11.95 3.10 -6.83
N PHE A 127 -10.70 3.54 -6.94
CA PHE A 127 -9.76 3.44 -5.83
C PHE A 127 -10.12 4.41 -4.72
N ILE A 128 -10.62 5.58 -5.10
CA ILE A 128 -11.01 6.61 -4.14
C ILE A 128 -12.22 6.17 -3.33
N SER A 129 -13.28 5.77 -4.03
CA SER A 129 -14.51 5.32 -3.38
C SER A 129 -14.26 4.08 -2.54
N TYR A 130 -13.24 3.30 -2.93
CA TYR A 130 -12.90 2.07 -2.22
C TYR A 130 -12.33 2.39 -0.83
N LEU A 131 -11.39 3.33 -0.79
CA LEU A 131 -10.77 3.72 0.47
C LEU A 131 -11.69 4.63 1.28
N GLN A 132 -12.33 5.58 0.59
CA GLN A 132 -13.24 6.51 1.24
C GLN A 132 -14.04 5.81 2.34
N ARG A 133 -14.32 4.52 2.14
CA ARG A 133 -15.07 3.75 3.11
C ARG A 133 -14.15 2.81 3.90
N GLU A 134 -13.37 2.01 3.18
CA GLU A 134 -12.45 1.08 3.82
C GLU A 134 -11.60 1.78 4.87
N ALA A 135 -10.86 2.80 4.43
CA ALA A 135 -10.00 3.57 5.33
C ALA A 135 -10.67 3.78 6.69
N THR A 136 -10.06 3.22 7.72
CA THR A 136 -10.60 3.33 9.08
C THR A 136 -11.28 4.68 9.28
N SER A 137 -10.48 5.73 9.43
CA SER A 137 -11.00 7.08 9.63
C SER A 137 -11.59 7.63 8.34
N GLY A 138 -10.77 7.65 7.29
CA GLY A 138 -11.22 8.16 6.01
C GLY A 138 -11.08 9.66 5.90
N PRO A 139 -11.41 10.21 4.73
CA PRO A 139 -11.32 11.65 4.46
C PRO A 139 -12.38 12.44 5.24
N SER A 140 -11.93 13.49 5.93
CA SER A 140 -12.83 14.33 6.71
C SER A 140 -13.55 15.34 5.82
N SER A 141 -14.84 15.53 6.07
CA SER A 141 -15.64 16.47 5.29
C SER A 141 -16.18 17.58 6.18
N GLY A 142 -16.79 17.20 7.30
CA GLY A 142 -17.34 18.18 8.22
C GLY A 142 -16.49 18.35 9.46
N GLY A 1 -5.52 5.46 41.23
CA GLY A 1 -4.59 4.35 41.15
C GLY A 1 -5.17 3.16 40.43
N SER A 2 -4.48 2.68 39.41
CA SER A 2 -4.95 1.54 38.63
C SER A 2 -3.79 0.61 38.27
N SER A 3 -4.11 -0.53 37.66
CA SER A 3 -3.09 -1.50 37.27
C SER A 3 -2.53 -1.17 35.90
N GLY A 4 -3.41 -1.08 34.91
CA GLY A 4 -2.98 -0.77 33.56
C GLY A 4 -2.05 -1.83 32.99
N SER A 5 -2.35 -2.29 31.79
CA SER A 5 -1.54 -3.31 31.12
C SER A 5 -1.47 -3.07 29.62
N SER A 6 -0.27 -3.21 29.06
CA SER A 6 -0.07 -3.01 27.64
C SER A 6 1.19 -3.73 27.15
N GLY A 7 1.33 -3.86 25.84
CA GLY A 7 2.49 -4.53 25.27
C GLY A 7 2.72 -4.16 23.82
N PHE A 8 3.72 -4.78 23.21
CA PHE A 8 4.04 -4.52 21.81
C PHE A 8 3.24 -5.43 20.88
N ASP A 9 2.78 -4.88 19.77
CA ASP A 9 2.01 -5.66 18.80
C ASP A 9 2.57 -5.48 17.39
N GLY A 10 2.36 -6.48 16.55
CA GLY A 10 2.85 -6.42 15.18
C GLY A 10 4.12 -7.21 14.99
N ASN A 11 5.12 -6.60 14.36
CA ASN A 11 6.39 -7.27 14.11
C ASN A 11 6.23 -8.37 13.08
N LEU A 12 5.37 -8.13 12.10
CA LEU A 12 5.12 -9.11 11.03
C LEU A 12 5.79 -8.68 9.74
N LYS A 13 7.01 -9.17 9.51
CA LYS A 13 7.75 -8.84 8.30
C LYS A 13 8.81 -9.89 8.00
N ARG A 14 8.99 -10.21 6.73
CA ARG A 14 9.97 -11.20 6.32
C ARG A 14 10.15 -11.19 4.81
N TYR A 15 11.38 -10.93 4.36
CA TYR A 15 11.68 -10.88 2.93
C TYR A 15 13.14 -11.21 2.68
N LEU A 16 13.44 -11.66 1.46
CA LEU A 16 14.80 -12.02 1.09
C LEU A 16 15.42 -10.96 0.18
N LYS A 17 14.62 -10.47 -0.76
CA LYS A 17 15.08 -9.46 -1.69
C LYS A 17 14.67 -8.06 -1.22
N SER A 18 15.34 -7.04 -1.74
CA SER A 18 15.06 -5.66 -1.37
C SER A 18 15.76 -4.69 -2.31
N GLU A 19 15.15 -3.52 -2.51
CA GLU A 19 15.72 -2.51 -3.40
C GLU A 19 16.34 -1.37 -2.58
N PRO A 20 17.21 -0.59 -3.24
CA PRO A 20 17.90 0.53 -2.60
C PRO A 20 16.95 1.69 -2.29
N ILE A 21 17.18 2.34 -1.15
CA ILE A 21 16.35 3.47 -0.73
C ILE A 21 16.61 4.70 -1.59
N PRO A 22 15.54 5.30 -2.12
CA PRO A 22 15.64 6.49 -2.96
C PRO A 22 16.05 7.72 -2.17
N GLU A 23 16.36 8.80 -2.88
CA GLU A 23 16.78 10.05 -2.24
C GLU A 23 15.57 10.92 -1.93
N SER A 24 14.59 10.92 -2.83
CA SER A 24 13.38 11.72 -2.66
C SER A 24 12.23 11.13 -3.44
N ASN A 25 11.06 11.05 -2.81
CA ASN A 25 9.87 10.50 -3.46
C ASN A 25 8.83 11.59 -3.69
N ASP A 26 9.28 12.72 -4.25
CA ASP A 26 8.39 13.84 -4.53
C ASP A 26 7.18 13.38 -5.33
N GLY A 27 7.39 12.38 -6.20
CA GLY A 27 6.31 11.88 -7.01
C GLY A 27 5.02 11.73 -6.24
N PRO A 28 3.90 11.55 -6.96
CA PRO A 28 2.57 11.39 -6.35
C PRO A 28 2.42 10.07 -5.61
N VAL A 29 3.29 9.12 -5.93
CA VAL A 29 3.26 7.81 -5.28
C VAL A 29 4.60 7.49 -4.62
N LYS A 30 4.58 7.32 -3.30
CA LYS A 30 5.79 7.01 -2.56
C LYS A 30 6.33 5.64 -2.95
N VAL A 31 7.63 5.58 -3.20
CA VAL A 31 8.29 4.33 -3.58
C VAL A 31 8.71 3.53 -2.35
N VAL A 32 7.93 2.50 -2.04
CA VAL A 32 8.22 1.65 -0.88
C VAL A 32 9.00 0.41 -1.30
N VAL A 33 10.13 0.17 -0.64
CA VAL A 33 10.97 -0.98 -0.94
C VAL A 33 11.18 -1.84 0.30
N ALA A 34 11.28 -3.15 0.09
CA ALA A 34 11.48 -4.08 1.19
C ALA A 34 12.30 -3.44 2.31
N GLU A 35 13.36 -2.75 1.93
CA GLU A 35 14.24 -2.09 2.90
C GLU A 35 13.42 -1.18 3.82
N ASN A 36 12.61 -0.32 3.23
CA ASN A 36 11.77 0.61 4.00
C ASN A 36 10.30 0.25 3.86
N PHE A 37 10.01 -1.04 3.75
CA PHE A 37 8.63 -1.51 3.62
C PHE A 37 7.90 -1.41 4.95
N ASP A 38 8.43 -2.10 5.96
CA ASP A 38 7.82 -2.09 7.29
C ASP A 38 7.81 -0.68 7.87
N GLU A 39 8.49 0.25 7.20
CA GLU A 39 8.56 1.63 7.65
C GLU A 39 7.40 2.44 7.10
N ILE A 40 7.11 2.25 5.81
CA ILE A 40 6.03 2.97 5.16
C ILE A 40 4.77 2.11 5.07
N VAL A 41 4.92 0.91 4.53
CA VAL A 41 3.80 -0.01 4.39
C VAL A 41 3.16 -0.30 5.74
N ASN A 42 3.94 -0.88 6.65
CA ASN A 42 3.44 -1.20 7.98
C ASN A 42 3.24 0.06 8.81
N ASN A 43 1.99 0.33 9.18
CA ASN A 43 1.67 1.51 9.97
C ASN A 43 0.30 1.36 10.64
N GLU A 44 0.32 1.10 11.94
CA GLU A 44 -0.92 0.93 12.70
C GLU A 44 -1.47 2.28 13.15
N ASN A 45 -0.87 3.36 12.64
CA ASN A 45 -1.30 4.71 13.00
C ASN A 45 -2.08 5.34 11.86
N LYS A 46 -1.59 5.16 10.64
CA LYS A 46 -2.24 5.72 9.46
C LYS A 46 -2.42 4.66 8.38
N ASP A 47 -3.35 4.90 7.46
CA ASP A 47 -3.62 3.96 6.38
C ASP A 47 -2.56 4.08 5.29
N VAL A 48 -2.27 2.96 4.63
CA VAL A 48 -1.27 2.92 3.56
C VAL A 48 -1.65 1.92 2.48
N LEU A 49 -1.78 2.40 1.25
CA LEU A 49 -2.14 1.55 0.13
C LEU A 49 -0.90 1.15 -0.67
N ILE A 50 -0.62 -0.15 -0.69
CA ILE A 50 0.54 -0.67 -1.41
C ILE A 50 0.12 -1.37 -2.69
N GLU A 51 0.76 -1.02 -3.80
CA GLU A 51 0.45 -1.62 -5.09
C GLU A 51 1.69 -2.25 -5.71
N PHE A 52 1.66 -3.56 -5.87
CA PHE A 52 2.77 -4.30 -6.45
C PHE A 52 2.64 -4.39 -7.96
N TYR A 53 3.58 -3.79 -8.68
CA TYR A 53 3.57 -3.81 -10.14
C TYR A 53 4.83 -4.44 -10.69
N ALA A 54 4.86 -4.66 -12.00
CA ALA A 54 6.02 -5.25 -12.66
C ALA A 54 6.49 -4.39 -13.82
N PRO A 55 7.80 -4.10 -13.86
CA PRO A 55 8.40 -3.30 -14.92
C PRO A 55 8.42 -4.01 -16.27
N TRP A 56 8.07 -5.29 -16.25
CA TRP A 56 8.04 -6.09 -17.47
C TRP A 56 6.61 -6.48 -17.84
N CYS A 57 5.65 -5.92 -17.11
CA CYS A 57 4.24 -6.21 -17.36
C CYS A 57 3.54 -5.02 -18.00
N GLY A 58 2.82 -5.28 -19.09
CA GLY A 58 2.11 -4.22 -19.79
C GLY A 58 1.01 -3.60 -18.94
N HIS A 59 0.13 -4.45 -18.42
CA HIS A 59 -0.98 -3.98 -17.58
C HIS A 59 -0.53 -2.83 -16.69
N CYS A 60 0.68 -2.93 -16.16
CA CYS A 60 1.22 -1.89 -15.29
C CYS A 60 1.41 -0.58 -16.05
N LYS A 61 2.17 -0.64 -17.15
CA LYS A 61 2.42 0.53 -17.97
C LYS A 61 1.15 1.36 -18.15
N ASN A 62 0.06 0.68 -18.48
CA ASN A 62 -1.22 1.37 -18.69
C ASN A 62 -1.82 1.80 -17.36
N LEU A 63 -1.41 1.14 -16.29
CA LEU A 63 -1.92 1.47 -14.96
C LEU A 63 -1.07 2.56 -14.31
N GLU A 64 0.15 2.75 -14.83
CA GLU A 64 1.06 3.76 -14.30
C GLU A 64 0.34 5.08 -14.10
N PRO A 65 -0.24 5.63 -15.18
CA PRO A 65 -0.97 6.89 -15.15
C PRO A 65 -2.29 6.79 -14.39
N LYS A 66 -2.91 5.60 -14.44
CA LYS A 66 -4.17 5.37 -13.75
C LYS A 66 -3.98 5.38 -12.25
N TYR A 67 -2.81 4.94 -11.80
CA TYR A 67 -2.50 4.89 -10.38
C TYR A 67 -1.86 6.20 -9.91
N LYS A 68 -0.83 6.63 -10.64
CA LYS A 68 -0.13 7.86 -10.31
C LYS A 68 -1.10 8.92 -9.80
N GLU A 69 -2.04 9.31 -10.65
CA GLU A 69 -3.04 10.31 -10.28
C GLU A 69 -3.52 10.10 -8.84
N LEU A 70 -4.04 8.91 -8.57
CA LEU A 70 -4.53 8.58 -7.24
C LEU A 70 -3.59 9.10 -6.16
N GLY A 71 -2.29 9.04 -6.44
CA GLY A 71 -1.31 9.51 -5.48
C GLY A 71 -1.53 10.95 -5.07
N GLU A 72 -1.31 11.87 -6.00
CA GLU A 72 -1.50 13.29 -5.74
C GLU A 72 -2.97 13.61 -5.49
N LYS A 73 -3.85 12.76 -6.01
CA LYS A 73 -5.28 12.95 -5.85
C LYS A 73 -5.70 12.77 -4.39
N LEU A 74 -5.19 11.71 -3.77
CA LEU A 74 -5.50 11.42 -2.37
C LEU A 74 -4.58 12.19 -1.43
N SER A 75 -3.72 13.02 -2.01
CA SER A 75 -2.76 13.80 -1.23
C SER A 75 -3.48 14.58 -0.13
N LYS A 76 -4.73 14.94 -0.39
CA LYS A 76 -5.53 15.69 0.57
C LYS A 76 -5.73 14.88 1.85
N ASP A 77 -5.31 13.62 1.83
CA ASP A 77 -5.43 12.75 2.98
C ASP A 77 -4.10 12.59 3.70
N PRO A 78 -3.92 13.32 4.81
CA PRO A 78 -2.69 13.27 5.61
C PRO A 78 -2.52 11.95 6.34
N ASN A 79 -3.46 11.03 6.13
CA ASN A 79 -3.42 9.72 6.77
C ASN A 79 -3.21 8.62 5.74
N ILE A 80 -3.87 8.76 4.59
CA ILE A 80 -3.76 7.78 3.52
C ILE A 80 -2.54 8.05 2.65
N VAL A 81 -1.51 7.23 2.80
CA VAL A 81 -0.29 7.38 2.02
C VAL A 81 -0.25 6.41 0.85
N ILE A 82 -0.26 6.95 -0.37
CA ILE A 82 -0.23 6.14 -1.57
C ILE A 82 1.20 5.89 -2.04
N ALA A 83 1.59 4.62 -2.08
CA ALA A 83 2.94 4.25 -2.51
C ALA A 83 2.89 3.10 -3.52
N LYS A 84 4.06 2.74 -4.04
CA LYS A 84 4.15 1.65 -5.01
C LYS A 84 5.47 0.90 -4.85
N MET A 85 5.41 -0.43 -4.97
CA MET A 85 6.59 -1.26 -4.85
C MET A 85 6.64 -2.31 -5.96
N ASP A 86 7.85 -2.68 -6.35
CA ASP A 86 8.04 -3.68 -7.40
C ASP A 86 8.35 -5.05 -6.81
N ALA A 87 7.33 -5.88 -6.66
CA ALA A 87 7.50 -7.22 -6.10
C ALA A 87 8.74 -7.90 -6.69
N THR A 88 8.69 -8.19 -7.99
CA THR A 88 9.79 -8.84 -8.67
C THR A 88 11.13 -8.29 -8.21
N ALA A 89 11.13 -7.02 -7.80
CA ALA A 89 12.35 -6.37 -7.32
C ALA A 89 12.50 -6.52 -5.81
N ASN A 90 11.37 -6.59 -5.12
CA ASN A 90 11.37 -6.71 -3.66
C ASN A 90 10.45 -7.85 -3.22
N ASP A 91 11.01 -8.85 -2.55
CA ASP A 91 10.23 -9.98 -2.07
C ASP A 91 9.11 -9.52 -1.15
N VAL A 92 7.87 -9.80 -1.54
CA VAL A 92 6.71 -9.42 -0.75
C VAL A 92 6.59 -10.28 0.50
N PRO A 93 6.69 -9.65 1.67
CA PRO A 93 6.60 -10.34 2.95
C PRO A 93 5.18 -10.82 3.25
N SER A 94 4.96 -11.32 4.46
CA SER A 94 3.65 -11.82 4.86
C SER A 94 2.97 -10.84 5.81
N PRO A 95 1.63 -10.96 5.91
CA PRO A 95 0.87 -11.97 5.17
C PRO A 95 0.82 -11.68 3.68
N TYR A 96 1.07 -10.43 3.31
CA TYR A 96 1.05 -10.01 1.91
C TYR A 96 1.48 -11.17 1.00
N GLU A 97 0.70 -11.41 -0.04
CA GLU A 97 1.00 -12.48 -0.98
C GLU A 97 0.67 -12.06 -2.41
N VAL A 98 1.68 -12.04 -3.27
CA VAL A 98 1.50 -11.66 -4.67
C VAL A 98 1.83 -12.81 -5.60
N ARG A 99 0.80 -13.40 -6.19
CA ARG A 99 0.99 -14.52 -7.12
C ARG A 99 0.32 -14.24 -8.46
N GLY A 100 0.31 -12.97 -8.85
CA GLY A 100 -0.29 -12.59 -10.12
C GLY A 100 -0.45 -11.08 -10.25
N PHE A 101 0.28 -10.50 -11.20
CA PHE A 101 0.23 -9.06 -11.43
C PHE A 101 -0.71 -8.73 -12.58
N PRO A 102 -1.26 -7.50 -12.57
CA PRO A 102 -0.97 -6.52 -11.52
C PRO A 102 -1.59 -6.91 -10.19
N THR A 103 -0.90 -6.58 -9.10
CA THR A 103 -1.38 -6.89 -7.76
C THR A 103 -1.50 -5.64 -6.91
N ILE A 104 -2.70 -5.41 -6.38
CA ILE A 104 -2.95 -4.24 -5.54
C ILE A 104 -3.39 -4.65 -4.14
N TYR A 105 -2.82 -4.01 -3.13
CA TYR A 105 -3.16 -4.30 -1.75
C TYR A 105 -3.37 -3.02 -0.95
N PHE A 106 -4.06 -3.14 0.19
CA PHE A 106 -4.33 -1.99 1.04
C PHE A 106 -4.10 -2.34 2.51
N SER A 107 -3.27 -1.53 3.18
CA SER A 107 -2.96 -1.75 4.58
C SER A 107 -3.78 -0.83 5.47
N PRO A 108 -4.83 -1.39 6.09
CA PRO A 108 -5.72 -0.63 6.98
C PRO A 108 -5.04 -0.23 8.29
N ALA A 109 -5.67 0.66 9.03
CA ALA A 109 -5.13 1.12 10.30
C ALA A 109 -5.35 0.10 11.41
N ASN A 110 -4.36 -0.07 12.27
CA ASN A 110 -4.45 -1.02 13.37
C ASN A 110 -5.12 -2.33 12.92
N LYS A 111 -4.95 -2.65 11.64
CA LYS A 111 -5.54 -3.86 11.08
C LYS A 111 -4.49 -4.66 10.30
N LYS A 112 -3.33 -4.86 10.92
CA LYS A 112 -2.25 -5.61 10.29
C LYS A 112 -2.60 -7.10 10.20
N LEU A 113 -2.87 -7.71 11.36
CA LEU A 113 -3.22 -9.12 11.40
C LEU A 113 -4.05 -9.53 10.19
N ASN A 114 -5.00 -8.68 9.81
CA ASN A 114 -5.86 -8.95 8.67
C ASN A 114 -5.96 -7.72 7.77
N PRO A 115 -5.12 -7.68 6.72
CA PRO A 115 -5.10 -6.56 5.77
C PRO A 115 -6.34 -6.53 4.89
N LYS A 116 -6.27 -5.77 3.80
CA LYS A 116 -7.40 -5.66 2.88
C LYS A 116 -6.90 -5.51 1.44
N LYS A 117 -7.26 -6.47 0.60
CA LYS A 117 -6.85 -6.45 -0.80
C LYS A 117 -7.88 -5.72 -1.64
N TYR A 118 -7.40 -4.90 -2.58
CA TYR A 118 -8.28 -4.13 -3.46
C TYR A 118 -8.97 -5.05 -4.45
N GLU A 119 -10.30 -5.08 -4.39
CA GLU A 119 -11.09 -5.92 -5.28
C GLU A 119 -12.15 -5.09 -6.00
N GLY A 120 -11.86 -4.73 -7.26
CA GLY A 120 -12.79 -3.94 -8.03
C GLY A 120 -12.19 -3.43 -9.32
N GLY A 121 -12.73 -2.35 -9.85
CA GLY A 121 -12.23 -1.79 -11.08
C GLY A 121 -10.97 -0.97 -10.88
N ARG A 122 -10.02 -1.11 -11.81
CA ARG A 122 -8.76 -0.40 -11.72
C ARG A 122 -8.90 1.02 -12.27
N GLU A 123 -9.89 1.75 -11.76
CA GLU A 123 -10.14 3.12 -12.19
C GLU A 123 -9.74 4.12 -11.11
N LEU A 124 -9.15 5.24 -11.53
CA LEU A 124 -8.72 6.27 -10.60
C LEU A 124 -9.80 6.54 -9.55
N SER A 125 -11.02 6.78 -10.01
CA SER A 125 -12.14 7.05 -9.12
C SER A 125 -12.53 5.80 -8.33
N ASP A 126 -12.56 4.66 -9.03
CA ASP A 126 -12.91 3.39 -8.40
C ASP A 126 -12.12 3.19 -7.11
N PHE A 127 -10.87 3.66 -7.10
CA PHE A 127 -10.02 3.52 -5.93
C PHE A 127 -10.45 4.47 -4.82
N ILE A 128 -10.74 5.72 -5.19
CA ILE A 128 -11.17 6.72 -4.23
C ILE A 128 -12.42 6.27 -3.48
N SER A 129 -13.41 5.79 -4.22
CA SER A 129 -14.66 5.33 -3.64
C SER A 129 -14.41 4.13 -2.73
N TYR A 130 -13.64 3.17 -3.21
CA TYR A 130 -13.33 1.97 -2.44
C TYR A 130 -12.70 2.33 -1.11
N LEU A 131 -11.75 3.26 -1.14
CA LEU A 131 -11.07 3.69 0.08
C LEU A 131 -11.99 4.54 0.94
N GLN A 132 -12.75 5.42 0.30
CA GLN A 132 -13.68 6.30 1.01
C GLN A 132 -14.34 5.56 2.17
N ARG A 133 -14.69 4.31 1.94
CA ARG A 133 -15.33 3.49 2.98
C ARG A 133 -14.32 2.59 3.67
N GLU A 134 -13.63 1.77 2.89
CA GLU A 134 -12.63 0.86 3.43
C GLU A 134 -11.73 1.58 4.43
N ALA A 135 -11.06 2.63 3.96
CA ALA A 135 -10.17 3.41 4.81
C ALA A 135 -10.92 4.04 5.98
N THR A 136 -10.21 4.29 7.07
CA THR A 136 -10.82 4.89 8.25
C THR A 136 -10.73 6.41 8.20
N SER A 137 -9.54 6.93 7.92
CA SER A 137 -9.33 8.37 7.85
C SER A 137 -10.40 9.03 6.99
N GLY A 138 -10.55 8.55 5.77
CA GLY A 138 -11.54 9.11 4.86
C GLY A 138 -11.20 10.52 4.44
N PRO A 139 -11.52 10.85 3.17
CA PRO A 139 -11.25 12.18 2.62
C PRO A 139 -12.15 13.26 3.24
N SER A 140 -13.12 12.83 4.03
CA SER A 140 -14.04 13.76 4.67
C SER A 140 -13.73 13.90 6.16
N SER A 141 -13.56 15.14 6.61
CA SER A 141 -13.24 15.42 7.99
C SER A 141 -14.48 15.93 8.74
N GLY A 142 -15.24 15.00 9.32
CA GLY A 142 -16.44 15.38 10.05
C GLY A 142 -17.68 15.34 9.19
#